data_7K9H
#
_entry.id   7K9H
#
_cell.length_a   1.00
_cell.length_b   1.00
_cell.length_c   1.00
_cell.angle_alpha   90.00
_cell.angle_beta   90.00
_cell.angle_gamma   90.00
#
_symmetry.space_group_name_H-M   'P 1'
#
loop_
_entity.id
_entity.type
_entity.pdbx_description
1 polymer 'Spike glycoprotein'
2 polymer '2B04 heavy chain'
3 polymer '2B04 light chain'
4 branched beta-D-mannopyranose-(1-4)-2-acetamido-2-deoxy-beta-D-glucopyranose-(1-4)-2-acetamido-2-deoxy-beta-D-glucopyranose
5 branched 2-acetamido-2-deoxy-beta-D-glucopyranose-(1-4)-2-acetamido-2-deoxy-beta-D-glucopyranose
6 branched alpha-L-fucopyranose-(1-6)-2-acetamido-2-deoxy-beta-D-glucopyranose
7 branched alpha-D-mannopyranose-(1-6)-beta-D-mannopyranose-(1-4)-2-acetamido-2-deoxy-beta-D-glucopyranose-(1-4)-2-acetamido-2-deoxy-beta-D-glucopyranose
8 non-polymer 2-acetamido-2-deoxy-beta-D-glucopyranose
#
loop_
_entity_poly.entity_id
_entity_poly.type
_entity_poly.pdbx_seq_one_letter_code
_entity_poly.pdbx_strand_id
1 'polypeptide(L)'
;MFVFLVLLPLVSSQCVNLTTRTQLPPAYTNSFTRGVYYPDKVFRSSVLHSTQDLFLPFFSNVTWFHAIHVSGTNGTKRFD
NPVLPFNDGVYFASTEKSNIIRGWIFGTTLDSKTQSLLIVNNATNVVIKVCEFQFCNDPFLGVYYHKNNKSWMESEFRVY
SSANNCTFEYVSQPFLMDLEGKQGNFKNLREFVFKNIDGYFKIYSKHTPINLVRDLPQGFSALEPLVDLPIGINITRFQT
LLALHRSYLTPGDSSSGWTAGAAAYYVGYLQPRTFLLKYNENGTITDAVDCALDPLSETKCTLKSFTVEKGIYQTSNFRV
QPTESIVRFPNITNLCPFGEVFNATRFASVYAWNRKRISNCVADYSVLYNSASFSTFKCYGVSPTKLNDLCFTNVYADSF
VIRGDEVRQIAPGQTGKIADYNYKLPDDFTGCVIAWNSNNLDSKVGGNYNYLYRLFRKSNLKPFERDISTEIYQAGSTPC
NGVEGFNCYFPLQSYGFQPTNGVGYQPYRVVVLSFELLHAPATVCGPKKSTNLVKNKCVNFNFNGLTGTGVLTESNKKFL
PFQQFGRDIADTTDAVRDPQTLEILDITPCSFGGVSVITPGTNTSNQVAVLYQDVNCTEVPVAIHADQLTPTWRVYSTGS
NVFQTRAGCLIGAEHVNNSYECDIPIGAGICASYQTQTNSPASVASQSIIAYTMSLGAENSVAYSNNSIAIPTNFTISVT
TEILPVSMTKTSVDCTMYICGDSTECSNLLLQYGSFCTQLNRALTGIAVEQDKNTQEVFAQVKQIYKTPPIKDFGGFNFS
QILPDPSKPSKRSFIEDLLFNKVTLADAGFIKQYGDCLGDIAARDLICAQKFNGLTVLPPLLTDEMIAQYTSALLAGTIT
SGWTFGAGAALQIPFAMQMAYRFNGIGVTQNVLYENQKLIANQFNSAIGKIQDSLSSTASALGKLQDVVNQNAQALNTLV
KQLSSNFGAISSVLNDILSRLDPPEAEVQIDRLITGRLQSLQTYVTQQLIRAAEIRASANLAATKMSECVLGQSKRVDFC
GKGYHLMSFPQSAPHGVVFLHVTYVPAQEKNFTTAPAICHDGKAHFPREGVFVSNGTHWFVTQRNFYEPQIITTDNTFVS
GNCDVVIGIVNNTVYDPLQPELDSFKEELDKYFKNHTSPDVDLGDISGINASVVNIQKEIDRLNEVAKNLNESLIDLQEL
GKYEQYIKWPSGRLVPRGSPGSGYIPEAPRDGQAYVRKDGEWVLLSTFLGHHHHHH
;
A,B,C
2 'polypeptide(L)'
;QVQLKQSGPGLVAPSQSLSITCTVSGFSLINYAISWVRQPPGKGLEWLGVIWTGGGTNYNSALKSRLSISKDNSKSQVFL
KMNSLQTDDTARYYCARKDYYGRYYGMDYWGQGTSVTVS
;
H,I
3 'polypeptide(L)'
;QAVVTQESALTTSPGETVTLTCRSSTGAVTTSNYANWVQEKPDHLFTGLIGGTNNRAPGVPARFSGSLIGDKAALTITGA
QTEDEAIYFCALWYNNHWVFGGGTKLTVL
;
L,M
#
# COMPACT_ATOMS: atom_id res chain seq x y z
N ALA A 27 23.85 -51.04 -3.89
CA ALA A 27 22.98 -50.84 -5.04
C ALA A 27 22.24 -49.51 -4.94
N TYR A 28 21.17 -49.36 -5.72
CA TYR A 28 20.35 -48.15 -5.71
C TYR A 28 18.90 -48.53 -5.95
N THR A 29 18.00 -47.76 -5.36
CA THR A 29 16.58 -47.96 -5.54
C THR A 29 15.93 -46.58 -5.64
N ASN A 30 14.65 -46.54 -6.01
CA ASN A 30 13.91 -45.28 -6.07
C ASN A 30 12.71 -45.34 -5.14
N SER A 31 12.61 -44.35 -4.26
CA SER A 31 11.49 -44.21 -3.32
C SER A 31 10.30 -43.67 -4.07
N PHE A 32 9.30 -44.52 -4.32
CA PHE A 32 8.20 -44.13 -5.18
C PHE A 32 7.44 -42.94 -4.62
N THR A 33 6.74 -43.13 -3.51
CA THR A 33 5.93 -42.08 -2.89
C THR A 33 6.08 -42.13 -1.38
N ARG A 34 7.31 -42.25 -0.90
CA ARG A 34 7.55 -42.47 0.51
C ARG A 34 8.27 -41.29 1.13
N GLY A 35 7.97 -41.03 2.41
CA GLY A 35 8.73 -40.10 3.20
C GLY A 35 8.06 -38.77 3.48
N VAL A 36 6.76 -38.80 3.78
CA VAL A 36 6.00 -37.61 4.15
C VAL A 36 5.67 -37.68 5.63
N TYR A 37 6.03 -36.63 6.36
CA TYR A 37 5.80 -36.56 7.79
C TYR A 37 4.98 -35.32 8.10
N TYR A 38 4.18 -35.39 9.14
CA TYR A 38 3.39 -34.25 9.53
C TYR A 38 4.31 -33.13 9.98
N PRO A 39 4.49 -32.07 9.18
CA PRO A 39 5.56 -31.11 9.48
C PRO A 39 5.40 -30.38 10.78
N ASP A 40 4.18 -30.27 11.32
CA ASP A 40 3.94 -29.50 12.52
C ASP A 40 2.90 -30.24 13.36
N LYS A 41 2.46 -29.60 14.44
CA LYS A 41 1.61 -30.24 15.43
C LYS A 41 0.19 -29.68 15.38
N VAL A 42 -0.32 -29.44 14.17
CA VAL A 42 -1.60 -28.78 13.96
C VAL A 42 -2.50 -29.69 13.16
N PHE A 43 -3.76 -29.79 13.57
CA PHE A 43 -4.75 -30.57 12.86
C PHE A 43 -5.08 -29.91 11.52
N ARG A 44 -5.91 -30.59 10.73
CA ARG A 44 -6.51 -30.14 9.49
C ARG A 44 -7.44 -31.25 9.03
N SER A 45 -8.36 -30.92 8.14
CA SER A 45 -9.32 -31.93 7.68
C SER A 45 -9.87 -31.58 6.32
N SER A 46 -9.83 -32.53 5.40
CA SER A 46 -10.39 -32.38 4.06
C SER A 46 -9.90 -31.11 3.38
N VAL A 47 -8.61 -30.82 3.52
CA VAL A 47 -8.05 -29.59 2.97
C VAL A 47 -6.73 -29.88 2.29
N LEU A 48 -6.43 -29.09 1.26
CA LEU A 48 -5.15 -29.17 0.56
C LEU A 48 -4.27 -28.05 1.11
N HIS A 49 -3.21 -28.43 1.80
CA HIS A 49 -2.32 -27.49 2.46
C HIS A 49 -0.94 -27.52 1.81
N SER A 50 -0.43 -26.35 1.45
CA SER A 50 0.89 -26.24 0.84
C SER A 50 1.91 -25.89 1.91
N THR A 51 2.99 -26.66 1.99
CA THR A 51 4.02 -26.45 2.99
C THR A 51 5.38 -26.58 2.33
N GLN A 52 6.39 -25.92 2.91
CA GLN A 52 7.75 -25.99 2.38
C GLN A 52 8.68 -26.41 3.50
N ASP A 53 9.36 -27.54 3.32
CA ASP A 53 10.25 -28.02 4.37
C ASP A 53 11.18 -29.07 3.78
N LEU A 54 11.98 -29.71 4.63
CA LEU A 54 12.91 -30.73 4.19
C LEU A 54 12.17 -32.03 3.99
N PHE A 55 11.95 -32.40 2.73
CA PHE A 55 11.29 -33.65 2.38
C PHE A 55 12.20 -34.47 1.49
N LEU A 56 11.90 -35.76 1.40
CA LEU A 56 12.62 -36.60 0.46
C LEU A 56 11.98 -36.47 -0.92
N PRO A 57 12.70 -35.98 -1.92
CA PRO A 57 12.10 -35.82 -3.24
C PRO A 57 11.54 -37.13 -3.77
N PHE A 58 10.38 -37.05 -4.41
CA PHE A 58 9.76 -38.24 -4.96
C PHE A 58 10.67 -38.88 -6.01
N PHE A 59 10.62 -40.21 -6.05
CA PHE A 59 11.29 -41.03 -7.06
C PHE A 59 12.81 -40.94 -7.00
N SER A 60 13.37 -40.36 -5.94
CA SER A 60 14.80 -40.08 -5.92
C SER A 60 15.62 -41.34 -5.66
N ASN A 61 16.93 -41.16 -5.65
CA ASN A 61 17.89 -42.25 -5.41
C ASN A 61 17.99 -42.53 -3.93
N VAL A 62 17.72 -43.77 -3.52
CA VAL A 62 18.00 -44.22 -2.15
C VAL A 62 19.08 -45.29 -2.23
N THR A 63 20.15 -45.07 -1.46
CA THR A 63 21.27 -46.01 -1.44
C THR A 63 20.86 -47.22 -0.61
N TRP A 64 20.83 -48.39 -1.24
CA TRP A 64 20.37 -49.60 -0.59
C TRP A 64 21.59 -50.41 -0.17
N PHE A 65 21.68 -50.71 1.13
CA PHE A 65 22.88 -51.25 1.74
C PHE A 65 22.68 -52.72 2.11
N HIS A 66 23.66 -53.28 2.79
CA HIS A 66 23.58 -54.64 3.30
C HIS A 66 24.49 -54.82 4.50
N ASN A 81 27.87 -52.05 6.61
CA ASN A 81 27.42 -51.06 7.59
C ASN A 81 28.42 -49.91 7.76
N PRO A 82 28.72 -49.20 6.68
CA PRO A 82 29.74 -48.15 6.75
C PRO A 82 29.16 -46.85 7.27
N VAL A 83 30.05 -45.90 7.55
CA VAL A 83 29.69 -44.64 8.17
C VAL A 83 29.25 -43.68 7.05
N LEU A 84 27.94 -43.50 6.92
CA LEU A 84 27.40 -42.59 5.93
C LEU A 84 27.47 -41.15 6.46
N PRO A 85 27.38 -40.17 5.56
CA PRO A 85 27.25 -38.78 6.01
C PRO A 85 25.82 -38.49 6.44
N PHE A 86 25.61 -37.27 6.95
CA PHE A 86 24.31 -36.81 7.43
C PHE A 86 24.12 -35.44 6.79
N ASN A 87 23.62 -35.43 5.55
CA ASN A 87 23.70 -34.25 4.71
C ASN A 87 22.89 -33.09 5.27
N ASP A 88 21.56 -33.22 5.27
CA ASP A 88 20.69 -32.23 5.89
C ASP A 88 19.53 -32.91 6.60
N GLY A 89 19.56 -34.22 6.71
CA GLY A 89 18.50 -35.05 7.23
C GLY A 89 18.58 -36.38 6.55
N VAL A 90 17.98 -37.39 7.16
CA VAL A 90 18.08 -38.75 6.62
C VAL A 90 16.72 -39.40 6.64
N TYR A 91 16.32 -39.96 5.50
CA TYR A 91 15.25 -40.95 5.46
C TYR A 91 15.90 -42.31 5.57
N PHE A 92 15.45 -43.11 6.52
CA PHE A 92 16.05 -44.40 6.80
C PHE A 92 14.93 -45.44 6.75
N ALA A 93 15.20 -46.60 6.18
CA ALA A 93 14.18 -47.63 6.18
C ALA A 93 14.83 -48.99 6.35
N SER A 94 14.10 -49.90 6.99
CA SER A 94 14.57 -51.26 7.11
C SER A 94 13.41 -52.24 7.14
N THR A 95 13.65 -53.44 6.63
CA THR A 95 12.69 -54.54 6.71
C THR A 95 13.43 -55.72 7.32
N GLU A 96 13.17 -55.98 8.61
CA GLU A 96 13.86 -57.05 9.33
C GLU A 96 12.84 -57.90 10.07
N LYS A 97 13.15 -59.19 10.19
CA LYS A 97 12.33 -60.14 10.93
C LYS A 97 12.82 -60.40 12.35
N SER A 98 14.10 -60.74 12.51
CA SER A 98 14.64 -61.01 13.84
C SER A 98 15.25 -59.77 14.47
N ASN A 99 14.80 -58.58 14.06
CA ASN A 99 15.22 -57.32 14.68
C ASN A 99 16.74 -57.14 14.62
N ILE A 100 17.32 -57.50 13.48
CA ILE A 100 18.76 -57.31 13.28
C ILE A 100 19.10 -55.83 13.38
N ILE A 101 18.24 -54.98 12.82
CA ILE A 101 18.39 -53.55 12.97
C ILE A 101 18.16 -53.19 14.44
N ARG A 102 19.12 -52.52 15.04
CA ARG A 102 19.08 -52.30 16.47
C ARG A 102 19.20 -50.84 16.88
N GLY A 103 19.99 -50.05 16.17
CA GLY A 103 20.15 -48.68 16.61
C GLY A 103 20.94 -47.86 15.62
N TRP A 104 21.32 -46.66 16.08
CA TRP A 104 22.08 -45.74 15.26
C TRP A 104 23.08 -44.99 16.13
N ILE A 105 24.19 -44.61 15.50
CA ILE A 105 25.20 -43.75 16.09
C ILE A 105 25.29 -42.51 15.22
N PHE A 106 25.26 -41.34 15.83
CA PHE A 106 25.38 -40.08 15.13
C PHE A 106 26.53 -39.30 15.74
N GLY A 107 27.18 -38.46 14.95
CA GLY A 107 28.22 -37.63 15.49
C GLY A 107 28.95 -36.87 14.39
N THR A 108 30.07 -36.28 14.80
CA THR A 108 30.98 -35.59 13.90
C THR A 108 32.25 -36.38 13.66
N THR A 109 32.89 -36.87 14.73
CA THR A 109 34.06 -37.71 14.62
C THR A 109 33.83 -39.14 15.08
N LEU A 110 32.73 -39.40 15.78
CA LEU A 110 32.41 -40.75 16.27
C LEU A 110 33.51 -41.30 17.16
N ASP A 111 34.11 -40.44 17.96
CA ASP A 111 35.12 -40.87 18.92
C ASP A 111 35.13 -39.92 20.10
N SER A 112 36.00 -40.22 21.07
CA SER A 112 36.00 -39.50 22.35
C SER A 112 36.27 -38.02 22.19
N LYS A 113 36.85 -37.61 21.06
CA LYS A 113 37.21 -36.20 20.90
C LYS A 113 35.98 -35.29 20.93
N THR A 114 34.90 -35.70 20.27
CA THR A 114 33.76 -34.84 20.06
C THR A 114 32.47 -35.57 20.43
N GLN A 115 31.43 -34.80 20.71
CA GLN A 115 30.15 -35.34 21.15
C GLN A 115 29.53 -36.25 20.10
N SER A 116 28.57 -37.06 20.54
CA SER A 116 27.95 -38.06 19.69
C SER A 116 26.70 -38.59 20.37
N LEU A 117 25.74 -39.02 19.55
CA LEU A 117 24.44 -39.46 20.01
C LEU A 117 24.28 -40.94 19.71
N LEU A 118 23.81 -41.72 20.69
CA LEU A 118 23.59 -43.13 20.52
C LEU A 118 22.14 -43.46 20.81
N ILE A 119 21.47 -44.11 19.84
CA ILE A 119 20.14 -44.66 20.02
C ILE A 119 20.26 -46.16 19.90
N VAL A 120 19.85 -46.90 20.92
CA VAL A 120 20.00 -48.35 20.90
C VAL A 120 18.72 -48.99 21.40
N ASN A 121 18.43 -50.18 20.87
CA ASN A 121 17.31 -51.00 21.31
C ASN A 121 17.85 -52.21 22.07
N ASN A 122 17.32 -52.43 23.27
CA ASN A 122 17.48 -53.68 24.00
C ASN A 122 16.08 -54.18 24.35
N ALA A 123 15.95 -55.50 24.50
CA ALA A 123 14.68 -56.05 24.94
C ALA A 123 14.25 -55.45 26.28
N THR A 124 15.22 -54.99 27.08
CA THR A 124 14.90 -54.26 28.29
C THR A 124 14.19 -52.94 27.98
N ASN A 125 14.78 -52.13 27.10
CA ASN A 125 14.25 -50.80 26.81
C ASN A 125 15.06 -50.16 25.69
N VAL A 126 14.60 -49.00 25.24
CA VAL A 126 15.29 -48.21 24.23
C VAL A 126 16.06 -47.10 24.93
N VAL A 127 17.35 -47.01 24.65
CA VAL A 127 18.24 -46.09 25.33
C VAL A 127 18.71 -45.03 24.35
N ILE A 128 18.47 -43.77 24.69
CA ILE A 128 18.93 -42.63 23.90
C ILE A 128 19.86 -41.81 24.79
N LYS A 129 21.11 -41.65 24.38
CA LYS A 129 22.04 -40.91 25.22
C LYS A 129 23.07 -40.17 24.36
N VAL A 130 23.47 -38.99 24.83
CA VAL A 130 24.50 -38.20 24.17
C VAL A 130 25.64 -38.01 25.16
N CYS A 131 26.84 -38.43 24.76
CA CYS A 131 28.02 -38.34 25.62
C CYS A 131 29.23 -38.17 24.71
N GLU A 132 30.41 -38.12 25.32
CA GLU A 132 31.66 -38.16 24.54
C GLU A 132 32.15 -39.60 24.45
N PHE A 133 31.36 -40.41 23.73
CA PHE A 133 31.60 -41.85 23.70
C PHE A 133 32.96 -42.18 23.11
N GLN A 134 33.41 -43.40 23.39
CA GLN A 134 34.56 -44.01 22.73
C GLN A 134 34.01 -45.12 21.86
N PHE A 135 33.92 -44.88 20.56
CA PHE A 135 33.22 -45.75 19.64
C PHE A 135 34.20 -46.70 18.99
N CYS A 136 33.95 -48.00 19.12
CA CYS A 136 34.74 -48.98 18.40
C CYS A 136 34.51 -48.82 16.90
N ASN A 137 35.60 -48.93 16.13
CA ASN A 137 35.49 -48.76 14.68
C ASN A 137 34.60 -49.81 14.04
N ASP A 138 34.30 -50.89 14.75
CA ASP A 138 33.36 -51.91 14.30
C ASP A 138 32.29 -52.06 15.39
N PRO A 139 31.28 -51.19 15.39
CA PRO A 139 30.29 -51.22 16.46
C PRO A 139 29.55 -52.55 16.52
N PHE A 140 29.15 -52.93 17.72
CA PHE A 140 28.59 -54.26 17.97
C PHE A 140 27.18 -54.17 18.54
N ASN A 164 31.20 -41.65 28.95
CA ASN A 164 32.11 -40.61 29.38
C ASN A 164 31.49 -39.23 29.19
N ASN A 165 31.56 -38.40 30.24
CA ASN A 165 31.08 -37.02 30.20
C ASN A 165 29.60 -36.93 29.87
N CYS A 166 28.83 -37.92 30.31
CA CYS A 166 27.46 -38.07 29.85
C CYS A 166 26.59 -36.90 30.31
N THR A 167 25.68 -36.47 29.42
CA THR A 167 24.86 -35.30 29.67
C THR A 167 23.36 -35.54 29.53
N PHE A 168 22.93 -36.75 29.14
CA PHE A 168 21.51 -36.96 28.85
C PHE A 168 21.25 -38.45 28.77
N GLU A 169 20.08 -38.87 29.22
CA GLU A 169 19.61 -40.23 29.00
C GLU A 169 18.09 -40.23 28.92
N TYR A 170 17.58 -41.06 28.02
CA TYR A 170 16.14 -41.24 27.83
C TYR A 170 15.88 -42.73 27.68
N VAL A 171 14.87 -43.21 28.40
CA VAL A 171 14.42 -44.59 28.34
C VAL A 171 12.92 -44.59 28.09
N SER A 172 12.48 -45.44 27.17
CA SER A 172 11.05 -45.56 26.85
C SER A 172 10.71 -46.97 26.40
N PHE A 186 9.88 -60.59 3.89
CA PHE A 186 9.69 -59.66 5.01
C PHE A 186 8.26 -59.13 5.05
N LYS A 187 7.82 -58.78 6.26
CA LYS A 187 6.52 -58.15 6.46
C LYS A 187 6.58 -56.87 7.30
N ASN A 188 7.60 -56.69 8.12
CA ASN A 188 7.72 -55.53 8.98
C ASN A 188 8.57 -54.48 8.28
N LEU A 189 7.95 -53.40 7.80
CA LEU A 189 8.64 -52.28 7.20
C LEU A 189 8.69 -51.13 8.18
N ARG A 190 9.89 -50.65 8.49
CA ARG A 190 10.09 -49.60 9.47
C ARG A 190 10.73 -48.40 8.78
N GLU A 191 10.07 -47.25 8.86
CA GLU A 191 10.55 -46.04 8.22
C GLU A 191 10.86 -45.02 9.31
N PHE A 192 11.93 -44.25 9.12
CA PHE A 192 12.33 -43.24 10.06
C PHE A 192 12.79 -42.01 9.32
N VAL A 193 12.64 -40.85 9.95
CA VAL A 193 13.23 -39.60 9.46
C VAL A 193 13.95 -38.94 10.60
N PHE A 194 15.24 -38.69 10.41
CA PHE A 194 16.10 -38.06 11.42
C PHE A 194 16.49 -36.69 10.86
N LYS A 195 16.05 -35.62 11.51
CA LYS A 195 16.39 -34.31 10.99
C LYS A 195 16.78 -33.37 12.12
N ASN A 196 17.45 -32.29 11.76
CA ASN A 196 17.94 -31.34 12.76
C ASN A 196 17.47 -29.92 12.43
N TYR A 200 17.43 -28.37 16.94
CA TYR A 200 17.55 -29.58 17.76
C TYR A 200 16.87 -30.79 17.12
N PHE A 201 17.18 -31.97 17.67
CA PHE A 201 17.05 -33.23 16.93
C PHE A 201 15.60 -33.70 16.91
N LYS A 202 15.04 -33.92 15.73
CA LYS A 202 13.66 -34.38 15.60
C LYS A 202 13.66 -35.74 14.92
N ILE A 203 12.96 -36.70 15.52
CA ILE A 203 12.88 -38.06 14.99
C ILE A 203 11.43 -38.45 14.78
N TYR A 204 11.10 -38.85 13.56
CA TYR A 204 9.79 -39.31 13.13
C TYR A 204 9.90 -40.78 12.73
N SER A 205 8.78 -41.51 12.80
CA SER A 205 8.86 -42.92 12.47
C SER A 205 7.50 -43.47 12.07
N LYS A 206 7.53 -44.68 11.52
CA LYS A 206 6.33 -45.46 11.23
C LYS A 206 6.71 -46.94 11.16
N HIS A 207 5.80 -47.79 11.64
CA HIS A 207 5.90 -49.24 11.49
C HIS A 207 4.70 -49.71 10.70
N THR A 208 4.94 -50.39 9.58
CA THR A 208 3.87 -50.81 8.69
C THR A 208 4.02 -52.28 8.34
N PRO A 209 2.92 -52.99 8.13
CA PRO A 209 3.01 -54.33 7.54
C PRO A 209 3.22 -54.26 6.05
N ILE A 210 4.15 -55.06 5.55
CA ILE A 210 4.57 -55.01 4.15
C ILE A 210 4.53 -56.43 3.59
N ASN A 211 4.75 -56.53 2.28
CA ASN A 211 4.87 -57.83 1.63
C ASN A 211 6.34 -58.11 1.30
N ASP A 215 13.79 -52.19 -3.05
CA ASP A 215 12.66 -53.08 -2.91
C ASP A 215 11.51 -52.41 -2.17
N LEU A 216 11.58 -51.09 -2.07
CA LEU A 216 10.53 -50.34 -1.41
C LEU A 216 9.22 -50.46 -2.18
N PRO A 217 8.09 -50.44 -1.49
CA PRO A 217 6.80 -50.56 -2.16
C PRO A 217 6.38 -49.24 -2.80
N GLN A 218 5.19 -49.25 -3.39
CA GLN A 218 4.61 -48.07 -4.02
C GLN A 218 3.63 -47.34 -3.11
N GLY A 219 3.50 -47.77 -1.86
CA GLY A 219 2.47 -47.25 -0.99
C GLY A 219 2.71 -45.82 -0.59
N PHE A 220 1.79 -45.33 0.24
CA PHE A 220 1.86 -43.97 0.78
C PHE A 220 1.44 -44.01 2.23
N SER A 221 2.39 -43.76 3.14
CA SER A 221 2.10 -43.73 4.57
C SER A 221 2.76 -42.49 5.15
N ALA A 222 1.96 -41.65 5.78
CA ALA A 222 2.52 -40.51 6.49
C ALA A 222 3.26 -40.98 7.73
N LEU A 223 4.23 -40.19 8.16
CA LEU A 223 5.05 -40.52 9.33
C LEU A 223 4.67 -39.62 10.49
N GLU A 224 4.28 -40.22 11.61
CA GLU A 224 3.87 -39.35 12.70
C GLU A 224 5.04 -39.08 13.63
N PRO A 225 5.12 -37.87 14.19
CA PRO A 225 6.27 -37.50 15.01
C PRO A 225 6.42 -38.41 16.22
N LEU A 226 7.67 -38.68 16.58
CA LEU A 226 7.93 -39.60 17.68
C LEU A 226 8.64 -38.95 18.85
N VAL A 227 9.76 -38.25 18.63
CA VAL A 227 10.49 -37.64 19.75
C VAL A 227 11.23 -36.41 19.26
N ASP A 228 11.43 -35.46 20.16
CA ASP A 228 12.27 -34.28 19.91
C ASP A 228 13.29 -34.15 21.02
N LEU A 229 14.57 -34.25 20.68
CA LEU A 229 15.66 -34.15 21.62
C LEU A 229 16.17 -32.71 21.61
N PRO A 230 16.05 -31.98 22.71
CA PRO A 230 16.51 -30.58 22.75
C PRO A 230 17.96 -30.46 23.21
N ILE A 231 18.88 -31.05 22.44
CA ILE A 231 20.27 -31.15 22.83
C ILE A 231 21.16 -30.26 21.96
N GLY A 232 20.84 -30.14 20.68
CA GLY A 232 21.58 -29.20 19.83
C GLY A 232 23.04 -29.52 19.63
N ILE A 233 23.38 -30.80 19.47
CA ILE A 233 24.75 -31.21 19.18
C ILE A 233 25.06 -30.92 17.72
N ASN A 234 26.33 -31.03 17.35
CA ASN A 234 26.79 -30.79 15.98
C ASN A 234 26.93 -32.13 15.27
N ILE A 235 26.16 -32.33 14.20
CA ILE A 235 26.04 -33.61 13.52
C ILE A 235 26.54 -33.48 12.08
N THR A 236 27.34 -34.44 11.64
CA THR A 236 27.74 -34.52 10.24
C THR A 236 27.71 -35.94 9.67
N ARG A 237 27.67 -36.98 10.50
CA ARG A 237 27.82 -38.34 10.02
C ARG A 237 27.03 -39.28 10.92
N PHE A 238 26.65 -40.43 10.36
CA PHE A 238 26.01 -41.45 11.17
C PHE A 238 26.34 -42.83 10.62
N GLN A 239 26.18 -43.83 11.49
CA GLN A 239 26.36 -45.23 11.15
C GLN A 239 25.26 -46.04 11.83
N THR A 240 24.81 -47.10 11.19
CA THR A 240 23.78 -47.93 11.79
C THR A 240 24.40 -49.03 12.66
N LEU A 241 23.80 -49.25 13.82
CA LEU A 241 24.27 -50.20 14.81
C LEU A 241 23.43 -51.47 14.64
N LEU A 242 23.97 -52.45 13.93
CA LEU A 242 23.26 -53.70 13.71
C LEU A 242 23.87 -54.84 14.50
N ALA A 263 19.90 -56.38 8.11
CA ALA A 263 20.24 -57.22 6.97
C ALA A 263 20.04 -56.46 5.67
N ALA A 264 19.16 -55.46 5.68
CA ALA A 264 18.85 -54.68 4.49
C ALA A 264 18.24 -53.37 4.91
N TYR A 265 18.89 -52.25 4.59
CA TYR A 265 18.31 -50.96 4.90
C TYR A 265 18.65 -49.97 3.80
N TYR A 266 17.79 -48.95 3.69
CA TYR A 266 17.85 -47.97 2.61
C TYR A 266 18.05 -46.61 3.23
N VAL A 267 18.94 -45.81 2.65
CA VAL A 267 19.24 -44.50 3.17
C VAL A 267 19.07 -43.48 2.06
N GLY A 268 18.22 -42.48 2.28
CA GLY A 268 18.09 -41.35 1.40
C GLY A 268 18.31 -40.07 2.19
N TYR A 269 18.39 -38.96 1.48
CA TYR A 269 18.69 -37.68 2.10
C TYR A 269 17.63 -36.67 1.73
N LEU A 270 17.43 -35.70 2.61
CA LEU A 270 16.32 -34.77 2.49
C LEU A 270 16.76 -33.47 1.82
N GLN A 271 15.85 -32.87 1.07
CA GLN A 271 16.08 -31.63 0.37
C GLN A 271 14.96 -30.65 0.67
N PRO A 272 15.25 -29.35 0.59
CA PRO A 272 14.23 -28.33 0.94
C PRO A 272 13.17 -28.12 -0.15
N ARG A 273 12.17 -29.01 -0.17
CA ARG A 273 11.17 -28.98 -1.20
C ARG A 273 9.81 -28.54 -0.67
N THR A 274 9.00 -28.03 -1.59
CA THR A 274 7.61 -27.66 -1.32
C THR A 274 6.70 -28.83 -1.68
N PHE A 275 5.76 -29.13 -0.79
CA PHE A 275 4.83 -30.23 -0.98
C PHE A 275 3.40 -29.74 -0.77
N LEU A 276 2.48 -30.30 -1.55
CA LEU A 276 1.05 -30.10 -1.35
C LEU A 276 0.49 -31.34 -0.69
N LEU A 277 -0.04 -31.19 0.52
CA LEU A 277 -0.54 -32.32 1.31
C LEU A 277 -2.05 -32.32 1.29
N LYS A 278 -2.63 -33.48 1.05
CA LYS A 278 -4.08 -33.65 1.03
C LYS A 278 -4.54 -34.29 2.33
N TYR A 279 -5.21 -33.53 3.19
CA TYR A 279 -5.70 -34.04 4.45
C TYR A 279 -7.15 -34.48 4.29
N ASN A 280 -7.44 -35.70 4.72
CA ASN A 280 -8.78 -36.26 4.62
C ASN A 280 -9.57 -35.96 5.89
N GLU A 281 -10.71 -36.64 6.06
CA GLU A 281 -11.63 -36.31 7.15
C GLU A 281 -11.00 -36.54 8.51
N ASN A 282 -10.44 -37.73 8.73
CA ASN A 282 -9.79 -37.98 10.00
C ASN A 282 -8.52 -37.17 10.19
N GLY A 283 -8.12 -36.36 9.21
CA GLY A 283 -6.94 -35.54 9.37
C GLY A 283 -5.64 -36.26 9.19
N THR A 284 -5.61 -37.33 8.40
CA THR A 284 -4.40 -38.09 8.10
C THR A 284 -4.01 -37.81 6.67
N ILE A 285 -2.76 -37.39 6.46
CA ILE A 285 -2.26 -37.10 5.12
C ILE A 285 -2.48 -38.30 4.22
N THR A 286 -3.29 -38.14 3.17
CA THR A 286 -3.65 -39.25 2.32
C THR A 286 -2.91 -39.25 1.00
N ASP A 287 -2.43 -38.09 0.56
CA ASP A 287 -1.68 -37.99 -0.68
C ASP A 287 -0.77 -36.78 -0.59
N ALA A 288 0.09 -36.63 -1.58
CA ALA A 288 0.98 -35.47 -1.62
C ALA A 288 1.53 -35.30 -3.02
N VAL A 289 1.73 -34.05 -3.41
CA VAL A 289 2.25 -33.69 -4.71
C VAL A 289 3.55 -32.92 -4.50
N ASP A 290 4.62 -33.37 -5.16
CA ASP A 290 5.90 -32.70 -5.05
C ASP A 290 5.92 -31.54 -6.04
N CYS A 291 6.02 -30.32 -5.53
CA CYS A 291 5.78 -29.13 -6.34
C CYS A 291 6.93 -28.79 -7.26
N ALA A 292 7.90 -29.67 -7.45
CA ALA A 292 8.98 -29.39 -8.38
C ALA A 292 9.40 -30.60 -9.21
N LEU A 293 8.70 -31.72 -9.11
CA LEU A 293 9.14 -32.92 -9.80
C LEU A 293 9.04 -32.76 -11.31
N ASP A 294 7.93 -32.21 -11.81
CA ASP A 294 7.70 -32.11 -13.23
C ASP A 294 6.64 -31.05 -13.49
N PRO A 295 6.52 -30.58 -14.74
CA PRO A 295 5.57 -29.47 -15.00
C PRO A 295 4.14 -29.76 -14.61
N LEU A 296 3.67 -31.01 -14.76
CA LEU A 296 2.30 -31.30 -14.35
C LEU A 296 2.14 -31.11 -12.85
N SER A 297 3.15 -31.50 -12.08
CA SER A 297 3.11 -31.27 -10.64
C SER A 297 3.14 -29.79 -10.32
N GLU A 298 3.93 -29.02 -11.07
CA GLU A 298 3.91 -27.57 -10.86
C GLU A 298 2.53 -27.00 -11.11
N THR A 299 1.85 -27.49 -12.15
CA THR A 299 0.50 -27.03 -12.46
C THR A 299 -0.45 -27.38 -11.32
N LYS A 300 -0.39 -28.62 -10.84
CA LYS A 300 -1.26 -29.03 -9.74
C LYS A 300 -1.04 -28.14 -8.53
N CYS A 301 0.22 -27.84 -8.21
CA CYS A 301 0.50 -26.99 -7.05
C CYS A 301 -0.02 -25.58 -7.26
N THR A 302 0.15 -25.03 -8.45
CA THR A 302 -0.35 -23.68 -8.72
C THR A 302 -1.86 -23.61 -8.59
N LEU A 303 -2.56 -24.59 -9.16
CA LEU A 303 -4.02 -24.63 -9.05
C LEU A 303 -4.50 -24.95 -7.64
N LYS A 304 -3.61 -25.36 -6.74
CA LYS A 304 -3.99 -25.83 -5.41
C LYS A 304 -5.06 -26.91 -5.50
N SER A 305 -4.88 -27.84 -6.43
CA SER A 305 -5.82 -28.93 -6.62
C SER A 305 -5.09 -30.15 -7.14
N PHE A 306 -5.77 -31.28 -7.09
CA PHE A 306 -5.20 -32.56 -7.51
C PHE A 306 -5.68 -33.01 -8.87
N THR A 307 -6.66 -32.33 -9.45
CA THR A 307 -7.11 -32.61 -10.80
C THR A 307 -7.05 -31.33 -11.61
N VAL A 308 -6.49 -31.41 -12.81
CA VAL A 308 -6.26 -30.26 -13.65
C VAL A 308 -7.09 -30.43 -14.92
N GLU A 309 -8.08 -29.57 -15.11
CA GLU A 309 -8.93 -29.65 -16.28
C GLU A 309 -8.16 -29.20 -17.52
N LYS A 310 -8.58 -29.70 -18.68
CA LYS A 310 -7.85 -29.45 -19.92
C LYS A 310 -7.73 -27.95 -20.19
N GLY A 311 -6.56 -27.54 -20.65
CA GLY A 311 -6.34 -26.15 -20.98
C GLY A 311 -4.86 -25.82 -20.91
N ILE A 312 -4.58 -24.52 -21.02
CA ILE A 312 -3.22 -24.01 -20.92
C ILE A 312 -3.12 -23.13 -19.69
N TYR A 313 -2.14 -23.44 -18.83
CA TYR A 313 -1.98 -22.75 -17.56
C TYR A 313 -0.58 -22.21 -17.45
N GLN A 314 -0.44 -21.01 -16.91
CA GLN A 314 0.86 -20.40 -16.69
C GLN A 314 1.34 -20.73 -15.28
N THR A 315 2.55 -21.27 -15.17
CA THR A 315 3.03 -21.76 -13.90
C THR A 315 4.25 -21.03 -13.35
N SER A 316 5.17 -20.56 -14.19
CA SER A 316 6.39 -19.97 -13.66
C SER A 316 7.00 -19.06 -14.72
N ASN A 317 8.25 -18.66 -14.50
CA ASN A 317 8.91 -17.69 -15.34
C ASN A 317 10.31 -18.15 -15.68
N PHE A 318 10.62 -18.17 -16.97
CA PHE A 318 11.94 -18.46 -17.47
C PHE A 318 12.72 -17.15 -17.57
N ARG A 319 13.94 -17.15 -17.05
CA ARG A 319 14.79 -15.96 -17.10
C ARG A 319 16.25 -16.39 -17.16
N VAL A 320 16.87 -16.23 -18.32
CA VAL A 320 18.25 -16.65 -18.48
C VAL A 320 19.14 -15.80 -17.58
N GLN A 321 20.08 -16.45 -16.92
CA GLN A 321 20.94 -15.81 -15.93
C GLN A 321 22.16 -15.20 -16.58
N PRO A 322 22.81 -14.25 -15.91
CA PRO A 322 24.10 -13.75 -16.39
C PRO A 322 25.21 -14.76 -16.16
N THR A 323 26.30 -14.58 -16.91
CA THR A 323 27.42 -15.51 -16.88
C THR A 323 28.69 -14.91 -16.30
N GLU A 324 29.10 -13.73 -16.76
CA GLU A 324 30.35 -13.12 -16.32
C GLU A 324 30.12 -11.65 -16.02
N SER A 325 31.14 -11.01 -15.47
CA SER A 325 31.17 -9.57 -15.26
C SER A 325 32.19 -8.92 -16.18
N ILE A 326 31.80 -7.81 -16.79
CA ILE A 326 32.64 -7.10 -17.76
C ILE A 326 32.79 -5.66 -17.28
N VAL A 327 34.04 -5.21 -17.15
CA VAL A 327 34.35 -3.84 -16.76
C VAL A 327 35.24 -3.22 -17.83
N ARG A 328 34.84 -2.06 -18.34
CA ARG A 328 35.64 -1.35 -19.32
C ARG A 328 35.80 0.11 -18.91
N PHE A 329 36.87 0.71 -19.40
CA PHE A 329 37.28 2.04 -18.97
C PHE A 329 38.07 2.67 -20.10
N PRO A 330 38.32 3.98 -20.04
CA PRO A 330 38.97 4.66 -21.16
C PRO A 330 40.42 4.24 -21.31
N ASN A 331 40.98 4.60 -22.47
CA ASN A 331 42.37 4.30 -22.79
C ASN A 331 43.30 4.81 -21.70
N ILE A 332 44.17 3.94 -21.21
CA ILE A 332 45.06 4.28 -20.11
C ILE A 332 46.35 4.87 -20.68
N THR A 333 46.60 6.14 -20.35
CA THR A 333 47.79 6.84 -20.81
C THR A 333 48.01 8.04 -19.88
N ASN A 334 48.88 8.95 -20.30
CA ASN A 334 49.21 10.15 -19.53
C ASN A 334 49.61 9.80 -18.10
N LEU A 335 50.50 8.82 -17.98
CA LEU A 335 50.93 8.35 -16.67
C LEU A 335 51.69 9.46 -15.95
N CYS A 336 51.44 9.58 -14.65
CA CYS A 336 51.96 10.71 -13.89
C CYS A 336 53.48 10.66 -13.83
N PRO A 337 54.18 11.76 -14.08
CA PRO A 337 55.64 11.73 -14.22
C PRO A 337 56.37 11.72 -12.88
N PHE A 338 56.13 10.69 -12.08
CA PHE A 338 56.95 10.47 -10.90
C PHE A 338 58.38 10.18 -11.29
N GLY A 339 58.58 9.47 -12.42
CA GLY A 339 59.91 9.07 -12.82
C GLY A 339 60.83 10.25 -13.02
N GLU A 340 60.31 11.35 -13.55
CA GLU A 340 61.11 12.56 -13.70
C GLU A 340 61.61 13.06 -12.35
N VAL A 341 60.73 13.08 -11.35
CA VAL A 341 61.09 13.59 -10.04
C VAL A 341 62.12 12.69 -9.36
N PHE A 342 61.86 11.37 -9.36
CA PHE A 342 62.77 10.46 -8.67
C PHE A 342 64.10 10.33 -9.40
N ASN A 343 64.07 10.28 -10.73
CA ASN A 343 65.25 10.03 -11.54
C ASN A 343 65.84 11.30 -12.14
N ALA A 344 65.54 12.46 -11.55
CA ALA A 344 66.18 13.70 -11.98
C ALA A 344 67.68 13.62 -11.74
N THR A 345 68.45 14.22 -12.65
CA THR A 345 69.91 14.14 -12.56
C THR A 345 70.42 14.75 -11.27
N ARG A 346 69.88 15.90 -10.87
CA ARG A 346 70.25 16.56 -9.61
C ARG A 346 69.09 16.46 -8.65
N PHE A 347 69.32 15.85 -7.49
CA PHE A 347 68.33 15.76 -6.43
C PHE A 347 68.59 16.87 -5.42
N ALA A 348 67.54 17.59 -5.05
CA ALA A 348 67.69 18.75 -4.19
C ALA A 348 68.21 18.35 -2.82
N SER A 349 69.00 19.23 -2.21
CA SER A 349 69.61 18.97 -0.92
C SER A 349 68.57 19.10 0.20
N VAL A 350 68.98 18.70 1.41
CA VAL A 350 68.13 18.83 2.58
C VAL A 350 67.82 20.29 2.87
N TYR A 351 68.69 21.20 2.43
CA TYR A 351 68.52 22.62 2.74
C TYR A 351 67.18 23.14 2.23
N ALA A 352 66.88 22.90 0.94
CA ALA A 352 65.63 23.31 0.32
C ALA A 352 65.08 22.13 -0.48
N TRP A 353 64.31 21.27 0.20
CA TRP A 353 63.66 20.16 -0.47
C TRP A 353 62.66 20.71 -1.47
N ASN A 354 62.87 20.43 -2.75
CA ASN A 354 62.04 21.04 -3.78
C ASN A 354 60.63 20.46 -3.76
N ARG A 355 59.64 21.32 -4.01
CA ARG A 355 58.24 20.90 -4.12
C ARG A 355 57.78 21.00 -5.57
N LYS A 356 57.36 19.87 -6.12
CA LYS A 356 56.84 19.76 -7.48
C LYS A 356 55.38 19.30 -7.42
N ARG A 357 54.50 20.04 -8.09
CA ARG A 357 53.08 19.75 -8.04
C ARG A 357 52.65 19.00 -9.30
N ILE A 358 51.98 17.87 -9.11
CA ILE A 358 51.49 17.02 -10.19
C ILE A 358 49.98 17.02 -10.15
N SER A 359 49.35 17.28 -11.29
CA SER A 359 47.89 17.32 -11.39
C SER A 359 47.46 16.80 -12.75
N ASN A 360 46.22 16.31 -12.80
CA ASN A 360 45.61 15.80 -14.03
C ASN A 360 46.45 14.70 -14.65
N CYS A 361 46.88 13.76 -13.82
CA CYS A 361 47.78 12.70 -14.25
C CYS A 361 47.32 11.36 -13.71
N VAL A 362 47.69 10.29 -14.42
CA VAL A 362 47.41 8.93 -13.99
C VAL A 362 48.57 8.48 -13.10
N ALA A 363 48.30 8.28 -11.82
CA ALA A 363 49.33 8.01 -10.82
C ALA A 363 49.54 6.50 -10.69
N ASP A 364 50.67 6.01 -11.19
CA ASP A 364 51.02 4.59 -11.09
C ASP A 364 51.74 4.33 -9.77
N TYR A 365 50.99 4.53 -8.68
CA TYR A 365 51.54 4.29 -7.36
C TYR A 365 51.98 2.84 -7.20
N SER A 366 51.20 1.91 -7.75
CA SER A 366 51.59 0.51 -7.65
C SER A 366 52.91 0.26 -8.36
N VAL A 367 53.09 0.89 -9.53
CA VAL A 367 54.33 0.71 -10.28
C VAL A 367 55.51 1.28 -9.52
N LEU A 368 55.31 2.45 -8.89
CA LEU A 368 56.38 3.04 -8.08
C LEU A 368 56.74 2.15 -6.92
N TYR A 369 55.74 1.55 -6.27
CA TYR A 369 56.03 0.60 -5.20
C TYR A 369 56.75 -0.61 -5.75
N ASN A 370 56.38 -1.03 -6.97
CA ASN A 370 57.01 -2.19 -7.59
C ASN A 370 58.50 -1.95 -7.81
N SER A 371 58.87 -0.71 -8.13
CA SER A 371 60.28 -0.38 -8.28
C SER A 371 61.02 -0.67 -6.98
N ALA A 372 62.06 -1.51 -7.07
CA ALA A 372 62.80 -1.96 -5.91
C ALA A 372 64.10 -1.18 -5.69
N SER A 373 64.47 -0.27 -6.59
CA SER A 373 65.70 0.48 -6.43
C SER A 373 65.66 1.34 -5.17
N PHE A 374 64.52 1.96 -4.89
CA PHE A 374 64.36 2.72 -3.67
C PHE A 374 64.43 1.78 -2.47
N SER A 375 65.37 2.07 -1.56
CA SER A 375 65.62 1.16 -0.44
C SER A 375 64.42 1.08 0.49
N THR A 376 63.82 2.23 0.82
CA THR A 376 62.77 2.28 1.83
C THR A 376 61.54 2.95 1.24
N PHE A 377 60.40 2.28 1.30
CA PHE A 377 59.12 2.86 0.91
C PHE A 377 58.18 2.74 2.11
N LYS A 378 58.01 3.85 2.83
CA LYS A 378 57.24 3.85 4.07
C LYS A 378 56.07 4.80 3.95
N CYS A 379 54.86 4.30 4.20
CA CYS A 379 53.65 5.10 4.19
C CYS A 379 53.08 5.15 5.61
N TYR A 380 53.13 6.34 6.21
CA TYR A 380 52.52 6.52 7.52
C TYR A 380 51.00 6.61 7.42
N GLY A 381 50.49 7.37 6.45
CA GLY A 381 49.07 7.65 6.34
C GLY A 381 48.34 7.07 5.16
N VAL A 382 48.98 6.19 4.38
CA VAL A 382 48.35 5.63 3.19
C VAL A 382 48.61 4.12 3.13
N SER A 383 47.80 3.43 2.33
CA SER A 383 47.92 2.00 2.13
C SER A 383 48.48 1.74 0.74
N PRO A 384 49.63 1.06 0.61
CA PRO A 384 50.18 0.80 -0.73
C PRO A 384 49.22 0.06 -1.64
N THR A 385 48.48 -0.91 -1.09
CA THR A 385 47.48 -1.61 -1.89
C THR A 385 46.38 -0.66 -2.36
N LYS A 386 45.92 0.22 -1.48
CA LYS A 386 44.84 1.14 -1.79
C LYS A 386 45.30 2.35 -2.60
N LEU A 387 46.62 2.59 -2.68
CA LEU A 387 47.11 3.79 -3.34
C LEU A 387 46.72 3.84 -4.80
N ASN A 388 46.83 2.70 -5.50
CA ASN A 388 46.46 2.66 -6.91
C ASN A 388 44.97 2.94 -7.11
N ASP A 389 44.12 2.37 -6.27
CA ASP A 389 42.68 2.54 -6.43
C ASP A 389 42.24 3.98 -6.20
N LEU A 390 42.68 4.58 -5.09
CA LEU A 390 42.17 5.89 -4.69
C LEU A 390 42.74 6.99 -5.60
N CYS A 391 42.00 8.09 -5.66
CA CYS A 391 42.40 9.27 -6.41
C CYS A 391 42.44 10.47 -5.49
N PHE A 392 43.47 11.30 -5.65
CA PHE A 392 43.67 12.48 -4.82
C PHE A 392 43.56 13.74 -5.67
N THR A 393 43.29 14.85 -5.00
CA THR A 393 43.10 16.13 -5.71
C THR A 393 44.38 16.55 -6.41
N ASN A 394 45.49 16.57 -5.69
CA ASN A 394 46.77 16.96 -6.26
C ASN A 394 47.88 16.19 -5.56
N VAL A 395 48.99 16.02 -6.26
CA VAL A 395 50.15 15.29 -5.74
C VAL A 395 51.27 16.29 -5.50
N TYR A 396 51.78 16.34 -4.28
CA TYR A 396 52.89 17.23 -3.95
C TYR A 396 54.12 16.40 -3.65
N ALA A 397 55.23 16.70 -4.32
CA ALA A 397 56.45 15.91 -4.20
C ALA A 397 57.55 16.79 -3.61
N ASP A 398 58.22 16.29 -2.59
CA ASP A 398 59.34 16.98 -1.96
C ASP A 398 60.59 16.14 -2.15
N SER A 399 61.64 16.77 -2.65
CA SER A 399 62.91 16.09 -2.94
C SER A 399 63.99 16.66 -2.04
N PHE A 400 64.61 15.79 -1.24
CA PHE A 400 65.63 16.16 -0.27
C PHE A 400 66.81 15.20 -0.37
N VAL A 401 68.02 15.72 -0.22
CA VAL A 401 69.23 14.91 -0.13
C VAL A 401 69.61 14.89 1.35
N ILE A 402 69.54 13.71 1.96
CA ILE A 402 69.73 13.57 3.39
C ILE A 402 70.50 12.30 3.70
N ARG A 403 71.21 12.31 4.83
CA ARG A 403 71.96 11.14 5.26
C ARG A 403 71.02 10.07 5.80
N GLY A 404 71.57 8.88 6.03
CA GLY A 404 70.77 7.80 6.59
C GLY A 404 70.19 8.16 7.94
N ASP A 405 70.99 8.85 8.78
CA ASP A 405 70.45 9.34 10.04
C ASP A 405 69.36 10.36 9.79
N GLU A 406 69.62 11.29 8.87
CA GLU A 406 68.61 12.29 8.51
C GLU A 406 67.41 11.61 7.88
N VAL A 407 67.65 10.58 7.07
CA VAL A 407 66.54 9.82 6.51
C VAL A 407 65.74 9.21 7.65
N ARG A 408 66.42 8.67 8.66
CA ARG A 408 65.71 8.21 9.84
C ARG A 408 65.03 9.38 10.51
N GLN A 409 65.72 10.52 10.58
CA GLN A 409 65.11 11.73 11.11
C GLN A 409 63.98 12.20 10.21
N ILE A 410 64.03 11.86 8.93
CA ILE A 410 62.95 12.23 8.00
C ILE A 410 61.92 11.11 8.09
N ALA A 411 61.11 11.18 9.13
CA ALA A 411 60.02 10.24 9.39
C ALA A 411 58.89 11.02 10.04
N PRO A 412 57.66 10.51 9.96
CA PRO A 412 56.55 11.20 10.63
C PRO A 412 56.77 11.25 12.13
N GLY A 413 56.94 12.47 12.64
CA GLY A 413 57.15 12.68 14.06
C GLY A 413 58.58 12.50 14.54
N GLN A 414 59.51 12.12 13.67
CA GLN A 414 60.89 11.90 14.09
C GLN A 414 61.57 13.22 14.44
N THR A 415 62.48 13.15 15.40
CA THR A 415 63.14 14.33 15.95
C THR A 415 64.61 14.35 15.57
N GLY A 416 65.04 15.45 14.95
CA GLY A 416 66.44 15.62 14.58
C GLY A 416 66.66 17.03 14.11
N LYS A 417 67.93 17.38 13.91
CA LYS A 417 68.26 18.68 13.35
C LYS A 417 67.71 18.82 11.94
N ILE A 418 67.83 17.76 11.14
CA ILE A 418 67.29 17.78 9.79
C ILE A 418 65.78 17.96 9.84
N ALA A 419 65.11 17.25 10.74
CA ALA A 419 63.65 17.37 10.82
C ALA A 419 63.26 18.78 11.25
N ASP A 420 63.98 19.33 12.22
CA ASP A 420 63.64 20.64 12.75
C ASP A 420 63.81 21.73 11.71
N TYR A 421 64.92 21.69 10.96
CA TYR A 421 65.25 22.82 10.09
C TYR A 421 65.27 22.48 8.62
N ASN A 422 65.97 21.41 8.23
CA ASN A 422 66.16 21.12 6.81
C ASN A 422 64.85 20.77 6.12
N TYR A 423 64.09 19.83 6.69
CA TYR A 423 62.81 19.42 6.12
C TYR A 423 61.86 19.03 7.24
N LYS A 424 60.66 19.60 7.22
CA LYS A 424 59.63 19.29 8.20
C LYS A 424 58.28 19.19 7.50
N LEU A 425 57.37 18.43 8.11
CA LEU A 425 56.06 18.19 7.55
C LEU A 425 55.07 18.03 8.68
N PRO A 426 53.78 18.29 8.44
CA PRO A 426 52.77 18.00 9.46
C PRO A 426 52.75 16.53 9.83
N ASP A 427 52.66 16.25 11.12
CA ASP A 427 52.77 14.88 11.60
C ASP A 427 51.58 14.04 11.14
N ASP A 428 50.36 14.55 11.32
CA ASP A 428 49.17 13.78 10.98
C ASP A 428 48.98 13.62 9.48
N PHE A 429 49.56 14.51 8.67
CA PHE A 429 49.36 14.46 7.23
C PHE A 429 49.80 13.14 6.65
N THR A 430 48.96 12.55 5.81
CA THR A 430 49.31 11.31 5.13
C THR A 430 50.49 11.54 4.19
N GLY A 431 51.51 10.70 4.30
CA GLY A 431 52.73 10.87 3.53
C GLY A 431 53.34 9.54 3.22
N CYS A 432 53.99 9.46 2.06
CA CYS A 432 54.72 8.25 1.69
C CYS A 432 56.12 8.65 1.25
N VAL A 433 57.13 7.96 1.76
CA VAL A 433 58.51 8.36 1.51
C VAL A 433 59.25 7.21 0.83
N ILE A 434 59.92 7.54 -0.27
CA ILE A 434 60.78 6.64 -1.03
C ILE A 434 62.21 7.12 -0.87
N ALA A 435 63.08 6.25 -0.33
CA ALA A 435 64.46 6.58 -0.05
C ALA A 435 65.34 5.60 -0.80
N TRP A 436 66.21 6.13 -1.65
CA TRP A 436 67.14 5.31 -2.42
C TRP A 436 68.57 5.77 -2.16
N ASN A 437 69.46 4.80 -1.93
CA ASN A 437 70.87 5.11 -1.73
C ASN A 437 71.44 5.76 -2.98
N SER A 438 72.12 6.89 -2.79
CA SER A 438 72.70 7.65 -3.88
C SER A 438 74.18 7.91 -3.64
N ASN A 439 74.88 6.93 -3.08
CA ASN A 439 76.28 7.14 -2.74
C ASN A 439 77.12 7.42 -3.98
N ASN A 440 76.94 6.64 -5.04
CA ASN A 440 77.71 6.87 -6.26
C ASN A 440 77.30 8.18 -6.92
N LEU A 441 75.99 8.42 -7.06
CA LEU A 441 75.50 9.60 -7.76
C LEU A 441 75.73 10.89 -6.98
N ASP A 442 75.53 10.87 -5.66
CA ASP A 442 75.53 12.09 -4.87
C ASP A 442 76.81 12.33 -4.07
N SER A 443 77.89 11.60 -4.34
CA SER A 443 79.15 11.84 -3.65
C SER A 443 80.14 12.48 -4.62
N LYS A 444 80.53 13.71 -4.32
CA LYS A 444 81.60 14.35 -5.07
C LYS A 444 82.95 13.77 -4.66
N VAL A 445 83.83 13.60 -5.65
CA VAL A 445 85.15 13.04 -5.37
C VAL A 445 85.93 13.95 -4.41
N GLY A 446 85.86 15.25 -4.64
CA GLY A 446 86.56 16.22 -3.82
C GLY A 446 85.89 16.59 -2.53
N GLY A 447 84.74 15.99 -2.24
CA GLY A 447 83.95 16.35 -1.07
C GLY A 447 82.71 17.13 -1.46
N ASN A 448 81.68 17.03 -0.62
CA ASN A 448 80.37 17.58 -0.93
C ASN A 448 80.10 18.77 -0.01
N TYR A 449 80.07 19.96 -0.60
CA TYR A 449 79.52 21.13 0.06
C TYR A 449 78.06 21.38 -0.33
N ASN A 450 77.51 20.55 -1.22
CA ASN A 450 76.12 20.70 -1.62
C ASN A 450 75.18 20.44 -0.45
N TYR A 451 75.50 19.46 0.38
CA TYR A 451 74.70 19.19 1.57
C TYR A 451 74.82 20.35 2.54
N LEU A 452 73.68 20.92 2.94
CA LEU A 452 73.64 22.01 3.90
C LEU A 452 72.43 21.83 4.79
N TYR A 453 72.61 22.07 6.08
CA TYR A 453 71.53 21.91 7.04
C TYR A 453 71.69 22.93 8.15
N ARG A 454 70.57 23.27 8.80
CA ARG A 454 70.58 24.19 9.92
C ARG A 454 70.06 23.50 11.18
N LYS A 462 59.96 24.53 9.83
CA LYS A 462 58.62 24.81 9.34
C LYS A 462 58.11 23.68 8.45
N PRO A 463 56.81 23.38 8.53
CA PRO A 463 56.26 22.25 7.78
C PRO A 463 56.29 22.52 6.27
N PHE A 464 57.11 21.76 5.56
CA PHE A 464 57.21 21.83 4.11
C PHE A 464 57.44 23.26 3.62
N GLU A 465 58.37 23.95 4.28
CA GLU A 465 58.78 25.29 3.89
C GLU A 465 60.27 25.28 3.57
N ARG A 466 60.61 25.76 2.39
CA ARG A 466 62.01 25.79 1.95
C ARG A 466 62.49 27.21 1.78
N PRO A 491 75.40 30.08 10.03
CA PRO A 491 74.36 29.18 10.52
C PRO A 491 74.08 28.01 9.59
N LEU A 492 75.08 27.63 8.80
CA LEU A 492 74.96 26.54 7.83
C LEU A 492 76.01 25.49 8.13
N GLN A 493 75.57 24.25 8.32
CA GLN A 493 76.45 23.12 8.58
C GLN A 493 76.42 22.17 7.40
N SER A 494 77.60 21.86 6.87
CA SER A 494 77.73 20.99 5.70
C SER A 494 78.41 19.68 6.11
N TYR A 495 77.81 18.57 5.75
CA TYR A 495 78.39 17.25 5.96
C TYR A 495 79.03 16.79 4.66
N GLY A 496 80.36 16.66 4.67
CA GLY A 496 81.06 16.26 3.46
C GLY A 496 80.73 14.83 3.07
N PHE A 497 80.46 14.64 1.78
CA PHE A 497 80.17 13.33 1.23
C PHE A 497 81.16 13.03 0.10
N GLN A 498 81.75 11.85 0.15
CA GLN A 498 82.72 11.40 -0.84
C GLN A 498 82.43 9.93 -1.14
N PRO A 499 82.89 9.42 -2.29
CA PRO A 499 82.75 7.98 -2.54
C PRO A 499 83.43 7.12 -1.50
N THR A 500 84.53 7.60 -0.90
CA THR A 500 85.18 6.86 0.17
C THR A 500 84.28 6.75 1.40
N ASN A 501 83.44 7.76 1.64
CA ASN A 501 82.57 7.75 2.81
C ASN A 501 81.63 6.55 2.77
N GLY A 502 81.44 5.93 3.94
CA GLY A 502 80.63 4.73 4.02
C GLY A 502 79.16 5.00 3.76
N VAL A 503 78.42 3.89 3.64
CA VAL A 503 76.99 3.98 3.34
C VAL A 503 76.26 4.77 4.40
N GLY A 504 76.58 4.54 5.67
CA GLY A 504 75.98 5.33 6.73
C GLY A 504 76.34 6.81 6.65
N TYR A 505 77.63 7.09 6.42
CA TYR A 505 78.06 8.48 6.28
C TYR A 505 77.49 9.11 5.02
N GLN A 506 77.49 8.37 3.92
CA GLN A 506 76.97 8.90 2.67
C GLN A 506 75.45 9.08 2.75
N PRO A 507 74.91 10.09 2.09
CA PRO A 507 73.46 10.31 2.11
C PRO A 507 72.73 9.50 1.05
N TYR A 508 71.48 9.18 1.37
CA TYR A 508 70.56 8.52 0.45
C TYR A 508 69.39 9.44 0.16
N ARG A 509 69.10 9.65 -1.12
CA ARG A 509 68.06 10.61 -1.52
C ARG A 509 66.70 10.19 -0.98
N VAL A 510 65.97 11.16 -0.41
CA VAL A 510 64.65 10.94 0.17
C VAL A 510 63.64 11.80 -0.59
N VAL A 511 62.61 11.17 -1.13
CA VAL A 511 61.51 11.86 -1.80
C VAL A 511 60.22 11.52 -1.08
N VAL A 512 59.47 12.55 -0.68
CA VAL A 512 58.25 12.37 0.10
C VAL A 512 57.07 12.89 -0.71
N LEU A 513 56.04 12.05 -0.83
CA LEU A 513 54.84 12.36 -1.60
C LEU A 513 53.68 12.60 -0.65
N SER A 514 53.00 13.73 -0.84
CA SER A 514 51.84 14.14 -0.06
C SER A 514 50.62 14.16 -0.98
N PHE A 515 49.49 13.69 -0.46
CA PHE A 515 48.24 13.68 -1.22
C PHE A 515 47.71 15.09 -1.39
N ALA A 522 39.05 15.56 -8.04
CA ALA A 522 40.36 14.98 -7.81
C ALA A 522 41.05 14.70 -9.14
N THR A 523 42.28 15.20 -9.29
CA THR A 523 42.99 15.18 -10.56
C THR A 523 43.98 14.04 -10.69
N VAL A 524 44.70 13.69 -9.63
CA VAL A 524 45.71 12.63 -9.69
C VAL A 524 45.00 11.32 -9.35
N CYS A 525 44.60 10.58 -10.38
CA CYS A 525 43.81 9.37 -10.23
C CYS A 525 44.60 8.15 -10.71
N GLY A 526 44.46 7.05 -9.98
CA GLY A 526 45.10 5.80 -10.34
C GLY A 526 44.50 5.20 -11.59
N PRO A 527 45.23 4.29 -12.23
CA PRO A 527 44.75 3.69 -13.48
C PRO A 527 43.45 2.91 -13.26
N LYS A 528 42.56 3.01 -14.24
CA LYS A 528 41.28 2.31 -14.20
C LYS A 528 41.46 0.94 -14.85
N LYS A 529 41.34 -0.11 -14.04
CA LYS A 529 41.54 -1.46 -14.53
C LYS A 529 40.41 -1.86 -15.48
N SER A 530 40.78 -2.35 -16.65
CA SER A 530 39.81 -2.73 -17.68
C SER A 530 40.04 -4.19 -18.06
N THR A 531 38.98 -4.99 -17.97
CA THR A 531 39.04 -6.39 -18.35
C THR A 531 38.63 -6.52 -19.82
N ASN A 532 38.40 -7.75 -20.27
CA ASN A 532 37.93 -7.99 -21.62
C ASN A 532 36.41 -7.91 -21.67
N LEU A 533 35.87 -7.83 -22.88
CA LEU A 533 34.43 -7.81 -23.10
C LEU A 533 34.01 -9.09 -23.81
N VAL A 534 32.77 -9.49 -23.59
CA VAL A 534 32.19 -10.67 -24.22
C VAL A 534 30.84 -10.28 -24.83
N LYS A 535 30.64 -10.66 -26.09
CA LYS A 535 29.47 -10.27 -26.84
C LYS A 535 28.51 -11.45 -27.00
N ASN A 536 27.23 -11.12 -27.18
CA ASN A 536 26.17 -12.11 -27.38
C ASN A 536 26.05 -13.07 -26.19
N LYS A 537 26.23 -12.54 -24.98
CA LYS A 537 26.09 -13.35 -23.79
C LYS A 537 25.58 -12.49 -22.65
N CYS A 538 24.60 -13.02 -21.90
CA CYS A 538 24.04 -12.31 -20.77
C CYS A 538 25.11 -12.04 -19.72
N VAL A 539 25.51 -10.78 -19.55
CA VAL A 539 26.60 -10.41 -18.66
C VAL A 539 26.22 -9.18 -17.86
N ASN A 540 26.97 -8.97 -16.77
CA ASN A 540 26.86 -7.77 -15.96
C ASN A 540 27.94 -6.80 -16.40
N PHE A 541 27.55 -5.76 -17.12
CA PHE A 541 28.49 -4.85 -17.75
C PHE A 541 28.59 -3.54 -16.98
N ASN A 542 29.77 -2.93 -17.08
CA ASN A 542 30.07 -1.64 -16.47
C ASN A 542 30.96 -0.90 -17.48
N PHE A 543 30.36 0.04 -18.19
CA PHE A 543 31.04 0.87 -19.18
C PHE A 543 31.19 2.27 -18.62
N ASN A 544 32.42 2.60 -18.19
CA ASN A 544 32.76 3.97 -17.79
C ASN A 544 31.82 4.50 -16.72
N GLY A 545 31.41 3.62 -15.79
CA GLY A 545 30.52 3.98 -14.71
C GLY A 545 29.08 3.59 -14.94
N LEU A 546 28.65 3.51 -16.20
CA LEU A 546 27.35 2.92 -16.51
C LEU A 546 27.34 1.46 -16.11
N THR A 547 26.22 1.00 -15.56
CA THR A 547 26.11 -0.37 -15.10
C THR A 547 24.82 -0.99 -15.65
N GLY A 548 24.81 -2.32 -15.70
CA GLY A 548 23.60 -3.01 -16.07
C GLY A 548 23.86 -4.46 -16.35
N THR A 549 22.79 -5.17 -16.70
CA THR A 549 22.86 -6.56 -17.12
C THR A 549 22.21 -6.69 -18.49
N GLY A 550 22.88 -7.35 -19.42
CA GLY A 550 22.32 -7.46 -20.74
C GLY A 550 23.23 -8.21 -21.70
N VAL A 551 22.82 -8.20 -22.96
CA VAL A 551 23.52 -8.84 -24.06
C VAL A 551 24.09 -7.74 -24.95
N LEU A 552 25.42 -7.77 -25.12
CA LEU A 552 26.13 -6.76 -25.89
C LEU A 552 26.23 -7.24 -27.33
N THR A 553 25.74 -6.45 -28.27
CA THR A 553 25.81 -6.83 -29.68
C THR A 553 26.40 -5.70 -30.50
N GLU A 554 26.96 -6.05 -31.66
CA GLU A 554 27.40 -5.03 -32.60
C GLU A 554 26.20 -4.26 -33.15
N SER A 555 26.38 -2.97 -33.38
CA SER A 555 25.29 -2.11 -33.81
C SER A 555 25.77 -1.17 -34.92
N ASN A 556 24.80 -0.58 -35.62
CA ASN A 556 25.05 0.18 -36.84
C ASN A 556 24.67 1.65 -36.72
N LYS A 557 24.39 2.15 -35.52
CA LYS A 557 24.10 3.56 -35.38
C LYS A 557 25.36 4.39 -35.55
N LYS A 558 25.18 5.69 -35.78
CA LYS A 558 26.28 6.62 -35.94
C LYS A 558 26.13 7.74 -34.90
N PHE A 559 27.03 7.77 -33.93
CA PHE A 559 27.00 8.80 -32.89
C PHE A 559 27.60 10.10 -33.40
N LEU A 560 27.85 11.01 -32.45
CA LEU A 560 28.60 12.23 -32.60
C LEU A 560 29.79 12.20 -31.65
N PRO A 561 30.93 12.75 -32.06
CA PRO A 561 32.20 12.51 -31.35
C PRO A 561 32.19 12.69 -29.84
N PHE A 562 31.17 13.34 -29.30
CA PHE A 562 31.11 13.56 -27.86
C PHE A 562 30.06 12.71 -27.17
N GLN A 563 29.16 12.07 -27.92
CA GLN A 563 28.05 11.35 -27.31
C GLN A 563 28.50 9.95 -26.92
N GLN A 564 28.40 9.65 -25.62
CA GLN A 564 28.84 8.34 -25.12
C GLN A 564 27.70 7.33 -25.15
N PHE A 565 26.64 7.58 -24.39
CA PHE A 565 25.57 6.60 -24.24
C PHE A 565 24.67 6.61 -25.47
N GLY A 566 23.56 5.88 -25.37
CA GLY A 566 22.43 6.05 -26.24
C GLY A 566 21.18 5.97 -25.40
N ARG A 567 20.02 6.03 -26.05
CA ARG A 567 18.83 5.94 -25.23
C ARG A 567 17.65 5.46 -26.06
N ASP A 568 16.73 4.78 -25.39
CA ASP A 568 15.43 4.44 -25.92
C ASP A 568 14.44 5.54 -25.58
N ILE A 569 13.23 5.40 -26.11
CA ILE A 569 12.21 6.43 -25.88
C ILE A 569 11.94 6.60 -24.39
N ALA A 570 11.75 5.49 -23.69
CA ALA A 570 11.43 5.54 -22.26
C ALA A 570 12.68 5.29 -21.42
N ASP A 571 13.58 6.28 -21.46
CA ASP A 571 14.74 6.45 -20.57
C ASP A 571 15.48 5.16 -20.22
N THR A 572 15.56 4.22 -21.17
CA THR A 572 16.26 2.97 -20.95
C THR A 572 17.46 2.90 -21.90
N THR A 573 18.62 2.58 -21.35
CA THR A 573 19.83 2.50 -22.15
C THR A 573 19.65 1.47 -23.27
N ASP A 574 20.09 1.83 -24.47
CA ASP A 574 19.91 0.95 -25.61
C ASP A 574 21.22 0.77 -26.37
N ALA A 575 22.10 1.77 -26.32
CA ALA A 575 23.41 1.66 -26.93
C ALA A 575 24.45 2.23 -25.99
N VAL A 576 25.68 1.76 -26.13
CA VAL A 576 26.82 2.33 -25.41
C VAL A 576 28.01 2.40 -26.36
N ARG A 577 28.88 3.36 -26.13
CA ARG A 577 30.11 3.49 -26.89
C ARG A 577 31.25 2.81 -26.12
N ASP A 578 32.04 2.03 -26.83
CA ASP A 578 33.14 1.31 -26.20
C ASP A 578 34.24 2.29 -25.82
N PRO A 579 34.62 2.40 -24.55
CA PRO A 579 35.61 3.40 -24.15
C PRO A 579 37.05 3.06 -24.54
N GLN A 580 37.26 1.98 -25.29
CA GLN A 580 38.58 1.62 -25.79
C GLN A 580 38.70 1.75 -27.30
N THR A 581 37.77 1.18 -28.04
CA THR A 581 37.66 1.40 -29.47
C THR A 581 36.35 2.13 -29.75
N LEU A 582 36.36 3.03 -30.72
CA LEU A 582 35.18 3.82 -31.00
C LEU A 582 34.12 2.97 -31.72
N GLU A 583 33.60 1.97 -31.01
CA GLU A 583 32.56 1.10 -31.53
C GLU A 583 31.30 1.26 -30.69
N ILE A 584 30.16 0.95 -31.31
CA ILE A 584 28.85 1.13 -30.70
C ILE A 584 28.21 -0.22 -30.46
N LEU A 585 27.74 -0.45 -29.25
CA LEU A 585 27.19 -1.73 -28.83
C LEU A 585 25.73 -1.56 -28.43
N ASP A 586 24.86 -2.39 -28.99
CA ASP A 586 23.49 -2.46 -28.52
C ASP A 586 23.41 -3.28 -27.24
N ILE A 587 22.48 -2.90 -26.39
CA ILE A 587 22.20 -3.60 -25.13
C ILE A 587 20.81 -4.21 -25.24
N THR A 588 20.75 -5.53 -25.36
CA THR A 588 19.43 -6.14 -25.31
C THR A 588 19.20 -6.80 -23.95
N PRO A 589 18.05 -6.66 -23.31
CA PRO A 589 17.86 -7.32 -22.02
C PRO A 589 17.81 -8.83 -22.18
N CYS A 590 18.31 -9.51 -21.15
CA CYS A 590 18.40 -10.97 -21.20
C CYS A 590 17.01 -11.59 -21.24
N SER A 591 16.88 -12.68 -22.00
CA SER A 591 15.57 -13.25 -22.29
C SER A 591 14.82 -13.61 -21.03
N PHE A 592 13.55 -13.23 -20.98
CA PHE A 592 12.64 -13.66 -19.95
C PHE A 592 11.31 -13.98 -20.61
N GLY A 593 10.45 -14.67 -19.88
CA GLY A 593 9.14 -14.99 -20.41
C GLY A 593 8.40 -15.93 -19.50
N GLY A 594 7.13 -16.11 -19.81
CA GLY A 594 6.32 -17.07 -19.09
C GLY A 594 6.58 -18.49 -19.54
N VAL A 595 6.27 -19.42 -18.64
CA VAL A 595 6.26 -20.84 -18.96
C VAL A 595 4.83 -21.32 -18.77
N SER A 596 4.23 -21.83 -19.84
CA SER A 596 2.86 -22.28 -19.82
C SER A 596 2.84 -23.80 -20.00
N VAL A 597 1.92 -24.45 -19.31
CA VAL A 597 1.80 -25.90 -19.34
C VAL A 597 0.53 -26.26 -20.07
N ILE A 598 0.66 -26.99 -21.17
CA ILE A 598 -0.46 -27.39 -22.01
C ILE A 598 -0.80 -28.82 -21.62
N THR A 599 -1.96 -29.00 -21.01
CA THR A 599 -2.34 -30.30 -20.49
C THR A 599 -3.74 -30.68 -20.98
N PRO A 600 -3.93 -31.86 -21.55
CA PRO A 600 -5.25 -32.46 -21.53
C PRO A 600 -5.60 -32.80 -20.10
N GLY A 601 -6.89 -32.80 -19.80
CA GLY A 601 -7.30 -32.98 -18.41
C GLY A 601 -6.76 -34.28 -17.85
N THR A 602 -6.25 -34.22 -16.62
CA THR A 602 -5.64 -35.39 -16.00
C THR A 602 -6.57 -36.59 -16.02
N ASN A 603 -7.86 -36.38 -16.27
CA ASN A 603 -8.75 -37.50 -16.51
C ASN A 603 -8.32 -38.29 -17.74
N THR A 604 -7.85 -37.59 -18.78
CA THR A 604 -7.48 -38.28 -20.01
C THR A 604 -6.07 -38.85 -19.94
N SER A 605 -5.09 -38.04 -19.53
CA SER A 605 -3.72 -38.50 -19.52
C SER A 605 -2.89 -37.64 -18.57
N ASN A 606 -1.68 -38.12 -18.29
CA ASN A 606 -0.70 -37.37 -17.52
C ASN A 606 0.36 -36.72 -18.40
N GLN A 607 0.23 -36.84 -19.71
CA GLN A 607 1.21 -36.24 -20.61
C GLN A 607 1.00 -34.73 -20.65
N VAL A 608 2.06 -34.01 -21.05
CA VAL A 608 2.11 -32.57 -20.97
C VAL A 608 2.95 -32.03 -22.11
N ALA A 609 2.68 -30.79 -22.51
CA ALA A 609 3.58 -30.03 -23.36
C ALA A 609 3.87 -28.71 -22.69
N VAL A 610 4.94 -28.05 -23.09
CA VAL A 610 5.38 -26.84 -22.41
C VAL A 610 5.67 -25.76 -23.43
N LEU A 611 5.11 -24.57 -23.22
CA LEU A 611 5.31 -23.43 -24.10
C LEU A 611 6.16 -22.40 -23.36
N TYR A 612 7.33 -22.10 -23.90
CA TYR A 612 8.18 -21.04 -23.38
C TYR A 612 7.90 -19.81 -24.21
N GLN A 613 7.27 -18.81 -23.59
CA GLN A 613 6.75 -17.68 -24.33
C GLN A 613 7.88 -16.76 -24.77
N ASP A 614 7.82 -16.30 -26.01
CA ASP A 614 8.59 -15.14 -26.46
C ASP A 614 10.09 -15.38 -26.32
N VAL A 615 10.52 -16.61 -26.53
CA VAL A 615 11.94 -16.96 -26.47
C VAL A 615 12.26 -17.83 -27.67
N ASN A 616 13.39 -17.55 -28.31
CA ASN A 616 13.87 -18.47 -29.33
C ASN A 616 14.20 -19.81 -28.66
N CYS A 617 14.01 -20.89 -29.40
CA CYS A 617 14.04 -22.20 -28.76
C CYS A 617 15.43 -22.60 -28.31
N THR A 618 16.48 -22.08 -28.95
CA THR A 618 17.83 -22.52 -28.61
C THR A 618 18.15 -22.30 -27.13
N GLU A 619 17.62 -21.23 -26.55
CA GLU A 619 18.00 -20.85 -25.19
C GLU A 619 17.64 -21.92 -24.16
N VAL A 620 16.46 -22.53 -24.30
CA VAL A 620 15.94 -23.43 -23.27
C VAL A 620 16.90 -24.59 -22.97
N ASN A 641 11.38 -32.99 -29.85
CA ASN A 641 10.14 -32.43 -30.35
C ASN A 641 10.00 -30.95 -30.00
N VAL A 642 10.95 -30.15 -30.47
CA VAL A 642 10.92 -28.70 -30.28
C VAL A 642 10.32 -28.07 -31.53
N PHE A 643 9.42 -27.13 -31.34
CA PHE A 643 8.73 -26.46 -32.43
C PHE A 643 8.80 -24.96 -32.19
N GLN A 644 8.95 -24.20 -33.26
CA GLN A 644 8.98 -22.74 -33.18
C GLN A 644 7.63 -22.17 -33.60
N THR A 645 7.08 -21.27 -32.78
CA THR A 645 5.83 -20.61 -33.09
C THR A 645 5.97 -19.14 -32.76
N ARG A 646 5.05 -18.33 -33.29
CA ARG A 646 5.09 -16.90 -33.00
C ARG A 646 4.84 -16.60 -31.53
N ALA A 647 4.38 -17.59 -30.76
CA ALA A 647 4.27 -17.41 -29.31
C ALA A 647 5.58 -17.76 -28.61
N GLY A 648 6.35 -18.70 -29.14
CA GLY A 648 7.59 -19.09 -28.51
C GLY A 648 7.92 -20.53 -28.86
N CYS A 649 8.75 -21.15 -28.03
CA CYS A 649 9.14 -22.52 -28.29
C CYS A 649 8.18 -23.49 -27.62
N LEU A 650 7.67 -24.44 -28.37
CA LEU A 650 6.75 -25.44 -27.88
C LEU A 650 7.47 -26.78 -27.82
N ILE A 651 7.56 -27.36 -26.63
CA ILE A 651 8.30 -28.59 -26.38
C ILE A 651 7.33 -29.68 -25.99
N GLY A 652 7.46 -30.85 -26.59
CA GLY A 652 6.65 -31.98 -26.22
C GLY A 652 5.45 -32.22 -27.09
N ALA A 653 5.28 -31.45 -28.16
CA ALA A 653 4.12 -31.58 -29.04
C ALA A 653 4.57 -31.73 -30.48
N GLU A 654 3.80 -32.51 -31.23
CA GLU A 654 4.16 -32.92 -32.58
C GLU A 654 3.43 -32.07 -33.59
N HIS A 655 4.16 -31.51 -34.55
CA HIS A 655 3.60 -30.53 -35.48
C HIS A 655 3.10 -31.23 -36.73
N VAL A 656 1.83 -31.62 -36.71
CA VAL A 656 1.21 -32.28 -37.85
C VAL A 656 0.97 -31.27 -38.97
N ASN A 657 0.61 -31.77 -40.15
CA ASN A 657 0.39 -30.92 -41.33
C ASN A 657 -1.03 -30.38 -41.34
N ASN A 658 -2.00 -31.29 -41.39
CA ASN A 658 -3.39 -30.95 -41.60
C ASN A 658 -3.96 -30.16 -40.42
N SER A 659 -5.10 -29.52 -40.67
CA SER A 659 -5.72 -28.62 -39.72
C SER A 659 -7.02 -29.20 -39.17
N TYR A 660 -7.30 -28.92 -37.90
CA TYR A 660 -8.53 -29.30 -37.24
C TYR A 660 -9.09 -28.08 -36.51
N GLU A 661 -10.32 -28.19 -36.03
CA GLU A 661 -10.88 -27.14 -35.19
C GLU A 661 -10.00 -26.96 -33.96
N CYS A 662 -10.04 -25.76 -33.39
CA CYS A 662 -9.14 -25.44 -32.30
C CYS A 662 -9.61 -26.11 -31.00
N ASP A 663 -8.65 -26.66 -30.26
CA ASP A 663 -8.95 -27.35 -29.02
C ASP A 663 -8.36 -26.65 -27.82
N ILE A 664 -7.05 -26.41 -27.80
CA ILE A 664 -6.42 -25.60 -26.77
C ILE A 664 -5.65 -24.50 -27.47
N PRO A 665 -6.06 -23.24 -27.37
CA PRO A 665 -5.42 -22.19 -28.16
C PRO A 665 -4.02 -21.87 -27.66
N ILE A 666 -3.16 -21.48 -28.60
CA ILE A 666 -1.78 -21.17 -28.27
C ILE A 666 -1.51 -19.71 -28.60
N GLY A 667 -1.63 -19.36 -29.88
CA GLY A 667 -1.34 -18.01 -30.30
C GLY A 667 -0.92 -17.91 -31.74
N ALA A 668 -1.36 -16.85 -32.41
CA ALA A 668 -1.04 -16.61 -33.81
C ALA A 668 -1.48 -17.76 -34.70
N GLY A 669 -2.59 -18.38 -34.37
CA GLY A 669 -3.16 -19.40 -35.23
C GLY A 669 -2.63 -20.78 -35.04
N ILE A 670 -2.26 -21.16 -33.81
CA ILE A 670 -1.82 -22.50 -33.49
C ILE A 670 -2.66 -23.01 -32.34
N CYS A 671 -3.10 -24.25 -32.43
CA CYS A 671 -3.80 -24.89 -31.33
C CYS A 671 -3.19 -26.25 -31.08
N ALA A 672 -3.38 -26.73 -29.86
CA ALA A 672 -2.86 -28.02 -29.44
C ALA A 672 -4.00 -28.91 -28.98
N SER A 673 -3.83 -30.21 -29.15
CA SER A 673 -4.90 -31.16 -28.84
C SER A 673 -4.29 -32.51 -28.54
N TYR A 674 -5.10 -33.38 -27.94
CA TYR A 674 -4.67 -34.73 -27.55
C TYR A 674 -5.33 -35.72 -28.50
N GLN A 675 -4.55 -36.27 -29.42
CA GLN A 675 -5.10 -37.19 -30.41
C GLN A 675 -4.10 -38.29 -30.70
N THR A 676 -4.63 -39.40 -31.21
CA THR A 676 -3.81 -40.59 -31.48
C THR A 676 -2.74 -40.34 -32.53
N SER A 686 1.41 -43.71 -29.36
CA SER A 686 0.07 -44.21 -29.65
C SER A 686 -0.94 -43.08 -29.62
N GLN A 687 -0.91 -42.29 -28.55
CA GLN A 687 -1.71 -41.08 -28.43
C GLN A 687 -0.81 -39.98 -27.90
N SER A 688 -0.83 -38.82 -28.56
CA SER A 688 0.12 -37.77 -28.27
C SER A 688 -0.54 -36.41 -28.36
N ILE A 689 0.16 -35.41 -27.84
CA ILE A 689 -0.24 -34.02 -27.97
C ILE A 689 0.32 -33.48 -29.27
N ILE A 690 -0.55 -32.89 -30.08
CA ILE A 690 -0.17 -32.36 -31.39
C ILE A 690 -0.48 -30.88 -31.42
N ALA A 691 0.25 -30.16 -32.27
CA ALA A 691 0.07 -28.73 -32.47
C ALA A 691 -0.07 -28.48 -33.96
N TYR A 692 -1.00 -27.61 -34.32
CA TYR A 692 -1.36 -27.43 -35.72
C TYR A 692 -1.89 -26.01 -35.93
N THR A 693 -1.97 -25.61 -37.20
CA THR A 693 -2.63 -24.36 -37.54
C THR A 693 -4.14 -24.60 -37.55
N MET A 694 -4.87 -23.81 -36.77
CA MET A 694 -6.30 -24.04 -36.63
C MET A 694 -7.02 -23.79 -37.95
N SER A 695 -8.16 -24.44 -38.12
CA SER A 695 -8.94 -24.34 -39.34
C SER A 695 -10.22 -23.58 -39.07
N LEU A 696 -10.60 -22.72 -40.02
CA LEU A 696 -11.74 -21.84 -39.83
C LEU A 696 -13.05 -22.49 -40.19
N GLY A 697 -13.03 -23.61 -40.90
CA GLY A 697 -14.26 -24.30 -41.23
C GLY A 697 -14.23 -24.96 -42.58
N ALA A 698 -15.19 -25.83 -42.85
CA ALA A 698 -15.24 -26.52 -44.12
C ALA A 698 -15.39 -25.53 -45.25
N GLU A 699 -14.72 -25.81 -46.36
CA GLU A 699 -14.81 -24.98 -47.55
C GLU A 699 -15.96 -25.47 -48.41
N ASN A 700 -16.76 -24.53 -48.93
CA ASN A 700 -17.78 -24.92 -49.90
C ASN A 700 -18.13 -23.72 -50.78
N SER A 701 -17.58 -23.70 -51.98
CA SER A 701 -18.06 -22.77 -52.98
C SER A 701 -19.52 -23.08 -53.31
N VAL A 702 -20.28 -22.03 -53.62
CA VAL A 702 -21.70 -22.16 -53.86
C VAL A 702 -21.99 -21.77 -55.30
N ALA A 703 -22.81 -22.58 -55.97
CA ALA A 703 -22.99 -22.54 -57.42
C ALA A 703 -23.83 -21.33 -57.80
N TYR A 704 -23.16 -20.19 -57.92
CA TYR A 704 -23.85 -18.97 -58.31
C TYR A 704 -24.00 -18.92 -59.82
N SER A 705 -25.22 -18.69 -60.28
CA SER A 705 -25.49 -18.42 -61.68
C SER A 705 -26.63 -17.43 -61.73
N ASN A 706 -26.73 -16.70 -62.83
CA ASN A 706 -27.69 -15.62 -62.88
C ASN A 706 -29.11 -16.09 -63.19
N ASN A 707 -29.33 -17.39 -63.38
CA ASN A 707 -30.68 -17.90 -63.60
C ASN A 707 -31.00 -19.13 -62.78
N SER A 708 -30.34 -19.34 -61.64
CA SER A 708 -30.58 -20.51 -60.81
C SER A 708 -30.98 -20.06 -59.42
N ILE A 709 -32.06 -20.63 -58.89
CA ILE A 709 -32.56 -20.34 -57.56
C ILE A 709 -32.70 -21.65 -56.80
N ALA A 710 -32.24 -21.68 -55.57
CA ALA A 710 -32.44 -22.86 -54.74
C ALA A 710 -33.56 -22.61 -53.76
N ILE A 711 -34.44 -23.60 -53.63
CA ILE A 711 -35.65 -23.46 -52.81
C ILE A 711 -35.73 -24.66 -51.86
N PRO A 712 -35.95 -24.45 -50.57
CA PRO A 712 -36.15 -25.59 -49.68
C PRO A 712 -37.45 -26.30 -50.01
N THR A 713 -37.51 -27.58 -49.65
CA THR A 713 -38.70 -28.38 -49.89
C THR A 713 -39.17 -29.07 -48.62
N ASN A 714 -38.58 -28.74 -47.48
CA ASN A 714 -38.89 -29.34 -46.20
C ASN A 714 -38.33 -28.41 -45.14
N PHE A 715 -38.29 -28.86 -43.90
CA PHE A 715 -37.83 -27.98 -42.83
C PHE A 715 -37.62 -28.78 -41.56
N THR A 716 -36.93 -28.17 -40.62
CA THR A 716 -36.73 -28.76 -39.30
C THR A 716 -37.11 -27.72 -38.26
N ILE A 717 -37.54 -28.19 -37.10
CA ILE A 717 -37.73 -27.36 -35.92
C ILE A 717 -36.60 -27.69 -34.96
N SER A 718 -35.82 -26.69 -34.58
CA SER A 718 -34.69 -26.92 -33.68
C SER A 718 -34.86 -26.07 -32.43
N VAL A 719 -34.36 -26.59 -31.32
CA VAL A 719 -34.46 -25.92 -30.03
C VAL A 719 -33.06 -25.77 -29.46
N THR A 720 -32.68 -24.54 -29.15
CA THR A 720 -31.36 -24.22 -28.64
C THR A 720 -31.52 -23.64 -27.24
N THR A 721 -30.44 -23.68 -26.47
CA THR A 721 -30.46 -23.16 -25.11
C THR A 721 -29.47 -22.01 -24.99
N GLU A 722 -29.94 -20.88 -24.48
CA GLU A 722 -29.12 -19.72 -24.25
C GLU A 722 -29.14 -19.39 -22.76
N ILE A 723 -27.97 -19.34 -22.14
CA ILE A 723 -27.84 -19.18 -20.70
C ILE A 723 -27.22 -17.81 -20.42
N LEU A 724 -27.86 -17.04 -19.56
CA LEU A 724 -27.40 -15.71 -19.20
C LEU A 724 -27.35 -15.57 -17.68
N PRO A 725 -26.26 -15.07 -17.11
CA PRO A 725 -26.25 -14.77 -15.68
C PRO A 725 -27.00 -13.49 -15.42
N VAL A 726 -27.62 -13.41 -14.24
CA VAL A 726 -28.50 -12.30 -13.88
C VAL A 726 -28.06 -11.58 -12.63
N SER A 727 -27.70 -12.31 -11.58
CA SER A 727 -27.36 -11.66 -10.32
C SER A 727 -26.21 -12.38 -9.63
N MET A 728 -25.35 -11.62 -8.98
CA MET A 728 -24.29 -12.19 -8.16
C MET A 728 -24.84 -12.53 -6.78
N THR A 729 -23.95 -12.77 -5.83
CA THR A 729 -24.32 -13.03 -4.45
C THR A 729 -24.19 -11.74 -3.65
N LYS A 730 -25.23 -11.42 -2.89
CA LYS A 730 -25.28 -10.15 -2.16
C LYS A 730 -24.41 -10.25 -0.92
N THR A 731 -23.12 -10.01 -1.11
CA THR A 731 -22.17 -10.05 -0.01
C THR A 731 -22.09 -8.67 0.64
N SER A 732 -21.84 -8.67 1.95
CA SER A 732 -21.58 -7.43 2.68
C SER A 732 -20.45 -7.66 3.67
N VAL A 733 -19.77 -6.58 4.02
CA VAL A 733 -18.65 -6.62 4.95
C VAL A 733 -18.81 -5.46 5.91
N ASP A 734 -18.13 -5.54 7.06
CA ASP A 734 -18.04 -4.43 7.99
C ASP A 734 -16.57 -4.16 8.29
N CYS A 735 -16.13 -2.94 7.98
CA CYS A 735 -14.70 -2.63 8.00
C CYS A 735 -14.11 -2.79 9.38
N THR A 736 -14.79 -2.28 10.41
CA THR A 736 -14.18 -2.29 11.74
C THR A 736 -13.94 -3.71 12.20
N MET A 737 -14.94 -4.58 12.02
CA MET A 737 -14.77 -5.96 12.44
C MET A 737 -13.73 -6.67 11.60
N TYR A 738 -13.69 -6.38 10.30
CA TYR A 738 -12.73 -7.05 9.43
C TYR A 738 -11.30 -6.65 9.78
N ILE A 739 -11.05 -5.36 9.96
CA ILE A 739 -9.69 -4.89 10.15
C ILE A 739 -9.29 -5.03 11.61
N CYS A 740 -10.00 -4.37 12.50
CA CYS A 740 -9.67 -4.35 13.92
C CYS A 740 -10.69 -5.21 14.65
N GLY A 741 -10.40 -6.50 14.78
CA GLY A 741 -11.35 -7.38 15.41
C GLY A 741 -11.49 -7.08 16.89
N ASP A 742 -12.65 -6.54 17.27
CA ASP A 742 -13.07 -6.32 18.66
C ASP A 742 -11.93 -5.79 19.54
N SER A 743 -11.12 -4.91 18.99
CA SER A 743 -9.94 -4.40 19.67
C SER A 743 -10.05 -2.88 19.78
N THR A 744 -10.11 -2.38 21.02
CA THR A 744 -10.32 -0.96 21.23
C THR A 744 -9.16 -0.13 20.69
N GLU A 745 -7.92 -0.58 20.93
CA GLU A 745 -6.78 0.20 20.47
C GLU A 745 -6.77 0.30 18.95
N CYS A 746 -7.09 -0.81 18.27
CA CYS A 746 -7.09 -0.78 16.82
C CYS A 746 -8.23 0.06 16.31
N SER A 747 -9.34 0.12 17.05
CA SER A 747 -10.48 0.84 16.52
C SER A 747 -10.34 2.32 16.81
N ASN A 748 -9.50 2.68 17.78
CA ASN A 748 -9.15 4.09 17.98
C ASN A 748 -8.12 4.56 16.97
N LEU A 749 -7.20 3.68 16.58
CA LEU A 749 -6.30 4.05 15.48
C LEU A 749 -7.04 4.19 14.16
N LEU A 750 -8.04 3.35 13.93
CA LEU A 750 -8.70 3.34 12.63
C LEU A 750 -9.43 4.65 12.35
N LEU A 751 -9.84 5.37 13.40
CA LEU A 751 -10.65 6.57 13.21
C LEU A 751 -9.90 7.68 12.49
N GLN A 752 -8.57 7.62 12.45
CA GLN A 752 -7.80 8.67 11.80
C GLN A 752 -7.85 8.58 10.29
N TYR A 753 -8.44 7.54 9.72
CA TYR A 753 -8.56 7.41 8.29
C TYR A 753 -9.90 7.93 7.78
N GLY A 754 -10.64 8.63 8.63
CA GLY A 754 -11.83 9.34 8.18
C GLY A 754 -12.95 8.40 7.78
N SER A 755 -13.55 8.68 6.62
CA SER A 755 -14.77 8.04 6.19
C SER A 755 -14.53 6.88 5.23
N PHE A 756 -13.36 6.25 5.31
CA PHE A 756 -13.10 5.10 4.44
C PHE A 756 -14.08 3.99 4.70
N CYS A 757 -14.42 3.76 5.96
CA CYS A 757 -15.33 2.67 6.33
C CYS A 757 -16.72 2.88 5.74
N THR A 758 -17.30 4.05 5.97
CA THR A 758 -18.66 4.32 5.48
C THR A 758 -18.71 4.22 3.96
N GLN A 759 -17.67 4.70 3.29
CA GLN A 759 -17.67 4.68 1.84
C GLN A 759 -17.73 3.26 1.30
N LEU A 760 -16.94 2.35 1.89
CA LEU A 760 -16.96 0.97 1.42
C LEU A 760 -18.28 0.30 1.73
N ASN A 761 -18.82 0.51 2.93
CA ASN A 761 -20.10 -0.08 3.26
C ASN A 761 -21.19 0.41 2.33
N ARG A 762 -21.12 1.69 1.96
CA ARG A 762 -22.11 2.27 1.06
C ARG A 762 -22.01 1.64 -0.33
N ALA A 763 -20.80 1.46 -0.83
CA ALA A 763 -20.67 0.85 -2.16
C ALA A 763 -21.20 -0.57 -2.17
N LEU A 764 -20.88 -1.35 -1.13
CA LEU A 764 -21.35 -2.73 -1.09
C LEU A 764 -22.86 -2.81 -0.95
N THR A 765 -23.46 -1.90 -0.17
CA THR A 765 -24.91 -1.87 -0.10
C THR A 765 -25.54 -1.50 -1.44
N GLY A 766 -24.92 -0.57 -2.17
CA GLY A 766 -25.43 -0.23 -3.49
C GLY A 766 -25.45 -1.43 -4.41
N ILE A 767 -24.36 -2.20 -4.42
CA ILE A 767 -24.33 -3.42 -5.22
C ILE A 767 -25.41 -4.38 -4.77
N ALA A 768 -25.56 -4.54 -3.45
CA ALA A 768 -26.52 -5.50 -2.94
C ALA A 768 -27.93 -5.18 -3.39
N VAL A 769 -28.31 -3.90 -3.35
CA VAL A 769 -29.66 -3.54 -3.79
C VAL A 769 -29.81 -3.73 -5.29
N GLU A 770 -28.80 -3.31 -6.06
CA GLU A 770 -28.88 -3.49 -7.51
C GLU A 770 -29.09 -4.96 -7.87
N GLN A 771 -28.53 -5.88 -7.08
CA GLN A 771 -28.67 -7.29 -7.41
C GLN A 771 -30.12 -7.75 -7.34
N ASP A 772 -30.93 -7.16 -6.48
CA ASP A 772 -32.34 -7.50 -6.46
C ASP A 772 -33.11 -6.75 -7.52
N LYS A 773 -32.67 -5.53 -7.85
CA LYS A 773 -33.29 -4.83 -8.98
C LYS A 773 -33.16 -5.65 -10.26
N ASN A 774 -32.02 -6.32 -10.43
CA ASN A 774 -31.79 -7.12 -11.63
C ASN A 774 -32.82 -8.22 -11.78
N THR A 775 -33.02 -9.01 -10.72
CA THR A 775 -33.98 -10.11 -10.80
C THR A 775 -35.39 -9.59 -10.98
N GLN A 776 -35.74 -8.51 -10.27
CA GLN A 776 -37.07 -7.93 -10.45
C GLN A 776 -37.29 -7.55 -11.90
N GLU A 777 -36.30 -6.90 -12.51
CA GLU A 777 -36.46 -6.42 -13.88
C GLU A 777 -36.53 -7.58 -14.87
N VAL A 778 -35.74 -8.63 -14.65
CA VAL A 778 -35.72 -9.73 -15.62
C VAL A 778 -37.02 -10.51 -15.56
N PHE A 779 -37.47 -10.87 -14.36
CA PHE A 779 -38.57 -11.82 -14.24
C PHE A 779 -39.93 -11.15 -14.09
N ALA A 780 -40.05 -10.10 -13.27
CA ALA A 780 -41.34 -9.53 -12.95
C ALA A 780 -41.80 -8.65 -14.11
N GLN A 781 -42.20 -9.31 -15.20
CA GLN A 781 -42.69 -8.62 -16.37
C GLN A 781 -44.14 -8.95 -16.70
N VAL A 782 -44.79 -9.78 -15.91
CA VAL A 782 -46.18 -10.16 -16.12
C VAL A 782 -47.01 -9.60 -14.99
N LYS A 783 -48.19 -9.08 -15.33
CA LYS A 783 -49.02 -8.43 -14.33
C LYS A 783 -49.73 -9.42 -13.43
N GLN A 784 -50.24 -10.52 -13.99
CA GLN A 784 -50.98 -11.52 -13.25
C GLN A 784 -50.36 -12.89 -13.44
N ILE A 785 -50.55 -13.76 -12.45
CA ILE A 785 -49.95 -15.09 -12.46
C ILE A 785 -50.94 -16.03 -13.16
N TYR A 786 -50.71 -16.28 -14.44
CA TYR A 786 -51.59 -17.16 -15.20
C TYR A 786 -51.36 -18.61 -14.80
N LYS A 787 -52.26 -19.48 -15.27
CA LYS A 787 -52.17 -20.90 -14.99
C LYS A 787 -52.64 -21.68 -16.21
N THR A 788 -52.06 -22.85 -16.40
CA THR A 788 -52.47 -23.71 -17.50
C THR A 788 -53.71 -24.51 -17.11
N PRO A 789 -54.63 -24.74 -18.04
CA PRO A 789 -55.81 -25.53 -17.72
C PRO A 789 -55.43 -26.97 -17.44
N PRO A 790 -56.21 -27.69 -16.63
CA PRO A 790 -55.90 -29.10 -16.39
C PRO A 790 -55.99 -29.96 -17.64
N ILE A 791 -56.92 -29.65 -18.53
CA ILE A 791 -57.09 -30.42 -19.77
C ILE A 791 -56.12 -29.90 -20.81
N LYS A 792 -54.91 -30.46 -20.83
CA LYS A 792 -53.84 -30.00 -21.71
C LYS A 792 -53.97 -30.71 -23.05
N ASP A 793 -54.62 -30.07 -24.02
CA ASP A 793 -54.77 -30.58 -25.37
C ASP A 793 -54.28 -29.48 -26.31
N PHE A 794 -52.98 -29.47 -26.58
CA PHE A 794 -52.32 -28.39 -27.30
C PHE A 794 -52.11 -28.71 -28.77
N GLY A 795 -53.06 -29.41 -29.39
CA GLY A 795 -52.94 -29.70 -30.80
C GLY A 795 -51.82 -30.63 -31.18
N GLY A 796 -51.19 -31.30 -30.22
CA GLY A 796 -50.17 -32.28 -30.53
C GLY A 796 -48.85 -32.03 -29.81
N PHE A 797 -48.56 -30.78 -29.50
CA PHE A 797 -47.32 -30.46 -28.83
C PHE A 797 -47.38 -30.93 -27.38
N ASN A 798 -46.20 -31.10 -26.78
CA ASN A 798 -46.10 -31.79 -25.49
C ASN A 798 -45.14 -30.99 -24.61
N PHE A 799 -45.70 -30.23 -23.68
CA PHE A 799 -44.93 -29.30 -22.85
C PHE A 799 -44.66 -29.83 -21.46
N SER A 800 -44.97 -31.10 -21.17
CA SER A 800 -44.87 -31.60 -19.81
C SER A 800 -43.44 -31.56 -19.29
N GLN A 801 -42.45 -31.43 -20.16
CA GLN A 801 -41.07 -31.34 -19.72
C GLN A 801 -40.77 -30.01 -19.05
N ILE A 802 -41.44 -28.93 -19.48
CA ILE A 802 -41.10 -27.60 -19.02
C ILE A 802 -42.13 -26.99 -18.08
N LEU A 803 -43.35 -27.49 -18.07
CA LEU A 803 -44.36 -26.95 -17.17
C LEU A 803 -44.14 -27.47 -15.76
N PRO A 804 -44.66 -26.78 -14.75
CA PRO A 804 -44.44 -27.19 -13.36
C PRO A 804 -44.99 -28.58 -13.07
N ASP A 805 -44.35 -29.25 -12.12
CA ASP A 805 -44.75 -30.58 -11.67
C ASP A 805 -45.16 -30.49 -10.21
N PRO A 806 -46.46 -30.40 -9.90
CA PRO A 806 -46.88 -30.17 -8.52
C PRO A 806 -46.58 -31.32 -7.57
N SER A 807 -46.27 -32.51 -8.08
CA SER A 807 -45.92 -33.62 -7.20
C SER A 807 -44.67 -33.29 -6.39
N LYS A 808 -43.71 -32.63 -7.02
CA LYS A 808 -42.50 -32.20 -6.33
C LYS A 808 -42.86 -31.17 -5.25
N PRO A 809 -42.09 -31.13 -4.16
CA PRO A 809 -42.34 -30.11 -3.13
C PRO A 809 -42.34 -28.71 -3.70
N SER A 810 -41.26 -28.33 -4.37
CA SER A 810 -41.22 -27.05 -5.05
C SER A 810 -42.00 -27.13 -6.36
N LYS A 811 -42.17 -25.98 -6.99
CA LYS A 811 -42.89 -25.91 -8.25
C LYS A 811 -41.99 -26.08 -9.46
N ARG A 812 -40.70 -26.30 -9.26
CA ARG A 812 -39.76 -26.35 -10.37
C ARG A 812 -40.12 -27.46 -11.33
N SER A 813 -39.93 -27.22 -12.62
CA SER A 813 -40.19 -28.22 -13.63
C SER A 813 -39.01 -29.17 -13.73
N PHE A 814 -39.12 -30.14 -14.64
CA PHE A 814 -38.09 -31.16 -14.78
C PHE A 814 -36.77 -30.55 -15.23
N ILE A 815 -36.81 -29.75 -16.30
CA ILE A 815 -35.58 -29.15 -16.81
C ILE A 815 -35.01 -28.15 -15.81
N GLU A 816 -35.88 -27.41 -15.10
CA GLU A 816 -35.38 -26.52 -14.07
C GLU A 816 -34.65 -27.30 -12.98
N ASP A 817 -35.17 -28.47 -12.61
CA ASP A 817 -34.46 -29.29 -11.63
C ASP A 817 -33.11 -29.74 -12.16
N LEU A 818 -33.05 -30.15 -13.42
CA LEU A 818 -31.77 -30.54 -13.98
C LEU A 818 -30.79 -29.39 -13.95
N LEU A 819 -31.26 -28.18 -14.22
CA LEU A 819 -30.38 -27.02 -14.17
C LEU A 819 -29.89 -26.75 -12.76
N PHE A 820 -30.77 -26.90 -11.77
CA PHE A 820 -30.37 -26.62 -10.39
C PHE A 820 -29.40 -27.66 -9.86
N ASN A 821 -29.53 -28.91 -10.27
CA ASN A 821 -28.65 -29.95 -9.74
C ASN A 821 -27.26 -29.93 -10.35
N LYS A 822 -26.98 -29.05 -11.32
CA LYS A 822 -25.70 -29.04 -11.98
C LYS A 822 -24.82 -27.85 -11.60
N VAL A 823 -25.28 -26.97 -10.73
CA VAL A 823 -24.50 -25.80 -10.32
C VAL A 823 -24.23 -25.90 -8.82
N THR A 824 -22.95 -25.86 -8.46
CA THR A 824 -22.55 -25.98 -7.07
C THR A 824 -21.83 -24.72 -6.59
N LYS A 851 -15.51 -16.77 6.11
CA LYS A 851 -16.32 -17.46 7.11
C LYS A 851 -16.98 -16.46 8.06
N PHE A 852 -16.32 -16.22 9.20
CA PHE A 852 -16.87 -15.46 10.31
C PHE A 852 -15.94 -14.33 10.69
N ASN A 853 -15.47 -13.58 9.69
CA ASN A 853 -14.58 -12.45 9.90
C ASN A 853 -15.28 -11.12 9.70
N GLY A 854 -16.61 -11.09 9.78
CA GLY A 854 -17.39 -9.93 9.43
C GLY A 854 -18.09 -10.04 8.11
N LEU A 855 -17.77 -11.07 7.32
CA LEU A 855 -18.37 -11.27 6.02
C LEU A 855 -19.76 -11.85 6.20
N THR A 856 -20.74 -11.29 5.49
CA THR A 856 -22.10 -11.79 5.53
C THR A 856 -22.62 -11.96 4.12
N VAL A 857 -23.54 -12.90 3.95
CA VAL A 857 -24.19 -13.15 2.67
C VAL A 857 -25.67 -12.90 2.88
N LEU A 858 -26.15 -11.74 2.44
CA LEU A 858 -27.56 -11.42 2.57
C LEU A 858 -28.36 -12.31 1.64
N PRO A 859 -29.63 -12.56 1.95
CA PRO A 859 -30.43 -13.43 1.11
C PRO A 859 -31.15 -12.64 0.04
N PRO A 860 -31.44 -13.25 -1.11
CA PRO A 860 -32.16 -12.54 -2.16
C PRO A 860 -33.59 -12.25 -1.75
N LEU A 861 -34.15 -11.22 -2.36
CA LEU A 861 -35.51 -10.84 -2.02
C LEU A 861 -36.53 -11.79 -2.63
N LEU A 862 -36.29 -12.26 -3.85
CA LEU A 862 -37.19 -13.21 -4.52
C LEU A 862 -36.62 -14.61 -4.34
N THR A 863 -37.28 -15.43 -3.54
CA THR A 863 -36.80 -16.79 -3.33
C THR A 863 -37.01 -17.62 -4.59
N ASP A 864 -36.19 -18.67 -4.72
CA ASP A 864 -36.21 -19.48 -5.93
C ASP A 864 -37.58 -20.03 -6.23
N GLU A 865 -38.38 -20.32 -5.21
CA GLU A 865 -39.75 -20.75 -5.47
C GLU A 865 -40.56 -19.64 -6.11
N MET A 866 -40.39 -18.40 -5.64
CA MET A 866 -41.14 -17.29 -6.23
C MET A 866 -40.70 -17.02 -7.66
N ILE A 867 -39.40 -17.19 -7.93
CA ILE A 867 -38.93 -17.07 -9.30
C ILE A 867 -39.53 -18.15 -10.18
N ALA A 868 -39.64 -19.38 -9.65
CA ALA A 868 -40.29 -20.45 -10.39
C ALA A 868 -41.75 -20.12 -10.67
N GLN A 869 -42.43 -19.47 -9.71
CA GLN A 869 -43.80 -19.05 -9.97
C GLN A 869 -43.87 -18.02 -11.08
N TYR A 870 -42.92 -17.08 -11.10
CA TYR A 870 -42.90 -16.08 -12.16
C TYR A 870 -42.72 -16.74 -13.52
N THR A 871 -41.77 -17.66 -13.63
CA THR A 871 -41.52 -18.26 -14.93
C THR A 871 -42.65 -19.19 -15.34
N SER A 872 -43.30 -19.84 -14.38
CA SER A 872 -44.50 -20.59 -14.72
C SER A 872 -45.59 -19.67 -15.26
N ALA A 873 -45.73 -18.48 -14.67
CA ALA A 873 -46.71 -17.54 -15.18
C ALA A 873 -46.39 -17.16 -16.61
N LEU A 874 -45.13 -16.84 -16.89
CA LEU A 874 -44.77 -16.45 -18.25
C LEU A 874 -45.00 -17.57 -19.24
N LEU A 875 -44.66 -18.80 -18.85
CA LEU A 875 -44.80 -19.93 -19.75
C LEU A 875 -46.26 -20.25 -20.02
N ALA A 876 -47.09 -20.25 -18.98
CA ALA A 876 -48.52 -20.49 -19.21
C ALA A 876 -49.13 -19.37 -20.04
N GLY A 877 -48.69 -18.14 -19.82
CA GLY A 877 -49.23 -17.04 -20.58
C GLY A 877 -48.92 -17.17 -22.06
N THR A 878 -47.65 -17.42 -22.39
CA THR A 878 -47.30 -17.56 -23.80
C THR A 878 -48.02 -18.73 -24.44
N ILE A 879 -48.11 -19.86 -23.72
CA ILE A 879 -48.72 -21.06 -24.31
C ILE A 879 -50.19 -20.83 -24.60
N THR A 880 -50.93 -20.24 -23.66
CA THR A 880 -52.38 -20.15 -23.86
C THR A 880 -52.83 -18.89 -24.57
N SER A 881 -51.98 -17.86 -24.67
CA SER A 881 -52.47 -16.62 -25.24
C SER A 881 -51.49 -15.98 -26.23
N GLY A 882 -50.56 -16.76 -26.79
CA GLY A 882 -49.71 -16.20 -27.83
C GLY A 882 -48.83 -15.12 -27.26
N TRP A 883 -48.82 -13.95 -27.90
CA TRP A 883 -48.06 -12.82 -27.42
C TRP A 883 -48.95 -11.74 -26.85
N THR A 884 -50.26 -11.98 -26.74
CA THR A 884 -51.16 -10.90 -26.40
C THR A 884 -51.11 -10.53 -24.93
N PHE A 885 -50.68 -11.44 -24.05
CA PHE A 885 -50.54 -11.07 -22.65
C PHE A 885 -49.48 -10.01 -22.47
N GLY A 886 -48.62 -9.80 -23.46
CA GLY A 886 -47.63 -8.74 -23.37
C GLY A 886 -48.25 -7.36 -23.41
N ALA A 887 -49.28 -7.17 -24.23
CA ALA A 887 -49.95 -5.89 -24.39
C ALA A 887 -51.34 -5.98 -23.80
N GLY A 888 -51.52 -5.41 -22.62
CA GLY A 888 -52.83 -5.40 -21.99
C GLY A 888 -53.29 -6.78 -21.58
N ALA A 889 -54.51 -7.13 -21.99
CA ALA A 889 -55.16 -8.35 -21.53
C ALA A 889 -54.67 -9.57 -22.33
N ALA A 890 -54.88 -10.74 -21.73
CA ALA A 890 -54.51 -12.01 -22.37
C ALA A 890 -55.74 -12.60 -23.04
N LEU A 891 -55.65 -12.80 -24.35
CA LEU A 891 -56.75 -13.32 -25.15
C LEU A 891 -56.41 -14.73 -25.60
N GLN A 892 -57.19 -15.71 -25.16
CA GLN A 892 -56.88 -17.09 -25.48
C GLN A 892 -56.98 -17.33 -26.99
N ILE A 893 -56.33 -18.40 -27.43
CA ILE A 893 -56.28 -18.77 -28.84
C ILE A 893 -55.77 -20.20 -28.92
N PRO A 894 -56.35 -21.05 -29.76
CA PRO A 894 -55.85 -22.43 -29.84
C PRO A 894 -54.40 -22.47 -30.28
N PHE A 895 -53.64 -23.40 -29.69
CA PHE A 895 -52.20 -23.40 -29.91
C PHE A 895 -51.85 -23.58 -31.36
N ALA A 896 -52.55 -24.48 -32.07
CA ALA A 896 -52.25 -24.67 -33.48
C ALA A 896 -52.46 -23.39 -34.25
N MET A 897 -53.47 -22.61 -33.89
CA MET A 897 -53.70 -21.34 -34.56
C MET A 897 -52.62 -20.33 -34.21
N GLN A 898 -52.13 -20.36 -32.96
CA GLN A 898 -51.01 -19.52 -32.60
C GLN A 898 -49.79 -19.84 -33.45
N MET A 899 -49.50 -21.12 -33.62
CA MET A 899 -48.34 -21.50 -34.43
C MET A 899 -48.55 -21.13 -35.89
N ALA A 900 -49.78 -21.20 -36.39
CA ALA A 900 -50.03 -20.74 -37.75
C ALA A 900 -49.75 -19.25 -37.85
N TYR A 901 -50.10 -18.49 -36.82
CA TYR A 901 -49.78 -17.07 -36.82
C TYR A 901 -48.29 -16.85 -36.86
N ARG A 902 -47.55 -17.66 -36.08
CA ARG A 902 -46.10 -17.51 -36.04
C ARG A 902 -45.46 -17.84 -37.37
N PHE A 903 -45.92 -18.90 -38.04
CA PHE A 903 -45.40 -19.21 -39.36
C PHE A 903 -45.71 -18.10 -40.34
N ASN A 904 -46.93 -17.59 -40.31
CA ASN A 904 -47.27 -16.47 -41.17
C ASN A 904 -46.36 -15.29 -40.88
N GLY A 905 -45.82 -15.22 -39.66
CA GLY A 905 -44.91 -14.14 -39.30
C GLY A 905 -43.55 -14.23 -39.94
N ILE A 906 -43.16 -15.38 -40.47
CA ILE A 906 -41.83 -15.50 -41.08
C ILE A 906 -41.92 -15.89 -42.54
N GLY A 907 -42.99 -15.49 -43.22
CA GLY A 907 -43.06 -15.64 -44.65
C GLY A 907 -43.41 -17.02 -45.15
N VAL A 908 -43.91 -17.90 -44.28
CA VAL A 908 -44.43 -19.20 -44.68
C VAL A 908 -45.92 -19.18 -44.44
N THR A 909 -46.70 -19.41 -45.50
CA THR A 909 -48.14 -19.27 -45.41
C THR A 909 -48.73 -20.25 -44.41
N GLN A 910 -49.99 -20.00 -44.03
CA GLN A 910 -50.59 -20.75 -42.94
C GLN A 910 -50.74 -22.22 -43.27
N ASN A 911 -51.09 -22.54 -44.52
CA ASN A 911 -51.48 -23.90 -44.84
C ASN A 911 -50.35 -24.89 -44.61
N VAL A 912 -49.11 -24.44 -44.58
CA VAL A 912 -47.98 -25.33 -44.35
C VAL A 912 -48.09 -25.98 -42.98
N LEU A 913 -48.40 -25.18 -41.95
CA LEU A 913 -48.51 -25.74 -40.61
C LEU A 913 -49.62 -26.76 -40.54
N TYR A 914 -50.83 -26.39 -40.98
CA TYR A 914 -51.97 -27.28 -40.82
C TYR A 914 -51.76 -28.57 -41.59
N GLU A 915 -51.20 -28.47 -42.80
CA GLU A 915 -50.94 -29.68 -43.56
C GLU A 915 -49.75 -30.48 -43.02
N ASN A 916 -48.92 -29.89 -42.15
CA ASN A 916 -47.79 -30.61 -41.57
C ASN A 916 -47.82 -30.57 -40.04
N GLN A 917 -49.02 -30.58 -39.46
CA GLN A 917 -49.12 -30.34 -38.02
C GLN A 917 -48.53 -31.48 -37.21
N LYS A 918 -48.84 -32.72 -37.59
CA LYS A 918 -48.35 -33.86 -36.82
C LYS A 918 -46.84 -33.98 -36.92
N LEU A 919 -46.29 -33.77 -38.11
CA LEU A 919 -44.85 -33.79 -38.30
C LEU A 919 -44.17 -32.73 -37.45
N ILE A 920 -44.70 -31.50 -37.46
CA ILE A 920 -44.06 -30.44 -36.69
C ILE A 920 -44.16 -30.71 -35.20
N ALA A 921 -45.30 -31.24 -34.75
CA ALA A 921 -45.43 -31.55 -33.33
C ALA A 921 -44.41 -32.60 -32.91
N ASN A 922 -44.21 -33.63 -33.74
CA ASN A 922 -43.25 -34.66 -33.38
C ASN A 922 -41.84 -34.11 -33.36
N GLN A 923 -41.51 -33.24 -34.33
CA GLN A 923 -40.16 -32.68 -34.35
C GLN A 923 -39.91 -31.83 -33.12
N PHE A 924 -40.89 -31.03 -32.72
CA PHE A 924 -40.73 -30.22 -31.52
C PHE A 924 -40.52 -31.10 -30.30
N ASN A 925 -41.34 -32.15 -30.15
CA ASN A 925 -41.22 -33.01 -28.98
C ASN A 925 -39.86 -33.68 -28.92
N SER A 926 -39.38 -34.17 -30.06
CA SER A 926 -38.06 -34.80 -30.08
C SER A 926 -36.96 -33.80 -29.75
N ALA A 927 -37.08 -32.56 -30.23
CA ALA A 927 -36.07 -31.55 -29.90
C ALA A 927 -36.03 -31.27 -28.41
N ILE A 928 -37.20 -31.19 -27.77
CA ILE A 928 -37.23 -31.01 -26.32
C ILE A 928 -36.56 -32.19 -25.63
N GLY A 929 -36.85 -33.41 -26.10
CA GLY A 929 -36.20 -34.57 -25.52
C GLY A 929 -34.70 -34.52 -25.62
N LYS A 930 -34.19 -34.07 -26.76
CA LYS A 930 -32.74 -33.98 -26.93
C LYS A 930 -32.14 -32.92 -26.02
N ILE A 931 -32.84 -31.81 -25.80
CA ILE A 931 -32.34 -30.84 -24.83
C ILE A 931 -32.25 -31.46 -23.45
N GLN A 932 -33.28 -32.22 -23.08
CA GLN A 932 -33.29 -32.87 -21.77
C GLN A 932 -32.10 -33.81 -21.62
N ASP A 933 -31.85 -34.63 -22.64
CA ASP A 933 -30.73 -35.56 -22.57
C ASP A 933 -29.39 -34.84 -22.55
N SER A 934 -29.26 -33.77 -23.34
CA SER A 934 -28.00 -33.03 -23.35
C SER A 934 -27.69 -32.47 -21.98
N LEU A 935 -28.69 -31.84 -21.33
CA LEU A 935 -28.45 -31.28 -20.01
C LEU A 935 -28.17 -32.36 -18.98
N SER A 936 -28.87 -33.49 -19.07
CA SER A 936 -28.62 -34.55 -18.10
C SER A 936 -27.22 -35.13 -18.25
N SER A 937 -26.78 -35.34 -19.49
CA SER A 937 -25.47 -35.94 -19.72
C SER A 937 -24.33 -34.97 -19.43
N THR A 938 -24.24 -33.89 -20.19
CA THR A 938 -23.05 -33.05 -20.12
C THR A 938 -23.22 -31.92 -19.11
N ALA A 939 -22.08 -31.41 -18.63
CA ALA A 939 -22.07 -30.37 -17.61
C ALA A 939 -21.36 -29.10 -18.05
N SER A 940 -20.83 -29.05 -19.26
CA SER A 940 -20.11 -27.87 -19.73
C SER A 940 -21.02 -26.74 -20.16
N ALA A 941 -22.32 -27.00 -20.35
CA ALA A 941 -23.22 -25.97 -20.85
C ALA A 941 -23.36 -24.80 -19.88
N LEU A 942 -23.22 -25.03 -18.58
CA LEU A 942 -23.54 -24.02 -17.57
C LEU A 942 -22.29 -23.29 -17.11
N GLY A 943 -21.28 -23.21 -17.97
CA GLY A 943 -20.07 -22.49 -17.64
C GLY A 943 -20.30 -21.03 -17.39
N LYS A 944 -21.24 -20.42 -18.12
CA LYS A 944 -21.46 -18.98 -17.95
C LYS A 944 -21.90 -18.63 -16.55
N LEU A 945 -22.60 -19.54 -15.86
CA LEU A 945 -22.99 -19.32 -14.47
C LEU A 945 -21.92 -19.79 -13.49
N GLN A 946 -21.27 -20.90 -13.81
CA GLN A 946 -20.23 -21.40 -12.92
C GLN A 946 -19.07 -20.43 -12.83
N ASP A 947 -18.76 -19.72 -13.91
CA ASP A 947 -17.69 -18.74 -13.85
C ASP A 947 -18.01 -17.62 -12.87
N VAL A 948 -19.27 -17.21 -12.82
CA VAL A 948 -19.67 -16.16 -11.89
C VAL A 948 -19.49 -16.65 -10.45
N VAL A 949 -20.01 -17.84 -10.17
CA VAL A 949 -19.91 -18.36 -8.81
C VAL A 949 -18.45 -18.52 -8.40
N ASN A 950 -17.62 -19.04 -9.32
CA ASN A 950 -16.22 -19.25 -9.01
C ASN A 950 -15.49 -17.94 -8.77
N GLN A 951 -15.76 -16.91 -9.60
CA GLN A 951 -15.06 -15.65 -9.42
C GLN A 951 -15.40 -15.04 -8.07
N ASN A 952 -16.68 -15.12 -7.67
CA ASN A 952 -17.03 -14.54 -6.38
C ASN A 952 -16.37 -15.31 -5.23
N ALA A 953 -16.36 -16.64 -5.32
CA ALA A 953 -15.75 -17.44 -4.26
C ALA A 953 -14.26 -17.16 -4.16
N GLN A 954 -13.58 -17.03 -5.30
CA GLN A 954 -12.14 -16.74 -5.26
C GLN A 954 -11.86 -15.37 -4.69
N ALA A 955 -12.70 -14.38 -5.01
CA ALA A 955 -12.50 -13.05 -4.43
C ALA A 955 -12.62 -13.10 -2.91
N LEU A 956 -13.61 -13.82 -2.40
CA LEU A 956 -13.75 -13.89 -0.95
C LEU A 956 -12.63 -14.68 -0.31
N ASN A 957 -12.14 -15.74 -0.99
CA ASN A 957 -11.05 -16.50 -0.40
C ASN A 957 -9.78 -15.68 -0.33
N THR A 958 -9.51 -14.86 -1.35
CA THR A 958 -8.36 -13.97 -1.26
C THR A 958 -8.55 -12.96 -0.13
N LEU A 959 -9.75 -12.39 -0.03
CA LEU A 959 -10.00 -11.41 1.02
C LEU A 959 -9.73 -12.01 2.40
N VAL A 960 -10.16 -13.24 2.62
CA VAL A 960 -9.97 -13.87 3.92
C VAL A 960 -8.50 -14.23 4.15
N LYS A 961 -7.83 -14.77 3.13
CA LYS A 961 -6.42 -15.11 3.29
C LYS A 961 -5.57 -13.89 3.59
N GLN A 962 -5.98 -12.71 3.14
CA GLN A 962 -5.20 -11.51 3.42
C GLN A 962 -5.05 -11.23 4.91
N LEU A 963 -5.93 -11.74 5.76
CA LEU A 963 -5.77 -11.51 7.20
C LEU A 963 -4.56 -12.21 7.78
N SER A 964 -4.04 -13.23 7.11
CA SER A 964 -2.93 -14.00 7.65
C SER A 964 -1.56 -13.40 7.34
N SER A 965 -1.50 -12.29 6.62
CA SER A 965 -0.22 -11.72 6.21
C SER A 965 0.33 -10.76 7.25
N ASN A 966 1.65 -10.66 7.29
CA ASN A 966 2.29 -9.75 8.25
C ASN A 966 2.16 -8.30 7.82
N PHE A 967 2.37 -8.03 6.53
CA PHE A 967 2.39 -6.67 5.98
C PHE A 967 3.54 -5.85 6.54
N GLY A 968 4.36 -6.45 7.38
CA GLY A 968 5.48 -5.75 7.96
C GLY A 968 5.54 -5.87 9.47
N ALA A 969 4.38 -6.02 10.10
CA ALA A 969 4.33 -6.17 11.55
C ALA A 969 5.01 -7.46 11.98
N ILE A 970 5.18 -7.61 13.28
CA ILE A 970 5.86 -8.79 13.81
C ILE A 970 5.01 -10.03 13.63
N SER A 971 3.70 -9.91 13.87
CA SER A 971 2.82 -11.08 13.83
C SER A 971 1.46 -10.64 13.36
N SER A 972 0.85 -11.44 12.48
CA SER A 972 -0.45 -11.08 11.92
C SER A 972 -1.58 -11.15 12.93
N VAL A 973 -1.34 -11.70 14.12
CA VAL A 973 -2.38 -11.81 15.14
C VAL A 973 -2.37 -10.55 15.97
N LEU A 974 -3.37 -9.70 15.76
CA LEU A 974 -3.41 -8.43 16.47
C LEU A 974 -3.59 -8.62 17.96
N ASN A 975 -4.12 -9.77 18.38
CA ASN A 975 -4.17 -10.05 19.80
C ASN A 975 -2.80 -10.42 20.34
N ASP A 976 -1.94 -11.03 19.52
CA ASP A 976 -0.58 -11.33 19.98
C ASP A 976 0.25 -10.05 20.05
N ILE A 977 0.05 -9.14 19.11
CA ILE A 977 0.74 -7.85 19.23
C ILE A 977 0.29 -7.12 20.49
N LEU A 978 -1.02 -7.11 20.74
CA LEU A 978 -1.51 -6.36 21.88
C LEU A 978 -1.27 -7.07 23.21
N SER A 979 -0.97 -8.37 23.17
CA SER A 979 -0.59 -9.11 24.37
C SER A 979 0.91 -9.07 24.64
N ARG A 980 1.73 -8.80 23.62
CA ARG A 980 3.17 -8.79 23.82
C ARG A 980 3.72 -7.38 24.02
N LEU A 981 3.41 -6.46 23.11
CA LEU A 981 4.07 -5.16 23.15
C LEU A 981 3.33 -4.21 24.09
N ASP A 982 3.95 -3.08 24.34
CA ASP A 982 3.36 -2.09 25.22
C ASP A 982 2.71 -0.98 24.39
N PRO A 983 1.66 -0.36 24.91
CA PRO A 983 0.78 0.47 24.08
C PRO A 983 1.54 1.54 23.30
N PRO A 984 2.49 2.28 23.91
CA PRO A 984 3.14 3.33 23.12
C PRO A 984 3.85 2.82 21.88
N GLU A 985 4.54 1.69 21.97
CA GLU A 985 5.27 1.15 20.83
C GLU A 985 4.36 0.38 19.87
N ALA A 986 3.39 -0.37 20.42
CA ALA A 986 2.58 -1.27 19.61
C ALA A 986 1.90 -0.55 18.45
N GLU A 987 1.59 0.73 18.63
CA GLU A 987 0.80 1.47 17.65
C GLU A 987 1.42 1.39 16.26
N VAL A 988 2.74 1.31 16.16
CA VAL A 988 3.37 1.24 14.86
C VAL A 988 3.01 -0.08 14.16
N GLN A 989 3.09 -1.18 14.91
CA GLN A 989 2.78 -2.48 14.32
C GLN A 989 1.32 -2.54 13.90
N ILE A 990 0.44 -2.12 14.81
CA ILE A 990 -0.99 -2.09 14.49
C ILE A 990 -1.22 -1.26 13.25
N ASP A 991 -0.61 -0.08 13.16
CA ASP A 991 -0.76 0.75 11.97
C ASP A 991 -0.32 0.03 10.71
N ARG A 992 0.76 -0.76 10.80
CA ARG A 992 1.20 -1.51 9.62
C ARG A 992 0.10 -2.47 9.17
N LEU A 993 -0.49 -3.18 10.12
CA LEU A 993 -1.57 -4.10 9.80
C LEU A 993 -2.77 -3.36 9.23
N ILE A 994 -3.08 -2.19 9.78
CA ILE A 994 -4.27 -1.47 9.35
C ILE A 994 -4.11 -0.98 7.92
N THR A 995 -2.93 -0.49 7.57
CA THR A 995 -2.74 -0.06 6.19
C THR A 995 -2.84 -1.23 5.23
N GLY A 996 -2.22 -2.36 5.60
CA GLY A 996 -2.29 -3.51 4.70
C GLY A 996 -3.72 -3.99 4.50
N ARG A 997 -4.46 -4.13 5.59
CA ARG A 997 -5.80 -4.69 5.49
C ARG A 997 -6.74 -3.73 4.79
N LEU A 998 -6.58 -2.43 5.03
CA LEU A 998 -7.44 -1.46 4.37
C LEU A 998 -7.19 -1.47 2.87
N GLN A 999 -5.93 -1.60 2.44
CA GLN A 999 -5.67 -1.66 1.01
C GLN A 999 -6.27 -2.92 0.39
N SER A 1000 -6.17 -4.05 1.09
CA SER A 1000 -6.76 -5.28 0.54
C SER A 1000 -8.27 -5.16 0.41
N LEU A 1001 -8.92 -4.57 1.41
CA LEU A 1001 -10.37 -4.41 1.36
C LEU A 1001 -10.78 -3.48 0.24
N GLN A 1002 -10.04 -2.40 0.02
CA GLN A 1002 -10.36 -1.51 -1.09
C GLN A 1002 -10.23 -2.22 -2.42
N THR A 1003 -9.19 -3.04 -2.57
CA THR A 1003 -9.04 -3.77 -3.82
C THR A 1003 -10.23 -4.68 -4.07
N TYR A 1004 -10.65 -5.40 -3.03
CA TYR A 1004 -11.80 -6.29 -3.18
C TYR A 1004 -13.05 -5.51 -3.59
N VAL A 1005 -13.29 -4.37 -2.95
CA VAL A 1005 -14.49 -3.60 -3.25
C VAL A 1005 -14.48 -3.11 -4.70
N THR A 1006 -13.32 -2.61 -5.16
CA THR A 1006 -13.26 -2.16 -6.55
C THR A 1006 -13.53 -3.30 -7.53
N GLN A 1007 -12.96 -4.48 -7.26
CA GLN A 1007 -13.23 -5.61 -8.13
C GLN A 1007 -14.71 -5.92 -8.15
N GLN A 1008 -15.36 -5.84 -6.99
CA GLN A 1008 -16.79 -6.11 -6.94
C GLN A 1008 -17.58 -5.11 -7.76
N LEU A 1009 -17.19 -3.83 -7.72
CA LEU A 1009 -17.93 -2.85 -8.49
C LEU A 1009 -17.85 -3.16 -9.98
N ILE A 1010 -16.65 -3.51 -10.46
CA ILE A 1010 -16.52 -3.77 -11.89
C ILE A 1010 -17.31 -5.02 -12.29
N ARG A 1011 -17.20 -6.08 -11.48
CA ARG A 1011 -17.90 -7.31 -11.81
C ARG A 1011 -19.41 -7.10 -11.77
N ALA A 1012 -19.89 -6.30 -10.82
CA ALA A 1012 -21.31 -5.99 -10.76
C ALA A 1012 -21.76 -5.23 -11.98
N ALA A 1013 -20.93 -4.35 -12.52
CA ALA A 1013 -21.30 -3.67 -13.76
C ALA A 1013 -21.46 -4.66 -14.89
N GLU A 1014 -20.54 -5.63 -14.98
CA GLU A 1014 -20.66 -6.66 -16.02
C GLU A 1014 -21.95 -7.45 -15.88
N ILE A 1015 -22.26 -7.86 -14.65
CA ILE A 1015 -23.48 -8.64 -14.41
C ILE A 1015 -24.71 -7.79 -14.73
N ARG A 1016 -24.67 -6.50 -14.45
CA ARG A 1016 -25.77 -5.63 -14.83
C ARG A 1016 -25.97 -5.60 -16.32
N ALA A 1017 -24.88 -5.55 -17.09
CA ALA A 1017 -25.04 -5.59 -18.54
C ALA A 1017 -25.69 -6.88 -18.99
N SER A 1018 -25.30 -8.00 -18.38
CA SER A 1018 -25.95 -9.27 -18.72
C SER A 1018 -27.42 -9.28 -18.32
N ALA A 1019 -27.76 -8.69 -17.18
CA ALA A 1019 -29.14 -8.64 -16.75
C ALA A 1019 -29.99 -7.79 -17.69
N ASN A 1020 -29.42 -6.69 -18.19
CA ASN A 1020 -30.17 -5.87 -19.14
C ASN A 1020 -30.38 -6.60 -20.45
N LEU A 1021 -29.38 -7.34 -20.91
CA LEU A 1021 -29.57 -8.15 -22.12
C LEU A 1021 -30.62 -9.22 -21.89
N ALA A 1022 -30.62 -9.85 -20.71
CA ALA A 1022 -31.63 -10.88 -20.43
C ALA A 1022 -33.02 -10.28 -20.40
N ALA A 1023 -33.19 -9.10 -19.79
CA ALA A 1023 -34.51 -8.49 -19.78
C ALA A 1023 -34.97 -8.15 -21.19
N THR A 1024 -34.06 -7.62 -22.02
CA THR A 1024 -34.41 -7.33 -23.40
C THR A 1024 -34.86 -8.60 -24.11
N LYS A 1025 -34.11 -9.68 -23.94
CA LYS A 1025 -34.48 -10.92 -24.63
C LYS A 1025 -35.83 -11.39 -24.16
N MET A 1026 -36.08 -11.34 -22.85
CA MET A 1026 -37.36 -11.87 -22.36
C MET A 1026 -38.52 -11.07 -22.93
N SER A 1027 -38.38 -9.74 -22.97
CA SER A 1027 -39.45 -8.90 -23.49
C SER A 1027 -39.66 -9.12 -24.98
N GLU A 1028 -38.59 -9.19 -25.76
CA GLU A 1028 -38.75 -9.22 -27.20
C GLU A 1028 -38.80 -10.62 -27.78
N CYS A 1029 -38.57 -11.64 -26.98
CA CYS A 1029 -38.51 -13.01 -27.46
C CYS A 1029 -39.56 -13.89 -26.79
N VAL A 1030 -39.67 -13.85 -25.46
CA VAL A 1030 -40.70 -14.64 -24.81
C VAL A 1030 -42.08 -14.06 -25.08
N LEU A 1031 -42.21 -12.74 -24.99
CA LEU A 1031 -43.50 -12.07 -25.10
C LEU A 1031 -43.90 -11.73 -26.52
N GLY A 1032 -43.06 -12.02 -27.50
CA GLY A 1032 -43.43 -11.78 -28.88
C GLY A 1032 -42.41 -12.39 -29.82
N GLN A 1033 -42.81 -12.49 -31.07
CA GLN A 1033 -41.88 -12.94 -32.11
C GLN A 1033 -40.87 -11.85 -32.42
N SER A 1034 -39.68 -12.27 -32.82
CA SER A 1034 -38.60 -11.35 -33.12
C SER A 1034 -38.11 -11.55 -34.55
N LYS A 1035 -37.91 -10.44 -35.26
CA LYS A 1035 -37.32 -10.47 -36.59
C LYS A 1035 -35.89 -9.99 -36.59
N ARG A 1036 -35.28 -9.80 -35.42
CA ARG A 1036 -33.86 -9.52 -35.33
C ARG A 1036 -33.09 -10.80 -35.59
N VAL A 1037 -32.27 -10.81 -36.63
CA VAL A 1037 -31.54 -12.02 -37.01
C VAL A 1037 -30.56 -12.39 -35.92
N ASP A 1038 -30.60 -13.67 -35.52
CA ASP A 1038 -29.67 -14.25 -34.56
C ASP A 1038 -29.79 -13.64 -33.18
N PHE A 1039 -30.87 -12.93 -32.88
CA PHE A 1039 -31.11 -12.51 -31.51
C PHE A 1039 -31.63 -13.66 -30.67
N CYS A 1040 -32.42 -14.53 -31.27
CA CYS A 1040 -33.04 -15.63 -30.54
C CYS A 1040 -32.69 -16.97 -31.17
N GLY A 1041 -31.41 -17.21 -31.39
CA GLY A 1041 -30.95 -18.48 -31.93
C GLY A 1041 -30.90 -18.47 -33.44
N LYS A 1042 -29.98 -19.25 -33.98
CA LYS A 1042 -29.80 -19.30 -35.42
C LYS A 1042 -31.04 -19.85 -36.10
N GLY A 1043 -31.52 -19.14 -37.11
CA GLY A 1043 -32.70 -19.52 -37.86
C GLY A 1043 -33.79 -18.49 -37.74
N TYR A 1044 -34.93 -18.81 -38.36
CA TYR A 1044 -36.10 -17.94 -38.27
C TYR A 1044 -36.81 -18.23 -36.95
N HIS A 1045 -36.92 -17.22 -36.10
CA HIS A 1045 -37.44 -17.40 -34.75
C HIS A 1045 -38.94 -17.69 -34.78
N LEU A 1046 -39.36 -18.65 -33.96
CA LEU A 1046 -40.76 -18.93 -33.74
C LEU A 1046 -41.22 -18.57 -32.34
N MET A 1047 -40.57 -19.08 -31.30
CA MET A 1047 -41.03 -18.79 -29.95
C MET A 1047 -39.90 -19.07 -28.97
N SER A 1048 -40.08 -18.66 -27.72
CA SER A 1048 -39.11 -19.00 -26.70
C SER A 1048 -39.81 -19.34 -25.40
N PHE A 1049 -39.12 -20.11 -24.57
CA PHE A 1049 -39.61 -20.49 -23.27
C PHE A 1049 -38.55 -20.21 -22.22
N PRO A 1050 -38.86 -19.45 -21.18
CA PRO A 1050 -37.87 -19.23 -20.11
C PRO A 1050 -37.87 -20.38 -19.13
N GLN A 1051 -36.74 -20.55 -18.47
CA GLN A 1051 -36.57 -21.45 -17.35
C GLN A 1051 -35.64 -20.78 -16.36
N SER A 1052 -35.87 -21.02 -15.08
CA SER A 1052 -34.97 -20.43 -14.11
C SER A 1052 -33.68 -21.25 -14.02
N ALA A 1053 -32.68 -20.68 -13.36
CA ALA A 1053 -31.48 -21.41 -13.00
C ALA A 1053 -30.81 -20.65 -11.88
N PRO A 1054 -29.97 -21.30 -11.08
CA PRO A 1054 -29.42 -20.61 -9.91
C PRO A 1054 -28.58 -19.42 -10.31
N HIS A 1055 -29.08 -18.22 -10.01
CA HIS A 1055 -28.45 -16.96 -10.39
C HIS A 1055 -28.42 -16.80 -11.90
N GLY A 1056 -29.54 -17.07 -12.56
CA GLY A 1056 -29.62 -16.78 -13.97
C GLY A 1056 -30.86 -17.36 -14.60
N VAL A 1057 -30.96 -17.17 -15.90
CA VAL A 1057 -32.12 -17.59 -16.67
C VAL A 1057 -31.63 -18.34 -17.89
N VAL A 1058 -32.42 -19.32 -18.33
CA VAL A 1058 -32.11 -20.14 -19.49
C VAL A 1058 -33.27 -20.04 -20.46
N PHE A 1059 -32.99 -19.77 -21.71
CA PHE A 1059 -34.04 -19.68 -22.72
C PHE A 1059 -33.98 -20.91 -23.61
N LEU A 1060 -35.14 -21.43 -23.98
CA LEU A 1060 -35.24 -22.44 -25.02
C LEU A 1060 -35.83 -21.75 -26.24
N HIS A 1061 -35.04 -21.62 -27.30
CA HIS A 1061 -35.45 -20.87 -28.48
C HIS A 1061 -35.90 -21.84 -29.56
N VAL A 1062 -37.18 -21.78 -29.92
CA VAL A 1062 -37.76 -22.66 -30.94
C VAL A 1062 -37.73 -21.90 -32.25
N THR A 1063 -36.98 -22.43 -33.22
CA THR A 1063 -36.71 -21.77 -34.48
C THR A 1063 -37.02 -22.70 -35.63
N TYR A 1064 -37.22 -22.11 -36.80
CA TYR A 1064 -37.59 -22.81 -38.02
C TYR A 1064 -36.41 -22.73 -38.99
N VAL A 1065 -35.73 -23.85 -39.21
CA VAL A 1065 -34.53 -23.91 -40.04
C VAL A 1065 -34.87 -24.65 -41.32
N PRO A 1066 -34.70 -24.02 -42.49
CA PRO A 1066 -34.99 -24.71 -43.74
C PRO A 1066 -33.99 -25.80 -44.04
N ALA A 1067 -34.44 -26.82 -44.77
CA ALA A 1067 -33.60 -27.95 -45.12
C ALA A 1067 -34.07 -28.53 -46.44
N GLN A 1068 -33.22 -29.37 -47.05
CA GLN A 1068 -33.56 -30.11 -48.27
C GLN A 1068 -33.89 -29.17 -49.41
N GLU A 1069 -32.87 -28.46 -49.88
CA GLU A 1069 -33.06 -27.51 -50.96
C GLU A 1069 -32.89 -28.16 -52.33
N LYS A 1070 -33.52 -27.56 -53.33
CA LYS A 1070 -33.58 -28.07 -54.68
C LYS A 1070 -33.29 -26.95 -55.67
N ASN A 1071 -32.78 -27.33 -56.85
CA ASN A 1071 -32.42 -26.39 -57.91
C ASN A 1071 -33.60 -26.11 -58.83
N PHE A 1072 -33.84 -24.84 -59.12
CA PHE A 1072 -34.81 -24.48 -60.14
C PHE A 1072 -34.22 -23.38 -61.02
N THR A 1073 -34.65 -23.35 -62.28
CA THR A 1073 -34.33 -22.26 -63.17
C THR A 1073 -35.34 -21.15 -62.94
N THR A 1074 -34.91 -19.90 -63.02
CA THR A 1074 -35.74 -18.80 -62.57
C THR A 1074 -35.78 -17.67 -63.60
N ALA A 1075 -36.54 -16.64 -63.27
CA ALA A 1075 -36.71 -15.46 -64.10
C ALA A 1075 -37.17 -14.31 -63.21
N PRO A 1076 -36.92 -13.07 -63.62
CA PRO A 1076 -37.35 -11.95 -62.79
C PRO A 1076 -38.78 -11.52 -63.04
N ALA A 1077 -39.28 -11.72 -64.26
CA ALA A 1077 -40.62 -11.32 -64.64
C ALA A 1077 -40.91 -11.95 -65.99
N ILE A 1078 -42.19 -12.22 -66.26
CA ILE A 1078 -42.56 -12.95 -67.47
C ILE A 1078 -43.37 -12.06 -68.40
N CYS A 1079 -43.06 -12.12 -69.68
CA CYS A 1079 -43.66 -11.25 -70.68
C CYS A 1079 -44.86 -11.96 -71.31
N HIS A 1080 -46.06 -11.40 -71.13
CA HIS A 1080 -47.25 -11.93 -71.76
C HIS A 1080 -47.94 -10.80 -72.53
N ASP A 1081 -48.06 -10.96 -73.84
CA ASP A 1081 -48.79 -10.02 -74.69
C ASP A 1081 -48.24 -8.60 -74.58
N GLY A 1082 -46.92 -8.48 -74.40
CA GLY A 1082 -46.27 -7.19 -74.45
C GLY A 1082 -46.12 -6.49 -73.12
N LYS A 1083 -46.80 -6.94 -72.06
CA LYS A 1083 -46.71 -6.31 -70.75
C LYS A 1083 -46.07 -7.28 -69.77
N ALA A 1084 -45.05 -6.82 -69.07
CA ALA A 1084 -44.35 -7.65 -68.10
C ALA A 1084 -45.20 -7.89 -66.86
N HIS A 1085 -45.04 -9.09 -66.28
CA HIS A 1085 -45.75 -9.51 -65.08
C HIS A 1085 -44.71 -9.88 -64.03
N PHE A 1086 -44.92 -9.37 -62.82
CA PHE A 1086 -44.07 -9.63 -61.67
C PHE A 1086 -44.88 -10.37 -60.61
N PRO A 1087 -44.25 -11.24 -59.83
CA PRO A 1087 -45.00 -12.00 -58.82
C PRO A 1087 -45.47 -11.09 -57.69
N ARG A 1088 -46.69 -11.33 -57.22
CA ARG A 1088 -47.21 -10.55 -56.11
C ARG A 1088 -46.47 -10.88 -54.82
N GLU A 1089 -46.33 -12.18 -54.53
CA GLU A 1089 -45.58 -12.62 -53.36
C GLU A 1089 -44.97 -13.97 -53.69
N GLY A 1090 -43.68 -13.97 -54.03
CA GLY A 1090 -43.01 -15.19 -54.40
C GLY A 1090 -42.04 -15.02 -55.54
N VAL A 1091 -41.46 -16.11 -56.02
CA VAL A 1091 -40.51 -16.10 -57.13
C VAL A 1091 -41.06 -16.95 -58.26
N PHE A 1092 -40.46 -16.76 -59.43
CA PHE A 1092 -40.81 -17.51 -60.63
C PHE A 1092 -39.80 -18.65 -60.77
N VAL A 1093 -40.29 -19.89 -60.75
CA VAL A 1093 -39.42 -21.05 -60.87
C VAL A 1093 -39.92 -21.93 -62.00
N SER A 1094 -39.02 -22.78 -62.50
CA SER A 1094 -39.33 -23.71 -63.57
C SER A 1094 -38.99 -25.13 -63.13
N ASN A 1095 -39.93 -26.04 -63.36
CA ASN A 1095 -39.63 -27.47 -63.27
C ASN A 1095 -38.42 -27.83 -64.13
N GLY A 1096 -38.29 -27.15 -65.26
CA GLY A 1096 -37.34 -27.48 -66.30
C GLY A 1096 -38.00 -27.29 -67.64
N THR A 1097 -39.31 -27.41 -67.68
CA THR A 1097 -40.13 -27.28 -68.88
C THR A 1097 -41.25 -26.27 -68.72
N HIS A 1098 -41.88 -26.19 -67.55
CA HIS A 1098 -43.00 -25.31 -67.27
C HIS A 1098 -42.54 -24.16 -66.38
N TRP A 1099 -43.50 -23.32 -66.00
CA TRP A 1099 -43.23 -22.23 -65.08
C TRP A 1099 -44.29 -22.19 -64.00
N PHE A 1100 -43.88 -21.73 -62.82
CA PHE A 1100 -44.77 -21.60 -61.68
C PHE A 1100 -44.31 -20.42 -60.86
N VAL A 1101 -45.19 -19.94 -60.00
CA VAL A 1101 -44.85 -18.95 -58.99
C VAL A 1101 -45.00 -19.61 -57.63
N THR A 1102 -44.03 -19.39 -56.76
CA THR A 1102 -43.98 -20.12 -55.50
C THR A 1102 -43.47 -19.21 -54.39
N GLN A 1103 -43.89 -19.51 -53.16
CA GLN A 1103 -43.38 -18.75 -52.04
C GLN A 1103 -41.89 -18.99 -51.88
N ARG A 1104 -41.26 -18.17 -51.03
CA ARG A 1104 -39.80 -18.05 -51.05
C ARG A 1104 -39.11 -19.00 -50.09
N ASN A 1105 -39.81 -19.52 -49.09
CA ASN A 1105 -39.16 -20.29 -48.03
C ASN A 1105 -39.67 -21.73 -47.94
N PHE A 1106 -40.51 -22.17 -48.87
CA PHE A 1106 -40.98 -23.54 -48.88
C PHE A 1106 -41.57 -23.81 -50.26
N TYR A 1107 -40.98 -24.75 -50.99
CA TYR A 1107 -41.42 -24.99 -52.35
C TYR A 1107 -42.88 -25.43 -52.41
N GLU A 1108 -43.72 -24.58 -52.98
CA GLU A 1108 -45.13 -24.90 -53.19
C GLU A 1108 -45.56 -24.17 -54.44
N PRO A 1109 -45.59 -24.84 -55.58
CA PRO A 1109 -45.78 -24.15 -56.86
C PRO A 1109 -47.25 -23.93 -57.20
N GLN A 1110 -47.51 -22.76 -57.79
CA GLN A 1110 -48.83 -22.42 -58.28
C GLN A 1110 -48.72 -21.98 -59.73
N ILE A 1111 -49.80 -22.19 -60.48
CA ILE A 1111 -49.85 -21.75 -61.86
C ILE A 1111 -49.91 -20.23 -61.90
N ILE A 1112 -49.32 -19.64 -62.93
CA ILE A 1112 -49.27 -18.18 -63.04
C ILE A 1112 -50.62 -17.70 -63.53
N THR A 1113 -51.35 -16.98 -62.68
CA THR A 1113 -52.62 -16.39 -63.03
C THR A 1113 -52.52 -14.87 -62.87
N THR A 1114 -53.58 -14.17 -63.27
CA THR A 1114 -53.64 -12.75 -62.98
C THR A 1114 -54.24 -12.50 -61.60
N ASP A 1115 -53.75 -13.27 -60.64
CA ASP A 1115 -53.96 -13.05 -59.22
C ASP A 1115 -52.70 -13.20 -58.39
N ASN A 1116 -51.71 -13.98 -58.86
CA ASN A 1116 -50.40 -14.05 -58.25
C ASN A 1116 -49.44 -12.99 -58.78
N THR A 1117 -49.83 -12.27 -59.83
CA THR A 1117 -48.94 -11.37 -60.53
C THR A 1117 -49.58 -9.99 -60.64
N PHE A 1118 -48.73 -8.99 -60.80
CA PHE A 1118 -49.19 -7.67 -61.22
C PHE A 1118 -48.40 -7.22 -62.43
N VAL A 1119 -48.98 -6.30 -63.17
CA VAL A 1119 -48.48 -5.92 -64.49
C VAL A 1119 -47.74 -4.60 -64.36
N SER A 1120 -46.70 -4.42 -65.18
CA SER A 1120 -46.00 -3.13 -65.18
C SER A 1120 -45.22 -2.96 -66.46
N GLY A 1121 -45.54 -1.91 -67.21
CA GLY A 1121 -44.71 -1.53 -68.33
C GLY A 1121 -44.76 -2.50 -69.49
N ASN A 1122 -43.69 -2.49 -70.26
CA ASN A 1122 -43.55 -3.32 -71.45
C ASN A 1122 -42.34 -4.23 -71.30
N CYS A 1123 -42.13 -5.08 -72.31
CA CYS A 1123 -41.16 -6.17 -72.23
C CYS A 1123 -39.77 -5.75 -72.70
N ASP A 1124 -39.44 -4.46 -72.61
CA ASP A 1124 -38.17 -3.97 -73.12
C ASP A 1124 -37.14 -3.70 -72.02
N VAL A 1125 -37.56 -3.15 -70.88
CA VAL A 1125 -36.62 -2.67 -69.89
C VAL A 1125 -36.12 -3.78 -68.98
N VAL A 1126 -37.00 -4.72 -68.60
CA VAL A 1126 -36.60 -5.78 -67.70
C VAL A 1126 -35.51 -6.63 -68.35
N ILE A 1127 -34.56 -7.08 -67.54
CA ILE A 1127 -33.44 -7.89 -68.01
C ILE A 1127 -33.66 -9.32 -67.54
N GLY A 1128 -33.66 -10.26 -68.47
CA GLY A 1128 -33.91 -11.65 -68.14
C GLY A 1128 -35.35 -12.08 -68.27
N ILE A 1129 -36.21 -11.21 -68.79
CA ILE A 1129 -37.63 -11.54 -68.94
C ILE A 1129 -37.78 -12.71 -69.91
N VAL A 1130 -38.73 -13.59 -69.63
CA VAL A 1130 -38.92 -14.80 -70.40
C VAL A 1130 -40.38 -14.90 -70.82
N ASN A 1131 -40.63 -15.70 -71.86
CA ASN A 1131 -41.96 -15.83 -72.42
C ASN A 1131 -42.73 -16.96 -71.76
N ASN A 1132 -44.03 -16.76 -71.60
CA ASN A 1132 -44.94 -17.77 -71.06
C ASN A 1132 -46.34 -17.20 -71.18
N THR A 1133 -47.34 -18.00 -70.80
CA THR A 1133 -48.74 -17.62 -70.86
C THR A 1133 -49.31 -17.56 -69.46
N VAL A 1134 -50.03 -16.50 -69.16
CA VAL A 1134 -50.60 -16.29 -67.83
C VAL A 1134 -52.09 -16.63 -67.91
N TYR A 1135 -52.48 -17.69 -67.21
CA TYR A 1135 -53.85 -18.17 -67.26
C TYR A 1135 -54.78 -17.18 -66.56
N ASP A 1136 -55.70 -16.60 -67.32
CA ASP A 1136 -56.63 -15.61 -66.76
C ASP A 1136 -57.95 -16.26 -66.36
N PRO A 1137 -58.30 -16.30 -65.07
CA PRO A 1137 -59.48 -17.07 -64.66
C PRO A 1137 -60.80 -16.50 -65.12
N LEU A 1138 -60.87 -15.22 -65.48
CA LEU A 1138 -62.17 -14.62 -65.73
C LEU A 1138 -62.76 -15.03 -67.09
N GLN A 1139 -61.93 -15.06 -68.14
CA GLN A 1139 -62.46 -15.27 -69.48
C GLN A 1139 -63.07 -16.66 -69.67
N PRO A 1140 -62.37 -17.77 -69.38
CA PRO A 1140 -63.01 -19.08 -69.57
C PRO A 1140 -64.26 -19.27 -68.75
N GLU A 1141 -64.27 -18.76 -67.51
CA GLU A 1141 -65.43 -18.95 -66.66
C GLU A 1141 -66.61 -18.11 -67.13
N LEU A 1142 -66.34 -16.92 -67.68
CA LEU A 1142 -67.41 -16.12 -68.25
C LEU A 1142 -67.94 -16.74 -69.54
N ASP A 1143 -67.05 -17.37 -70.33
CA ASP A 1143 -67.49 -18.00 -71.56
C ASP A 1143 -68.33 -19.24 -71.27
N SER A 1144 -67.95 -20.04 -70.28
CA SER A 1144 -68.69 -21.24 -69.93
C SER A 1144 -69.91 -20.90 -69.09
N ALA B 27 -38.62 13.56 44.79
CA ALA B 27 -39.27 13.02 43.61
C ALA B 27 -38.29 12.99 42.44
N TYR B 28 -38.82 12.72 41.24
CA TYR B 28 -38.02 12.60 40.04
C TYR B 28 -38.78 13.21 38.88
N THR B 29 -38.05 13.69 37.86
CA THR B 29 -38.72 14.28 36.71
C THR B 29 -37.93 13.87 35.46
N ASN B 30 -38.29 14.46 34.32
CA ASN B 30 -37.66 14.18 33.03
C ASN B 30 -37.01 15.42 32.45
N SER B 31 -35.75 15.30 32.06
CA SER B 31 -35.09 16.31 31.24
C SER B 31 -35.45 16.02 29.79
N PHE B 32 -36.60 16.54 29.37
CA PHE B 32 -37.16 16.23 28.06
C PHE B 32 -36.18 16.57 26.95
N THR B 33 -35.88 17.86 26.77
CA THR B 33 -34.89 18.29 25.81
C THR B 33 -33.92 19.31 26.39
N ARG B 34 -34.06 19.63 27.67
CA ARG B 34 -33.19 20.60 28.31
C ARG B 34 -31.75 20.12 28.32
N GLY B 35 -30.82 21.07 28.34
CA GLY B 35 -29.44 20.76 28.68
C GLY B 35 -28.53 20.45 27.53
N VAL B 36 -28.58 21.25 26.47
CA VAL B 36 -27.68 21.12 25.34
C VAL B 36 -26.92 22.43 25.19
N TYR B 37 -25.63 22.40 25.51
CA TYR B 37 -24.80 23.58 25.50
C TYR B 37 -24.02 23.65 24.19
N TYR B 38 -23.13 24.64 24.09
CA TYR B 38 -22.27 24.77 22.93
C TYR B 38 -20.96 24.07 23.21
N PRO B 39 -20.68 22.92 22.59
CA PRO B 39 -19.49 22.14 22.97
C PRO B 39 -18.19 22.90 22.78
N ASP B 40 -18.11 23.72 21.73
CA ASP B 40 -16.98 24.61 21.54
C ASP B 40 -17.48 25.85 20.81
N LYS B 41 -16.87 26.99 21.13
CA LYS B 41 -17.37 28.27 20.64
C LYS B 41 -16.62 28.67 19.37
N VAL B 42 -17.02 28.03 18.28
CA VAL B 42 -16.66 28.43 16.92
C VAL B 42 -17.97 28.53 16.16
N PHE B 43 -18.02 29.43 15.19
CA PHE B 43 -19.28 29.77 14.56
C PHE B 43 -19.59 28.79 13.44
N ARG B 44 -20.84 28.34 13.41
CA ARG B 44 -21.33 27.44 12.38
C ARG B 44 -22.76 27.83 12.08
N SER B 45 -23.10 27.91 10.80
CA SER B 45 -24.43 28.35 10.42
C SER B 45 -25.04 27.39 9.41
N SER B 46 -26.30 27.04 9.65
CA SER B 46 -27.06 26.16 8.76
C SER B 46 -26.31 24.85 8.51
N VAL B 47 -26.11 24.09 9.57
CA VAL B 47 -25.34 22.85 9.44
C VAL B 47 -25.74 21.90 10.56
N LEU B 48 -25.80 20.61 10.21
CA LEU B 48 -26.04 19.54 11.18
C LEU B 48 -24.69 18.96 11.56
N HIS B 49 -24.19 19.34 12.73
CA HIS B 49 -22.85 18.92 13.15
C HIS B 49 -22.97 17.85 14.23
N SER B 50 -22.15 16.82 14.12
CA SER B 50 -22.16 15.72 15.08
C SER B 50 -20.99 15.85 16.04
N THR B 51 -21.28 15.85 17.34
CA THR B 51 -20.26 16.03 18.36
C THR B 51 -20.37 14.93 19.41
N GLN B 52 -19.23 14.49 19.92
CA GLN B 52 -19.19 13.51 21.01
C GLN B 52 -18.71 14.24 22.26
N ASP B 53 -19.57 14.34 23.26
CA ASP B 53 -19.19 15.07 24.47
C ASP B 53 -20.09 14.66 25.62
N LEU B 54 -19.67 15.06 26.82
CA LEU B 54 -20.46 14.83 28.04
C LEU B 54 -21.71 15.70 27.95
N PHE B 55 -22.85 15.07 27.69
CA PHE B 55 -24.13 15.73 27.62
C PHE B 55 -25.10 15.08 28.60
N LEU B 56 -26.20 15.75 28.87
CA LEU B 56 -27.28 15.16 29.64
C LEU B 56 -28.19 14.38 28.70
N PRO B 57 -28.38 13.09 28.91
CA PRO B 57 -29.19 12.30 27.98
C PRO B 57 -30.61 12.82 27.90
N PHE B 58 -31.22 12.67 26.72
CA PHE B 58 -32.61 13.07 26.59
C PHE B 58 -33.53 12.17 27.40
N PHE B 59 -34.62 12.75 27.87
CA PHE B 59 -35.59 12.05 28.70
C PHE B 59 -34.90 11.37 29.87
N SER B 60 -33.96 12.07 30.49
CA SER B 60 -33.23 11.47 31.59
C SER B 60 -34.08 11.52 32.85
N ASN B 61 -33.56 10.97 33.93
CA ASN B 61 -34.25 10.96 35.21
C ASN B 61 -33.51 11.98 36.09
N VAL B 62 -34.15 13.13 36.33
CA VAL B 62 -33.52 14.25 37.04
C VAL B 62 -34.09 14.37 38.44
N THR B 63 -33.23 14.18 39.44
CA THR B 63 -33.66 14.24 40.82
C THR B 63 -34.15 15.64 41.16
N TRP B 64 -35.31 15.73 41.79
CA TRP B 64 -35.93 17.01 42.11
C TRP B 64 -35.93 17.27 43.60
N PHE B 65 -35.28 18.36 44.02
CA PHE B 65 -35.19 18.72 45.42
C PHE B 65 -36.07 19.93 45.67
N HIS B 66 -36.62 20.00 46.87
CA HIS B 66 -37.67 20.94 47.17
C HIS B 66 -37.23 21.81 48.34
N ALA B 67 -37.74 23.04 48.39
CA ALA B 67 -37.25 24.04 49.33
C ALA B 67 -38.12 24.18 50.57
N ILE B 68 -39.41 24.48 50.40
CA ILE B 68 -40.28 24.64 51.55
C ILE B 68 -40.58 23.26 52.13
N HIS B 69 -39.98 22.97 53.29
CA HIS B 69 -40.07 21.66 53.94
C HIS B 69 -39.63 20.54 53.00
N PRO B 82 -28.90 19.43 51.56
CA PRO B 82 -28.93 18.07 51.03
C PRO B 82 -27.84 17.83 50.00
N VAL B 83 -26.61 17.57 50.46
CA VAL B 83 -25.45 17.50 49.58
C VAL B 83 -25.68 16.45 48.49
N LEU B 84 -24.97 16.61 47.36
CA LEU B 84 -25.06 15.63 46.29
C LEU B 84 -23.65 15.31 45.80
N PRO B 85 -23.47 14.24 45.03
CA PRO B 85 -22.16 13.97 44.43
C PRO B 85 -21.98 14.75 43.12
N PHE B 86 -20.74 14.76 42.65
CA PHE B 86 -20.34 15.42 41.41
C PHE B 86 -19.50 14.37 40.68
N ASN B 87 -20.17 13.49 39.93
CA ASN B 87 -19.47 12.34 39.39
C ASN B 87 -18.65 12.70 38.16
N ASP B 88 -19.31 13.20 37.11
CA ASP B 88 -18.60 13.60 35.91
C ASP B 88 -19.12 14.93 35.35
N GLY B 89 -20.01 15.59 36.07
CA GLY B 89 -20.65 16.80 35.60
C GLY B 89 -21.93 16.99 36.39
N VAL B 90 -22.59 18.11 36.14
CA VAL B 90 -23.92 18.26 36.71
C VAL B 90 -24.68 19.31 35.92
N TYR B 91 -25.97 19.05 35.73
CA TYR B 91 -26.90 20.01 35.16
C TYR B 91 -27.75 20.45 36.34
N PHE B 92 -27.88 21.75 36.55
CA PHE B 92 -28.65 22.27 37.67
C PHE B 92 -29.63 23.31 37.16
N ALA B 93 -30.91 23.11 37.45
CA ALA B 93 -31.93 24.02 36.95
C ALA B 93 -32.78 24.54 38.10
N SER B 94 -33.10 25.83 38.07
CA SER B 94 -33.85 26.43 39.16
C SER B 94 -34.95 27.32 38.64
N THR B 95 -36.16 27.12 39.16
CA THR B 95 -37.33 27.91 38.84
C THR B 95 -37.81 28.51 40.16
N GLU B 96 -37.46 29.77 40.41
CA GLU B 96 -37.74 30.41 41.69
C GLU B 96 -38.56 31.68 41.47
N LYS B 97 -39.38 32.00 42.47
CA LYS B 97 -40.11 33.26 42.43
C LYS B 97 -39.15 34.44 42.52
N SER B 98 -38.26 34.43 43.51
CA SER B 98 -37.31 35.51 43.66
C SER B 98 -36.02 34.99 44.31
N ASN B 99 -35.10 34.52 43.45
CA ASN B 99 -33.71 34.20 43.79
C ASN B 99 -33.54 33.64 45.20
N ILE B 100 -34.39 32.70 45.58
CA ILE B 100 -34.23 32.05 46.88
C ILE B 100 -32.93 31.27 46.91
N ILE B 101 -32.59 30.61 45.81
CA ILE B 101 -31.32 29.91 45.71
C ILE B 101 -30.22 30.92 45.41
N ARG B 102 -29.03 30.68 45.95
CA ARG B 102 -27.96 31.67 45.83
C ARG B 102 -26.73 31.15 45.12
N GLY B 103 -26.16 30.03 45.55
CA GLY B 103 -24.87 29.66 45.04
C GLY B 103 -24.55 28.21 45.29
N TRP B 104 -23.32 27.83 44.98
CA TRP B 104 -22.88 26.46 45.06
C TRP B 104 -21.53 26.38 45.75
N ILE B 105 -21.30 25.25 46.42
CA ILE B 105 -20.07 24.98 47.14
C ILE B 105 -19.58 23.63 46.65
N PHE B 106 -18.64 23.65 45.72
CA PHE B 106 -18.02 22.42 45.23
C PHE B 106 -16.84 22.05 46.10
N GLY B 107 -16.61 20.76 46.25
CA GLY B 107 -15.53 20.31 47.11
C GLY B 107 -15.24 18.84 46.94
N THR B 108 -14.35 18.34 47.79
CA THR B 108 -14.06 16.92 47.88
C THR B 108 -14.36 16.37 49.27
N THR B 109 -13.80 16.98 50.31
CA THR B 109 -14.16 16.69 51.69
C THR B 109 -14.86 17.84 52.39
N LEU B 110 -14.64 19.07 51.92
CA LEU B 110 -15.32 20.26 52.45
C LEU B 110 -15.02 20.48 53.93
N ASP B 111 -13.87 19.98 54.39
CA ASP B 111 -13.52 20.03 55.82
C ASP B 111 -12.10 20.56 56.02
N SER B 112 -11.65 21.47 55.17
CA SER B 112 -10.36 22.16 55.24
C SER B 112 -9.19 21.24 54.92
N LYS B 113 -9.41 19.96 54.67
CA LYS B 113 -8.33 19.09 54.21
C LYS B 113 -7.91 19.47 52.79
N THR B 114 -8.88 19.84 51.95
CA THR B 114 -8.62 20.27 50.59
C THR B 114 -9.42 21.52 50.29
N GLN B 115 -8.93 22.33 49.35
CA GLN B 115 -9.64 23.53 48.96
C GLN B 115 -10.93 23.17 48.23
N SER B 116 -11.83 24.14 48.13
CA SER B 116 -13.17 23.86 47.63
C SER B 116 -13.80 25.12 47.08
N LEU B 117 -14.32 25.05 45.86
CA LEU B 117 -14.93 26.21 45.22
C LEU B 117 -16.11 26.72 46.03
N LEU B 118 -16.23 28.05 46.09
CA LEU B 118 -17.38 28.72 46.71
C LEU B 118 -17.91 29.73 45.71
N ILE B 119 -18.72 29.28 44.76
CA ILE B 119 -19.37 30.23 43.86
C ILE B 119 -20.56 30.78 44.62
N VAL B 120 -20.49 32.04 45.04
CA VAL B 120 -21.60 32.62 45.78
C VAL B 120 -22.02 33.92 45.11
N ASN B 121 -23.32 34.23 45.21
CA ASN B 121 -23.86 35.48 44.73
C ASN B 121 -24.47 36.21 45.92
N ASN B 122 -23.96 37.40 46.20
CA ASN B 122 -24.61 38.32 47.11
C ASN B 122 -24.87 39.62 46.36
N ALA B 123 -25.77 40.45 46.91
CA ALA B 123 -26.14 41.68 46.22
C ALA B 123 -24.92 42.52 45.90
N THR B 124 -23.88 42.43 46.73
CA THR B 124 -22.65 43.16 46.46
C THR B 124 -21.99 42.67 45.18
N ASN B 125 -21.81 41.36 45.04
CA ASN B 125 -21.07 40.83 43.90
C ASN B 125 -21.21 39.31 43.84
N VAL B 126 -20.73 38.76 42.73
CA VAL B 126 -20.51 37.32 42.62
C VAL B 126 -19.05 37.04 43.01
N VAL B 127 -18.85 36.10 43.93
CA VAL B 127 -17.55 35.85 44.52
C VAL B 127 -17.19 34.39 44.32
N ILE B 128 -16.09 34.12 43.64
CA ILE B 128 -15.57 32.78 43.46
C ILE B 128 -14.26 32.69 44.23
N LYS B 129 -14.25 31.90 45.29
CA LYS B 129 -13.08 31.77 46.15
C LYS B 129 -12.78 30.30 46.33
N VAL B 130 -11.50 29.94 46.23
CA VAL B 130 -11.04 28.60 46.56
C VAL B 130 -10.20 28.70 47.83
N CYS B 131 -10.70 28.13 48.92
CA CYS B 131 -9.98 28.13 50.19
C CYS B 131 -10.30 26.83 50.91
N GLU B 132 -9.37 26.40 51.76
CA GLU B 132 -9.57 25.17 52.53
C GLU B 132 -10.56 25.45 53.65
N PHE B 133 -11.82 25.59 53.26
CA PHE B 133 -12.87 26.01 54.18
C PHE B 133 -13.29 24.86 55.09
N GLN B 134 -13.91 25.24 56.21
CA GLN B 134 -14.58 24.30 57.11
C GLN B 134 -16.06 24.66 57.10
N PHE B 135 -16.87 23.80 56.50
CA PHE B 135 -18.26 24.13 56.22
C PHE B 135 -19.19 23.50 57.24
N CYS B 136 -20.22 24.25 57.64
CA CYS B 136 -21.20 23.78 58.60
C CYS B 136 -22.20 22.84 57.92
N ASN B 137 -22.99 22.15 58.74
CA ASN B 137 -24.00 21.25 58.21
C ASN B 137 -25.06 22.00 57.41
N ASP B 138 -25.53 23.14 57.92
CA ASP B 138 -26.44 24.00 57.18
C ASP B 138 -25.70 25.25 56.75
N PRO B 139 -25.23 25.32 55.51
CA PRO B 139 -24.42 26.47 55.07
C PRO B 139 -25.20 27.62 54.46
N PHE B 140 -26.53 27.65 54.60
CA PHE B 140 -27.34 28.63 53.90
C PHE B 140 -26.98 30.05 54.29
N LEU B 141 -27.08 30.96 53.33
CA LEU B 141 -26.87 32.38 53.59
C LEU B 141 -28.11 32.96 54.27
N GLY B 142 -27.89 33.72 55.33
CA GLY B 142 -29.01 34.35 56.02
C GLY B 142 -29.60 35.50 55.22
N VAL B 143 -30.90 35.69 55.35
CA VAL B 143 -31.61 36.79 54.70
C VAL B 143 -31.02 38.13 55.14
N ASN B 165 -5.73 30.04 52.91
CA ASN B 165 -4.94 29.36 51.90
C ASN B 165 -5.50 29.64 50.51
N CYS B 166 -6.14 30.80 50.37
CA CYS B 166 -6.96 31.10 49.19
C CYS B 166 -6.05 31.39 48.00
N THR B 167 -6.01 30.49 47.03
CA THR B 167 -5.19 30.69 45.83
C THR B 167 -5.86 31.62 44.84
N PHE B 168 -7.07 31.27 44.40
CA PHE B 168 -7.77 32.00 43.35
C PHE B 168 -9.00 32.67 43.97
N GLU B 169 -9.12 33.98 43.82
CA GLU B 169 -10.31 34.72 44.23
C GLU B 169 -10.69 35.70 43.14
N TYR B 170 -11.93 35.62 42.68
CA TYR B 170 -12.46 36.57 41.69
C TYR B 170 -13.75 37.15 42.24
N VAL B 171 -13.81 38.47 42.33
CA VAL B 171 -14.99 39.19 42.78
C VAL B 171 -15.45 40.10 41.65
N SER B 172 -16.73 40.03 41.32
CA SER B 172 -17.29 40.87 40.27
C SER B 172 -18.42 41.76 40.79
N PHE B 186 -43.83 30.88 38.82
CA PHE B 186 -42.44 31.22 38.57
C PHE B 186 -42.29 31.86 37.20
N LYS B 187 -41.35 32.79 37.08
CA LYS B 187 -41.20 33.56 35.85
C LYS B 187 -39.87 33.35 35.16
N ASN B 188 -38.79 33.18 35.92
CA ASN B 188 -37.45 33.05 35.36
C ASN B 188 -36.88 31.69 35.71
N LEU B 189 -36.36 30.98 34.71
CA LEU B 189 -35.71 29.69 34.89
C LEU B 189 -34.23 29.87 34.59
N ARG B 190 -33.39 29.52 35.54
CA ARG B 190 -31.94 29.66 35.43
C ARG B 190 -31.32 28.27 35.34
N GLU B 191 -30.60 28.01 34.25
CA GLU B 191 -30.05 26.68 33.99
C GLU B 191 -28.54 26.78 33.89
N PHE B 192 -27.83 25.97 34.65
CA PHE B 192 -26.36 26.00 34.67
C PHE B 192 -25.82 24.59 34.49
N VAL B 193 -24.84 24.43 33.62
CA VAL B 193 -24.14 23.17 33.48
C VAL B 193 -22.73 23.37 34.01
N PHE B 194 -22.33 22.55 34.98
CA PHE B 194 -20.97 22.63 35.51
C PHE B 194 -20.22 21.36 35.13
N LYS B 195 -19.04 21.53 34.55
CA LYS B 195 -18.17 20.39 34.31
C LYS B 195 -16.74 20.80 34.58
N ASN B 196 -15.94 19.89 35.13
CA ASN B 196 -14.58 20.20 35.56
C ASN B 196 -13.63 19.26 34.83
N ILE B 197 -13.01 19.77 33.77
CA ILE B 197 -12.21 18.96 32.87
C ILE B 197 -10.89 19.67 32.57
N ASP B 198 -9.81 18.91 32.50
CA ASP B 198 -8.50 19.39 32.05
C ASP B 198 -8.06 20.62 32.86
N GLY B 199 -8.11 20.48 34.19
CA GLY B 199 -7.67 21.55 35.06
C GLY B 199 -8.50 22.81 35.00
N TYR B 200 -9.55 22.84 34.19
CA TYR B 200 -10.44 23.98 34.07
C TYR B 200 -11.81 23.65 34.65
N PHE B 201 -12.42 24.64 35.26
CA PHE B 201 -13.80 24.58 35.71
C PHE B 201 -14.65 25.36 34.74
N LYS B 202 -15.62 24.70 34.10
CA LYS B 202 -16.40 25.31 33.03
C LYS B 202 -17.85 25.39 33.47
N ILE B 203 -18.43 26.58 33.32
CA ILE B 203 -19.80 26.87 33.74
C ILE B 203 -20.55 27.45 32.56
N TYR B 204 -21.52 26.71 32.04
CA TYR B 204 -22.39 27.21 30.99
C TYR B 204 -23.70 27.62 31.65
N SER B 205 -24.39 28.58 31.04
CA SER B 205 -25.58 29.12 31.68
C SER B 205 -26.58 29.61 30.66
N LYS B 206 -27.83 29.71 31.11
CA LYS B 206 -28.92 30.28 30.33
C LYS B 206 -30.00 30.79 31.27
N HIS B 207 -30.60 31.93 30.93
CA HIS B 207 -31.74 32.48 31.65
C HIS B 207 -32.92 32.53 30.68
N THR B 208 -33.99 31.82 30.98
CA THR B 208 -35.12 31.74 30.07
C THR B 208 -36.44 32.02 30.78
N PRO B 209 -37.30 32.88 30.23
CA PRO B 209 -38.57 33.19 30.90
C PRO B 209 -39.57 32.06 30.67
N ILE B 210 -40.19 31.58 31.75
CA ILE B 210 -41.18 30.51 31.70
C ILE B 210 -42.31 30.85 32.68
N ASN B 211 -43.34 30.01 32.67
CA ASN B 211 -44.37 30.06 33.69
C ASN B 211 -44.94 28.65 33.83
N LEU B 212 -44.42 27.89 34.79
CA LEU B 212 -44.94 26.56 35.10
C LEU B 212 -44.50 26.22 36.52
N VAL B 213 -45.46 25.99 37.40
CA VAL B 213 -45.17 25.88 38.82
C VAL B 213 -44.98 24.42 39.21
N ARG B 214 -44.71 23.55 38.22
CA ARG B 214 -44.51 22.14 38.49
C ARG B 214 -43.09 21.67 38.17
N ASP B 215 -42.64 21.83 36.92
CA ASP B 215 -41.36 21.25 36.52
C ASP B 215 -40.93 21.87 35.19
N LEU B 216 -39.88 21.30 34.62
CA LEU B 216 -39.31 21.81 33.38
C LEU B 216 -40.33 21.73 32.26
N PRO B 217 -40.47 22.77 31.46
CA PRO B 217 -41.48 22.76 30.40
C PRO B 217 -41.02 21.96 29.19
N GLN B 218 -41.89 21.85 28.20
CA GLN B 218 -41.57 21.23 26.92
C GLN B 218 -40.94 22.29 26.03
N GLY B 219 -39.66 22.12 25.72
CA GLY B 219 -38.99 23.09 24.87
C GLY B 219 -37.51 22.86 24.84
N PHE B 220 -36.84 23.65 24.01
CA PHE B 220 -35.41 23.55 23.79
C PHE B 220 -34.76 24.91 23.99
N SER B 221 -33.55 24.89 24.54
CA SER B 221 -32.84 26.12 24.87
C SER B 221 -31.37 25.82 25.00
N ALA B 222 -30.54 26.43 24.15
CA ALA B 222 -29.12 26.17 24.16
C ALA B 222 -28.44 27.02 25.22
N LEU B 223 -27.41 26.45 25.86
CA LEU B 223 -26.74 27.06 26.99
C LEU B 223 -25.39 27.60 26.55
N GLU B 224 -25.10 28.87 26.88
CA GLU B 224 -23.84 29.41 26.39
C GLU B 224 -22.85 29.57 27.53
N PRO B 225 -21.54 29.52 27.26
CA PRO B 225 -20.57 29.62 28.35
C PRO B 225 -20.68 30.94 29.08
N LEU B 226 -20.35 30.93 30.37
CA LEU B 226 -20.42 32.14 31.18
C LEU B 226 -19.05 32.53 31.70
N VAL B 227 -18.34 31.60 32.34
CA VAL B 227 -16.98 31.82 32.81
C VAL B 227 -16.27 30.48 32.70
N ASP B 228 -14.98 30.51 32.40
CA ASP B 228 -14.16 29.31 32.31
C ASP B 228 -13.02 29.45 33.32
N LEU B 229 -13.29 29.07 34.56
CA LEU B 229 -12.31 29.24 35.61
C LEU B 229 -11.09 28.36 35.35
N PRO B 230 -9.88 28.91 35.43
CA PRO B 230 -8.63 28.13 35.34
C PRO B 230 -8.09 27.66 36.70
N ILE B 231 -8.71 26.64 37.26
CA ILE B 231 -8.45 26.28 38.66
C ILE B 231 -7.53 25.07 38.78
N GLY B 232 -7.99 23.91 38.32
CA GLY B 232 -7.24 22.68 38.47
C GLY B 232 -7.46 21.91 39.75
N ILE B 233 -8.52 22.22 40.50
CA ILE B 233 -8.88 21.53 41.73
C ILE B 233 -9.47 20.17 41.39
N ASN B 234 -9.67 19.31 42.39
CA ASN B 234 -10.27 18.00 42.23
C ASN B 234 -11.61 17.97 42.96
N ILE B 235 -12.71 17.78 42.22
CA ILE B 235 -14.06 17.92 42.73
C ILE B 235 -14.69 16.54 42.79
N THR B 236 -15.40 16.24 43.89
CA THR B 236 -16.18 15.02 43.97
C THR B 236 -17.59 15.21 44.53
N ARG B 237 -17.84 16.22 45.36
CA ARG B 237 -19.17 16.44 45.90
C ARG B 237 -19.51 17.91 45.83
N PHE B 238 -20.80 18.23 45.78
CA PHE B 238 -21.22 19.62 45.67
C PHE B 238 -22.51 19.83 46.45
N GLN B 239 -22.68 21.04 46.99
CA GLN B 239 -23.94 21.34 47.65
C GLN B 239 -24.37 22.75 47.34
N THR B 240 -25.68 22.96 47.29
CA THR B 240 -26.24 24.26 46.97
C THR B 240 -26.56 25.01 48.26
N LEU B 241 -26.54 26.33 48.18
CA LEU B 241 -26.87 27.20 49.31
C LEU B 241 -28.24 27.83 49.06
N LEU B 242 -29.28 27.24 49.63
CA LEU B 242 -30.63 27.73 49.44
C LEU B 242 -30.85 29.06 50.16
N ALA B 263 -39.86 26.85 44.38
CA ALA B 263 -38.55 27.28 44.85
C ALA B 263 -37.59 26.11 44.86
N ALA B 264 -37.75 25.21 43.90
CA ALA B 264 -37.07 23.93 43.92
C ALA B 264 -35.89 23.93 42.94
N TYR B 265 -35.13 22.84 42.98
CA TYR B 265 -33.94 22.74 42.14
C TYR B 265 -33.75 21.32 41.61
N TYR B 266 -33.50 21.23 40.31
CA TYR B 266 -33.45 19.99 39.55
C TYR B 266 -32.00 19.64 39.25
N VAL B 267 -31.57 18.44 39.62
CA VAL B 267 -30.18 18.05 39.44
C VAL B 267 -30.12 16.83 38.52
N GLY B 268 -29.28 16.91 37.50
CA GLY B 268 -29.07 15.80 36.59
C GLY B 268 -27.58 15.57 36.44
N TYR B 269 -27.20 14.37 36.03
CA TYR B 269 -25.79 14.03 35.90
C TYR B 269 -25.44 13.75 34.46
N LEU B 270 -24.34 14.35 34.00
CA LEU B 270 -23.92 14.26 32.61
C LEU B 270 -23.19 12.96 32.35
N GLN B 271 -23.33 12.46 31.13
CA GLN B 271 -22.66 11.25 30.68
C GLN B 271 -22.15 11.50 29.27
N PRO B 272 -21.17 10.72 28.81
CA PRO B 272 -20.68 10.89 27.43
C PRO B 272 -21.66 10.32 26.41
N ARG B 273 -21.99 11.13 25.41
CA ARG B 273 -22.89 10.71 24.35
C ARG B 273 -22.63 11.57 23.12
N THR B 274 -23.17 11.13 22.00
CA THR B 274 -22.99 11.78 20.71
C THR B 274 -24.29 12.46 20.33
N PHE B 275 -24.22 13.75 20.01
CA PHE B 275 -25.39 14.55 19.69
C PHE B 275 -25.24 15.13 18.30
N LEU B 276 -26.33 15.14 17.54
CA LEU B 276 -26.38 15.78 16.24
C LEU B 276 -27.09 17.13 16.40
N LEU B 277 -26.31 18.20 16.46
CA LEU B 277 -26.86 19.53 16.72
C LEU B 277 -27.16 20.25 15.41
N LYS B 278 -28.30 20.92 15.36
CA LYS B 278 -28.67 21.72 14.19
C LYS B 278 -28.40 23.18 14.45
N TYR B 279 -27.39 23.73 13.78
CA TYR B 279 -27.10 25.16 13.84
C TYR B 279 -27.92 25.84 12.76
N ASN B 280 -28.71 26.83 13.14
CA ASN B 280 -29.60 27.49 12.20
C ASN B 280 -28.82 28.56 11.44
N GLU B 281 -29.55 29.40 10.69
CA GLU B 281 -28.89 30.35 9.80
C GLU B 281 -28.06 31.36 10.57
N ASN B 282 -28.57 31.84 11.70
CA ASN B 282 -27.94 32.95 12.40
C ASN B 282 -27.13 32.52 13.61
N GLY B 283 -26.84 31.23 13.74
CA GLY B 283 -25.82 30.74 14.66
C GLY B 283 -26.34 29.96 15.84
N THR B 284 -27.59 30.19 16.25
CA THR B 284 -28.10 29.55 17.45
C THR B 284 -28.38 28.07 17.22
N ILE B 285 -27.95 27.22 18.15
CA ILE B 285 -28.36 25.83 18.12
C ILE B 285 -29.86 25.78 18.34
N THR B 286 -30.59 25.17 17.41
CA THR B 286 -32.02 25.10 17.56
C THR B 286 -32.56 23.71 17.82
N ASP B 287 -31.78 22.67 17.59
CA ASP B 287 -32.26 21.31 17.83
C ASP B 287 -31.08 20.40 18.10
N ALA B 288 -31.37 19.19 18.54
CA ALA B 288 -30.36 18.18 18.79
C ALA B 288 -31.05 16.83 18.85
N VAL B 289 -30.36 15.80 18.38
CA VAL B 289 -30.91 14.46 18.31
C VAL B 289 -29.92 13.50 18.94
N ASP B 290 -30.26 12.96 20.11
CA ASP B 290 -29.40 12.01 20.79
C ASP B 290 -29.26 10.76 19.94
N CYS B 291 -28.03 10.26 19.83
CA CYS B 291 -27.75 9.13 18.93
C CYS B 291 -27.73 7.79 19.63
N ALA B 292 -28.15 7.73 20.89
CA ALA B 292 -28.26 6.45 21.58
C ALA B 292 -29.61 6.29 22.27
N LEU B 293 -30.56 7.19 22.03
CA LEU B 293 -31.84 7.10 22.71
C LEU B 293 -32.67 5.93 22.19
N ASP B 294 -32.75 5.76 20.86
CA ASP B 294 -33.59 4.72 20.29
C ASP B 294 -33.28 4.49 18.82
N PRO B 295 -33.85 3.44 18.21
CA PRO B 295 -33.54 3.16 16.80
C PRO B 295 -33.74 4.33 15.85
N LEU B 296 -34.86 5.04 15.94
CA LEU B 296 -35.10 6.11 14.98
C LEU B 296 -34.04 7.18 15.12
N SER B 297 -33.69 7.56 16.35
CA SER B 297 -32.70 8.61 16.57
C SER B 297 -31.34 8.16 16.07
N GLU B 298 -31.02 6.87 16.25
CA GLU B 298 -29.78 6.35 15.70
C GLU B 298 -29.78 6.43 14.19
N THR B 299 -30.91 6.14 13.56
CA THR B 299 -30.99 6.28 12.11
C THR B 299 -30.77 7.72 11.72
N LYS B 300 -31.36 8.66 12.47
CA LYS B 300 -31.24 10.07 12.11
C LYS B 300 -29.79 10.49 12.15
N CYS B 301 -29.06 10.04 13.17
CA CYS B 301 -27.64 10.35 13.26
C CYS B 301 -26.87 9.71 12.11
N THR B 302 -27.19 8.47 11.76
CA THR B 302 -26.41 7.80 10.72
C THR B 302 -26.59 8.50 9.38
N LEU B 303 -27.80 8.96 9.09
CA LEU B 303 -28.06 9.61 7.82
C LEU B 303 -27.72 11.09 7.83
N LYS B 304 -27.34 11.63 8.99
CA LYS B 304 -27.04 13.06 9.12
C LYS B 304 -28.21 13.91 8.64
N SER B 305 -29.40 13.57 9.09
CA SER B 305 -30.59 14.32 8.75
C SER B 305 -31.59 14.25 9.89
N PHE B 306 -32.48 15.22 9.92
CA PHE B 306 -33.53 15.28 10.92
C PHE B 306 -34.85 14.70 10.43
N THR B 307 -34.96 14.44 9.13
CA THR B 307 -36.11 13.75 8.56
C THR B 307 -35.61 12.53 7.81
N VAL B 308 -36.37 11.44 7.88
CA VAL B 308 -35.96 10.16 7.32
C VAL B 308 -37.06 9.64 6.41
N GLU B 309 -36.69 9.29 5.19
CA GLU B 309 -37.66 8.77 4.23
C GLU B 309 -37.96 7.31 4.52
N LYS B 310 -39.06 6.84 3.95
CA LYS B 310 -39.44 5.44 4.04
C LYS B 310 -38.33 4.55 3.49
N GLY B 311 -38.15 3.40 4.12
CA GLY B 311 -37.19 2.42 3.66
C GLY B 311 -36.55 1.72 4.83
N ILE B 312 -35.55 0.91 4.54
CA ILE B 312 -34.80 0.14 5.53
C ILE B 312 -33.36 0.64 5.52
N TYR B 313 -32.84 0.97 6.70
CA TYR B 313 -31.51 1.53 6.83
C TYR B 313 -30.70 0.70 7.80
N GLN B 314 -29.43 0.48 7.47
CA GLN B 314 -28.54 -0.23 8.38
C GLN B 314 -27.81 0.79 9.24
N THR B 315 -27.83 0.56 10.56
CA THR B 315 -27.34 1.57 11.48
C THR B 315 -26.19 1.15 12.36
N SER B 316 -26.08 -0.12 12.74
CA SER B 316 -25.05 -0.52 13.68
C SER B 316 -24.79 -2.01 13.54
N ASN B 317 -24.05 -2.56 14.51
CA ASN B 317 -23.63 -3.96 14.46
C ASN B 317 -23.86 -4.60 15.82
N PHE B 318 -24.84 -5.49 15.89
CA PHE B 318 -25.10 -6.24 17.11
C PHE B 318 -23.98 -7.26 17.31
N ARG B 319 -23.45 -7.30 18.54
CA ARG B 319 -22.25 -8.08 18.85
C ARG B 319 -22.43 -8.68 20.23
N VAL B 320 -22.63 -10.00 20.32
CA VAL B 320 -22.80 -10.64 21.62
C VAL B 320 -21.52 -10.44 22.42
N GLN B 321 -21.68 -10.38 23.74
CA GLN B 321 -20.55 -9.99 24.56
C GLN B 321 -20.03 -11.15 25.40
N PRO B 322 -18.71 -11.32 25.49
CA PRO B 322 -18.17 -12.37 26.36
C PRO B 322 -18.49 -12.09 27.82
N THR B 323 -18.60 -13.16 28.60
CA THR B 323 -19.01 -13.07 29.99
C THR B 323 -17.94 -13.42 31.01
N GLU B 324 -17.10 -14.41 30.73
CA GLU B 324 -16.09 -14.85 31.68
C GLU B 324 -14.72 -14.86 31.03
N SER B 325 -13.70 -15.10 31.84
CA SER B 325 -12.32 -15.21 31.39
C SER B 325 -11.72 -16.46 32.03
N ILE B 326 -11.47 -17.48 31.20
CA ILE B 326 -11.02 -18.79 31.69
C ILE B 326 -9.59 -19.02 31.23
N VAL B 327 -8.73 -19.35 32.18
CA VAL B 327 -7.31 -19.59 31.94
C VAL B 327 -7.03 -21.05 32.26
N ARG B 328 -6.79 -21.87 31.24
CA ARG B 328 -6.40 -23.26 31.45
C ARG B 328 -4.90 -23.42 31.17
N PHE B 329 -4.13 -23.64 32.22
CA PHE B 329 -2.70 -23.92 32.13
C PHE B 329 -2.42 -25.36 32.55
N PRO B 330 -1.32 -25.97 32.07
CA PRO B 330 -1.18 -27.43 32.23
C PRO B 330 -0.84 -27.87 33.65
N ASN B 331 -0.89 -26.93 34.59
CA ASN B 331 -0.81 -27.23 36.02
C ASN B 331 0.48 -27.98 36.37
N ILE B 332 1.59 -27.27 36.19
CA ILE B 332 2.89 -27.75 36.64
C ILE B 332 3.31 -26.92 37.84
N THR B 333 4.28 -27.44 38.61
CA THR B 333 4.62 -26.85 39.89
C THR B 333 6.10 -26.54 40.09
N ASN B 334 7.02 -27.19 39.35
CA ASN B 334 8.44 -26.94 39.53
C ASN B 334 8.75 -25.50 39.12
N LEU B 335 9.15 -24.67 40.08
CA LEU B 335 9.55 -23.32 39.75
C LEU B 335 10.80 -23.35 38.89
N CYS B 336 10.89 -22.40 37.95
CA CYS B 336 12.04 -22.38 37.07
C CYS B 336 13.29 -22.01 37.87
N PRO B 337 14.43 -22.60 37.53
CA PRO B 337 15.62 -22.41 38.36
C PRO B 337 16.37 -21.13 38.05
N PHE B 338 15.65 -20.02 37.89
CA PHE B 338 16.32 -18.77 37.58
C PHE B 338 17.30 -18.40 38.68
N GLY B 339 16.94 -18.67 39.93
CA GLY B 339 17.84 -18.37 41.02
C GLY B 339 19.18 -19.07 40.88
N GLU B 340 19.19 -20.31 40.41
CA GLU B 340 20.48 -20.98 40.32
C GLU B 340 21.39 -20.27 39.33
N VAL B 341 20.86 -19.86 38.17
CA VAL B 341 21.71 -19.12 37.23
C VAL B 341 22.03 -17.73 37.77
N PHE B 342 21.04 -17.01 38.30
CA PHE B 342 21.31 -15.64 38.75
C PHE B 342 22.20 -15.64 39.98
N ASN B 343 22.02 -16.58 40.89
CA ASN B 343 22.83 -16.66 42.10
C ASN B 343 24.10 -17.48 41.90
N ALA B 344 24.37 -17.93 40.69
CA ALA B 344 25.55 -18.75 40.45
C ALA B 344 26.82 -17.95 40.73
N THR B 345 27.76 -18.60 41.42
CA THR B 345 29.00 -17.93 41.79
C THR B 345 30.01 -17.97 40.66
N ARG B 346 30.22 -19.15 40.07
CA ARG B 346 31.23 -19.33 39.03
C ARG B 346 30.60 -19.13 37.66
N PHE B 347 31.08 -18.12 36.93
CA PHE B 347 30.59 -17.78 35.60
C PHE B 347 31.65 -18.12 34.56
N ALA B 348 31.19 -18.49 33.37
CA ALA B 348 32.09 -18.94 32.31
C ALA B 348 32.72 -17.73 31.59
N SER B 349 33.73 -18.03 30.78
CA SER B 349 34.36 -17.02 29.95
C SER B 349 33.41 -16.58 28.85
N VAL B 350 33.65 -15.37 28.33
CA VAL B 350 32.72 -14.81 27.36
C VAL B 350 32.78 -15.57 26.03
N TYR B 351 33.96 -16.02 25.61
CA TYR B 351 34.03 -16.74 24.35
C TYR B 351 33.47 -18.15 24.49
N ALA B 352 33.45 -18.68 25.71
CA ALA B 352 32.76 -19.92 26.04
C ALA B 352 31.54 -19.62 26.89
N TRP B 353 30.83 -18.54 26.55
CA TRP B 353 29.63 -18.12 27.27
C TRP B 353 28.70 -19.30 27.47
N ASN B 354 28.25 -19.49 28.71
CA ASN B 354 27.52 -20.72 29.00
C ASN B 354 26.05 -20.56 28.61
N ARG B 355 25.52 -21.55 27.92
CA ARG B 355 24.12 -21.59 27.52
C ARG B 355 23.42 -22.71 28.26
N LYS B 356 22.36 -22.38 28.98
CA LYS B 356 21.47 -23.37 29.57
C LYS B 356 20.07 -23.21 29.04
N ARG B 357 19.46 -24.32 28.65
CA ARG B 357 18.05 -24.34 28.28
C ARG B 357 17.20 -24.33 29.54
N ILE B 358 16.09 -23.60 29.52
CA ILE B 358 15.09 -23.67 30.57
C ILE B 358 13.76 -24.00 29.93
N SER B 359 13.08 -25.01 30.48
CA SER B 359 11.81 -25.46 29.95
C SER B 359 11.15 -26.33 31.02
N ASN B 360 9.85 -26.59 30.82
CA ASN B 360 9.06 -27.44 31.72
C ASN B 360 9.17 -26.99 33.16
N CYS B 361 8.95 -25.69 33.39
CA CYS B 361 8.88 -25.17 34.73
C CYS B 361 8.05 -23.89 34.71
N VAL B 362 7.27 -23.66 35.77
CA VAL B 362 6.63 -22.38 35.96
C VAL B 362 7.70 -21.35 36.30
N ALA B 363 7.71 -20.24 35.57
CA ALA B 363 8.65 -19.16 35.82
C ALA B 363 7.95 -18.00 36.51
N ASP B 364 8.74 -17.14 37.12
CA ASP B 364 8.22 -15.96 37.84
C ASP B 364 9.14 -14.80 37.51
N TYR B 365 8.78 -14.04 36.48
CA TYR B 365 9.64 -12.96 36.01
C TYR B 365 9.46 -11.67 36.78
N SER B 366 8.29 -11.44 37.37
CA SER B 366 8.06 -10.17 38.07
C SER B 366 8.96 -10.03 39.29
N VAL B 367 9.18 -11.12 40.02
CA VAL B 367 10.05 -11.04 41.19
C VAL B 367 11.49 -10.74 40.79
N LEU B 368 11.94 -11.26 39.65
CA LEU B 368 13.27 -10.90 39.14
C LEU B 368 13.29 -9.46 38.63
N TYR B 369 12.21 -9.01 38.01
CA TYR B 369 12.16 -7.62 37.56
C TYR B 369 12.24 -6.65 38.73
N ASN B 370 11.57 -6.99 39.84
CA ASN B 370 11.81 -6.27 41.08
C ASN B 370 13.26 -6.54 41.45
N SER B 371 14.13 -5.56 41.24
CA SER B 371 15.54 -5.81 41.05
C SER B 371 16.37 -5.23 42.17
N ALA B 372 17.48 -5.90 42.47
CA ALA B 372 18.56 -5.33 43.27
C ALA B 372 19.41 -4.41 42.41
N SER B 373 18.73 -3.44 41.79
CA SER B 373 19.37 -2.42 40.96
C SER B 373 20.21 -3.03 39.85
N PHE B 374 19.59 -3.93 39.08
CA PHE B 374 20.25 -4.44 37.88
C PHE B 374 20.58 -3.29 36.96
N SER B 375 21.81 -3.29 36.44
CA SER B 375 22.28 -2.14 35.66
C SER B 375 21.38 -1.89 34.47
N THR B 376 20.98 -2.95 33.75
CA THR B 376 20.11 -2.77 32.60
C THR B 376 19.26 -4.03 32.42
N PHE B 377 17.99 -3.93 32.84
CA PHE B 377 16.97 -4.91 32.47
C PHE B 377 16.32 -4.27 31.26
N LYS B 378 16.78 -4.64 30.07
CA LYS B 378 16.27 -4.03 28.84
C LYS B 378 15.78 -5.09 27.86
N CYS B 379 14.54 -4.97 27.41
CA CYS B 379 13.85 -6.01 26.68
C CYS B 379 13.52 -5.59 25.25
N TYR B 380 13.70 -6.50 24.31
CA TYR B 380 13.27 -6.33 22.93
C TYR B 380 12.14 -7.30 22.60
N GLY B 381 11.22 -6.87 21.76
CA GLY B 381 10.18 -7.74 21.27
C GLY B 381 9.15 -8.15 22.28
N VAL B 382 9.20 -7.58 23.48
CA VAL B 382 8.25 -7.92 24.55
C VAL B 382 8.33 -6.83 25.61
N SER B 383 7.19 -6.53 26.20
CA SER B 383 7.17 -5.52 27.25
C SER B 383 7.46 -6.16 28.59
N PRO B 384 8.44 -5.64 29.33
CA PRO B 384 8.91 -6.34 30.54
C PRO B 384 7.82 -6.58 31.57
N THR B 385 6.85 -5.69 31.68
CA THR B 385 5.80 -5.88 32.68
C THR B 385 4.92 -7.08 32.34
N LYS B 386 4.70 -7.34 31.05
CA LYS B 386 3.81 -8.41 30.63
C LYS B 386 4.46 -9.79 30.67
N LEU B 387 5.79 -9.88 30.86
CA LEU B 387 6.49 -11.15 30.79
C LEU B 387 5.81 -12.26 31.56
N ASN B 388 5.11 -11.93 32.65
CA ASN B 388 4.45 -12.95 33.46
C ASN B 388 3.28 -13.61 32.74
N ASP B 389 2.80 -13.04 31.64
CA ASP B 389 1.59 -13.53 31.00
C ASP B 389 1.84 -14.47 29.84
N LEU B 390 2.89 -14.26 29.07
CA LEU B 390 3.13 -15.08 27.90
C LEU B 390 3.62 -16.48 28.27
N CYS B 391 3.25 -17.45 27.45
CA CYS B 391 3.81 -18.79 27.51
C CYS B 391 4.82 -18.96 26.38
N PHE B 392 5.98 -19.50 26.71
CA PHE B 392 7.07 -19.69 25.76
C PHE B 392 7.34 -21.18 25.61
N THR B 393 7.84 -21.55 24.42
CA THR B 393 8.23 -22.93 24.18
C THR B 393 9.45 -23.30 25.02
N ASN B 394 10.56 -22.61 24.81
CA ASN B 394 11.74 -22.74 25.65
C ASN B 394 12.38 -21.37 25.84
N VAL B 395 13.10 -21.21 26.94
CA VAL B 395 13.78 -19.96 27.24
C VAL B 395 15.26 -20.27 27.41
N TYR B 396 16.04 -19.95 26.39
CA TYR B 396 17.48 -20.06 26.47
C TYR B 396 18.03 -18.97 27.38
N ALA B 397 18.98 -19.33 28.24
CA ALA B 397 19.64 -18.34 29.08
C ALA B 397 21.15 -18.47 28.89
N ASP B 398 21.79 -17.38 28.50
CA ASP B 398 23.22 -17.35 28.29
C ASP B 398 23.85 -16.45 29.33
N SER B 399 25.00 -16.87 29.85
CA SER B 399 25.65 -16.18 30.95
C SER B 399 27.11 -15.92 30.62
N PHE B 400 27.56 -14.70 30.94
CA PHE B 400 28.96 -14.33 30.83
C PHE B 400 29.22 -13.08 31.68
N VAL B 401 30.50 -12.79 31.88
CA VAL B 401 30.95 -11.62 32.65
C VAL B 401 31.80 -10.73 31.74
N ILE B 402 31.42 -9.47 31.60
CA ILE B 402 32.09 -8.55 30.70
C ILE B 402 32.41 -7.25 31.44
N ARG B 403 33.04 -6.33 30.71
CA ARG B 403 33.39 -5.03 31.25
C ARG B 403 32.12 -4.26 31.66
N GLY B 404 32.32 -3.24 32.49
CA GLY B 404 31.18 -2.48 32.98
C GLY B 404 30.46 -1.70 31.89
N ASP B 405 31.20 -0.95 31.08
CA ASP B 405 30.57 -0.06 30.12
C ASP B 405 30.35 -0.69 28.75
N GLU B 406 30.90 -1.88 28.49
CA GLU B 406 30.76 -2.48 27.18
C GLU B 406 29.41 -3.15 26.97
N VAL B 407 28.59 -3.24 28.02
CA VAL B 407 27.25 -3.81 27.92
C VAL B 407 26.50 -3.28 26.71
N ARG B 408 26.78 -2.04 26.30
CA ARG B 408 26.15 -1.45 25.12
C ARG B 408 26.14 -2.40 23.93
N GLN B 409 27.21 -3.19 23.77
CA GLN B 409 27.36 -4.02 22.58
C GLN B 409 26.35 -5.15 22.53
N ILE B 410 25.62 -5.42 23.60
CA ILE B 410 24.65 -6.52 23.64
C ILE B 410 23.34 -5.96 23.09
N ALA B 411 23.25 -5.93 21.76
CA ALA B 411 22.07 -5.46 21.05
C ALA B 411 22.04 -6.14 19.70
N PRO B 412 20.87 -6.32 19.09
CA PRO B 412 20.81 -7.03 17.82
C PRO B 412 21.58 -6.33 16.71
N GLY B 413 21.23 -5.07 16.45
CA GLY B 413 21.96 -4.27 15.48
C GLY B 413 23.10 -3.51 16.11
N GLN B 414 24.17 -4.22 16.48
CA GLN B 414 25.28 -3.61 17.19
C GLN B 414 26.59 -4.12 16.63
N THR B 415 27.64 -3.32 16.83
CA THR B 415 28.98 -3.65 16.38
C THR B 415 29.98 -3.37 17.50
N GLY B 416 31.14 -4.01 17.40
CA GLY B 416 32.16 -3.93 18.43
C GLY B 416 32.89 -5.24 18.57
N LYS B 417 33.98 -5.27 19.35
CA LYS B 417 34.78 -6.48 19.44
C LYS B 417 33.97 -7.62 20.06
N ILE B 418 33.12 -7.32 21.04
CA ILE B 418 32.34 -8.35 21.69
C ILE B 418 31.30 -8.91 20.73
N ALA B 419 30.58 -8.02 20.04
CA ALA B 419 29.58 -8.46 19.07
C ALA B 419 30.23 -9.23 17.92
N ASP B 420 31.48 -8.93 17.61
CA ASP B 420 32.14 -9.56 16.48
C ASP B 420 32.68 -10.94 16.85
N TYR B 421 33.63 -10.98 17.77
CA TYR B 421 34.36 -12.21 18.07
C TYR B 421 33.89 -12.93 19.33
N ASN B 422 32.82 -12.48 19.98
CA ASN B 422 32.36 -13.13 21.20
C ASN B 422 30.93 -13.60 21.13
N TYR B 423 30.00 -12.76 20.69
CA TYR B 423 28.58 -13.04 20.84
C TYR B 423 27.80 -12.24 19.81
N LYS B 424 27.00 -12.92 19.00
CA LYS B 424 26.24 -12.29 17.93
C LYS B 424 24.75 -12.46 18.21
N LEU B 425 24.10 -11.38 18.65
CA LEU B 425 22.65 -11.38 18.77
C LEU B 425 22.03 -11.24 17.39
N PRO B 426 21.19 -12.19 16.96
CA PRO B 426 20.58 -12.07 15.63
C PRO B 426 19.59 -10.92 15.59
N ASP B 427 19.38 -10.39 14.38
CA ASP B 427 18.34 -9.41 14.20
C ASP B 427 16.98 -10.07 14.44
N ASP B 428 16.00 -9.24 14.81
CA ASP B 428 14.69 -9.71 15.26
C ASP B 428 14.81 -10.54 16.53
N PHE B 429 15.80 -10.23 17.36
CA PHE B 429 15.99 -10.95 18.61
C PHE B 429 14.80 -10.71 19.54
N THR B 430 14.25 -11.78 20.08
CA THR B 430 13.05 -11.74 20.92
C THR B 430 13.39 -12.23 22.33
N GLY B 431 13.86 -11.31 23.16
CA GLY B 431 14.23 -11.68 24.50
C GLY B 431 14.50 -10.47 25.36
N CYS B 432 15.28 -10.69 26.41
CA CYS B 432 15.59 -9.63 27.36
C CYS B 432 17.04 -9.74 27.80
N VAL B 433 17.74 -8.60 27.86
CA VAL B 433 19.13 -8.57 28.29
C VAL B 433 19.18 -8.02 29.71
N ILE B 434 19.85 -8.76 30.59
CA ILE B 434 19.97 -8.43 32.00
C ILE B 434 21.45 -8.18 32.27
N ALA B 435 21.77 -7.05 32.89
CA ALA B 435 23.13 -6.87 33.34
C ALA B 435 23.15 -6.16 34.69
N TRP B 436 24.15 -6.52 35.50
CA TRP B 436 24.34 -5.85 36.78
C TRP B 436 25.80 -5.94 37.19
N ASN B 437 26.25 -4.91 37.90
CA ASN B 437 27.64 -4.84 38.34
C ASN B 437 27.93 -5.92 39.38
N SER B 438 29.03 -6.63 39.20
CA SER B 438 29.48 -7.68 40.11
C SER B 438 30.87 -7.34 40.65
N ASN B 439 31.10 -6.06 40.93
CA ASN B 439 32.38 -5.62 41.47
C ASN B 439 32.64 -6.22 42.85
N ASN B 440 31.59 -6.41 43.64
CA ASN B 440 31.75 -6.95 44.98
C ASN B 440 32.36 -8.34 44.96
N LEU B 441 31.89 -9.20 44.08
CA LEU B 441 32.32 -10.60 44.06
C LEU B 441 33.48 -10.84 43.10
N ASP B 442 33.26 -10.57 41.80
CA ASP B 442 34.18 -11.05 40.78
C ASP B 442 35.54 -10.37 40.88
N SER B 443 35.55 -9.04 40.95
CA SER B 443 36.82 -8.31 40.94
C SER B 443 37.57 -8.52 42.25
N LYS B 444 38.87 -8.77 42.15
CA LYS B 444 39.71 -9.01 43.30
C LYS B 444 40.94 -8.10 43.24
N VAL B 445 41.54 -7.87 44.42
CA VAL B 445 42.62 -6.90 44.53
C VAL B 445 43.78 -7.28 43.63
N GLY B 446 44.32 -6.28 42.93
CA GLY B 446 45.43 -6.47 42.03
C GLY B 446 45.03 -6.83 40.61
N GLY B 447 43.79 -7.25 40.39
CA GLY B 447 43.34 -7.60 39.06
C GLY B 447 43.04 -9.07 38.89
N ASN B 448 41.75 -9.40 38.68
CA ASN B 448 41.38 -10.77 38.37
C ASN B 448 41.75 -11.06 36.93
N TYR B 449 42.58 -12.08 36.71
CA TYR B 449 43.16 -12.33 35.40
C TYR B 449 42.65 -13.60 34.74
N ASN B 450 41.80 -14.38 35.40
CA ASN B 450 41.30 -15.61 34.82
C ASN B 450 40.15 -15.39 33.84
N TYR B 451 39.52 -14.21 33.85
CA TYR B 451 38.50 -13.91 32.87
C TYR B 451 39.15 -13.69 31.51
N LEU B 452 38.57 -14.31 30.47
CA LEU B 452 39.19 -14.36 29.16
C LEU B 452 38.20 -13.90 28.10
N TYR B 453 38.60 -12.90 27.32
CA TYR B 453 37.86 -12.46 26.15
C TYR B 453 38.78 -12.53 24.93
N ARG B 454 38.21 -12.95 23.80
CA ARG B 454 39.01 -13.02 22.59
C ARG B 454 39.02 -11.66 21.89
N LEU B 455 40.07 -11.44 21.10
CA LEU B 455 40.20 -10.23 20.32
C LEU B 455 40.48 -10.48 18.84
N PHE B 456 40.67 -11.74 18.42
CA PHE B 456 41.11 -12.03 17.07
C PHE B 456 40.30 -13.19 16.51
N ARG B 457 39.82 -13.03 15.27
CA ARG B 457 39.23 -14.11 14.51
C ARG B 457 39.19 -13.69 13.05
N LYS B 458 38.99 -14.68 12.17
CA LYS B 458 38.96 -14.40 10.74
C LYS B 458 37.80 -13.49 10.38
N SER B 459 36.61 -13.76 10.91
CA SER B 459 35.41 -13.01 10.57
C SER B 459 34.54 -12.86 11.81
N ASN B 460 33.49 -12.07 11.66
CA ASN B 460 32.52 -11.90 12.74
C ASN B 460 31.80 -13.20 13.02
N LEU B 461 31.46 -13.41 14.29
CA LEU B 461 30.78 -14.63 14.69
C LEU B 461 29.38 -14.69 14.07
N LYS B 462 28.93 -15.91 13.79
CA LYS B 462 27.56 -16.12 13.40
C LYS B 462 26.65 -15.93 14.61
N PRO B 463 25.34 -15.71 14.38
CA PRO B 463 24.41 -15.66 15.52
C PRO B 463 24.54 -16.86 16.44
N PHE B 464 24.98 -16.61 17.67
CA PHE B 464 25.18 -17.65 18.68
C PHE B 464 26.22 -18.67 18.23
N GLU B 465 27.43 -18.17 17.99
CA GLU B 465 28.56 -18.99 17.57
C GLU B 465 29.54 -19.13 18.72
N ARG B 466 30.06 -20.35 18.90
CA ARG B 466 30.95 -20.67 20.02
C ARG B 466 32.30 -21.10 19.46
N ASP B 467 33.21 -20.13 19.30
CA ASP B 467 34.56 -20.42 18.85
C ASP B 467 35.38 -20.92 20.04
N ILE B 468 35.08 -22.17 20.43
CA ILE B 468 35.76 -22.78 21.57
C ILE B 468 37.23 -22.99 21.27
N SER B 469 37.58 -23.29 20.01
CA SER B 469 38.95 -23.59 19.65
C SER B 469 39.87 -22.42 19.93
N THR B 470 41.11 -22.73 20.33
CA THR B 470 42.09 -21.74 20.74
C THR B 470 43.34 -21.79 19.88
N GLU B 471 43.20 -22.08 18.60
CA GLU B 471 44.34 -22.17 17.70
C GLU B 471 45.09 -20.84 17.65
N ILE B 472 46.42 -20.92 17.60
CA ILE B 472 47.24 -19.72 17.61
C ILE B 472 46.96 -18.89 16.36
N TYR B 473 46.62 -17.62 16.56
CA TYR B 473 46.19 -16.78 15.46
C TYR B 473 47.37 -16.45 14.55
N GLN B 474 47.15 -16.58 13.24
CA GLN B 474 48.09 -16.10 12.24
C GLN B 474 47.90 -14.59 12.05
N ALA B 475 48.21 -13.85 13.11
CA ALA B 475 47.96 -12.41 13.12
C ALA B 475 48.79 -11.70 12.05
N GLY B 476 50.07 -12.04 11.96
CA GLY B 476 50.90 -11.48 10.93
C GLY B 476 50.55 -12.03 9.55
N SER B 477 51.00 -11.32 8.52
CA SER B 477 50.81 -11.81 7.16
C SER B 477 51.52 -13.14 6.96
N THR B 478 52.73 -13.27 7.50
CA THR B 478 53.45 -14.53 7.43
C THR B 478 52.74 -15.58 8.29
N PRO B 479 52.69 -16.83 7.84
CA PRO B 479 52.14 -17.90 8.69
C PRO B 479 52.96 -18.07 9.96
N CYS B 480 52.27 -18.44 11.03
CA CYS B 480 52.92 -18.68 12.32
C CYS B 480 53.22 -20.16 12.55
N ASN B 481 52.22 -21.03 12.34
CA ASN B 481 52.39 -22.48 12.48
C ASN B 481 52.94 -22.84 13.86
N GLY B 482 52.42 -22.18 14.89
CA GLY B 482 52.85 -22.40 16.26
C GLY B 482 53.73 -21.32 16.84
N VAL B 483 54.03 -20.28 16.06
CA VAL B 483 54.89 -19.19 16.50
C VAL B 483 54.04 -18.16 17.23
N GLU B 484 54.55 -17.66 18.36
CA GLU B 484 53.94 -16.58 19.11
C GLU B 484 54.89 -15.37 19.15
N GLY B 485 55.51 -15.08 18.01
CA GLY B 485 56.48 -14.01 17.93
C GLY B 485 55.83 -12.64 18.06
N PHE B 486 56.63 -11.61 17.72
CA PHE B 486 56.18 -10.24 17.90
C PHE B 486 55.02 -9.90 16.97
N ASN B 487 54.98 -10.51 15.78
CA ASN B 487 53.87 -10.30 14.85
C ASN B 487 52.93 -11.50 14.79
N CYS B 488 53.15 -12.52 15.62
CA CYS B 488 52.26 -13.67 15.72
C CYS B 488 51.59 -13.63 17.09
N TYR B 489 50.27 -13.61 17.10
CA TYR B 489 49.51 -13.30 18.30
C TYR B 489 48.55 -14.44 18.63
N PHE B 490 48.20 -14.53 19.90
CA PHE B 490 47.30 -15.52 20.49
C PHE B 490 45.89 -14.95 20.60
N PRO B 491 44.85 -15.73 20.26
CA PRO B 491 43.51 -15.15 20.14
C PRO B 491 42.78 -14.92 21.45
N LEU B 492 43.30 -15.37 22.58
CA LEU B 492 42.64 -15.23 23.87
C LEU B 492 43.42 -14.24 24.74
N GLN B 493 42.71 -13.29 25.35
CA GLN B 493 43.35 -12.28 26.17
C GLN B 493 42.63 -12.17 27.50
N SER B 494 43.40 -12.05 28.58
CA SER B 494 42.81 -11.86 29.90
C SER B 494 42.31 -10.42 30.04
N TYR B 495 41.54 -10.19 31.10
CA TYR B 495 40.96 -8.86 31.32
C TYR B 495 41.77 -8.05 32.34
N GLY B 496 41.96 -8.59 33.54
CA GLY B 496 42.50 -7.81 34.63
C GLY B 496 41.49 -7.00 35.41
N PHE B 497 40.56 -7.66 36.09
CA PHE B 497 39.54 -7.00 36.91
C PHE B 497 40.12 -6.69 38.29
N GLN B 498 40.43 -5.42 38.52
CA GLN B 498 40.81 -4.97 39.85
C GLN B 498 39.78 -3.99 40.40
N PRO B 499 39.57 -3.96 41.72
CA PRO B 499 38.51 -3.09 42.27
C PRO B 499 38.71 -1.62 42.00
N THR B 500 39.96 -1.15 41.94
CA THR B 500 40.23 0.27 41.74
C THR B 500 40.27 0.66 40.26
N ASN B 501 39.70 -0.16 39.39
CA ASN B 501 39.58 0.20 37.99
C ASN B 501 38.51 1.28 37.81
N GLY B 502 38.26 1.65 36.56
CA GLY B 502 37.18 2.57 36.28
C GLY B 502 35.82 1.95 36.54
N VAL B 503 34.85 2.81 36.83
CA VAL B 503 33.48 2.34 37.04
C VAL B 503 32.93 1.72 35.76
N GLY B 504 33.28 2.30 34.61
CA GLY B 504 32.97 1.70 33.32
C GLY B 504 33.70 0.41 33.04
N TYR B 505 34.68 0.04 33.87
CA TYR B 505 35.49 -1.15 33.67
C TYR B 505 35.29 -2.19 34.76
N GLN B 506 34.35 -1.95 35.67
CA GLN B 506 34.05 -2.94 36.71
C GLN B 506 33.41 -4.16 36.08
N PRO B 507 33.45 -5.31 36.77
CA PRO B 507 32.85 -6.53 36.21
C PRO B 507 31.33 -6.46 36.26
N TYR B 508 30.70 -6.50 35.09
CA TYR B 508 29.26 -6.64 34.98
C TYR B 508 28.97 -8.08 34.60
N ARG B 509 28.18 -8.76 35.41
CA ARG B 509 27.58 -10.02 34.97
C ARG B 509 26.43 -9.71 34.03
N VAL B 510 26.33 -10.48 32.95
CA VAL B 510 25.30 -10.30 31.93
C VAL B 510 24.68 -11.66 31.64
N VAL B 511 23.35 -11.68 31.62
CA VAL B 511 22.56 -12.85 31.26
C VAL B 511 21.58 -12.44 30.18
N VAL B 512 21.61 -13.15 29.06
CA VAL B 512 20.69 -12.91 27.96
C VAL B 512 19.65 -14.01 27.97
N LEU B 513 18.39 -13.62 28.10
CA LEU B 513 17.27 -14.55 27.98
C LEU B 513 16.73 -14.43 26.57
N SER B 514 16.74 -15.53 25.84
CA SER B 514 16.18 -15.59 24.50
C SER B 514 14.91 -16.43 24.54
N PHE B 515 13.80 -15.81 24.16
CA PHE B 515 12.51 -16.48 24.08
C PHE B 515 12.28 -16.99 22.67
N GLU B 516 11.16 -17.65 22.45
CA GLU B 516 10.80 -18.17 21.14
C GLU B 516 9.48 -17.61 20.63
N LEU B 517 8.44 -17.61 21.48
CA LEU B 517 7.10 -17.18 21.09
C LEU B 517 6.61 -17.96 19.87
N LEU B 518 6.91 -19.26 19.85
CA LEU B 518 6.38 -20.14 18.83
C LEU B 518 5.08 -20.76 19.33
N HIS B 519 4.58 -21.77 18.63
CA HIS B 519 3.30 -22.39 18.96
C HIS B 519 3.42 -23.89 19.19
N ALA B 520 4.63 -24.38 19.47
CA ALA B 520 4.79 -25.72 19.99
C ALA B 520 4.17 -25.77 21.39
N PRO B 521 4.09 -26.95 22.02
CA PRO B 521 3.66 -26.97 23.42
C PRO B 521 4.49 -26.02 24.25
N ALA B 522 3.88 -24.93 24.70
CA ALA B 522 4.60 -23.87 25.40
C ALA B 522 4.81 -24.33 26.83
N THR B 523 5.98 -24.91 27.10
CA THR B 523 6.19 -25.60 28.36
C THR B 523 6.76 -24.72 29.46
N VAL B 524 7.07 -23.45 29.18
CA VAL B 524 7.38 -22.50 30.25
C VAL B 524 6.34 -21.39 30.21
N CYS B 525 5.81 -21.01 31.36
CA CYS B 525 4.82 -19.94 31.39
C CYS B 525 4.75 -19.34 32.78
N GLY B 526 4.14 -18.15 32.85
CA GLY B 526 4.14 -17.38 34.05
C GLY B 526 3.26 -18.00 35.13
N PRO B 527 3.20 -17.32 36.27
CA PRO B 527 2.54 -17.91 37.44
C PRO B 527 1.03 -17.77 37.43
N LYS B 528 0.44 -17.45 36.28
CA LYS B 528 -1.00 -17.24 36.22
C LYS B 528 -1.75 -18.50 36.66
N LYS B 529 -2.80 -18.28 37.44
CA LYS B 529 -3.56 -19.38 38.01
C LYS B 529 -4.34 -20.13 36.91
N SER B 530 -4.74 -21.35 37.24
CA SER B 530 -5.70 -22.05 36.41
C SER B 530 -7.10 -21.54 36.72
N THR B 531 -8.09 -22.10 36.02
CA THR B 531 -9.48 -21.72 36.25
C THR B 531 -10.36 -22.87 35.80
N ASN B 532 -11.57 -22.92 36.34
CA ASN B 532 -12.51 -23.92 35.89
C ASN B 532 -12.97 -23.60 34.47
N LEU B 533 -13.52 -24.60 33.81
CA LEU B 533 -13.97 -24.48 32.43
C LEU B 533 -15.49 -24.41 32.37
N VAL B 534 -16.01 -23.63 31.43
CA VAL B 534 -17.44 -23.51 31.18
C VAL B 534 -17.65 -23.55 29.67
N LYS B 535 -18.70 -24.25 29.25
CA LYS B 535 -18.97 -24.49 27.84
C LYS B 535 -20.25 -23.78 27.42
N ASN B 536 -20.53 -23.87 26.12
CA ASN B 536 -21.81 -23.45 25.53
C ASN B 536 -22.13 -21.98 25.81
N LYS B 537 -21.13 -21.15 26.06
CA LYS B 537 -21.36 -19.73 26.32
C LYS B 537 -20.21 -18.92 25.73
N CYS B 538 -20.54 -17.74 25.21
CA CYS B 538 -19.53 -16.83 24.67
C CYS B 538 -18.65 -16.36 25.80
N VAL B 539 -17.43 -16.88 25.88
CA VAL B 539 -16.50 -16.61 26.97
C VAL B 539 -15.14 -16.27 26.38
N ASN B 540 -14.44 -15.35 27.04
CA ASN B 540 -13.04 -15.11 26.74
C ASN B 540 -12.22 -16.25 27.34
N PHE B 541 -11.20 -16.69 26.61
CA PHE B 541 -10.41 -17.84 27.03
C PHE B 541 -8.94 -17.63 26.73
N ASN B 542 -8.11 -18.27 27.54
CA ASN B 542 -6.66 -18.35 27.32
C ASN B 542 -6.22 -19.79 27.56
N PHE B 543 -5.89 -20.50 26.50
CA PHE B 543 -5.31 -21.83 26.59
C PHE B 543 -3.82 -21.72 26.26
N ASN B 544 -2.96 -21.80 27.29
CA ASN B 544 -1.51 -21.76 27.10
C ASN B 544 -1.07 -20.53 26.33
N GLY B 545 -1.62 -19.37 26.69
CA GLY B 545 -1.32 -18.13 26.01
C GLY B 545 -2.05 -17.94 24.70
N LEU B 546 -2.58 -19.00 24.10
CA LEU B 546 -3.48 -18.88 22.96
C LEU B 546 -4.78 -18.27 23.44
N THR B 547 -5.00 -16.99 23.12
CA THR B 547 -6.12 -16.26 23.67
C THR B 547 -7.18 -16.01 22.61
N GLY B 548 -8.40 -15.76 23.06
CA GLY B 548 -9.46 -15.46 22.13
C GLY B 548 -10.79 -15.33 22.86
N THR B 549 -11.83 -15.11 22.06
CA THR B 549 -13.19 -15.03 22.55
C THR B 549 -14.05 -15.95 21.70
N GLY B 550 -14.89 -16.75 22.33
CA GLY B 550 -15.72 -17.64 21.56
C GLY B 550 -16.54 -18.54 22.46
N VAL B 551 -17.38 -19.35 21.84
CA VAL B 551 -18.17 -20.34 22.55
C VAL B 551 -17.52 -21.70 22.34
N LEU B 552 -17.24 -22.39 23.44
CA LEU B 552 -16.53 -23.66 23.43
C LEU B 552 -17.54 -24.78 23.57
N THR B 553 -17.51 -25.73 22.63
CA THR B 553 -18.42 -26.86 22.68
C THR B 553 -17.63 -28.16 22.62
N GLU B 554 -18.23 -29.23 23.11
CA GLU B 554 -17.62 -30.54 22.96
C GLU B 554 -17.64 -30.94 21.50
N SER B 555 -16.50 -31.41 20.99
CA SER B 555 -16.32 -31.64 19.57
C SER B 555 -16.09 -33.11 19.28
N ASN B 556 -16.47 -33.51 18.07
CA ASN B 556 -16.38 -34.91 17.63
C ASN B 556 -15.24 -35.12 16.63
N LYS B 557 -14.18 -34.33 16.75
CA LYS B 557 -13.02 -34.50 15.89
C LYS B 557 -12.17 -35.66 16.37
N LYS B 558 -11.46 -36.28 15.43
CA LYS B 558 -10.52 -37.36 15.75
C LYS B 558 -9.10 -36.82 15.71
N PHE B 559 -8.72 -36.07 16.75
CA PHE B 559 -7.31 -35.73 16.90
C PHE B 559 -6.47 -36.99 17.06
N LEU B 560 -5.31 -36.97 16.42
CA LEU B 560 -4.31 -37.98 16.70
C LEU B 560 -3.54 -37.59 17.96
N PRO B 561 -2.95 -38.55 18.67
CA PRO B 561 -2.39 -38.25 20.00
C PRO B 561 -1.32 -37.17 19.99
N PHE B 562 -0.57 -37.02 18.90
CA PHE B 562 0.46 -35.99 18.85
C PHE B 562 -0.09 -34.62 18.50
N GLN B 563 -1.32 -34.53 18.02
CA GLN B 563 -1.90 -33.25 17.66
C GLN B 563 -2.08 -32.38 18.90
N GLN B 564 -2.11 -31.08 18.68
CA GLN B 564 -2.30 -30.14 19.77
C GLN B 564 -3.51 -29.24 19.60
N PHE B 565 -3.81 -28.82 18.38
CA PHE B 565 -5.01 -28.03 18.12
C PHE B 565 -5.29 -28.09 16.63
N GLY B 566 -6.45 -27.56 16.26
CA GLY B 566 -6.90 -27.61 14.89
C GLY B 566 -6.96 -26.26 14.24
N ARG B 567 -7.01 -26.23 12.91
CA ARG B 567 -7.03 -24.99 12.17
C ARG B 567 -7.95 -25.16 10.97
N ASP B 568 -8.45 -24.05 10.45
CA ASP B 568 -9.53 -24.07 9.49
C ASP B 568 -8.97 -23.99 8.07
N ILE B 569 -9.87 -23.88 7.10
CA ILE B 569 -9.47 -23.80 5.69
C ILE B 569 -8.64 -22.54 5.44
N ALA B 570 -8.90 -21.48 6.19
CA ALA B 570 -8.23 -20.20 6.00
C ALA B 570 -7.45 -19.79 7.24
N ASP B 571 -6.91 -20.76 7.97
CA ASP B 571 -5.97 -20.52 9.08
C ASP B 571 -6.62 -19.73 10.20
N THR B 572 -7.69 -20.29 10.77
CA THR B 572 -8.30 -19.79 11.99
C THR B 572 -8.45 -20.96 12.95
N THR B 573 -8.00 -20.77 14.19
CA THR B 573 -8.02 -21.86 15.16
C THR B 573 -9.46 -22.34 15.37
N ASP B 574 -9.69 -23.62 15.09
CA ASP B 574 -11.03 -24.18 15.11
C ASP B 574 -11.31 -25.07 16.32
N ALA B 575 -10.29 -25.75 16.84
CA ALA B 575 -10.46 -26.63 17.98
C ALA B 575 -9.18 -26.62 18.78
N VAL B 576 -9.29 -26.93 20.07
CA VAL B 576 -8.12 -26.99 20.93
C VAL B 576 -8.16 -28.23 21.81
N ARG B 577 -6.99 -28.67 22.24
CA ARG B 577 -6.86 -29.68 23.27
C ARG B 577 -6.73 -28.99 24.61
N ASP B 578 -7.57 -29.37 25.56
CA ASP B 578 -7.47 -28.81 26.89
C ASP B 578 -6.18 -29.28 27.53
N PRO B 579 -5.40 -28.39 28.16
CA PRO B 579 -4.15 -28.82 28.79
C PRO B 579 -4.38 -29.79 29.94
N GLN B 580 -5.23 -29.41 30.90
CA GLN B 580 -5.39 -30.22 32.10
C GLN B 580 -6.06 -31.55 31.79
N THR B 581 -6.99 -31.58 30.84
CA THR B 581 -7.68 -32.80 30.46
C THR B 581 -7.56 -33.01 28.96
N LEU B 582 -7.18 -34.23 28.57
CA LEU B 582 -7.02 -34.54 27.14
C LEU B 582 -8.40 -34.63 26.51
N GLU B 583 -8.99 -33.48 26.24
CA GLU B 583 -10.28 -33.37 25.58
C GLU B 583 -10.20 -32.29 24.51
N ILE B 584 -11.06 -32.40 23.51
CA ILE B 584 -11.02 -31.53 22.33
C ILE B 584 -12.26 -30.66 22.31
N LEU B 585 -12.05 -29.35 22.18
CA LEU B 585 -13.11 -28.36 22.27
C LEU B 585 -13.17 -27.57 20.98
N ASP B 586 -14.33 -27.54 20.34
CA ASP B 586 -14.52 -26.73 19.16
C ASP B 586 -14.83 -25.29 19.56
N ILE B 587 -14.34 -24.34 18.79
CA ILE B 587 -14.48 -22.92 19.09
C ILE B 587 -15.31 -22.27 18.00
N THR B 588 -16.49 -21.77 18.37
CA THR B 588 -17.32 -21.05 17.42
C THR B 588 -17.35 -19.58 17.79
N PRO B 589 -17.17 -18.66 16.84
CA PRO B 589 -17.12 -17.24 17.21
C PRO B 589 -18.47 -16.75 17.69
N CYS B 590 -18.43 -15.77 18.59
CA CYS B 590 -19.65 -15.23 19.18
C CYS B 590 -20.48 -14.54 18.11
N SER B 591 -21.80 -14.66 18.25
CA SER B 591 -22.71 -14.19 17.21
C SER B 591 -22.63 -12.70 17.01
N PHE B 592 -22.77 -12.27 15.76
CA PHE B 592 -22.85 -10.85 15.44
C PHE B 592 -23.65 -10.71 14.16
N GLY B 593 -24.06 -9.48 13.87
CA GLY B 593 -24.76 -9.21 12.63
C GLY B 593 -25.19 -7.77 12.55
N GLY B 594 -25.52 -7.36 11.33
CA GLY B 594 -25.97 -6.00 11.12
C GLY B 594 -27.31 -5.73 11.77
N VAL B 595 -27.56 -4.46 12.04
CA VAL B 595 -28.85 -4.02 12.57
C VAL B 595 -29.47 -3.06 11.57
N SER B 596 -30.68 -3.37 11.13
CA SER B 596 -31.41 -2.55 10.18
C SER B 596 -32.66 -2.02 10.84
N VAL B 597 -33.06 -0.81 10.48
CA VAL B 597 -34.22 -0.17 11.11
C VAL B 597 -35.28 0.05 10.04
N ILE B 598 -36.30 -0.81 10.01
CA ILE B 598 -37.39 -0.65 9.05
C ILE B 598 -38.27 0.49 9.55
N THR B 599 -38.45 1.51 8.73
CA THR B 599 -39.17 2.67 9.21
C THR B 599 -39.99 3.32 8.10
N PRO B 600 -41.28 3.54 8.33
CA PRO B 600 -42.02 4.46 7.46
C PRO B 600 -41.48 5.85 7.69
N GLY B 601 -41.60 6.69 6.66
CA GLY B 601 -41.00 8.00 6.71
C GLY B 601 -41.28 8.74 8.00
N THR B 602 -40.29 9.47 8.52
CA THR B 602 -40.52 10.26 9.72
C THR B 602 -41.69 11.20 9.54
N ASN B 603 -41.91 11.66 8.30
CA ASN B 603 -43.02 12.55 8.01
C ASN B 603 -44.37 11.91 8.28
N THR B 604 -44.46 10.59 8.31
CA THR B 604 -45.72 9.90 8.53
C THR B 604 -45.88 9.44 9.96
N SER B 605 -44.96 8.61 10.45
CA SER B 605 -45.02 8.10 11.81
C SER B 605 -43.60 8.06 12.36
N ASN B 606 -43.45 7.49 13.55
CA ASN B 606 -42.14 7.33 14.14
C ASN B 606 -41.90 5.96 14.76
N GLN B 607 -42.86 5.04 14.66
CA GLN B 607 -42.59 3.68 15.08
C GLN B 607 -41.61 3.02 14.12
N VAL B 608 -40.77 2.15 14.66
CA VAL B 608 -39.75 1.47 13.88
C VAL B 608 -39.75 -0.01 14.25
N ALA B 609 -39.24 -0.82 13.33
CA ALA B 609 -39.10 -2.26 13.56
C ALA B 609 -37.65 -2.63 13.30
N VAL B 610 -36.97 -3.16 14.30
CA VAL B 610 -35.55 -3.43 14.18
C VAL B 610 -35.34 -4.87 13.74
N LEU B 611 -34.66 -5.04 12.60
CA LEU B 611 -34.24 -6.33 12.10
C LEU B 611 -32.80 -6.59 12.52
N TYR B 612 -32.57 -7.66 13.27
CA TYR B 612 -31.21 -8.10 13.60
C TYR B 612 -30.85 -9.20 12.62
N GLN B 613 -29.87 -8.94 11.77
CA GLN B 613 -29.58 -9.83 10.65
C GLN B 613 -28.90 -11.10 11.12
N ASP B 614 -29.46 -12.25 10.73
CA ASP B 614 -28.80 -13.55 10.85
C ASP B 614 -28.47 -13.90 12.29
N VAL B 615 -29.38 -13.58 13.21
CA VAL B 615 -29.27 -14.02 14.60
C VAL B 615 -30.58 -14.65 15.01
N ASN B 616 -30.52 -15.83 15.60
CA ASN B 616 -31.70 -16.48 16.14
C ASN B 616 -32.29 -15.61 17.24
N CYS B 617 -33.63 -15.59 17.33
CA CYS B 617 -34.30 -14.62 18.18
C CYS B 617 -33.92 -14.79 19.65
N THR B 618 -33.55 -16.01 20.06
CA THR B 618 -33.18 -16.22 21.46
C THR B 618 -31.95 -15.42 21.84
N GLU B 619 -30.98 -15.29 20.92
CA GLU B 619 -29.70 -14.68 21.22
C GLU B 619 -29.78 -13.18 21.48
N VAL B 620 -30.89 -12.51 21.16
CA VAL B 620 -30.94 -11.06 21.31
C VAL B 620 -30.94 -10.68 22.79
N ASN B 641 -44.87 -9.83 19.22
CA ASN B 641 -44.26 -8.93 18.27
C ASN B 641 -42.78 -9.25 18.05
N VAL B 642 -42.46 -10.53 17.87
CA VAL B 642 -41.11 -10.97 17.55
C VAL B 642 -41.24 -12.04 16.47
N PHE B 643 -40.78 -11.73 15.27
CA PHE B 643 -40.93 -12.60 14.11
C PHE B 643 -39.56 -13.16 13.76
N GLN B 644 -39.52 -14.44 13.40
CA GLN B 644 -38.29 -15.06 12.92
C GLN B 644 -38.37 -15.24 11.41
N THR B 645 -37.53 -14.53 10.67
CA THR B 645 -37.51 -14.59 9.22
C THR B 645 -36.21 -15.24 8.78
N ARG B 646 -36.23 -15.78 7.56
CA ARG B 646 -35.03 -16.41 7.02
C ARG B 646 -33.89 -15.42 6.82
N ALA B 647 -34.10 -14.15 7.16
CA ALA B 647 -33.05 -13.14 7.09
C ALA B 647 -32.63 -12.61 8.45
N GLY B 648 -33.31 -12.98 9.53
CA GLY B 648 -32.95 -12.51 10.85
C GLY B 648 -34.16 -12.43 11.75
N CYS B 649 -33.97 -11.80 12.90
CA CYS B 649 -35.02 -11.65 13.88
C CYS B 649 -35.59 -10.25 13.79
N LEU B 650 -36.87 -10.14 13.45
CA LEU B 650 -37.54 -8.87 13.25
C LEU B 650 -38.38 -8.58 14.49
N ILE B 651 -37.98 -7.58 15.28
CA ILE B 651 -38.69 -7.25 16.51
C ILE B 651 -39.28 -5.87 16.37
N GLY B 652 -40.58 -5.76 16.66
CA GLY B 652 -41.29 -4.51 16.54
C GLY B 652 -42.34 -4.49 15.47
N ALA B 653 -42.51 -5.58 14.72
CA ALA B 653 -43.45 -5.62 13.62
C ALA B 653 -44.40 -6.79 13.80
N GLU B 654 -45.67 -6.56 13.48
CA GLU B 654 -46.73 -7.54 13.72
C GLU B 654 -46.88 -8.42 12.48
N HIS B 655 -46.59 -9.70 12.63
CA HIS B 655 -46.77 -10.63 11.53
C HIS B 655 -48.24 -10.77 11.18
N VAL B 656 -48.54 -10.88 9.89
CA VAL B 656 -49.89 -11.07 9.41
C VAL B 656 -49.91 -12.25 8.46
N ASN B 657 -51.12 -12.64 8.06
CA ASN B 657 -51.31 -13.77 7.16
C ASN B 657 -51.87 -13.36 5.81
N ASN B 658 -51.83 -12.08 5.49
CA ASN B 658 -52.25 -11.60 4.19
C ASN B 658 -51.04 -11.61 3.24
N SER B 659 -51.20 -10.97 2.08
CA SER B 659 -50.09 -10.80 1.15
C SER B 659 -50.41 -9.65 0.24
N TYR B 660 -49.59 -8.60 0.29
CA TYR B 660 -49.79 -7.42 -0.54
C TYR B 660 -48.55 -7.21 -1.40
N GLU B 661 -48.55 -6.15 -2.20
CA GLU B 661 -47.36 -5.77 -2.91
C GLU B 661 -46.28 -5.35 -1.91
N CYS B 662 -45.03 -5.46 -2.33
CA CYS B 662 -43.94 -5.11 -1.42
C CYS B 662 -43.83 -3.59 -1.27
N ASP B 663 -43.62 -3.15 -0.03
CA ASP B 663 -43.36 -1.76 0.27
C ASP B 663 -41.96 -1.54 0.81
N ILE B 664 -41.58 -2.24 1.87
CA ILE B 664 -40.19 -2.22 2.34
C ILE B 664 -39.66 -3.64 2.33
N PRO B 665 -38.77 -4.01 1.41
CA PRO B 665 -38.29 -5.40 1.36
C PRO B 665 -37.36 -5.69 2.52
N ILE B 666 -37.48 -6.89 3.08
CA ILE B 666 -36.61 -7.35 4.15
C ILE B 666 -35.66 -8.45 3.66
N GLY B 667 -36.18 -9.44 2.99
CA GLY B 667 -35.37 -10.52 2.49
C GLY B 667 -36.10 -11.85 2.54
N ALA B 668 -35.73 -12.74 1.60
CA ALA B 668 -36.26 -14.08 1.54
C ALA B 668 -37.77 -14.11 1.35
N GLY B 669 -38.33 -13.07 0.75
CA GLY B 669 -39.74 -13.02 0.46
C GLY B 669 -40.55 -12.12 1.36
N ILE B 670 -40.03 -11.73 2.51
CA ILE B 670 -40.80 -10.95 3.46
C ILE B 670 -40.69 -9.46 3.15
N CYS B 671 -41.81 -8.76 3.29
CA CYS B 671 -41.83 -7.33 3.07
C CYS B 671 -42.67 -6.70 4.17
N ALA B 672 -42.34 -5.48 4.56
CA ALA B 672 -42.97 -4.82 5.70
C ALA B 672 -43.56 -3.49 5.27
N SER B 673 -44.59 -3.07 5.98
CA SER B 673 -45.30 -1.85 5.60
C SER B 673 -46.14 -1.35 6.76
N TYR B 674 -46.50 -0.07 6.70
CA TYR B 674 -47.21 0.61 7.79
C TYR B 674 -48.70 0.61 7.48
N GLN B 675 -49.45 -0.27 8.15
CA GLN B 675 -50.87 -0.39 7.89
C GLN B 675 -51.58 -0.84 9.16
N THR B 676 -52.90 -0.96 9.08
CA THR B 676 -53.70 -1.42 10.21
C THR B 676 -53.50 -2.93 10.43
N GLN B 687 -52.80 1.62 13.77
CA GLN B 687 -51.80 1.63 12.72
C GLN B 687 -50.46 1.13 13.26
N SER B 688 -49.90 0.09 12.63
CA SER B 688 -48.64 -0.45 13.08
C SER B 688 -47.87 -1.03 11.90
N ILE B 689 -46.63 -1.42 12.16
CA ILE B 689 -45.78 -2.00 11.15
C ILE B 689 -46.05 -3.50 11.04
N ILE B 690 -46.38 -3.96 9.84
CA ILE B 690 -46.68 -5.36 9.62
C ILE B 690 -45.57 -5.94 8.74
N ALA B 691 -45.43 -7.26 8.80
CA ALA B 691 -44.51 -8.00 7.94
C ALA B 691 -45.25 -9.18 7.33
N TYR B 692 -45.28 -9.23 6.01
CA TYR B 692 -46.09 -10.22 5.30
C TYR B 692 -45.28 -10.82 4.16
N THR B 693 -45.68 -12.02 3.74
CA THR B 693 -45.07 -12.64 2.60
C THR B 693 -45.42 -11.87 1.33
N MET B 694 -44.42 -11.64 0.49
CA MET B 694 -44.63 -10.85 -0.72
C MET B 694 -45.66 -11.52 -1.62
N SER B 695 -46.31 -10.72 -2.46
CA SER B 695 -47.32 -11.20 -3.39
C SER B 695 -46.92 -10.83 -4.80
N LEU B 696 -46.99 -11.80 -5.71
CA LEU B 696 -46.49 -11.62 -7.06
C LEU B 696 -47.55 -11.10 -8.03
N GLY B 697 -48.80 -11.03 -7.64
CA GLY B 697 -49.85 -10.51 -8.47
C GLY B 697 -51.12 -11.31 -8.33
N ALA B 698 -52.22 -10.74 -8.80
CA ALA B 698 -53.50 -11.41 -8.73
C ALA B 698 -53.50 -12.64 -9.61
N GLU B 699 -53.95 -13.76 -9.06
CA GLU B 699 -53.98 -15.00 -9.81
C GLU B 699 -54.98 -14.91 -10.95
N ASN B 700 -54.74 -15.69 -12.00
CA ASN B 700 -55.60 -15.70 -13.17
C ASN B 700 -55.44 -17.05 -13.86
N SER B 701 -56.42 -17.41 -14.68
CA SER B 701 -56.42 -18.70 -15.35
C SER B 701 -57.15 -18.53 -16.68
N VAL B 702 -56.39 -18.43 -17.76
CA VAL B 702 -56.98 -18.19 -19.07
C VAL B 702 -57.88 -19.35 -19.46
N ALA B 703 -59.06 -19.05 -19.97
CA ALA B 703 -60.05 -20.07 -20.31
C ALA B 703 -59.69 -20.64 -21.68
N TYR B 704 -58.66 -21.49 -21.68
CA TYR B 704 -58.17 -22.07 -22.92
C TYR B 704 -59.10 -23.17 -23.39
N SER B 705 -59.34 -23.21 -24.70
CA SER B 705 -60.05 -24.30 -25.33
C SER B 705 -59.62 -24.36 -26.78
N ASN B 706 -59.70 -25.55 -27.37
CA ASN B 706 -59.13 -25.74 -28.69
C ASN B 706 -59.93 -25.08 -29.81
N ASN B 707 -61.12 -24.56 -29.52
CA ASN B 707 -61.93 -23.92 -30.56
C ASN B 707 -62.49 -22.58 -30.11
N SER B 708 -61.86 -21.92 -29.14
CA SER B 708 -62.36 -20.64 -28.63
C SER B 708 -61.28 -19.58 -28.77
N ILE B 709 -61.67 -18.42 -29.28
CA ILE B 709 -60.77 -17.28 -29.46
C ILE B 709 -61.45 -16.05 -28.88
N ALA B 710 -60.63 -15.13 -28.37
CA ALA B 710 -61.12 -13.85 -27.87
C ALA B 710 -60.55 -12.73 -28.73
N ILE B 711 -61.42 -11.87 -29.25
CA ILE B 711 -61.04 -10.81 -30.16
C ILE B 711 -61.47 -9.48 -29.54
N PRO B 712 -60.58 -8.50 -29.43
CA PRO B 712 -60.98 -7.20 -28.91
C PRO B 712 -62.06 -6.54 -29.76
N THR B 713 -62.92 -5.77 -29.10
CA THR B 713 -63.94 -4.99 -29.78
C THR B 713 -63.74 -3.51 -29.61
N ASN B 714 -62.65 -3.09 -28.97
CA ASN B 714 -62.44 -1.69 -28.61
C ASN B 714 -60.99 -1.54 -28.16
N PHE B 715 -60.57 -0.31 -27.99
CA PHE B 715 -59.17 -0.05 -27.72
C PHE B 715 -59.03 1.20 -26.87
N THR B 716 -57.86 1.35 -26.27
CA THR B 716 -57.51 2.57 -25.59
C THR B 716 -56.17 3.06 -26.12
N ILE B 717 -55.98 4.36 -26.08
CA ILE B 717 -54.72 4.99 -26.40
C ILE B 717 -54.12 5.45 -25.08
N SER B 718 -52.94 4.95 -24.75
CA SER B 718 -52.32 5.29 -23.48
C SER B 718 -51.03 6.03 -23.75
N VAL B 719 -50.65 6.87 -22.79
CA VAL B 719 -49.40 7.61 -22.84
C VAL B 719 -48.65 7.31 -21.56
N THR B 720 -47.43 6.78 -21.70
CA THR B 720 -46.59 6.46 -20.57
C THR B 720 -45.32 7.29 -20.64
N THR B 721 -44.66 7.47 -19.50
CA THR B 721 -43.46 8.27 -19.45
C THR B 721 -42.29 7.40 -19.05
N GLU B 722 -41.17 7.54 -19.77
CA GLU B 722 -39.93 6.86 -19.45
C GLU B 722 -38.82 7.88 -19.28
N ILE B 723 -38.11 7.83 -18.16
CA ILE B 723 -37.09 8.81 -17.81
C ILE B 723 -35.73 8.13 -17.87
N LEU B 724 -34.78 8.73 -18.59
CA LEU B 724 -33.46 8.16 -18.71
C LEU B 724 -32.39 9.22 -18.42
N PRO B 725 -31.45 8.95 -17.52
CA PRO B 725 -30.31 9.86 -17.38
C PRO B 725 -29.50 9.85 -18.67
N VAL B 726 -28.90 10.99 -18.98
CA VAL B 726 -28.09 11.15 -20.18
C VAL B 726 -26.69 11.64 -19.86
N SER B 727 -26.58 12.64 -19.00
CA SER B 727 -25.28 13.22 -18.71
C SER B 727 -25.08 13.31 -17.21
N MET B 728 -23.91 13.78 -16.82
CA MET B 728 -23.50 13.89 -15.43
C MET B 728 -22.90 15.27 -15.24
N THR B 729 -22.50 15.59 -14.01
CA THR B 729 -21.95 16.91 -13.74
C THR B 729 -20.46 16.90 -14.06
N LYS B 730 -20.02 17.90 -14.81
CA LYS B 730 -18.64 17.94 -15.30
C LYS B 730 -17.73 18.52 -14.22
N THR B 731 -17.51 17.71 -13.19
CA THR B 731 -16.64 18.07 -12.09
C THR B 731 -15.18 17.91 -12.51
N SER B 732 -14.32 18.77 -11.97
CA SER B 732 -12.89 18.64 -12.14
C SER B 732 -12.21 19.00 -10.84
N VAL B 733 -11.11 18.28 -10.54
CA VAL B 733 -10.32 18.50 -9.34
C VAL B 733 -8.87 18.64 -9.76
N ASP B 734 -8.15 19.56 -9.12
CA ASP B 734 -6.72 19.72 -9.38
C ASP B 734 -5.94 18.98 -8.30
N CYS B 735 -5.10 18.05 -8.73
CA CYS B 735 -4.42 17.18 -7.77
C CYS B 735 -3.53 17.98 -6.83
N THR B 736 -2.71 18.89 -7.38
CA THR B 736 -1.77 19.60 -6.53
C THR B 736 -2.50 20.49 -5.55
N MET B 737 -3.53 21.20 -6.01
CA MET B 737 -4.24 22.12 -5.14
C MET B 737 -4.97 21.37 -4.05
N TYR B 738 -5.57 20.23 -4.40
CA TYR B 738 -6.29 19.45 -3.41
C TYR B 738 -5.35 18.88 -2.34
N ILE B 739 -4.15 18.46 -2.74
CA ILE B 739 -3.31 17.75 -1.80
C ILE B 739 -2.33 18.63 -1.04
N CYS B 740 -1.94 19.78 -1.60
CA CYS B 740 -0.92 20.58 -0.94
C CYS B 740 -1.38 22.01 -0.71
N GLY B 741 -2.18 22.55 -1.60
CA GLY B 741 -2.57 23.95 -1.50
C GLY B 741 -1.48 24.82 -2.09
N ASP B 742 -1.06 25.82 -1.32
CA ASP B 742 -0.08 26.80 -1.80
C ASP B 742 1.29 26.60 -1.17
N SER B 743 1.56 25.44 -0.57
CA SER B 743 2.79 25.21 0.16
C SER B 743 3.80 24.50 -0.75
N THR B 744 4.85 25.24 -1.11
CA THR B 744 5.88 24.71 -1.99
C THR B 744 6.55 23.48 -1.42
N GLU B 745 6.70 23.41 -0.09
CA GLU B 745 7.31 22.22 0.50
C GLU B 745 6.49 20.98 0.18
N CYS B 746 5.17 21.05 0.34
CA CYS B 746 4.32 19.93 -0.02
C CYS B 746 4.41 19.64 -1.51
N SER B 747 4.45 20.68 -2.35
CA SER B 747 4.46 20.41 -3.78
C SER B 747 5.75 19.69 -4.17
N ASN B 748 6.87 20.12 -3.60
CA ASN B 748 8.15 19.47 -3.89
C ASN B 748 8.14 18.02 -3.43
N LEU B 749 7.59 17.77 -2.24
CA LEU B 749 7.51 16.39 -1.77
C LEU B 749 6.63 15.54 -2.66
N LEU B 750 5.54 16.10 -3.15
CA LEU B 750 4.58 15.33 -3.93
C LEU B 750 5.05 15.15 -5.37
N LEU B 751 6.03 15.92 -5.81
CA LEU B 751 6.60 15.72 -7.13
C LEU B 751 7.36 14.41 -7.23
N GLN B 752 7.86 13.88 -6.12
CA GLN B 752 8.57 12.62 -6.13
C GLN B 752 7.71 11.45 -6.61
N TYR B 753 6.46 11.37 -6.15
CA TYR B 753 5.63 10.22 -6.48
C TYR B 753 5.51 10.00 -7.98
N GLY B 754 5.61 11.05 -8.77
CA GLY B 754 5.65 10.86 -10.21
C GLY B 754 4.51 11.50 -10.95
N SER B 755 3.79 10.70 -11.73
CA SER B 755 2.75 11.20 -12.61
C SER B 755 1.35 10.80 -12.15
N PHE B 756 1.20 10.55 -10.85
CA PHE B 756 -0.13 10.24 -10.32
C PHE B 756 -1.08 11.40 -10.57
N CYS B 757 -0.63 12.62 -10.27
CA CYS B 757 -1.51 13.78 -10.39
C CYS B 757 -1.90 14.02 -11.84
N THR B 758 -0.93 13.96 -12.75
CA THR B 758 -1.26 14.12 -14.16
C THR B 758 -2.23 13.06 -14.62
N GLN B 759 -2.02 11.82 -14.19
CA GLN B 759 -2.87 10.72 -14.66
C GLN B 759 -4.31 10.92 -14.17
N LEU B 760 -4.48 11.36 -12.92
CA LEU B 760 -5.81 11.63 -12.40
C LEU B 760 -6.48 12.78 -13.16
N ASN B 761 -5.71 13.83 -13.47
CA ASN B 761 -6.30 14.93 -14.22
C ASN B 761 -6.73 14.47 -15.60
N ARG B 762 -5.93 13.62 -16.24
CA ARG B 762 -6.31 13.14 -17.56
C ARG B 762 -7.60 12.33 -17.47
N ALA B 763 -7.75 11.53 -16.41
CA ALA B 763 -8.96 10.73 -16.27
C ALA B 763 -10.19 11.63 -16.15
N LEU B 764 -10.09 12.67 -15.32
CA LEU B 764 -11.28 13.51 -15.11
C LEU B 764 -11.55 14.41 -16.29
N THR B 765 -10.56 14.67 -17.13
CA THR B 765 -10.82 15.38 -18.36
C THR B 765 -11.52 14.47 -19.36
N GLY B 766 -11.10 13.21 -19.43
CA GLY B 766 -11.77 12.29 -20.32
C GLY B 766 -13.24 12.16 -19.98
N ILE B 767 -13.56 12.05 -18.69
CA ILE B 767 -14.96 12.00 -18.28
C ILE B 767 -15.67 13.29 -18.68
N ALA B 768 -15.03 14.44 -18.45
CA ALA B 768 -15.68 15.71 -18.73
C ALA B 768 -16.07 15.82 -20.19
N VAL B 769 -15.19 15.42 -21.10
CA VAL B 769 -15.53 15.49 -22.52
C VAL B 769 -16.59 14.45 -22.89
N GLU B 770 -16.49 13.24 -22.30
CA GLU B 770 -17.47 12.22 -22.60
C GLU B 770 -18.88 12.69 -22.29
N GLN B 771 -19.05 13.54 -21.28
CA GLN B 771 -20.40 14.01 -20.97
C GLN B 771 -21.02 14.79 -22.13
N ASP B 772 -20.23 15.65 -22.77
CA ASP B 772 -20.75 16.42 -23.89
C ASP B 772 -20.98 15.54 -25.10
N LYS B 773 -20.14 14.52 -25.28
CA LYS B 773 -20.44 13.58 -26.37
C LYS B 773 -21.75 12.86 -26.11
N ASN B 774 -22.04 12.50 -24.86
CA ASN B 774 -23.30 11.85 -24.55
C ASN B 774 -24.48 12.73 -24.93
N THR B 775 -24.46 13.98 -24.48
CA THR B 775 -25.60 14.85 -24.77
C THR B 775 -25.77 15.08 -26.26
N GLN B 776 -24.66 15.28 -26.99
CA GLN B 776 -24.78 15.49 -28.42
C GLN B 776 -25.36 14.26 -29.10
N GLU B 777 -24.92 13.06 -28.70
CA GLU B 777 -25.42 11.85 -29.33
C GLU B 777 -26.90 11.66 -29.07
N VAL B 778 -27.36 12.01 -27.87
CA VAL B 778 -28.76 11.78 -27.55
C VAL B 778 -29.64 12.75 -28.32
N PHE B 779 -29.29 14.03 -28.34
CA PHE B 779 -30.21 15.03 -28.89
C PHE B 779 -29.96 15.38 -30.35
N ALA B 780 -28.71 15.63 -30.74
CA ALA B 780 -28.42 16.18 -32.07
C ALA B 780 -28.55 15.08 -33.12
N GLN B 781 -29.79 14.64 -33.34
CA GLN B 781 -30.11 13.66 -34.35
C GLN B 781 -30.88 14.25 -35.52
N VAL B 782 -30.98 15.56 -35.59
CA VAL B 782 -31.80 16.24 -36.60
C VAL B 782 -30.92 17.23 -37.34
N LYS B 783 -31.03 17.23 -38.67
CA LYS B 783 -30.12 18.06 -39.47
C LYS B 783 -30.50 19.52 -39.39
N GLN B 784 -31.78 19.84 -39.46
CA GLN B 784 -32.27 21.21 -39.47
C GLN B 784 -33.21 21.43 -38.29
N ILE B 785 -33.56 22.69 -38.06
CA ILE B 785 -34.46 23.05 -36.98
C ILE B 785 -35.83 23.24 -37.61
N TYR B 786 -36.62 22.17 -37.64
CA TYR B 786 -37.97 22.27 -38.16
C TYR B 786 -38.82 23.12 -37.23
N LYS B 787 -39.92 23.64 -37.76
CA LYS B 787 -40.80 24.48 -36.99
C LYS B 787 -42.24 24.15 -37.32
N THR B 788 -43.08 24.11 -36.29
CA THR B 788 -44.48 23.79 -36.48
C THR B 788 -45.18 24.95 -37.21
N PRO B 789 -46.17 24.64 -38.04
CA PRO B 789 -46.89 25.70 -38.73
C PRO B 789 -47.74 26.50 -37.75
N PRO B 790 -48.05 27.76 -38.08
CA PRO B 790 -48.86 28.57 -37.16
C PRO B 790 -50.26 28.03 -36.93
N ILE B 791 -50.79 27.23 -37.85
CA ILE B 791 -52.12 26.66 -37.70
C ILE B 791 -52.01 25.28 -37.04
N LYS B 792 -52.74 25.09 -35.96
CA LYS B 792 -52.71 23.82 -35.24
C LYS B 792 -53.92 22.96 -35.58
N ASP B 793 -54.01 22.58 -36.86
CA ASP B 793 -55.08 21.68 -37.31
C ASP B 793 -54.52 20.27 -37.48
N PHE B 794 -54.28 19.62 -36.35
CA PHE B 794 -53.73 18.27 -36.33
C PHE B 794 -54.83 17.23 -36.14
N GLY B 795 -55.75 17.19 -37.09
CA GLY B 795 -56.79 16.17 -37.09
C GLY B 795 -57.69 16.15 -35.86
N GLY B 796 -57.43 17.04 -34.91
CA GLY B 796 -58.16 17.07 -33.65
C GLY B 796 -57.33 16.76 -32.44
N PHE B 797 -56.10 16.29 -32.60
CA PHE B 797 -55.22 16.08 -31.47
C PHE B 797 -54.70 17.42 -30.96
N ASN B 798 -54.34 17.46 -29.70
CA ASN B 798 -53.98 18.70 -29.02
C ASN B 798 -52.58 18.57 -28.44
N PHE B 799 -51.60 19.17 -29.09
CA PHE B 799 -50.21 19.09 -28.68
C PHE B 799 -49.75 20.32 -27.89
N SER B 800 -50.67 21.20 -27.49
CA SER B 800 -50.28 22.44 -26.84
C SER B 800 -49.56 22.19 -25.52
N GLN B 801 -49.79 21.04 -24.89
CA GLN B 801 -49.15 20.75 -23.62
C GLN B 801 -47.68 20.36 -23.78
N ILE B 802 -47.22 20.08 -24.99
CA ILE B 802 -45.85 19.65 -25.20
C ILE B 802 -45.08 20.53 -26.17
N LEU B 803 -45.75 21.34 -26.99
CA LEU B 803 -45.07 22.24 -27.90
C LEU B 803 -44.60 23.48 -27.14
N PRO B 804 -43.59 24.19 -27.67
CA PRO B 804 -43.00 25.29 -26.91
C PRO B 804 -43.98 26.44 -26.70
N ASP B 805 -43.78 27.16 -25.60
CA ASP B 805 -44.59 28.32 -25.26
C ASP B 805 -43.79 29.59 -25.55
N PRO B 806 -44.16 30.38 -26.55
CA PRO B 806 -43.41 31.60 -26.84
C PRO B 806 -43.46 32.65 -25.73
N SER B 807 -44.43 32.56 -24.81
CA SER B 807 -44.53 33.53 -23.74
C SER B 807 -43.35 33.39 -22.77
N LYS B 808 -43.01 32.16 -22.40
CA LYS B 808 -41.94 31.93 -21.45
C LYS B 808 -40.62 32.46 -22.01
N PRO B 809 -39.71 32.94 -21.15
CA PRO B 809 -38.41 33.41 -21.65
C PRO B 809 -37.66 32.37 -22.47
N SER B 810 -37.67 31.11 -22.06
CA SER B 810 -37.14 30.02 -22.85
C SER B 810 -38.26 29.33 -23.61
N LYS B 811 -37.86 28.50 -24.56
CA LYS B 811 -38.83 27.73 -25.34
C LYS B 811 -39.38 26.54 -24.58
N ARG B 812 -38.89 26.30 -23.36
CA ARG B 812 -39.28 25.12 -22.60
C ARG B 812 -40.79 25.02 -22.49
N SER B 813 -41.35 23.92 -22.98
CA SER B 813 -42.79 23.75 -23.00
C SER B 813 -43.33 23.56 -21.60
N PHE B 814 -44.64 23.32 -21.51
CA PHE B 814 -45.29 23.25 -20.21
C PHE B 814 -44.80 22.04 -19.42
N ILE B 815 -44.81 20.86 -20.02
CA ILE B 815 -44.36 19.67 -19.32
C ILE B 815 -42.87 19.76 -19.01
N GLU B 816 -42.09 20.37 -19.90
CA GLU B 816 -40.67 20.60 -19.60
C GLU B 816 -40.49 21.47 -18.37
N ASP B 817 -41.32 22.51 -18.24
CA ASP B 817 -41.25 23.35 -17.05
C ASP B 817 -41.60 22.55 -15.80
N LEU B 818 -42.63 21.71 -15.89
CA LEU B 818 -42.98 20.87 -14.76
C LEU B 818 -41.81 19.97 -14.37
N LEU B 819 -41.12 19.42 -15.36
CA LEU B 819 -40.00 18.53 -15.08
C LEU B 819 -38.84 19.28 -14.44
N PHE B 820 -38.56 20.49 -14.91
CA PHE B 820 -37.46 21.25 -14.34
C PHE B 820 -37.75 21.67 -12.91
N ASN B 821 -39.00 21.98 -12.59
CA ASN B 821 -39.30 22.36 -11.21
C ASN B 821 -39.32 21.17 -10.25
N LYS B 822 -39.20 19.94 -10.73
CA LYS B 822 -39.26 18.77 -9.87
C LYS B 822 -37.89 18.18 -9.56
N VAL B 823 -36.81 18.76 -10.08
CA VAL B 823 -35.47 18.24 -9.89
C VAL B 823 -34.61 19.34 -9.28
N THR B 824 -34.13 19.11 -8.07
CA THR B 824 -33.35 20.11 -7.36
C THR B 824 -32.04 19.52 -6.83
N ASN B 853 -10.51 24.66 -3.04
CA ASN B 853 -9.82 23.39 -2.90
C ASN B 853 -9.43 22.81 -4.24
N GLY B 854 -9.73 23.54 -5.31
CA GLY B 854 -9.53 23.07 -6.65
C GLY B 854 -10.78 22.51 -7.30
N LEU B 855 -11.76 22.12 -6.51
CA LEU B 855 -13.01 21.60 -7.04
C LEU B 855 -13.71 22.64 -7.89
N THR B 856 -13.92 22.32 -9.16
CA THR B 856 -14.64 23.21 -10.06
C THR B 856 -15.67 22.39 -10.81
N VAL B 857 -16.67 23.08 -11.35
CA VAL B 857 -17.66 22.47 -12.21
C VAL B 857 -17.63 23.22 -13.52
N LEU B 858 -17.22 22.55 -14.59
CA LEU B 858 -17.28 23.16 -15.90
C LEU B 858 -18.72 23.24 -16.36
N PRO B 859 -19.05 24.19 -17.21
CA PRO B 859 -20.43 24.31 -17.67
C PRO B 859 -20.67 23.47 -18.90
N PRO B 860 -21.85 22.89 -19.05
CA PRO B 860 -22.10 22.02 -20.20
C PRO B 860 -22.06 22.81 -21.49
N LEU B 861 -21.70 22.13 -22.57
CA LEU B 861 -21.51 22.82 -23.83
C LEU B 861 -22.83 23.24 -24.46
N LEU B 862 -23.89 22.45 -24.28
CA LEU B 862 -25.20 22.79 -24.79
C LEU B 862 -26.05 23.34 -23.66
N THR B 863 -26.49 24.59 -23.81
CA THR B 863 -27.34 25.19 -22.79
C THR B 863 -28.76 24.62 -22.88
N ASP B 864 -29.48 24.77 -21.77
CA ASP B 864 -30.83 24.22 -21.69
C ASP B 864 -31.73 24.76 -22.80
N GLU B 865 -31.54 26.02 -23.20
CA GLU B 865 -32.39 26.52 -24.28
C GLU B 865 -32.01 25.90 -25.62
N MET B 866 -30.76 25.46 -25.78
CA MET B 866 -30.42 24.78 -27.03
C MET B 866 -30.94 23.35 -27.03
N ILE B 867 -30.91 22.69 -25.87
CA ILE B 867 -31.52 21.36 -25.79
C ILE B 867 -33.03 21.45 -26.01
N ALA B 868 -33.66 22.50 -25.48
CA ALA B 868 -35.08 22.72 -25.74
C ALA B 868 -35.34 22.95 -27.21
N GLN B 869 -34.47 23.69 -27.89
CA GLN B 869 -34.65 23.86 -29.33
C GLN B 869 -34.51 22.55 -30.07
N TYR B 870 -33.59 21.70 -29.66
CA TYR B 870 -33.45 20.40 -30.33
C TYR B 870 -34.70 19.56 -30.15
N THR B 871 -35.21 19.47 -28.93
CA THR B 871 -36.40 18.65 -28.73
C THR B 871 -37.62 19.24 -29.42
N SER B 872 -37.69 20.57 -29.51
CA SER B 872 -38.76 21.18 -30.29
C SER B 872 -38.64 20.82 -31.76
N ALA B 873 -37.41 20.81 -32.29
CA ALA B 873 -37.23 20.42 -33.68
C ALA B 873 -37.66 18.99 -33.91
N LEU B 874 -37.29 18.09 -33.01
CA LEU B 874 -37.67 16.68 -33.17
C LEU B 874 -39.17 16.52 -33.09
N LEU B 875 -39.81 17.19 -32.15
CA LEU B 875 -41.25 17.06 -32.01
C LEU B 875 -42.00 17.65 -33.20
N ALA B 876 -41.58 18.82 -33.67
CA ALA B 876 -42.23 19.42 -34.82
C ALA B 876 -42.05 18.58 -36.06
N GLY B 877 -40.87 18.02 -36.25
CA GLY B 877 -40.65 17.13 -37.38
C GLY B 877 -41.53 15.91 -37.31
N THR B 878 -41.61 15.28 -36.13
CA THR B 878 -42.45 14.11 -35.98
C THR B 878 -43.89 14.42 -36.34
N ILE B 879 -44.41 15.53 -35.83
CA ILE B 879 -45.82 15.87 -36.03
C ILE B 879 -46.11 16.14 -37.50
N THR B 880 -45.26 16.93 -38.16
CA THR B 880 -45.60 17.36 -39.51
C THR B 880 -45.12 16.42 -40.61
N SER B 881 -44.23 15.46 -40.32
CA SER B 881 -43.70 14.62 -41.38
C SER B 881 -43.64 13.14 -41.06
N GLY B 882 -44.08 12.71 -39.88
CA GLY B 882 -44.08 11.28 -39.60
C GLY B 882 -42.69 10.75 -39.29
N TRP B 883 -42.23 9.78 -40.07
CA TRP B 883 -40.88 9.27 -39.92
C TRP B 883 -39.98 9.61 -41.10
N THR B 884 -40.53 10.18 -42.16
CA THR B 884 -39.73 10.43 -43.35
C THR B 884 -38.61 11.43 -43.10
N PHE B 885 -38.69 12.23 -42.04
CA PHE B 885 -37.60 13.16 -41.77
C PHE B 885 -36.40 12.47 -41.16
N GLY B 886 -36.56 11.24 -40.68
CA GLY B 886 -35.41 10.47 -40.24
C GLY B 886 -34.47 10.13 -41.38
N ALA B 887 -35.03 9.79 -42.54
CA ALA B 887 -34.25 9.46 -43.72
C ALA B 887 -34.32 10.63 -44.70
N GLY B 888 -33.20 11.32 -44.86
CA GLY B 888 -33.14 12.41 -45.82
C GLY B 888 -34.10 13.54 -45.48
N ALA B 889 -34.83 14.01 -46.49
CA ALA B 889 -35.67 15.18 -46.35
C ALA B 889 -36.97 14.85 -45.64
N ALA B 890 -37.63 15.90 -45.15
CA ALA B 890 -38.93 15.77 -44.51
C ALA B 890 -40.03 16.01 -45.53
N LEU B 891 -41.01 15.12 -45.54
CA LEU B 891 -42.14 15.20 -46.45
C LEU B 891 -43.42 15.40 -45.64
N GLN B 892 -44.14 16.49 -45.90
CA GLN B 892 -45.34 16.76 -45.15
C GLN B 892 -46.41 15.70 -45.42
N ILE B 893 -47.26 15.49 -44.42
CA ILE B 893 -48.35 14.52 -44.54
C ILE B 893 -49.37 14.80 -43.44
N PRO B 894 -50.66 14.88 -43.76
CA PRO B 894 -51.64 15.24 -42.75
C PRO B 894 -51.66 14.25 -41.60
N PHE B 895 -51.84 14.76 -40.38
CA PHE B 895 -51.64 13.95 -39.19
C PHE B 895 -52.59 12.76 -39.15
N ALA B 896 -53.84 12.95 -39.58
CA ALA B 896 -54.76 11.81 -39.60
C ALA B 896 -54.24 10.71 -40.52
N MET B 897 -53.65 11.10 -41.65
CA MET B 897 -53.10 10.09 -42.54
C MET B 897 -51.86 9.45 -41.95
N GLN B 898 -51.05 10.21 -41.23
CA GLN B 898 -49.92 9.61 -40.54
C GLN B 898 -50.37 8.57 -39.54
N MET B 899 -51.43 8.87 -38.79
CA MET B 899 -51.93 7.90 -37.84
C MET B 899 -52.52 6.68 -38.55
N ALA B 900 -53.13 6.86 -39.71
CA ALA B 900 -53.61 5.69 -40.45
C ALA B 900 -52.43 4.82 -40.86
N TYR B 901 -51.33 5.44 -41.27
CA TYR B 901 -50.10 4.71 -41.56
C TYR B 901 -49.66 3.88 -40.36
N ARG B 902 -49.62 4.53 -39.20
CA ARG B 902 -49.16 3.85 -38.00
C ARG B 902 -50.11 2.75 -37.56
N PHE B 903 -51.41 2.95 -37.74
CA PHE B 903 -52.37 1.88 -37.45
C PHE B 903 -52.17 0.69 -38.38
N ASN B 904 -51.84 0.95 -39.65
CA ASN B 904 -51.41 -0.16 -40.49
C ASN B 904 -50.15 -0.80 -39.94
N GLY B 905 -49.33 -0.04 -39.23
CA GLY B 905 -48.10 -0.59 -38.71
C GLY B 905 -48.30 -1.74 -37.74
N ILE B 906 -49.39 -1.71 -36.97
CA ILE B 906 -49.65 -2.76 -35.99
C ILE B 906 -50.80 -3.66 -36.43
N GLY B 907 -51.02 -3.76 -37.73
CA GLY B 907 -51.99 -4.70 -38.24
C GLY B 907 -53.43 -4.38 -37.91
N VAL B 908 -53.80 -3.11 -37.93
CA VAL B 908 -55.19 -2.68 -37.79
C VAL B 908 -55.51 -1.79 -38.97
N THR B 909 -56.49 -2.20 -39.78
CA THR B 909 -56.77 -1.48 -41.01
C THR B 909 -57.15 -0.03 -40.74
N GLN B 910 -56.66 0.85 -41.60
CA GLN B 910 -56.80 2.29 -41.42
C GLN B 910 -58.24 2.76 -41.34
N ASN B 911 -59.18 1.98 -41.87
CA ASN B 911 -60.56 2.39 -41.75
C ASN B 911 -61.00 2.43 -40.30
N VAL B 912 -60.35 1.67 -39.42
CA VAL B 912 -60.66 1.78 -37.99
C VAL B 912 -60.35 3.19 -37.50
N LEU B 913 -59.19 3.71 -37.87
CA LEU B 913 -58.84 5.07 -37.44
C LEU B 913 -59.84 6.07 -37.99
N TYR B 914 -60.09 6.01 -39.30
CA TYR B 914 -60.96 7.03 -39.89
C TYR B 914 -62.36 6.96 -39.32
N GLU B 915 -62.86 5.75 -39.03
CA GLU B 915 -64.15 5.60 -38.38
C GLU B 915 -64.14 6.10 -36.94
N ASN B 916 -62.99 6.12 -36.27
CA ASN B 916 -62.96 6.46 -34.85
C ASN B 916 -62.07 7.66 -34.54
N GLN B 917 -61.99 8.62 -35.47
CA GLN B 917 -61.00 9.68 -35.32
C GLN B 917 -61.29 10.58 -34.13
N LYS B 918 -62.55 10.96 -33.93
CA LYS B 918 -62.87 11.85 -32.82
C LYS B 918 -62.64 11.16 -31.48
N LEU B 919 -63.04 9.90 -31.38
CA LEU B 919 -62.84 9.14 -30.15
C LEU B 919 -61.36 9.00 -29.82
N ILE B 920 -60.55 8.68 -30.83
CA ILE B 920 -59.11 8.52 -30.59
C ILE B 920 -58.50 9.85 -30.17
N ALA B 921 -58.91 10.94 -30.82
CA ALA B 921 -58.37 12.25 -30.44
C ALA B 921 -58.70 12.57 -28.99
N ASN B 922 -59.93 12.28 -28.57
CA ASN B 922 -60.31 12.57 -27.19
C ASN B 922 -59.53 11.72 -26.20
N GLN B 923 -59.33 10.44 -26.51
CA GLN B 923 -58.58 9.59 -25.61
C GLN B 923 -57.13 10.05 -25.50
N PHE B 924 -56.53 10.45 -26.62
CA PHE B 924 -55.17 10.95 -26.59
C PHE B 924 -55.06 12.21 -25.76
N ASN B 925 -55.97 13.16 -25.96
CA ASN B 925 -55.92 14.40 -25.20
C ASN B 925 -56.06 14.13 -23.71
N SER B 926 -57.00 13.26 -23.34
CA SER B 926 -57.17 12.95 -21.92
C SER B 926 -55.92 12.29 -21.35
N ALA B 927 -55.28 11.42 -22.12
CA ALA B 927 -54.05 10.79 -21.64
C ALA B 927 -52.97 11.83 -21.39
N ILE B 928 -52.82 12.79 -22.30
CA ILE B 928 -51.81 13.85 -22.09
C ILE B 928 -52.14 14.65 -20.84
N GLY B 929 -53.42 14.97 -20.65
CA GLY B 929 -53.80 15.70 -19.45
C GLY B 929 -53.48 14.93 -18.19
N LYS B 930 -53.71 13.62 -18.20
CA LYS B 930 -53.40 12.82 -17.02
C LYS B 930 -51.89 12.76 -16.77
N ILE B 931 -51.08 12.74 -17.83
CA ILE B 931 -49.64 12.80 -17.62
C ILE B 931 -49.25 14.11 -16.95
N GLN B 932 -49.85 15.21 -17.40
CA GLN B 932 -49.55 16.50 -16.81
C GLN B 932 -49.91 16.52 -15.34
N ASP B 933 -51.09 16.00 -15.00
CA ASP B 933 -51.52 16.00 -13.61
C ASP B 933 -50.65 15.08 -12.76
N SER B 934 -50.27 13.92 -13.29
CA SER B 934 -49.42 13.01 -12.55
C SER B 934 -48.06 13.63 -12.24
N LEU B 935 -47.44 14.28 -13.24
CA LEU B 935 -46.16 14.91 -12.98
C LEU B 935 -46.30 16.08 -12.01
N SER B 936 -47.40 16.83 -12.11
CA SER B 936 -47.60 17.95 -11.19
C SER B 936 -47.74 17.46 -9.76
N SER B 937 -48.48 16.37 -9.54
CA SER B 937 -48.73 15.88 -8.20
C SER B 937 -47.55 15.09 -7.64
N THR B 938 -47.21 13.97 -8.27
CA THR B 938 -46.23 13.05 -7.71
C THR B 938 -44.82 13.51 -8.04
N ALA B 939 -44.05 13.85 -7.01
CA ALA B 939 -42.69 14.33 -7.20
C ALA B 939 -41.69 13.20 -7.43
N SER B 940 -41.93 12.04 -6.83
CA SER B 940 -40.98 10.93 -6.87
C SER B 940 -40.78 10.35 -8.27
N ALA B 941 -41.49 10.89 -9.26
CA ALA B 941 -41.41 10.34 -10.62
C ALA B 941 -39.99 10.38 -11.18
N LEU B 942 -39.18 11.37 -10.78
CA LEU B 942 -37.86 11.57 -11.35
C LEU B 942 -36.75 11.06 -10.43
N GLY B 943 -37.03 9.96 -9.72
CA GLY B 943 -36.01 9.35 -8.89
C GLY B 943 -34.77 8.96 -9.66
N LYS B 944 -34.93 8.58 -10.93
CA LYS B 944 -33.77 8.13 -11.71
C LYS B 944 -32.76 9.25 -11.90
N LEU B 945 -33.22 10.48 -12.11
CA LEU B 945 -32.31 11.61 -12.27
C LEU B 945 -31.83 12.12 -10.92
N GLN B 946 -32.74 12.16 -9.95
CA GLN B 946 -32.39 12.68 -8.64
C GLN B 946 -31.33 11.80 -7.97
N ASP B 947 -31.38 10.50 -8.23
CA ASP B 947 -30.40 9.60 -7.64
C ASP B 947 -29.00 9.89 -8.18
N VAL B 948 -28.89 10.18 -9.47
CA VAL B 948 -27.59 10.54 -10.04
C VAL B 948 -27.06 11.81 -9.40
N VAL B 949 -27.93 12.82 -9.28
CA VAL B 949 -27.48 14.07 -8.67
C VAL B 949 -27.02 13.83 -7.24
N ASN B 950 -27.80 13.05 -6.47
CA ASN B 950 -27.44 12.79 -5.09
C ASN B 950 -26.13 12.03 -4.99
N GLN B 951 -25.91 11.06 -5.86
CA GLN B 951 -24.68 10.28 -5.78
C GLN B 951 -23.47 11.14 -6.06
N ASN B 952 -23.56 12.03 -7.05
CA ASN B 952 -22.40 12.87 -7.34
C ASN B 952 -22.14 13.84 -6.20
N ALA B 953 -23.20 14.45 -5.65
CA ALA B 953 -23.01 15.37 -4.54
C ALA B 953 -22.44 14.65 -3.32
N GLN B 954 -22.88 13.41 -3.09
CA GLN B 954 -22.36 12.65 -1.96
C GLN B 954 -20.89 12.31 -2.14
N ALA B 955 -20.49 11.93 -3.35
CA ALA B 955 -19.09 11.64 -3.59
C ALA B 955 -18.22 12.87 -3.34
N LEU B 956 -18.66 14.03 -3.83
CA LEU B 956 -17.86 15.23 -3.60
C LEU B 956 -17.85 15.62 -2.13
N ASN B 957 -18.96 15.41 -1.42
CA ASN B 957 -19.00 15.72 -0.01
C ASN B 957 -17.99 14.89 0.76
N THR B 958 -17.92 13.58 0.47
CA THR B 958 -16.94 12.76 1.15
C THR B 958 -15.52 13.15 0.77
N LEU B 959 -15.30 13.46 -0.51
CA LEU B 959 -13.98 13.88 -0.94
C LEU B 959 -13.51 15.10 -0.19
N VAL B 960 -14.40 16.08 0.00
CA VAL B 960 -14.02 17.28 0.73
C VAL B 960 -13.79 16.96 2.19
N LYS B 961 -14.70 16.21 2.81
CA LYS B 961 -14.58 15.89 4.22
C LYS B 961 -13.30 15.12 4.53
N GLN B 962 -12.71 14.44 3.55
CA GLN B 962 -11.45 13.76 3.81
C GLN B 962 -10.33 14.69 4.23
N LEU B 963 -10.41 15.99 3.91
CA LEU B 963 -9.31 16.89 4.23
C LEU B 963 -9.14 17.08 5.73
N SER B 964 -10.19 16.90 6.52
CA SER B 964 -10.12 17.14 7.96
C SER B 964 -9.64 15.92 8.74
N SER B 965 -8.87 15.03 8.11
CA SER B 965 -8.40 13.82 8.76
C SER B 965 -6.89 13.85 8.90
N ASN B 966 -6.41 13.45 10.08
CA ASN B 966 -4.98 13.50 10.36
C ASN B 966 -4.20 12.47 9.56
N PHE B 967 -4.77 11.30 9.33
CA PHE B 967 -4.09 10.17 8.71
C PHE B 967 -2.86 9.74 9.50
N GLY B 968 -2.74 10.19 10.74
CA GLY B 968 -1.60 9.87 11.58
C GLY B 968 -0.72 11.05 11.90
N ALA B 969 -0.78 12.12 11.11
CA ALA B 969 0.06 13.28 11.36
C ALA B 969 -0.38 13.99 12.64
N ILE B 970 0.36 15.03 13.00
CA ILE B 970 0.06 15.75 14.23
C ILE B 970 -1.18 16.62 14.06
N SER B 971 -1.42 17.14 12.86
CA SER B 971 -2.54 18.03 12.64
C SER B 971 -2.96 17.96 11.17
N SER B 972 -4.26 18.02 10.93
CA SER B 972 -4.81 17.83 9.60
C SER B 972 -4.75 19.08 8.73
N VAL B 973 -4.25 20.20 9.26
CA VAL B 973 -4.10 21.43 8.50
C VAL B 973 -2.62 21.64 8.24
N LEU B 974 -2.28 21.96 7.00
CA LEU B 974 -0.88 21.89 6.58
C LEU B 974 -0.07 23.10 7.00
N ASN B 975 -0.72 24.24 7.22
CA ASN B 975 0.03 25.41 7.63
C ASN B 975 0.44 25.34 9.10
N ASP B 976 -0.27 24.59 9.93
CA ASP B 976 0.18 24.39 11.30
C ASP B 976 1.44 23.53 11.34
N ILE B 977 1.49 22.49 10.51
CA ILE B 977 2.71 21.69 10.43
C ILE B 977 3.85 22.53 9.89
N LEU B 978 3.59 23.33 8.86
CA LEU B 978 4.67 24.13 8.29
C LEU B 978 5.16 25.19 9.27
N SER B 979 4.24 25.78 10.05
CA SER B 979 4.62 26.85 10.96
C SER B 979 5.22 26.34 12.26
N ARG B 980 4.90 25.13 12.68
CA ARG B 980 5.37 24.64 13.97
C ARG B 980 6.71 23.93 13.92
N LEU B 981 6.94 23.09 12.92
CA LEU B 981 8.05 22.16 12.95
C LEU B 981 9.14 22.55 11.96
N ASP B 982 10.36 22.11 12.27
CA ASP B 982 11.52 22.41 11.45
C ASP B 982 11.48 21.67 10.12
N PRO B 983 12.17 22.18 9.12
CA PRO B 983 12.22 21.52 7.81
C PRO B 983 12.64 20.06 7.90
N PRO B 984 13.71 19.69 8.61
CA PRO B 984 14.10 18.28 8.61
C PRO B 984 13.07 17.35 9.20
N GLU B 985 12.13 17.86 10.00
CA GLU B 985 11.10 17.05 10.64
C GLU B 985 9.74 17.11 9.96
N ALA B 986 9.43 18.18 9.25
CA ALA B 986 8.11 18.32 8.62
C ALA B 986 7.79 17.19 7.66
N GLU B 987 8.79 16.62 6.97
CA GLU B 987 8.53 15.62 5.93
C GLU B 987 7.82 14.38 6.45
N VAL B 988 8.00 13.98 7.70
CA VAL B 988 7.26 12.80 8.16
C VAL B 988 5.76 13.08 8.19
N GLN B 989 5.37 14.20 8.79
CA GLN B 989 3.95 14.53 8.89
C GLN B 989 3.37 14.82 7.51
N ILE B 990 4.12 15.54 6.67
CA ILE B 990 3.63 15.86 5.35
C ILE B 990 3.51 14.62 4.49
N ASP B 991 4.44 13.68 4.63
CA ASP B 991 4.33 12.42 3.89
C ASP B 991 3.09 11.65 4.31
N ARG B 992 2.79 11.64 5.60
CA ARG B 992 1.58 10.95 6.03
C ARG B 992 0.34 11.59 5.40
N LEU B 993 0.28 12.92 5.43
CA LEU B 993 -0.88 13.59 4.86
C LEU B 993 -0.97 13.36 3.36
N ILE B 994 0.17 13.38 2.66
CA ILE B 994 0.14 13.23 1.22
C ILE B 994 -0.33 11.83 0.84
N THR B 995 0.18 10.79 1.51
CA THR B 995 -0.28 9.45 1.17
C THR B 995 -1.78 9.31 1.43
N GLY B 996 -2.25 9.84 2.56
CA GLY B 996 -3.68 9.71 2.85
C GLY B 996 -4.54 10.42 1.81
N ARG B 997 -4.18 11.66 1.48
CA ARG B 997 -5.01 12.41 0.55
C ARG B 997 -4.91 11.84 -0.85
N LEU B 998 -3.76 11.27 -1.21
CA LEU B 998 -3.60 10.68 -2.52
C LEU B 998 -4.46 9.44 -2.68
N GLN B 999 -4.49 8.56 -1.67
CA GLN B 999 -5.37 7.42 -1.80
C GLN B 999 -6.83 7.84 -1.80
N SER B 1000 -7.18 8.88 -1.05
CA SER B 1000 -8.56 9.37 -1.09
C SER B 1000 -8.94 9.86 -2.49
N LEU B 1001 -8.04 10.60 -3.13
CA LEU B 1001 -8.35 11.11 -4.45
C LEU B 1001 -8.40 9.99 -5.49
N GLN B 1002 -7.58 8.96 -5.34
CA GLN B 1002 -7.68 7.85 -6.29
C GLN B 1002 -8.98 7.09 -6.11
N THR B 1003 -9.43 6.91 -4.86
CA THR B 1003 -10.71 6.25 -4.65
C THR B 1003 -11.84 7.03 -5.30
N TYR B 1004 -11.84 8.35 -5.11
CA TYR B 1004 -12.86 9.16 -5.76
C TYR B 1004 -12.83 9.00 -7.27
N VAL B 1005 -11.63 9.08 -7.87
CA VAL B 1005 -11.55 9.05 -9.32
C VAL B 1005 -12.01 7.70 -9.85
N THR B 1006 -11.61 6.60 -9.21
CA THR B 1006 -12.03 5.29 -9.69
C THR B 1006 -13.54 5.14 -9.65
N GLN B 1007 -14.15 5.53 -8.53
CA GLN B 1007 -15.60 5.39 -8.45
C GLN B 1007 -16.30 6.30 -9.45
N GLN B 1008 -15.75 7.48 -9.72
CA GLN B 1008 -16.33 8.33 -10.75
C GLN B 1008 -16.23 7.69 -12.12
N LEU B 1009 -15.12 7.01 -12.40
CA LEU B 1009 -14.95 6.37 -13.70
C LEU B 1009 -16.00 5.28 -13.89
N ILE B 1010 -16.25 4.50 -12.85
CA ILE B 1010 -17.27 3.44 -12.96
C ILE B 1010 -18.65 4.05 -13.15
N ARG B 1011 -18.98 5.07 -12.35
CA ARG B 1011 -20.30 5.68 -12.48
C ARG B 1011 -20.48 6.32 -13.85
N ALA B 1012 -19.43 6.93 -14.38
CA ALA B 1012 -19.52 7.50 -15.72
C ALA B 1012 -19.74 6.42 -16.77
N ALA B 1013 -19.15 5.24 -16.58
CA ALA B 1013 -19.43 4.16 -17.51
C ALA B 1013 -20.90 3.78 -17.50
N GLU B 1014 -21.49 3.74 -16.30
CA GLU B 1014 -22.92 3.45 -16.20
C GLU B 1014 -23.76 4.52 -16.89
N ILE B 1015 -23.42 5.79 -16.68
CA ILE B 1015 -24.18 6.86 -17.31
C ILE B 1015 -24.04 6.81 -18.81
N ARG B 1016 -22.86 6.43 -19.32
CA ARG B 1016 -22.71 6.30 -20.76
C ARG B 1016 -23.57 5.16 -21.30
N ALA B 1017 -23.71 4.08 -20.54
CA ALA B 1017 -24.62 3.03 -20.95
C ALA B 1017 -26.05 3.55 -21.08
N SER B 1018 -26.48 4.36 -20.11
CA SER B 1018 -27.82 4.95 -20.22
C SER B 1018 -27.92 5.95 -21.37
N ALA B 1019 -26.84 6.68 -21.64
CA ALA B 1019 -26.89 7.62 -22.75
C ALA B 1019 -27.01 6.92 -24.08
N ASN B 1020 -26.31 5.79 -24.24
CA ASN B 1020 -26.45 5.01 -25.47
C ASN B 1020 -27.84 4.42 -25.59
N LEU B 1021 -28.40 3.93 -24.48
CA LEU B 1021 -29.77 3.43 -24.53
C LEU B 1021 -30.77 4.53 -24.90
N ALA B 1022 -30.60 5.72 -24.35
CA ALA B 1022 -31.50 6.82 -24.69
C ALA B 1022 -31.36 7.24 -26.14
N ALA B 1023 -30.13 7.28 -26.66
CA ALA B 1023 -29.95 7.60 -28.07
C ALA B 1023 -30.60 6.56 -28.97
N THR B 1024 -30.48 5.28 -28.61
CA THR B 1024 -31.13 4.23 -29.38
C THR B 1024 -32.64 4.37 -29.33
N LYS B 1025 -33.20 4.63 -28.15
CA LYS B 1025 -34.65 4.82 -28.06
C LYS B 1025 -35.09 5.98 -28.91
N MET B 1026 -34.36 7.08 -28.90
CA MET B 1026 -34.80 8.21 -29.70
C MET B 1026 -34.75 7.87 -31.18
N SER B 1027 -33.64 7.28 -31.64
CA SER B 1027 -33.48 6.99 -33.06
C SER B 1027 -34.52 6.01 -33.55
N GLU B 1028 -34.84 4.98 -32.76
CA GLU B 1028 -35.71 3.93 -33.25
C GLU B 1028 -37.17 4.15 -32.92
N CYS B 1029 -37.47 4.86 -31.85
CA CYS B 1029 -38.82 4.99 -31.35
C CYS B 1029 -39.44 6.35 -31.68
N VAL B 1030 -38.65 7.43 -31.68
CA VAL B 1030 -39.18 8.73 -32.05
C VAL B 1030 -39.24 8.87 -33.57
N LEU B 1031 -38.09 8.71 -34.22
CA LEU B 1031 -37.93 8.89 -35.66
C LEU B 1031 -38.51 7.77 -36.45
N GLY B 1032 -39.28 6.89 -35.83
CA GLY B 1032 -39.89 5.81 -36.56
C GLY B 1032 -40.89 5.09 -35.68
N GLN B 1033 -41.29 3.90 -36.13
CA GLN B 1033 -42.19 3.06 -35.37
C GLN B 1033 -41.55 1.70 -35.21
N SER B 1034 -41.53 1.18 -33.99
CA SER B 1034 -40.72 0.03 -33.65
C SER B 1034 -41.60 -1.15 -33.29
N LYS B 1035 -41.22 -2.33 -33.80
CA LYS B 1035 -41.91 -3.57 -33.50
C LYS B 1035 -41.29 -4.32 -32.32
N ARG B 1036 -40.16 -3.87 -31.80
CA ARG B 1036 -39.54 -4.53 -30.66
C ARG B 1036 -40.47 -4.45 -29.47
N VAL B 1037 -40.95 -5.61 -29.02
CA VAL B 1037 -41.98 -5.64 -27.99
C VAL B 1037 -41.47 -5.02 -26.69
N ASP B 1038 -42.33 -4.21 -26.07
CA ASP B 1038 -42.05 -3.53 -24.81
C ASP B 1038 -40.76 -2.70 -24.86
N PHE B 1039 -40.29 -2.34 -26.05
CA PHE B 1039 -39.23 -1.35 -26.13
C PHE B 1039 -39.75 0.02 -25.70
N CYS B 1040 -40.87 0.43 -26.28
CA CYS B 1040 -41.48 1.72 -25.99
C CYS B 1040 -42.84 1.48 -25.32
N GLY B 1041 -42.81 1.29 -24.00
CA GLY B 1041 -44.04 1.20 -23.24
C GLY B 1041 -44.79 -0.10 -23.43
N LYS B 1042 -45.58 -0.48 -22.42
CA LYS B 1042 -46.29 -1.76 -22.45
C LYS B 1042 -47.51 -1.61 -23.36
N GLY B 1043 -47.38 -2.09 -24.59
CA GLY B 1043 -48.47 -2.09 -25.53
C GLY B 1043 -47.94 -2.10 -26.94
N TYR B 1044 -48.84 -2.25 -27.89
CA TYR B 1044 -48.46 -2.02 -29.27
C TYR B 1044 -48.08 -0.56 -29.41
N HIS B 1045 -46.95 -0.28 -30.05
CA HIS B 1045 -46.40 1.05 -30.02
C HIS B 1045 -46.87 1.86 -31.21
N LEU B 1046 -47.20 3.12 -30.96
CA LEU B 1046 -47.67 3.99 -32.02
C LEU B 1046 -46.71 5.14 -32.31
N MET B 1047 -46.21 5.82 -31.28
CA MET B 1047 -45.30 6.94 -31.57
C MET B 1047 -44.81 7.50 -30.24
N SER B 1048 -43.77 8.33 -30.30
CA SER B 1048 -43.25 8.89 -29.06
C SER B 1048 -42.86 10.35 -29.24
N PHE B 1049 -42.77 11.05 -28.11
CA PHE B 1049 -42.42 12.46 -28.06
C PHE B 1049 -41.31 12.68 -27.04
N PRO B 1050 -40.21 13.29 -27.43
CA PRO B 1050 -39.14 13.56 -26.47
C PRO B 1050 -39.40 14.85 -25.70
N GLN B 1051 -38.82 14.91 -24.51
CA GLN B 1051 -38.82 16.12 -23.71
C GLN B 1051 -37.48 16.19 -22.98
N SER B 1052 -36.99 17.40 -22.77
CA SER B 1052 -35.77 17.53 -22.02
C SER B 1052 -36.05 17.38 -20.53
N ALA B 1053 -35.00 17.18 -19.75
CA ALA B 1053 -35.08 17.22 -18.30
C ALA B 1053 -33.67 17.45 -17.78
N PRO B 1054 -33.52 17.93 -16.55
CA PRO B 1054 -32.19 18.35 -16.12
C PRO B 1054 -31.23 17.18 -16.02
N HIS B 1055 -30.29 17.11 -16.97
CA HIS B 1055 -29.35 16.01 -17.10
C HIS B 1055 -30.08 14.71 -17.45
N GLY B 1056 -30.99 14.78 -18.41
CA GLY B 1056 -31.65 13.57 -18.84
C GLY B 1056 -32.77 13.87 -19.82
N VAL B 1057 -33.44 12.80 -20.23
CA VAL B 1057 -34.47 12.89 -21.25
C VAL B 1057 -35.70 12.11 -20.81
N VAL B 1058 -36.87 12.62 -21.18
CA VAL B 1058 -38.15 11.99 -20.85
C VAL B 1058 -38.87 11.68 -22.15
N PHE B 1059 -39.31 10.44 -22.30
CA PHE B 1059 -40.06 10.04 -23.47
C PHE B 1059 -41.52 9.87 -23.08
N LEU B 1060 -42.42 10.36 -23.92
CA LEU B 1060 -43.85 10.10 -23.79
C LEU B 1060 -44.22 9.14 -24.90
N HIS B 1061 -44.53 7.90 -24.52
CA HIS B 1061 -44.82 6.84 -25.48
C HIS B 1061 -46.33 6.73 -25.61
N VAL B 1062 -46.83 6.87 -26.84
CA VAL B 1062 -48.24 6.72 -27.18
C VAL B 1062 -48.41 5.33 -27.76
N THR B 1063 -49.23 4.51 -27.10
CA THR B 1063 -49.40 3.11 -27.40
C THR B 1063 -50.86 2.71 -27.49
N TYR B 1064 -51.14 1.70 -28.30
CA TYR B 1064 -52.48 1.16 -28.52
C TYR B 1064 -52.67 -0.09 -27.70
N VAL B 1065 -53.68 -0.13 -26.83
CA VAL B 1065 -53.93 -1.25 -25.95
C VAL B 1065 -55.33 -1.79 -26.18
N PRO B 1066 -55.51 -3.04 -26.60
CA PRO B 1066 -56.86 -3.58 -26.80
C PRO B 1066 -57.63 -3.66 -25.48
N ALA B 1067 -58.95 -3.46 -25.54
CA ALA B 1067 -59.71 -3.20 -24.32
C ALA B 1067 -60.76 -4.26 -24.03
N GLN B 1068 -61.72 -4.51 -24.93
CA GLN B 1068 -62.92 -5.28 -24.60
C GLN B 1068 -63.00 -6.51 -25.49
N GLU B 1069 -62.94 -7.68 -24.86
CA GLU B 1069 -62.84 -8.95 -25.57
C GLU B 1069 -64.15 -9.73 -25.46
N LYS B 1070 -64.50 -10.42 -26.53
CA LYS B 1070 -65.70 -11.23 -26.58
C LYS B 1070 -65.32 -12.64 -27.01
N ASN B 1071 -66.00 -13.64 -26.43
CA ASN B 1071 -65.78 -15.02 -26.84
C ASN B 1071 -66.36 -15.28 -28.22
N PHE B 1072 -65.59 -15.98 -29.04
CA PHE B 1072 -66.05 -16.43 -30.35
C PHE B 1072 -65.56 -17.85 -30.55
N THR B 1073 -66.29 -18.64 -31.34
CA THR B 1073 -65.83 -19.98 -31.65
C THR B 1073 -65.10 -19.98 -32.99
N THR B 1074 -63.94 -20.60 -33.05
CA THR B 1074 -63.06 -20.48 -34.20
C THR B 1074 -62.93 -21.80 -34.93
N ALA B 1075 -62.23 -21.76 -36.07
CA ALA B 1075 -61.98 -22.92 -36.90
C ALA B 1075 -60.84 -22.63 -37.88
N PRO B 1076 -59.82 -23.46 -37.93
CA PRO B 1076 -58.64 -23.13 -38.76
C PRO B 1076 -58.94 -22.99 -40.24
N ALA B 1077 -59.95 -23.67 -40.77
CA ALA B 1077 -60.19 -23.62 -42.19
C ALA B 1077 -61.65 -23.93 -42.47
N ILE B 1078 -62.11 -23.57 -43.66
CA ILE B 1078 -63.50 -23.75 -44.06
C ILE B 1078 -63.53 -24.73 -45.23
N CYS B 1079 -64.27 -25.82 -45.07
CA CYS B 1079 -64.36 -26.85 -46.11
C CYS B 1079 -65.60 -26.57 -46.95
N HIS B 1080 -65.38 -26.14 -48.18
CA HIS B 1080 -66.46 -25.94 -49.14
C HIS B 1080 -66.12 -26.65 -50.44
N ASP B 1081 -67.12 -27.30 -51.02
CA ASP B 1081 -67.01 -27.94 -52.33
C ASP B 1081 -65.88 -28.96 -52.38
N GLY B 1082 -65.39 -29.40 -51.23
CA GLY B 1082 -64.29 -30.32 -51.15
C GLY B 1082 -62.94 -29.68 -50.94
N LYS B 1083 -62.78 -28.42 -51.33
CA LYS B 1083 -61.51 -27.72 -51.15
C LYS B 1083 -61.50 -26.98 -49.83
N ALA B 1084 -60.30 -26.83 -49.25
CA ALA B 1084 -60.13 -26.19 -47.96
C ALA B 1084 -59.68 -24.76 -48.15
N HIS B 1085 -60.42 -23.83 -47.54
CA HIS B 1085 -60.16 -22.41 -47.66
C HIS B 1085 -59.55 -21.91 -46.35
N PHE B 1086 -58.50 -21.10 -46.48
CA PHE B 1086 -57.82 -20.46 -45.38
C PHE B 1086 -57.96 -18.95 -45.51
N PRO B 1087 -57.94 -18.20 -44.41
CA PRO B 1087 -58.08 -16.75 -44.51
C PRO B 1087 -56.90 -16.14 -45.23
N ARG B 1088 -57.17 -15.16 -46.09
CA ARG B 1088 -56.07 -14.45 -46.73
C ARG B 1088 -55.29 -13.64 -45.70
N GLU B 1089 -56.00 -12.87 -44.88
CA GLU B 1089 -55.39 -12.13 -43.78
C GLU B 1089 -56.47 -11.92 -42.73
N GLY B 1090 -56.35 -12.60 -41.60
CA GLY B 1090 -57.39 -12.53 -40.60
C GLY B 1090 -57.60 -13.86 -39.91
N VAL B 1091 -58.81 -14.11 -39.42
CA VAL B 1091 -59.11 -15.32 -38.68
C VAL B 1091 -60.61 -15.57 -38.78
N PHE B 1092 -60.97 -16.85 -38.85
CA PHE B 1092 -62.38 -17.24 -38.90
C PHE B 1092 -62.96 -17.21 -37.49
N VAL B 1093 -64.11 -16.57 -37.33
CA VAL B 1093 -64.83 -16.61 -36.07
C VAL B 1093 -66.32 -16.79 -36.34
N SER B 1094 -67.00 -17.34 -35.36
CA SER B 1094 -68.44 -17.54 -35.41
C SER B 1094 -69.05 -17.11 -34.10
N ASN B 1095 -70.17 -16.41 -34.20
CA ASN B 1095 -70.95 -15.90 -33.07
C ASN B 1095 -71.97 -16.90 -32.58
N GLY B 1096 -72.02 -18.10 -33.15
CA GLY B 1096 -72.92 -19.13 -32.68
C GLY B 1096 -73.63 -19.85 -33.82
N THR B 1097 -73.95 -19.12 -34.88
CA THR B 1097 -74.66 -19.71 -36.01
C THR B 1097 -74.07 -19.39 -37.37
N HIS B 1098 -73.33 -18.29 -37.51
CA HIS B 1098 -72.79 -17.87 -38.79
C HIS B 1098 -71.27 -17.72 -38.68
N TRP B 1099 -70.61 -17.84 -39.82
CA TRP B 1099 -69.15 -17.78 -39.88
C TRP B 1099 -68.71 -16.53 -40.64
N PHE B 1100 -67.72 -15.84 -40.08
CA PHE B 1100 -67.22 -14.59 -40.63
C PHE B 1100 -65.70 -14.61 -40.53
N VAL B 1101 -65.07 -13.72 -41.28
CA VAL B 1101 -63.62 -13.53 -41.19
C VAL B 1101 -63.36 -12.14 -40.65
N THR B 1102 -62.44 -12.03 -39.70
CA THR B 1102 -62.15 -10.76 -39.05
C THR B 1102 -60.66 -10.53 -38.98
N GLN B 1103 -60.26 -9.27 -38.91
CA GLN B 1103 -58.88 -8.99 -38.55
C GLN B 1103 -58.65 -9.38 -37.10
N ARG B 1104 -57.39 -9.64 -36.77
CA ARG B 1104 -57.09 -10.32 -35.51
C ARG B 1104 -57.06 -9.39 -34.32
N ASN B 1105 -57.18 -8.08 -34.49
CA ASN B 1105 -56.99 -7.14 -33.40
C ASN B 1105 -58.18 -6.22 -33.18
N PHE B 1106 -59.26 -6.42 -33.90
CA PHE B 1106 -60.44 -5.57 -33.76
C PHE B 1106 -61.61 -6.31 -34.38
N TYR B 1107 -62.66 -6.56 -33.61
CA TYR B 1107 -63.75 -7.37 -34.13
C TYR B 1107 -64.53 -6.59 -35.18
N GLU B 1108 -64.15 -6.75 -36.44
CA GLU B 1108 -64.87 -6.16 -37.58
C GLU B 1108 -65.17 -7.28 -38.56
N PRO B 1109 -66.33 -7.91 -38.43
CA PRO B 1109 -66.55 -9.17 -39.15
C PRO B 1109 -67.09 -8.99 -40.56
N GLN B 1110 -66.52 -9.77 -41.47
CA GLN B 1110 -66.88 -9.71 -42.88
C GLN B 1110 -67.38 -11.07 -43.33
N ILE B 1111 -68.21 -11.06 -44.38
CA ILE B 1111 -68.70 -12.29 -44.97
C ILE B 1111 -67.55 -13.01 -45.66
N ILE B 1112 -67.54 -14.34 -45.56
CA ILE B 1112 -66.47 -15.16 -46.12
C ILE B 1112 -66.71 -15.27 -47.63
N THR B 1113 -65.85 -14.65 -48.41
CA THR B 1113 -65.94 -14.67 -49.86
C THR B 1113 -64.70 -15.37 -50.41
N THR B 1114 -64.55 -15.34 -51.72
CA THR B 1114 -63.32 -15.79 -52.35
C THR B 1114 -62.32 -14.67 -52.52
N ASP B 1115 -62.63 -13.48 -52.01
CA ASP B 1115 -61.67 -12.38 -51.92
C ASP B 1115 -61.02 -12.27 -50.55
N ASN B 1116 -61.49 -13.04 -49.56
CA ASN B 1116 -60.89 -13.09 -48.24
C ASN B 1116 -60.14 -14.38 -47.96
N THR B 1117 -60.31 -15.40 -48.79
CA THR B 1117 -59.74 -16.71 -48.53
C THR B 1117 -58.98 -17.19 -49.75
N PHE B 1118 -58.07 -18.13 -49.52
CA PHE B 1118 -57.39 -18.84 -50.59
C PHE B 1118 -57.53 -20.33 -50.36
N VAL B 1119 -57.35 -21.09 -51.43
CA VAL B 1119 -57.66 -22.52 -51.45
C VAL B 1119 -56.37 -23.32 -51.41
N SER B 1120 -56.39 -24.44 -50.69
CA SER B 1120 -55.21 -25.30 -50.66
C SER B 1120 -55.63 -26.71 -50.26
N GLY B 1121 -55.50 -27.65 -51.20
CA GLY B 1121 -55.76 -29.03 -50.86
C GLY B 1121 -57.24 -29.32 -50.68
N ASN B 1122 -57.52 -30.45 -50.06
CA ASN B 1122 -58.88 -30.88 -49.75
C ASN B 1122 -59.02 -31.15 -48.26
N CYS B 1123 -60.23 -31.51 -47.85
CA CYS B 1123 -60.67 -31.39 -46.47
C CYS B 1123 -60.25 -32.55 -45.58
N ASP B 1124 -59.31 -33.40 -45.98
CA ASP B 1124 -59.02 -34.59 -45.19
C ASP B 1124 -57.77 -34.45 -44.33
N VAL B 1125 -57.02 -33.37 -44.44
CA VAL B 1125 -55.73 -33.23 -43.77
C VAL B 1125 -55.81 -32.28 -42.58
N VAL B 1126 -56.55 -31.18 -42.72
CA VAL B 1126 -56.59 -30.18 -41.66
C VAL B 1126 -57.32 -30.73 -40.44
N ILE B 1127 -56.78 -30.48 -39.26
CA ILE B 1127 -57.31 -31.03 -38.01
C ILE B 1127 -58.19 -29.96 -37.39
N GLY B 1128 -59.48 -30.00 -37.71
CA GLY B 1128 -60.41 -29.07 -37.12
C GLY B 1128 -61.20 -28.24 -38.11
N ILE B 1129 -61.10 -28.59 -39.38
CA ILE B 1129 -61.87 -27.89 -40.39
C ILE B 1129 -63.37 -28.04 -40.10
N VAL B 1130 -64.15 -27.07 -40.58
CA VAL B 1130 -65.59 -27.06 -40.38
C VAL B 1130 -66.28 -26.73 -41.69
N ASN B 1131 -67.53 -27.15 -41.81
CA ASN B 1131 -68.30 -26.98 -43.02
C ASN B 1131 -68.99 -25.62 -43.04
N ASN B 1132 -68.99 -24.97 -44.19
CA ASN B 1132 -69.71 -23.72 -44.40
C ASN B 1132 -69.65 -23.40 -45.88
N THR B 1133 -70.19 -22.23 -46.26
CA THR B 1133 -70.28 -21.80 -47.64
C THR B 1133 -69.43 -20.55 -47.83
N VAL B 1134 -68.75 -20.47 -48.97
CA VAL B 1134 -67.91 -19.32 -49.32
C VAL B 1134 -68.54 -18.66 -50.54
N TYR B 1135 -69.38 -17.66 -50.29
CA TYR B 1135 -70.10 -16.99 -51.36
C TYR B 1135 -69.13 -16.34 -52.33
N ASP B 1136 -69.42 -16.46 -53.62
CA ASP B 1136 -68.55 -15.97 -54.67
C ASP B 1136 -69.14 -14.73 -55.31
N PRO B 1137 -68.48 -13.58 -55.23
CA PRO B 1137 -69.07 -12.35 -55.78
C PRO B 1137 -69.26 -12.38 -57.29
N LEU B 1138 -68.57 -13.26 -58.00
CA LEU B 1138 -68.60 -13.21 -59.46
C LEU B 1138 -69.87 -13.84 -60.03
N GLN B 1139 -70.44 -14.86 -59.35
CA GLN B 1139 -71.53 -15.61 -59.98
C GLN B 1139 -72.80 -14.80 -60.16
N PRO B 1140 -73.33 -14.08 -59.15
CA PRO B 1140 -74.54 -13.29 -59.40
C PRO B 1140 -74.37 -12.23 -60.47
N GLU B 1141 -73.21 -11.58 -60.51
CA GLU B 1141 -72.98 -10.54 -61.51
C GLU B 1141 -72.83 -11.15 -62.90
N LEU B 1142 -72.22 -12.33 -62.99
CA LEU B 1142 -72.06 -12.98 -64.29
C LEU B 1142 -73.39 -13.50 -64.80
N ASP B 1143 -74.25 -13.99 -63.89
CA ASP B 1143 -75.57 -14.45 -64.30
C ASP B 1143 -76.48 -13.29 -64.66
N SER B 1144 -76.30 -12.13 -64.01
CA SER B 1144 -77.07 -10.95 -64.35
C SER B 1144 -76.62 -10.35 -65.68
N ALA C 27 24.06 49.94 -26.98
CA ALA C 27 23.36 49.20 -28.02
C ALA C 27 22.89 47.86 -27.49
N TYR C 28 21.76 47.38 -28.01
CA TYR C 28 21.15 46.15 -27.54
C TYR C 28 20.57 45.43 -28.75
N THR C 29 20.58 44.10 -28.73
CA THR C 29 20.03 43.35 -29.86
C THR C 29 19.21 42.17 -29.38
N ASN C 30 18.22 41.77 -30.17
CA ASN C 30 17.41 40.62 -29.82
C ASN C 30 18.16 39.33 -30.19
N SER C 31 17.95 38.29 -29.38
CA SER C 31 18.53 36.98 -29.63
C SER C 31 17.46 36.04 -30.16
N PHE C 32 17.63 35.58 -31.39
CA PHE C 32 16.58 34.84 -32.11
C PHE C 32 16.92 33.35 -32.13
N THR C 33 16.30 32.59 -31.25
CA THR C 33 16.39 31.13 -31.26
C THR C 33 17.83 30.65 -31.32
N ARG C 34 18.66 31.19 -30.42
CA ARG C 34 20.08 30.88 -30.39
C ARG C 34 20.49 30.56 -28.97
N GLY C 35 21.47 29.68 -28.84
CA GLY C 35 22.04 29.34 -27.56
C GLY C 35 21.65 27.98 -26.97
N VAL C 36 21.24 27.03 -27.80
CA VAL C 36 20.78 25.74 -27.33
C VAL C 36 21.94 24.75 -27.45
N TYR C 37 22.56 24.44 -26.33
CA TYR C 37 23.69 23.52 -26.27
C TYR C 37 23.21 22.14 -25.88
N TYR C 38 23.97 21.12 -26.29
CA TYR C 38 23.66 19.75 -25.90
C TYR C 38 23.86 19.58 -24.41
N PRO C 39 22.81 19.47 -23.60
CA PRO C 39 22.96 19.53 -22.15
C PRO C 39 23.44 18.23 -21.51
N ASP C 40 23.83 17.23 -22.28
CA ASP C 40 24.36 15.99 -21.71
C ASP C 40 25.14 15.26 -22.80
N LYS C 41 25.71 14.11 -22.44
CA LYS C 41 26.52 13.30 -23.33
C LYS C 41 25.75 12.14 -23.92
N VAL C 42 24.43 12.12 -23.78
CA VAL C 42 23.59 10.97 -24.09
C VAL C 42 22.96 11.15 -25.46
N PHE C 43 22.97 10.09 -26.25
CA PHE C 43 22.49 10.13 -27.63
C PHE C 43 21.05 9.66 -27.69
N ARG C 44 20.19 10.44 -28.34
CA ARG C 44 18.83 10.04 -28.64
C ARG C 44 18.52 10.38 -30.09
N SER C 45 17.60 9.64 -30.69
CA SER C 45 17.25 9.83 -32.09
C SER C 45 15.73 9.87 -32.24
N SER C 46 15.26 10.83 -33.05
CA SER C 46 13.84 11.04 -33.28
C SER C 46 13.07 11.12 -31.95
N VAL C 47 13.57 11.97 -31.06
CA VAL C 47 13.00 12.13 -29.73
C VAL C 47 12.78 13.62 -29.48
N LEU C 48 11.59 13.96 -28.97
CA LEU C 48 11.34 15.27 -28.39
C LEU C 48 11.49 15.13 -26.89
N HIS C 49 12.58 15.66 -26.36
CA HIS C 49 12.94 15.45 -24.96
C HIS C 49 12.94 16.79 -24.23
N SER C 50 12.24 16.85 -23.10
CA SER C 50 12.12 18.08 -22.33
C SER C 50 13.14 18.09 -21.20
N THR C 51 13.86 19.21 -21.07
CA THR C 51 14.92 19.34 -20.08
C THR C 51 14.79 20.68 -19.35
N GLN C 52 15.22 20.69 -18.10
CA GLN C 52 15.24 21.89 -17.28
C GLN C 52 16.68 22.18 -16.87
N ASP C 53 17.22 23.31 -17.33
CA ASP C 53 18.59 23.72 -17.05
C ASP C 53 18.77 25.21 -17.35
N LEU C 54 20.01 25.67 -17.23
CA LEU C 54 20.34 27.07 -17.50
C LEU C 54 20.41 27.25 -19.01
N PHE C 55 19.43 27.97 -19.55
CA PHE C 55 19.36 28.25 -20.98
C PHE C 55 19.21 29.74 -21.19
N LEU C 56 19.52 30.18 -22.41
CA LEU C 56 19.33 31.57 -22.78
C LEU C 56 17.92 31.73 -23.31
N PRO C 57 17.04 32.45 -22.61
CA PRO C 57 15.63 32.50 -23.03
C PRO C 57 15.49 33.02 -24.45
N PHE C 58 14.62 32.36 -25.21
CA PHE C 58 14.38 32.77 -26.57
C PHE C 58 13.85 34.20 -26.61
N PHE C 59 14.23 34.92 -27.66
CA PHE C 59 13.75 36.29 -27.90
C PHE C 59 13.93 37.16 -26.66
N SER C 60 15.19 37.35 -26.29
CA SER C 60 15.56 38.23 -25.19
C SER C 60 16.59 39.25 -25.69
N ASN C 61 16.85 40.25 -24.87
CA ASN C 61 17.80 41.29 -25.25
C ASN C 61 19.20 40.95 -24.75
N VAL C 62 20.17 41.02 -25.64
CA VAL C 62 21.57 40.75 -25.35
C VAL C 62 22.39 41.99 -25.62
N THR C 63 23.34 42.27 -24.74
CA THR C 63 24.13 43.49 -24.81
C THR C 63 25.14 43.38 -25.94
N TRP C 64 25.19 44.41 -26.79
CA TRP C 64 26.05 44.43 -27.97
C TRP C 64 27.20 45.40 -27.75
N PHE C 65 28.43 44.90 -27.77
CA PHE C 65 29.61 45.72 -27.56
C PHE C 65 30.44 45.80 -28.83
N HIS C 66 31.33 46.78 -28.86
CA HIS C 66 32.29 46.92 -29.95
C HIS C 66 33.71 46.71 -29.44
N ASN C 81 36.79 47.06 -24.16
CA ASN C 81 35.53 46.57 -23.65
C ASN C 81 35.54 46.49 -22.13
N PRO C 82 34.45 46.88 -21.49
CA PRO C 82 34.42 46.92 -20.03
C PRO C 82 34.35 45.55 -19.40
N VAL C 83 34.19 45.50 -18.08
CA VAL C 83 34.17 44.27 -17.31
C VAL C 83 32.73 43.94 -16.95
N LEU C 84 32.32 42.71 -17.25
CA LEU C 84 30.92 42.30 -17.16
C LEU C 84 30.72 41.30 -16.04
N PRO C 85 29.51 41.20 -15.51
CA PRO C 85 29.23 40.20 -14.48
C PRO C 85 28.99 38.82 -15.06
N PHE C 86 29.27 37.81 -14.25
CA PHE C 86 29.10 36.41 -14.60
C PHE C 86 27.90 35.90 -13.81
N ASN C 87 26.71 36.04 -14.38
CA ASN C 87 25.46 35.76 -13.69
C ASN C 87 24.99 34.36 -14.08
N ASP C 88 25.42 33.37 -13.30
CA ASP C 88 24.98 31.97 -13.43
C ASP C 88 25.10 31.46 -14.87
N GLY C 89 26.03 32.00 -15.62
CA GLY C 89 26.26 31.56 -16.98
C GLY C 89 26.45 32.76 -17.86
N VAL C 90 27.17 32.57 -18.96
CA VAL C 90 27.36 33.63 -19.94
C VAL C 90 27.37 33.08 -21.35
N TYR C 91 26.39 33.48 -22.15
CA TYR C 91 26.38 33.15 -23.57
C TYR C 91 27.12 34.26 -24.31
N PHE C 92 28.26 33.95 -24.90
CA PHE C 92 29.10 34.95 -25.52
C PHE C 92 29.20 34.64 -27.00
N ALA C 93 28.99 35.62 -27.85
CA ALA C 93 29.12 35.38 -29.29
C ALA C 93 29.94 36.50 -29.89
N SER C 94 31.11 36.17 -30.40
CA SER C 94 31.93 37.14 -31.13
C SER C 94 31.75 36.92 -32.62
N THR C 95 31.31 37.96 -33.33
CA THR C 95 31.22 37.91 -34.78
C THR C 95 32.43 38.66 -35.35
N GLU C 96 33.34 37.92 -35.97
CA GLU C 96 34.58 38.51 -36.41
C GLU C 96 35.08 37.81 -37.67
N LYS C 97 35.72 38.58 -38.54
CA LYS C 97 36.50 38.04 -39.65
C LYS C 97 37.99 38.31 -39.48
N SER C 98 38.36 39.22 -38.59
CA SER C 98 39.75 39.62 -38.37
C SER C 98 40.39 38.96 -37.16
N ASN C 99 39.69 38.01 -36.52
CA ASN C 99 40.20 37.24 -35.37
C ASN C 99 40.76 38.15 -34.28
N ILE C 100 40.20 39.36 -34.16
CA ILE C 100 40.73 40.34 -33.20
C ILE C 100 40.51 39.87 -31.77
N ILE C 101 39.32 39.34 -31.46
CA ILE C 101 39.04 38.87 -30.11
C ILE C 101 40.00 37.74 -29.78
N ARG C 102 40.65 37.83 -28.62
CA ARG C 102 41.75 36.90 -28.36
C ARG C 102 41.88 36.42 -26.92
N GLY C 103 41.01 36.80 -25.98
CA GLY C 103 41.15 36.28 -24.63
C GLY C 103 39.87 36.38 -23.83
N TRP C 104 39.78 35.53 -22.81
CA TRP C 104 38.69 35.52 -21.84
C TRP C 104 39.31 35.49 -20.45
N ILE C 105 39.16 36.57 -19.69
CA ILE C 105 39.80 36.70 -18.39
C ILE C 105 38.69 36.63 -17.35
N PHE C 106 38.66 35.57 -16.54
CA PHE C 106 37.57 35.33 -15.58
C PHE C 106 38.11 35.56 -14.18
N GLY C 107 37.67 36.63 -13.53
CA GLY C 107 38.22 36.94 -12.23
C GLY C 107 37.21 37.41 -11.21
N THR C 108 37.19 36.77 -10.05
CA THR C 108 36.31 37.21 -8.97
C THR C 108 36.69 38.59 -8.48
N THR C 109 37.98 38.82 -8.27
CA THR C 109 38.48 40.11 -7.80
C THR C 109 39.61 40.61 -8.70
N LEU C 110 40.34 39.66 -9.30
CA LEU C 110 41.50 39.98 -10.15
C LEU C 110 42.56 40.74 -9.36
N ASP C 111 42.69 40.40 -8.08
CA ASP C 111 43.67 41.02 -7.19
C ASP C 111 44.64 40.02 -6.59
N SER C 112 44.67 38.79 -7.11
CA SER C 112 45.52 37.69 -6.68
C SER C 112 45.18 37.21 -5.26
N LYS C 113 44.16 37.77 -4.62
CA LYS C 113 43.72 37.25 -3.33
C LYS C 113 43.22 35.81 -3.47
N THR C 114 42.48 35.53 -4.53
CA THR C 114 42.05 34.20 -4.90
C THR C 114 42.62 33.87 -6.28
N GLN C 115 42.21 32.73 -6.82
CA GLN C 115 42.65 32.33 -8.15
C GLN C 115 41.66 32.81 -9.20
N SER C 116 42.19 33.24 -10.34
CA SER C 116 41.40 33.85 -11.39
C SER C 116 41.70 33.14 -12.71
N LEU C 117 40.69 32.46 -13.28
CA LEU C 117 40.91 31.71 -14.50
C LEU C 117 41.34 32.64 -15.62
N LEU C 118 42.21 32.12 -16.48
CA LEU C 118 42.69 32.91 -17.61
C LEU C 118 42.67 32.01 -18.83
N ILE C 119 41.77 32.24 -19.79
CA ILE C 119 41.87 31.60 -21.09
C ILE C 119 42.49 32.61 -22.04
N VAL C 120 43.60 32.24 -22.68
CA VAL C 120 44.34 33.21 -23.46
C VAL C 120 44.84 32.56 -24.73
N ASN C 121 44.49 33.11 -25.88
CA ASN C 121 45.08 32.71 -27.15
C ASN C 121 46.29 33.61 -27.37
N ASN C 122 47.49 33.02 -27.48
CA ASN C 122 48.71 33.83 -27.49
C ASN C 122 49.10 34.22 -28.91
N ALA C 123 49.50 33.24 -29.72
CA ALA C 123 49.55 33.40 -31.17
C ALA C 123 48.72 32.33 -31.86
N THR C 124 49.00 31.06 -31.57
CA THR C 124 48.09 29.95 -31.83
C THR C 124 48.03 29.04 -30.60
N ASN C 125 48.68 29.43 -29.51
CA ASN C 125 48.78 28.62 -28.31
C ASN C 125 47.65 28.99 -27.36
N VAL C 126 46.78 28.01 -27.07
CA VAL C 126 45.73 28.17 -26.07
C VAL C 126 46.34 27.92 -24.70
N VAL C 127 46.23 28.89 -23.80
CA VAL C 127 46.69 28.76 -22.44
C VAL C 127 45.49 28.82 -21.52
N ILE C 128 45.36 27.82 -20.66
CA ILE C 128 44.34 27.79 -19.62
C ILE C 128 45.08 27.84 -18.30
N LYS C 129 45.06 29.00 -17.64
CA LYS C 129 45.75 29.16 -16.37
C LYS C 129 44.75 29.36 -15.24
N VAL C 130 45.19 29.04 -14.02
CA VAL C 130 44.41 29.31 -12.82
C VAL C 130 45.31 30.11 -11.89
N CYS C 131 46.23 30.88 -12.48
CA CYS C 131 47.22 31.61 -11.72
C CYS C 131 46.63 32.89 -11.15
N GLU C 132 46.76 33.08 -9.83
CA GLU C 132 46.35 34.33 -9.23
C GLU C 132 47.14 35.47 -9.84
N PHE C 133 46.44 36.51 -10.27
CA PHE C 133 47.05 37.60 -11.00
C PHE C 133 46.40 38.92 -10.57
N GLN C 134 47.11 40.01 -10.83
CA GLN C 134 46.61 41.36 -10.58
C GLN C 134 46.90 42.20 -11.82
N PHE C 135 45.95 42.23 -12.76
CA PHE C 135 46.07 43.11 -13.90
C PHE C 135 45.67 44.53 -13.53
N CYS C 136 46.03 45.46 -14.39
CA CYS C 136 45.56 46.83 -14.29
C CYS C 136 44.17 46.93 -14.92
N ASN C 137 43.59 48.14 -14.88
CA ASN C 137 42.24 48.32 -15.38
C ASN C 137 42.14 48.11 -16.89
N ASP C 138 43.26 48.10 -17.60
CA ASP C 138 43.27 47.97 -19.06
C ASP C 138 44.18 46.82 -19.46
N PRO C 139 43.69 45.57 -19.37
CA PRO C 139 44.48 44.40 -19.83
C PRO C 139 44.31 44.12 -21.31
N PHE C 140 44.53 45.13 -22.14
CA PHE C 140 44.41 44.91 -23.58
C PHE C 140 45.66 44.23 -24.12
N LEU C 141 45.61 43.88 -25.40
CA LEU C 141 46.75 43.29 -26.08
C LEU C 141 46.92 43.95 -27.44
N GLY C 142 48.18 44.06 -27.87
CA GLY C 142 48.52 44.72 -29.12
C GLY C 142 48.75 43.75 -30.25
N VAL C 143 49.29 44.28 -31.35
CA VAL C 143 49.55 43.50 -32.54
C VAL C 143 51.06 43.35 -32.75
N ASN C 165 51.55 29.02 -8.06
CA ASN C 165 50.28 29.73 -7.92
C ASN C 165 49.29 29.28 -8.98
N CYS C 166 49.76 28.44 -9.89
CA CYS C 166 48.93 27.89 -10.96
C CYS C 166 48.62 26.44 -10.60
N THR C 167 47.51 26.24 -9.89
CA THR C 167 47.11 24.89 -9.51
C THR C 167 46.86 24.03 -10.73
N PHE C 168 46.26 24.61 -11.76
CA PHE C 168 46.05 23.92 -13.04
C PHE C 168 46.56 24.84 -14.14
N GLU C 169 47.30 24.27 -15.09
CA GLU C 169 47.70 24.98 -16.29
C GLU C 169 47.71 24.01 -17.46
N TYR C 170 47.12 24.42 -18.57
CA TYR C 170 47.17 23.65 -19.80
C TYR C 170 47.70 24.55 -20.90
N VAL C 171 48.69 24.09 -21.65
CA VAL C 171 49.20 24.85 -22.78
C VAL C 171 49.14 23.97 -24.02
N SER C 172 49.07 24.62 -25.18
CA SER C 172 49.06 23.90 -26.45
C SER C 172 50.00 24.57 -27.44
N PHE C 186 31.91 41.09 -42.40
CA PHE C 186 32.17 40.02 -41.45
C PHE C 186 31.98 38.65 -42.12
N LYS C 187 32.67 37.63 -41.61
CA LYS C 187 32.63 36.31 -42.22
C LYS C 187 32.40 35.16 -41.26
N ASN C 188 32.69 35.31 -39.97
CA ASN C 188 32.58 34.20 -39.04
C ASN C 188 31.89 34.63 -37.76
N LEU C 189 31.24 33.66 -37.10
CA LEU C 189 30.66 33.82 -35.78
C LEU C 189 31.21 32.70 -34.90
N ARG C 190 31.59 33.05 -33.68
CA ARG C 190 32.18 32.11 -32.73
C ARG C 190 31.34 32.19 -31.46
N GLU C 191 30.46 31.22 -31.27
CA GLU C 191 29.62 31.21 -30.09
C GLU C 191 30.37 30.59 -28.91
N PHE C 192 29.80 30.75 -27.72
CA PHE C 192 30.35 30.20 -26.49
C PHE C 192 29.25 30.17 -25.45
N VAL C 193 29.35 29.22 -24.55
CA VAL C 193 28.57 29.25 -23.31
C VAL C 193 29.48 28.83 -22.17
N PHE C 194 29.51 29.65 -21.12
CA PHE C 194 30.38 29.40 -19.97
C PHE C 194 29.50 29.22 -18.75
N LYS C 195 29.53 28.03 -18.16
CA LYS C 195 28.72 27.73 -17.00
C LYS C 195 29.59 27.09 -15.91
N ASN C 196 29.14 27.22 -14.66
CA ASN C 196 29.83 26.65 -13.52
C ASN C 196 28.84 25.77 -12.74
N ILE C 197 29.26 24.54 -12.47
CA ILE C 197 28.39 23.51 -11.88
C ILE C 197 29.14 22.88 -10.71
N ASP C 198 28.81 23.31 -9.48
CA ASP C 198 29.26 22.67 -8.25
C ASP C 198 30.77 22.46 -8.24
N GLY C 199 31.50 23.42 -8.79
CA GLY C 199 32.94 23.34 -8.85
C GLY C 199 33.49 22.94 -10.21
N TYR C 200 32.68 22.97 -11.26
CA TYR C 200 33.07 22.45 -12.56
C TYR C 200 32.96 23.60 -13.54
N PHE C 201 34.01 23.87 -14.31
CA PHE C 201 33.94 24.88 -15.36
C PHE C 201 33.60 24.26 -16.71
N LYS C 202 32.39 24.48 -17.20
CA LYS C 202 31.92 23.88 -18.44
C LYS C 202 31.90 24.91 -19.57
N ILE C 203 32.55 24.58 -20.68
CA ILE C 203 32.64 25.43 -21.86
C ILE C 203 32.00 24.74 -23.05
N TYR C 204 31.01 25.36 -23.66
CA TYR C 204 30.39 24.88 -24.88
C TYR C 204 30.71 25.84 -26.01
N SER C 205 30.75 25.36 -27.25
CA SER C 205 31.17 26.23 -28.34
C SER C 205 30.72 25.71 -29.70
N LYS C 206 30.59 26.64 -30.65
CA LYS C 206 30.31 26.35 -32.05
C LYS C 206 30.90 27.44 -32.94
N HIS C 207 31.37 27.03 -34.11
CA HIS C 207 31.91 27.95 -35.13
C HIS C 207 31.01 27.93 -36.36
N THR C 208 30.47 29.09 -36.73
CA THR C 208 29.55 29.12 -37.86
C THR C 208 29.88 30.25 -38.81
N PRO C 209 29.89 30.00 -40.12
CA PRO C 209 30.19 31.09 -41.07
C PRO C 209 28.97 31.93 -41.42
N ILE C 210 28.99 33.21 -41.04
CA ILE C 210 27.89 34.13 -41.28
C ILE C 210 28.42 35.38 -41.96
N ASN C 211 27.66 35.94 -42.89
CA ASN C 211 28.02 37.16 -43.58
C ASN C 211 27.10 38.33 -43.23
N LEU C 212 26.51 38.30 -42.04
CA LEU C 212 25.67 39.42 -41.60
C LEU C 212 26.53 40.53 -41.04
N VAL C 213 26.21 41.77 -41.42
CA VAL C 213 27.07 42.91 -41.11
C VAL C 213 27.05 43.24 -39.62
N ARG C 214 25.86 43.34 -39.01
CA ARG C 214 25.76 43.96 -37.69
C ARG C 214 25.31 43.02 -36.59
N ASP C 215 24.15 42.38 -36.74
CA ASP C 215 23.54 41.66 -35.62
C ASP C 215 23.71 40.16 -35.78
N LEU C 216 23.57 39.45 -34.67
CA LEU C 216 23.57 38.00 -34.69
C LEU C 216 22.36 37.50 -35.48
N PRO C 217 22.57 36.72 -36.54
CA PRO C 217 21.47 36.40 -37.45
C PRO C 217 20.48 35.43 -36.86
N GLN C 218 19.26 35.48 -37.39
CA GLN C 218 18.25 34.49 -37.04
C GLN C 218 18.59 33.17 -37.69
N GLY C 219 18.52 32.11 -36.90
CA GLY C 219 18.93 30.78 -37.34
C GLY C 219 19.35 29.98 -36.14
N PHE C 220 19.29 28.65 -36.30
CA PHE C 220 19.48 27.77 -35.16
C PHE C 220 20.75 26.95 -35.36
N SER C 221 21.66 27.05 -34.40
CA SER C 221 22.87 26.24 -34.38
C SER C 221 23.11 25.74 -32.96
N ALA C 222 23.27 24.43 -32.82
CA ALA C 222 23.42 23.82 -31.50
C ALA C 222 24.90 23.83 -31.07
N LEU C 223 25.12 24.07 -29.78
CA LEU C 223 26.46 24.27 -29.25
C LEU C 223 26.98 22.98 -28.63
N GLU C 224 28.25 22.62 -28.97
CA GLU C 224 28.78 21.34 -28.55
C GLU C 224 29.85 21.52 -27.48
N PRO C 225 29.83 20.70 -26.43
CA PRO C 225 30.80 20.89 -25.33
C PRO C 225 32.23 20.76 -25.83
N LEU C 226 33.15 21.46 -25.18
CA LEU C 226 34.54 21.48 -25.62
C LEU C 226 35.51 20.96 -24.57
N VAL C 227 35.57 21.57 -23.39
CA VAL C 227 36.41 21.07 -22.31
C VAL C 227 35.82 21.38 -20.94
N ASP C 228 35.64 20.35 -20.12
CA ASP C 228 35.21 20.55 -18.74
C ASP C 228 36.45 20.48 -17.88
N LEU C 229 36.61 21.48 -17.01
CA LEU C 229 37.78 21.60 -16.15
C LEU C 229 37.38 21.54 -14.69
N PRO C 230 37.96 20.64 -13.91
CA PRO C 230 37.68 20.62 -12.46
C PRO C 230 38.54 21.64 -11.72
N ILE C 231 38.21 22.91 -11.89
CA ILE C 231 39.02 23.98 -11.33
C ILE C 231 38.59 24.33 -9.91
N GLY C 232 37.28 24.29 -9.62
CA GLY C 232 36.79 24.58 -8.30
C GLY C 232 36.81 26.03 -7.89
N ILE C 233 37.27 26.94 -8.76
CA ILE C 233 37.30 28.36 -8.44
C ILE C 233 35.88 28.91 -8.49
N ASN C 234 35.72 30.15 -8.03
CA ASN C 234 34.46 30.86 -8.08
C ASN C 234 34.65 32.11 -8.92
N ILE C 235 33.79 32.29 -9.91
CA ILE C 235 33.86 33.41 -10.85
C ILE C 235 32.61 34.25 -10.67
N THR C 236 32.77 35.58 -10.67
CA THR C 236 31.61 36.46 -10.72
C THR C 236 31.78 37.62 -11.69
N ARG C 237 32.94 37.75 -12.36
CA ARG C 237 33.13 38.80 -13.35
C ARG C 237 34.10 38.30 -14.41
N PHE C 238 34.02 38.90 -15.59
CA PHE C 238 34.90 38.50 -16.68
C PHE C 238 35.11 39.68 -17.62
N GLN C 239 36.08 39.52 -18.51
CA GLN C 239 36.38 40.53 -19.51
C GLN C 239 36.99 39.87 -20.73
N THR C 240 36.64 40.35 -21.91
CA THR C 240 37.14 39.78 -23.15
C THR C 240 38.14 40.74 -23.78
N LEU C 241 39.21 40.16 -24.33
CA LEU C 241 40.27 40.93 -24.95
C LEU C 241 40.01 41.13 -26.44
N LEU C 242 40.79 42.01 -27.05
CA LEU C 242 40.67 42.30 -28.47
C LEU C 242 42.01 42.76 -29.02
N ALA C 264 32.95 43.49 -33.00
CA ALA C 264 31.59 43.44 -32.45
C ALA C 264 31.36 42.12 -31.73
N TYR C 265 30.86 42.18 -30.49
CA TYR C 265 30.60 40.94 -29.77
C TYR C 265 29.44 41.14 -28.81
N TYR C 266 28.54 40.17 -28.77
CA TYR C 266 27.35 40.24 -27.95
C TYR C 266 27.62 39.57 -26.60
N VAL C 267 26.62 39.60 -25.73
CA VAL C 267 26.69 38.97 -24.42
C VAL C 267 25.27 38.74 -23.94
N GLY C 268 25.02 37.55 -23.36
CA GLY C 268 23.73 37.25 -22.78
C GLY C 268 23.94 36.42 -21.52
N TYR C 269 22.86 36.28 -20.75
CA TYR C 269 22.95 35.69 -19.43
C TYR C 269 21.92 34.58 -19.30
N LEU C 270 22.39 33.38 -18.97
CA LEU C 270 21.54 32.21 -18.88
C LEU C 270 20.60 32.30 -17.67
N GLN C 271 19.59 31.44 -17.66
CA GLN C 271 18.56 31.49 -16.64
C GLN C 271 17.89 30.12 -16.59
N PRO C 272 17.36 29.70 -15.43
CA PRO C 272 16.86 28.32 -15.30
C PRO C 272 15.53 28.06 -15.98
N ARG C 273 15.54 27.69 -17.26
CA ARG C 273 14.33 27.45 -18.01
C ARG C 273 14.25 26.02 -18.52
N THR C 274 13.06 25.67 -19.01
CA THR C 274 12.73 24.34 -19.51
C THR C 274 12.53 24.42 -21.02
N PHE C 275 13.27 23.61 -21.77
CA PHE C 275 13.15 23.55 -23.22
C PHE C 275 12.75 22.15 -23.67
N LEU C 276 11.95 22.11 -24.74
CA LEU C 276 11.69 20.89 -25.47
C LEU C 276 12.65 20.82 -26.64
N LEU C 277 13.51 19.80 -26.68
CA LEU C 277 14.56 19.69 -27.68
C LEU C 277 14.22 18.60 -28.66
N LYS C 278 14.30 18.91 -29.95
CA LYS C 278 13.99 17.99 -31.03
C LYS C 278 15.28 17.37 -31.55
N TYR C 279 15.40 16.05 -31.46
CA TYR C 279 16.56 15.34 -31.96
C TYR C 279 16.25 14.74 -33.33
N ASN C 280 17.20 14.86 -34.26
CA ASN C 280 17.01 14.33 -35.59
C ASN C 280 17.56 12.91 -35.66
N GLU C 281 17.72 12.38 -36.87
CA GLU C 281 18.11 10.98 -37.03
C GLU C 281 19.45 10.71 -36.37
N ASN C 282 20.46 11.52 -36.67
CA ASN C 282 21.81 11.24 -36.19
C ASN C 282 22.06 11.70 -34.77
N GLY C 283 21.11 12.37 -34.14
CA GLY C 283 21.26 12.83 -32.78
C GLY C 283 21.62 14.29 -32.62
N THR C 284 21.46 15.10 -33.66
CA THR C 284 21.77 16.53 -33.60
C THR C 284 20.50 17.32 -33.30
N ILE C 285 20.60 18.23 -32.33
CA ILE C 285 19.45 19.06 -31.99
C ILE C 285 19.08 19.92 -33.19
N THR C 286 17.83 19.80 -33.64
CA THR C 286 17.36 20.51 -34.81
C THR C 286 16.43 21.67 -34.49
N ASP C 287 15.75 21.66 -33.34
CA ASP C 287 14.90 22.78 -32.96
C ASP C 287 14.64 22.71 -31.46
N ALA C 288 13.99 23.75 -30.95
CA ALA C 288 13.61 23.80 -29.55
C ALA C 288 12.56 24.88 -29.37
N VAL C 289 11.68 24.66 -28.39
CA VAL C 289 10.58 25.57 -28.12
C VAL C 289 10.57 25.90 -26.63
N ASP C 290 10.87 27.16 -26.30
CA ASP C 290 10.91 27.57 -24.91
C ASP C 290 9.55 27.31 -24.27
N CYS C 291 9.53 26.59 -23.16
CA CYS C 291 8.28 26.15 -22.57
C CYS C 291 7.68 27.17 -21.62
N ALA C 292 8.09 28.44 -21.72
CA ALA C 292 7.45 29.50 -20.95
C ALA C 292 7.32 30.80 -21.73
N LEU C 293 7.58 30.80 -23.03
CA LEU C 293 7.62 32.05 -23.78
C LEU C 293 6.23 32.63 -23.97
N ASP C 294 5.36 31.91 -24.65
CA ASP C 294 4.02 32.37 -24.96
C ASP C 294 3.10 31.17 -24.98
N PRO C 295 1.78 31.38 -24.93
CA PRO C 295 0.87 30.24 -24.74
C PRO C 295 0.99 29.15 -25.80
N LEU C 296 1.27 29.51 -27.06
CA LEU C 296 1.40 28.46 -28.07
C LEU C 296 2.64 27.61 -27.80
N SER C 297 3.75 28.25 -27.45
CA SER C 297 4.97 27.51 -27.16
C SER C 297 4.94 26.86 -25.79
N GLU C 298 3.92 27.13 -25.00
CA GLU C 298 3.73 26.38 -23.77
C GLU C 298 2.85 25.17 -24.03
N THR C 299 1.86 25.33 -24.90
CA THR C 299 1.00 24.22 -25.28
C THR C 299 1.80 23.16 -26.02
N LYS C 300 2.68 23.57 -26.93
CA LYS C 300 3.54 22.61 -27.60
C LYS C 300 4.31 21.78 -26.59
N CYS C 301 4.84 22.42 -25.55
CA CYS C 301 5.62 21.72 -24.55
C CYS C 301 4.77 20.80 -23.71
N THR C 302 3.52 21.18 -23.45
CA THR C 302 2.64 20.29 -22.68
C THR C 302 2.28 19.05 -23.49
N LEU C 303 2.01 19.22 -24.78
CA LEU C 303 1.66 18.08 -25.62
C LEU C 303 2.87 17.28 -26.08
N LYS C 304 4.08 17.80 -25.91
CA LYS C 304 5.28 17.20 -26.46
C LYS C 304 5.11 16.94 -27.96
N SER C 305 4.90 18.04 -28.68
CA SER C 305 4.78 17.99 -30.13
C SER C 305 5.21 19.33 -30.69
N PHE C 306 5.46 19.36 -31.99
CA PHE C 306 5.82 20.59 -32.68
C PHE C 306 4.75 21.08 -33.63
N THR C 307 3.67 20.31 -33.79
CA THR C 307 2.46 20.78 -34.44
C THR C 307 1.29 20.37 -33.57
N VAL C 308 0.37 21.30 -33.33
CA VAL C 308 -0.82 21.04 -32.54
C VAL C 308 -2.04 21.26 -33.41
N GLU C 309 -2.95 20.29 -33.41
CA GLU C 309 -4.16 20.39 -34.20
C GLU C 309 -5.18 21.25 -33.47
N LYS C 310 -6.11 21.81 -34.25
CA LYS C 310 -7.06 22.77 -33.70
C LYS C 310 -7.86 22.16 -32.55
N GLY C 311 -8.18 22.97 -31.57
CA GLY C 311 -8.93 22.52 -30.43
C GLY C 311 -8.64 23.35 -29.20
N ILE C 312 -9.13 22.87 -28.08
CA ILE C 312 -8.93 23.50 -26.77
C ILE C 312 -8.00 22.61 -25.95
N TYR C 313 -6.94 23.19 -25.41
CA TYR C 313 -5.97 22.45 -24.61
C TYR C 313 -5.79 23.13 -23.28
N GLN C 314 -5.85 22.37 -22.20
CA GLN C 314 -5.68 22.89 -20.85
C GLN C 314 -4.21 22.76 -20.46
N THR C 315 -3.57 23.88 -20.13
CA THR C 315 -2.12 23.87 -19.99
C THR C 315 -1.60 24.21 -18.61
N SER C 316 -2.26 25.10 -17.87
CA SER C 316 -1.67 25.53 -16.60
C SER C 316 -2.78 25.92 -15.65
N ASN C 317 -2.38 26.47 -14.50
CA ASN C 317 -3.29 27.01 -13.50
C ASN C 317 -2.86 28.42 -13.17
N PHE C 318 -3.81 29.34 -13.17
CA PHE C 318 -3.55 30.75 -12.90
C PHE C 318 -4.06 31.03 -11.50
N ARG C 319 -3.14 31.31 -10.59
CA ARG C 319 -3.44 31.61 -9.19
C ARG C 319 -2.98 33.02 -8.86
N VAL C 320 -3.86 33.84 -8.29
CA VAL C 320 -3.51 35.19 -7.91
C VAL C 320 -2.49 35.15 -6.78
N GLN C 321 -1.55 36.09 -6.79
CA GLN C 321 -0.50 36.06 -5.78
C GLN C 321 -0.76 37.07 -4.67
N PRO C 322 -0.54 36.69 -3.42
CA PRO C 322 -0.73 37.63 -2.31
C PRO C 322 0.22 38.81 -2.42
N THR C 323 -0.24 39.97 -1.95
CA THR C 323 0.52 41.21 -2.05
C THR C 323 1.24 41.59 -0.76
N GLU C 324 0.56 41.54 0.39
CA GLU C 324 1.13 42.02 1.63
C GLU C 324 0.94 40.98 2.73
N SER C 325 1.61 41.21 3.86
CA SER C 325 1.48 40.37 5.04
C SER C 325 0.78 41.13 6.17
N ILE C 326 -0.26 40.54 6.73
CA ILE C 326 -1.00 41.10 7.85
C ILE C 326 -0.69 40.28 9.09
N VAL C 327 -0.29 40.95 10.17
CA VAL C 327 -0.06 40.29 11.46
C VAL C 327 -0.93 40.96 12.51
N ARG C 328 -1.76 40.18 13.20
CA ARG C 328 -2.63 40.70 14.26
C ARG C 328 -2.41 39.92 15.54
N PHE C 329 -2.06 40.63 16.62
CA PHE C 329 -1.80 40.06 17.92
C PHE C 329 -2.44 40.92 18.99
N PRO C 330 -2.80 40.36 20.14
CA PRO C 330 -3.62 41.07 21.13
C PRO C 330 -2.88 42.11 21.95
N ASN C 331 -1.67 42.51 21.54
CA ASN C 331 -0.92 43.67 22.04
C ASN C 331 -0.96 43.90 23.55
N ILE C 332 -0.94 42.82 24.34
CA ILE C 332 -0.92 42.98 25.79
C ILE C 332 0.37 43.65 26.24
N THR C 333 1.51 43.23 25.69
CA THR C 333 2.80 43.91 25.83
C THR C 333 3.22 44.00 27.30
N ASN C 334 3.49 42.82 27.87
CA ASN C 334 4.12 42.73 29.19
C ASN C 334 4.81 41.38 29.30
N LEU C 335 6.00 41.38 29.88
CA LEU C 335 6.84 40.19 29.89
C LEU C 335 6.32 39.14 30.87
N CYS C 336 6.60 37.88 30.55
CA CYS C 336 6.14 36.74 31.33
C CYS C 336 7.01 36.55 32.56
N PRO C 337 6.55 35.76 33.53
CA PRO C 337 7.34 35.53 34.75
C PRO C 337 8.50 34.56 34.59
N PHE C 338 8.90 34.27 33.35
CA PHE C 338 10.00 33.32 33.13
C PHE C 338 11.24 33.72 33.91
N GLY C 339 11.54 35.01 33.98
CA GLY C 339 12.68 35.45 34.76
C GLY C 339 12.60 35.05 36.21
N GLU C 340 11.39 34.79 36.72
CA GLU C 340 11.25 34.25 38.07
C GLU C 340 11.46 32.75 38.08
N VAL C 341 10.81 32.03 37.16
CA VAL C 341 10.84 30.57 37.20
C VAL C 341 12.26 30.06 37.00
N PHE C 342 12.96 30.62 36.02
CA PHE C 342 14.35 30.23 35.78
C PHE C 342 15.32 30.84 36.78
N ASN C 343 14.84 31.62 37.74
CA ASN C 343 15.70 32.18 38.77
C ASN C 343 15.03 32.12 40.13
N ALA C 344 14.34 31.02 40.42
CA ALA C 344 13.82 30.82 41.76
C ALA C 344 14.96 30.43 42.70
N THR C 345 14.96 31.03 43.88
CA THR C 345 16.00 30.70 44.86
C THR C 345 15.91 29.24 45.29
N ARG C 346 14.69 28.74 45.47
CA ARG C 346 14.46 27.36 45.91
C ARG C 346 13.63 26.64 44.87
N PHE C 347 14.12 25.49 44.42
CA PHE C 347 13.33 24.57 43.61
C PHE C 347 12.81 23.43 44.48
N ALA C 348 11.83 22.72 43.95
CA ALA C 348 11.22 21.64 44.70
C ALA C 348 11.88 20.30 44.35
N SER C 349 11.60 19.31 45.18
CA SER C 349 12.06 17.95 44.93
C SER C 349 11.09 17.23 44.01
N VAL C 350 11.56 16.14 43.41
CA VAL C 350 10.87 15.57 42.26
C VAL C 350 9.46 15.12 42.64
N TYR C 351 9.33 14.45 43.77
CA TYR C 351 8.02 13.92 44.16
C TYR C 351 7.02 15.03 44.42
N ALA C 352 7.48 16.28 44.58
CA ALA C 352 6.62 17.43 44.81
C ALA C 352 6.92 18.52 43.80
N TRP C 353 6.99 18.16 42.52
CA TRP C 353 7.39 19.13 41.50
C TRP C 353 6.42 20.30 41.47
N ASN C 354 6.96 21.49 41.24
CA ASN C 354 6.16 22.71 41.34
C ASN C 354 5.58 23.08 39.99
N ARG C 355 4.32 23.53 39.99
CA ARG C 355 3.65 24.01 38.78
C ARG C 355 3.34 25.50 38.92
N LYS C 356 3.77 26.28 37.93
CA LYS C 356 3.33 27.65 37.77
C LYS C 356 2.60 27.77 36.43
N ARG C 357 1.36 28.25 36.46
CA ARG C 357 0.65 28.53 35.23
C ARG C 357 0.98 29.94 34.76
N ILE C 358 1.22 30.07 33.45
CA ILE C 358 1.55 31.35 32.84
C ILE C 358 0.55 31.63 31.73
N SER C 359 -0.04 32.83 31.78
CA SER C 359 -0.98 33.28 30.77
C SER C 359 -0.97 34.81 30.77
N ASN C 360 -1.43 35.37 29.65
CA ASN C 360 -1.59 36.82 29.48
C ASN C 360 -0.28 37.57 29.71
N CYS C 361 0.71 37.24 28.89
CA CYS C 361 1.96 37.98 28.86
C CYS C 361 2.66 37.68 27.54
N VAL C 362 3.61 38.55 27.19
CA VAL C 362 4.32 38.45 25.92
C VAL C 362 5.65 37.77 26.21
N ALA C 363 5.73 36.48 25.91
CA ALA C 363 6.94 35.72 26.12
C ALA C 363 7.95 35.96 24.99
N ASP C 364 9.21 35.67 25.29
CA ASP C 364 10.26 35.65 24.28
C ASP C 364 11.12 34.44 24.52
N TYR C 365 11.15 33.51 23.57
CA TYR C 365 11.87 32.25 23.73
C TYR C 365 13.22 32.26 23.03
N SER C 366 13.59 33.35 22.37
CA SER C 366 14.95 33.46 21.84
C SER C 366 15.98 33.47 22.96
N VAL C 367 15.70 34.24 24.01
CA VAL C 367 16.63 34.35 25.13
C VAL C 367 16.84 32.98 25.77
N LEU C 368 15.74 32.27 26.03
CA LEU C 368 15.84 30.96 26.63
C LEU C 368 16.52 29.97 25.70
N TYR C 369 16.31 30.14 24.39
CA TYR C 369 16.89 29.19 23.45
C TYR C 369 18.40 29.32 23.40
N ASN C 370 18.91 30.55 23.35
CA ASN C 370 20.33 30.70 23.06
C ASN C 370 21.12 31.41 24.14
N SER C 371 20.59 32.51 24.70
CA SER C 371 21.42 33.38 25.54
C SER C 371 21.89 32.68 26.81
N ALA C 372 21.01 31.91 27.46
CA ALA C 372 21.36 31.32 28.75
C ALA C 372 22.38 30.20 28.62
N SER C 373 22.37 29.50 27.48
CA SER C 373 23.23 28.33 27.26
C SER C 373 22.95 27.23 28.27
N PHE C 374 21.70 26.76 28.30
CA PHE C 374 21.36 25.63 29.16
C PHE C 374 22.00 24.36 28.66
N SER C 375 22.32 23.45 29.59
CA SER C 375 23.00 22.22 29.22
C SER C 375 22.16 21.39 28.27
N THR C 376 20.85 21.29 28.52
CA THR C 376 19.97 20.46 27.71
C THR C 376 18.70 21.23 27.41
N PHE C 377 18.41 21.46 26.12
CA PHE C 377 17.23 22.19 25.70
C PHE C 377 16.56 21.36 24.61
N LYS C 378 15.62 20.49 24.98
CA LYS C 378 15.04 19.55 24.04
C LYS C 378 13.56 19.84 23.86
N CYS C 379 13.15 20.08 22.62
CA CYS C 379 11.77 20.42 22.31
C CYS C 379 11.10 19.26 21.59
N TYR C 380 9.81 19.04 21.90
CA TYR C 380 9.04 17.98 21.28
C TYR C 380 7.75 18.57 20.74
N GLY C 381 7.49 18.35 19.46
CA GLY C 381 6.28 18.84 18.82
C GLY C 381 6.34 20.28 18.37
N VAL C 382 7.38 21.03 18.74
CA VAL C 382 7.57 22.40 18.31
C VAL C 382 9.03 22.57 17.91
N SER C 383 9.28 23.56 17.06
CA SER C 383 10.64 23.91 16.68
C SER C 383 11.13 25.05 17.58
N PRO C 384 12.25 24.88 18.28
CA PRO C 384 12.69 25.95 19.20
C PRO C 384 12.94 27.27 18.51
N THR C 385 13.40 27.24 17.26
CA THR C 385 13.63 28.49 16.53
C THR C 385 12.33 29.25 16.31
N LYS C 386 11.25 28.53 15.97
CA LYS C 386 10.00 29.14 15.56
C LYS C 386 9.09 29.47 16.72
N LEU C 387 9.56 29.29 17.97
CA LEU C 387 8.72 29.50 19.14
C LEU C 387 8.28 30.95 19.31
N ASN C 388 8.82 31.88 18.53
CA ASN C 388 8.47 33.29 18.69
C ASN C 388 7.25 33.70 17.89
N ASP C 389 6.70 32.82 17.05
CA ASP C 389 5.57 33.18 16.20
C ASP C 389 4.24 32.60 16.65
N LEU C 390 4.24 31.59 17.51
CA LEU C 390 3.01 30.92 17.88
C LEU C 390 2.30 31.67 19.00
N CYS C 391 1.11 31.20 19.33
CA CYS C 391 0.37 31.67 20.49
C CYS C 391 -0.29 30.49 21.17
N PHE C 392 -0.46 30.60 22.48
CA PHE C 392 -0.93 29.49 23.30
C PHE C 392 -1.94 30.01 24.31
N THR C 393 -2.79 29.09 24.77
CA THR C 393 -3.85 29.47 25.71
C THR C 393 -3.34 29.50 27.15
N ASN C 394 -2.49 28.57 27.54
CA ASN C 394 -1.87 28.57 28.85
C ASN C 394 -0.62 27.71 28.81
N VAL C 395 0.47 28.19 29.40
CA VAL C 395 1.73 27.45 29.38
C VAL C 395 2.08 27.08 30.82
N TYR C 396 2.32 25.80 31.04
CA TYR C 396 2.66 25.32 32.37
C TYR C 396 4.17 25.24 32.51
N ALA C 397 4.69 25.74 33.61
CA ALA C 397 6.10 25.59 33.95
C ALA C 397 6.18 24.66 35.16
N ASP C 398 6.56 23.41 34.92
CA ASP C 398 6.88 22.51 36.01
C ASP C 398 8.36 22.63 36.31
N SER C 399 8.73 22.39 37.57
CA SER C 399 10.13 22.51 37.92
C SER C 399 10.47 21.56 39.06
N PHE C 400 11.70 21.05 39.02
CA PHE C 400 12.23 20.13 40.03
C PHE C 400 13.73 20.03 39.85
N VAL C 401 14.38 19.32 40.79
CA VAL C 401 15.81 19.05 40.74
C VAL C 401 16.02 17.54 40.73
N ILE C 402 16.84 17.05 39.80
CA ILE C 402 17.05 15.62 39.63
C ILE C 402 18.53 15.33 39.50
N ARG C 403 18.87 14.04 39.51
CA ARG C 403 20.25 13.63 39.30
C ARG C 403 20.67 13.96 37.88
N GLY C 404 21.92 14.40 37.73
CA GLY C 404 22.34 14.97 36.46
C GLY C 404 22.19 14.03 35.28
N ASP C 405 22.49 12.75 35.49
CA ASP C 405 22.33 11.77 34.43
C ASP C 405 20.88 11.38 34.18
N GLU C 406 19.97 11.77 35.06
CA GLU C 406 18.59 11.29 35.02
C GLU C 406 17.72 12.05 34.03
N VAL C 407 18.17 13.19 33.51
CA VAL C 407 17.36 14.01 32.63
C VAL C 407 16.85 13.24 31.42
N ARG C 408 17.56 12.17 31.03
CA ARG C 408 17.10 11.36 29.90
C ARG C 408 15.67 10.88 30.08
N GLN C 409 15.30 10.53 31.32
CA GLN C 409 13.96 10.02 31.57
C GLN C 409 12.89 11.08 31.43
N ILE C 410 13.25 12.37 31.48
CA ILE C 410 12.27 13.41 31.27
C ILE C 410 12.05 13.54 29.77
N ALA C 411 11.10 12.76 29.26
CA ALA C 411 10.86 12.66 27.84
C ALA C 411 9.49 12.03 27.63
N PRO C 412 8.92 12.15 26.43
CA PRO C 412 7.61 11.53 26.17
C PRO C 412 7.57 10.03 26.45
N GLY C 413 8.46 9.26 25.83
CA GLY C 413 8.28 7.83 25.81
C GLY C 413 9.15 7.01 26.75
N GLN C 414 10.16 7.61 27.36
CA GLN C 414 11.10 6.82 28.14
C GLN C 414 10.47 6.34 29.45
N THR C 415 11.15 5.38 30.07
CA THR C 415 10.67 4.77 31.31
C THR C 415 11.84 4.63 32.29
N GLY C 416 11.49 4.50 33.55
CA GLY C 416 12.46 4.43 34.62
C GLY C 416 11.79 4.79 35.93
N LYS C 417 12.58 4.76 37.00
CA LYS C 417 11.97 4.96 38.32
C LYS C 417 11.47 6.38 38.49
N ILE C 418 12.25 7.37 38.05
CA ILE C 418 11.84 8.76 38.25
C ILE C 418 10.65 9.09 37.36
N ALA C 419 10.72 8.67 36.08
CA ALA C 419 9.64 8.97 35.16
C ALA C 419 8.37 8.23 35.51
N ASP C 420 8.49 7.05 36.11
CA ASP C 420 7.32 6.25 36.41
C ASP C 420 6.66 6.62 37.72
N TYR C 421 7.43 6.88 38.78
CA TYR C 421 6.83 7.11 40.08
C TYR C 421 6.93 8.56 40.55
N ASN C 422 7.52 9.45 39.77
CA ASN C 422 7.62 10.83 40.25
C ASN C 422 7.17 11.85 39.22
N TYR C 423 7.45 11.63 37.94
CA TYR C 423 7.09 12.61 36.92
C TYR C 423 6.96 11.87 35.58
N LYS C 424 5.72 11.58 35.18
CA LYS C 424 5.46 10.89 33.92
C LYS C 424 5.08 11.93 32.88
N LEU C 425 5.89 12.05 31.84
CA LEU C 425 5.56 12.99 30.73
C LEU C 425 4.69 12.20 29.75
N PRO C 426 3.51 12.71 29.34
CA PRO C 426 2.60 11.94 28.53
C PRO C 426 3.14 11.84 27.13
N ASP C 427 2.74 10.79 26.41
CA ASP C 427 3.12 10.71 24.98
C ASP C 427 2.44 11.88 24.30
N ASP C 428 3.08 12.49 23.29
CA ASP C 428 2.53 13.68 22.58
C ASP C 428 2.63 14.94 23.42
N PHE C 429 3.49 14.99 24.45
CA PHE C 429 3.62 16.27 25.17
C PHE C 429 4.18 17.25 24.17
N THR C 430 3.50 18.38 24.01
CA THR C 430 3.95 19.39 23.04
C THR C 430 4.59 20.52 23.82
N GLY C 431 5.92 20.55 23.88
CA GLY C 431 6.60 21.54 24.71
C GLY C 431 8.10 21.38 24.73
N CYS C 432 8.76 21.92 25.74
CA CYS C 432 10.22 21.87 25.75
C CYS C 432 10.72 21.65 27.16
N VAL C 433 11.73 20.80 27.30
CA VAL C 433 12.34 20.50 28.59
C VAL C 433 13.73 21.13 28.64
N ILE C 434 13.92 22.01 29.61
CA ILE C 434 15.16 22.75 29.80
C ILE C 434 15.81 22.27 31.08
N ALA C 435 17.05 21.82 31.00
CA ALA C 435 17.77 21.32 32.16
C ALA C 435 19.17 21.89 32.16
N TRP C 436 19.72 22.08 33.37
CA TRP C 436 21.08 22.57 33.46
C TRP C 436 21.68 22.20 34.81
N ASN C 437 22.99 22.02 34.81
CA ASN C 437 23.71 21.66 36.02
C ASN C 437 23.68 22.80 37.03
N SER C 438 23.41 22.46 38.29
CA SER C 438 23.43 23.41 39.39
C SER C 438 24.19 22.83 40.57
N ASN C 439 25.36 22.26 40.28
CA ASN C 439 26.20 21.74 41.36
C ASN C 439 26.87 22.85 42.14
N ASN C 440 27.04 24.01 41.51
CA ASN C 440 27.61 25.17 42.19
C ASN C 440 26.62 25.85 43.13
N LEU C 441 25.34 25.55 43.03
CA LEU C 441 24.32 26.17 43.88
C LEU C 441 23.54 25.18 44.71
N ASP C 442 23.14 24.04 44.13
CA ASP C 442 22.26 23.13 44.84
C ASP C 442 23.02 22.19 45.77
N SER C 443 24.33 22.10 45.63
CA SER C 443 25.16 21.29 46.51
C SER C 443 25.95 22.21 47.44
N LYS C 444 25.95 21.86 48.73
CA LYS C 444 26.65 22.63 49.74
C LYS C 444 27.78 21.77 50.32
N VAL C 445 28.78 22.46 50.87
CA VAL C 445 29.95 21.78 51.42
C VAL C 445 29.52 20.72 52.41
N GLY C 446 30.11 19.53 52.29
CA GLY C 446 29.71 18.40 53.09
C GLY C 446 28.52 17.62 52.56
N GLY C 447 28.00 18.00 51.39
CA GLY C 447 26.89 17.30 50.80
C GLY C 447 25.57 18.00 51.03
N ASN C 448 24.57 17.62 50.23
CA ASN C 448 23.23 18.21 50.33
C ASN C 448 22.20 17.10 50.09
N TYR C 449 21.57 16.64 51.16
CA TYR C 449 20.58 15.58 51.10
C TYR C 449 19.16 16.09 50.95
N ASN C 450 18.96 17.41 50.95
CA ASN C 450 17.64 18.01 51.09
C ASN C 450 16.74 17.82 49.89
N TYR C 451 17.13 17.06 48.87
CA TYR C 451 16.28 16.81 47.70
C TYR C 451 15.90 15.35 47.68
N LEU C 452 14.59 15.07 47.72
CA LEU C 452 14.04 13.77 48.04
C LEU C 452 13.14 13.29 46.91
N TYR C 453 13.17 11.99 46.61
CA TYR C 453 12.31 11.43 45.59
C TYR C 453 11.82 10.07 46.02
N ARG C 454 10.67 9.67 45.50
CA ARG C 454 10.10 8.36 45.78
C ARG C 454 10.60 7.34 44.77
N LEU C 455 11.05 6.19 45.27
CA LEU C 455 11.69 5.17 44.45
C LEU C 455 10.73 4.09 43.97
N PHE C 456 9.78 3.69 44.81
CA PHE C 456 8.78 2.70 44.44
C PHE C 456 7.41 3.12 44.94
N ARG C 457 6.40 2.85 44.12
CA ARG C 457 5.02 3.27 44.36
C ARG C 457 4.12 2.04 44.31
N LYS C 458 2.84 2.24 44.63
CA LYS C 458 1.88 1.16 44.49
C LYS C 458 1.73 0.72 43.04
N SER C 459 1.69 1.69 42.11
CA SER C 459 1.54 1.39 40.70
C SER C 459 2.10 2.57 39.91
N ASN C 460 1.95 2.51 38.59
CA ASN C 460 2.49 3.54 37.71
C ASN C 460 1.75 4.87 37.91
N LEU C 461 2.32 5.92 37.35
CA LEU C 461 1.76 7.26 37.44
C LEU C 461 1.14 7.64 36.09
N LYS C 462 -0.08 8.15 36.13
CA LYS C 462 -0.68 8.74 34.95
C LYS C 462 -0.02 10.09 34.66
N PRO C 463 -0.13 10.57 33.43
CA PRO C 463 0.58 11.81 33.07
C PRO C 463 0.25 12.98 33.98
N PHE C 464 1.28 13.73 34.34
CA PHE C 464 1.14 14.96 35.13
C PHE C 464 0.44 14.71 36.46
N GLU C 465 0.75 13.56 37.09
CA GLU C 465 0.20 13.24 38.40
C GLU C 465 1.19 13.62 39.48
N ARG C 466 0.72 14.36 40.48
CA ARG C 466 1.56 14.83 41.58
C ARG C 466 1.24 13.99 42.81
N ASP C 467 1.95 12.88 42.95
CA ASP C 467 1.76 11.98 44.09
C ASP C 467 2.65 12.44 45.23
N ILE C 468 2.04 12.75 46.37
CA ILE C 468 2.77 13.21 47.55
C ILE C 468 2.43 12.28 48.71
N SER C 469 2.16 11.01 48.38
CA SER C 469 1.77 10.04 49.39
C SER C 469 2.88 9.82 50.40
N THR C 470 2.48 9.46 51.63
CA THR C 470 3.42 9.17 52.71
C THR C 470 3.21 7.78 53.29
N GLU C 471 2.33 6.97 52.70
CA GLU C 471 2.03 5.65 53.22
C GLU C 471 3.28 4.77 53.23
N ILE C 472 3.54 4.12 54.35
CA ILE C 472 4.72 3.27 54.47
C ILE C 472 4.50 2.00 53.67
N TYR C 473 5.47 1.69 52.79
CA TYR C 473 5.29 0.63 51.80
C TYR C 473 5.10 -0.73 52.45
N GLN C 474 4.33 -1.57 51.78
CA GLN C 474 4.16 -2.98 52.16
C GLN C 474 5.02 -3.79 51.19
N ALA C 475 6.30 -3.97 51.56
CA ALA C 475 7.23 -4.66 50.68
C ALA C 475 6.80 -6.10 50.43
N GLY C 476 6.38 -6.80 51.48
CA GLY C 476 5.95 -8.17 51.34
C GLY C 476 4.58 -8.44 51.92
N SER C 477 4.24 -9.71 52.12
CA SER C 477 2.96 -10.08 52.70
C SER C 477 2.82 -9.66 54.15
N THR C 478 3.91 -9.25 54.79
CA THR C 478 3.85 -8.82 56.17
C THR C 478 3.13 -7.49 56.28
N PRO C 479 2.04 -7.40 57.05
CA PRO C 479 1.28 -6.13 57.19
C PRO C 479 1.82 -5.19 58.27
N CYS C 480 2.86 -4.44 57.91
CA CYS C 480 3.43 -3.47 58.85
C CYS C 480 2.40 -2.47 59.32
N ASN C 481 1.62 -1.91 58.39
CA ASN C 481 0.55 -0.96 58.70
C ASN C 481 1.07 0.19 59.55
N GLY C 482 2.14 0.81 59.08
CA GLY C 482 2.72 1.97 59.72
C GLY C 482 3.95 1.69 60.56
N VAL C 483 4.17 0.45 60.96
CA VAL C 483 5.32 0.09 61.78
C VAL C 483 6.49 -0.17 60.84
N GLU C 484 7.41 0.79 60.78
CA GLU C 484 8.59 0.60 59.96
C GLU C 484 9.47 -0.50 60.54
N GLY C 485 10.02 -1.33 59.66
CA GLY C 485 10.85 -2.45 60.05
C GLY C 485 11.76 -2.82 58.89
N PHE C 486 12.59 -3.83 59.14
CA PHE C 486 13.52 -4.26 58.09
C PHE C 486 12.79 -4.85 56.89
N ASN C 487 11.73 -5.63 57.14
CA ASN C 487 11.03 -6.29 56.05
C ASN C 487 10.32 -5.29 55.14
N CYS C 488 9.52 -4.40 55.72
CA CYS C 488 8.81 -3.41 54.95
C CYS C 488 9.65 -2.14 54.78
N TYR C 489 9.25 -1.30 53.83
CA TYR C 489 10.06 -0.14 53.46
C TYR C 489 9.20 1.11 53.45
N PHE C 490 9.88 2.24 53.27
CA PHE C 490 9.32 3.56 53.06
C PHE C 490 9.46 3.96 51.60
N PRO C 491 8.40 4.43 50.95
CA PRO C 491 8.48 4.69 49.50
C PRO C 491 9.33 5.89 49.14
N LEU C 492 9.53 6.83 50.05
CA LEU C 492 10.25 8.06 49.77
C LEU C 492 11.68 7.95 50.31
N GLN C 493 12.65 8.34 49.50
CA GLN C 493 14.06 8.27 49.86
C GLN C 493 14.76 9.56 49.50
N SER C 494 15.77 9.92 50.28
CA SER C 494 16.58 11.08 49.99
C SER C 494 17.85 10.66 49.27
N TYR C 495 18.72 11.62 49.03
CA TYR C 495 20.04 11.38 48.45
C TYR C 495 20.81 12.70 48.49
N GLY C 496 22.13 12.58 48.67
CA GLY C 496 22.98 13.72 48.92
C GLY C 496 23.70 14.17 47.67
N PHE C 497 23.87 15.48 47.53
CA PHE C 497 24.56 16.08 46.41
C PHE C 497 25.89 16.62 46.94
N GLN C 498 26.96 15.85 46.75
CA GLN C 498 28.26 16.26 47.24
C GLN C 498 28.82 17.37 46.36
N PRO C 499 29.42 18.41 46.97
CA PRO C 499 30.04 19.46 46.15
C PRO C 499 31.20 18.97 45.32
N THR C 500 31.71 17.76 45.60
CA THR C 500 32.70 17.11 44.75
C THR C 500 32.16 15.82 44.15
N ASN C 501 30.84 15.67 44.12
CA ASN C 501 30.23 14.51 43.49
C ASN C 501 30.57 14.46 42.01
N GLY C 502 30.50 13.26 41.44
CA GLY C 502 30.76 13.10 40.03
C GLY C 502 29.75 13.82 39.16
N VAL C 503 30.12 14.00 37.89
CA VAL C 503 29.23 14.68 36.96
C VAL C 503 27.92 13.92 36.81
N GLY C 504 27.98 12.58 36.88
CA GLY C 504 26.78 11.77 36.80
C GLY C 504 25.84 11.94 37.98
N TYR C 505 26.28 12.58 39.06
CA TYR C 505 25.42 12.81 40.21
C TYR C 505 25.27 14.29 40.55
N GLN C 506 25.66 15.19 39.65
CA GLN C 506 25.44 16.60 39.91
C GLN C 506 23.94 16.89 39.98
N PRO C 507 23.50 17.79 40.86
CA PRO C 507 22.10 18.23 40.82
C PRO C 507 21.86 19.03 39.56
N TYR C 508 20.88 18.60 38.77
CA TYR C 508 20.45 19.33 37.59
C TYR C 508 19.07 19.90 37.88
N ARG C 509 18.95 21.22 37.73
CA ARG C 509 17.64 21.85 37.74
C ARG C 509 16.94 21.58 36.40
N VAL C 510 15.64 21.33 36.47
CA VAL C 510 14.83 21.02 35.30
C VAL C 510 13.55 21.84 35.35
N VAL C 511 13.23 22.49 34.25
CA VAL C 511 11.96 23.16 34.02
C VAL C 511 11.36 22.60 32.75
N VAL C 512 10.12 22.11 32.85
CA VAL C 512 9.38 21.58 31.72
C VAL C 512 8.31 22.59 31.36
N LEU C 513 8.33 23.06 30.12
CA LEU C 513 7.42 24.09 29.64
C LEU C 513 6.43 23.36 28.74
N SER C 514 5.26 23.08 29.28
CA SER C 514 4.20 22.35 28.58
C SER C 514 3.24 23.36 27.95
N PHE C 515 3.28 23.45 26.63
CA PHE C 515 2.27 24.15 25.87
C PHE C 515 1.10 23.21 25.56
N GLU C 516 0.03 23.78 25.02
CA GLU C 516 -1.09 22.98 24.53
C GLU C 516 -1.46 23.26 23.09
N LEU C 517 -1.13 24.44 22.56
CA LEU C 517 -1.45 24.83 21.19
C LEU C 517 -2.93 24.62 20.88
N LEU C 518 -3.78 25.02 21.82
CA LEU C 518 -5.21 24.89 21.64
C LEU C 518 -5.73 26.03 20.75
N HIS C 519 -6.93 25.82 20.21
CA HIS C 519 -7.55 26.78 19.30
C HIS C 519 -8.41 27.80 20.04
N ALA C 520 -8.52 27.70 21.36
CA ALA C 520 -9.25 28.68 22.14
C ALA C 520 -8.52 30.01 22.10
N PRO C 521 -9.20 31.11 22.43
CA PRO C 521 -8.56 32.43 22.36
C PRO C 521 -7.21 32.44 23.07
N ALA C 522 -6.20 32.93 22.37
CA ALA C 522 -4.84 32.85 22.86
C ALA C 522 -4.59 33.85 23.99
N THR C 523 -3.70 33.48 24.89
CA THR C 523 -3.28 34.36 25.99
C THR C 523 -1.80 34.69 25.94
N VAL C 524 -0.95 33.70 25.74
CA VAL C 524 0.49 33.92 25.65
C VAL C 524 0.86 33.99 24.18
N CYS C 525 1.57 35.05 23.79
CA CYS C 525 2.00 35.20 22.41
C CYS C 525 3.47 35.56 22.37
N GLY C 526 4.04 35.50 21.16
CA GLY C 526 5.43 35.82 20.97
C GLY C 526 5.58 37.25 20.49
N PRO C 527 6.79 37.78 20.57
CA PRO C 527 7.01 39.20 20.25
C PRO C 527 7.05 39.42 18.75
N LYS C 528 5.98 39.98 18.21
CA LYS C 528 5.89 40.28 16.79
C LYS C 528 5.10 41.55 16.60
N LYS C 529 5.53 42.37 15.64
CA LYS C 529 4.97 43.70 15.45
C LYS C 529 3.68 43.60 14.64
N SER C 530 2.55 43.89 15.28
CA SER C 530 1.28 43.91 14.57
C SER C 530 1.26 45.01 13.52
N THR C 531 0.50 44.77 12.45
CA THR C 531 0.33 45.74 11.38
C THR C 531 -1.15 45.89 11.05
N ASN C 532 -1.52 47.04 10.51
CA ASN C 532 -2.92 47.30 10.19
C ASN C 532 -3.37 46.39 9.05
N LEU C 533 -4.67 46.11 9.03
CA LEU C 533 -5.25 45.16 8.09
C LEU C 533 -5.75 45.87 6.84
N VAL C 534 -5.37 45.34 5.68
CA VAL C 534 -5.84 45.83 4.39
C VAL C 534 -6.92 44.88 3.89
N LYS C 535 -8.03 45.44 3.42
CA LYS C 535 -9.19 44.65 3.06
C LYS C 535 -9.40 44.62 1.55
N ASN C 536 -9.96 43.51 1.08
CA ASN C 536 -10.34 43.31 -0.32
C ASN C 536 -9.13 43.13 -1.23
N LYS C 537 -8.04 42.60 -0.70
CA LYS C 537 -6.88 42.24 -1.49
C LYS C 537 -6.31 40.93 -0.97
N CYS C 538 -5.76 40.12 -1.87
CA CYS C 538 -5.10 38.90 -1.43
C CYS C 538 -3.95 39.27 -0.50
N VAL C 539 -3.95 38.68 0.70
CA VAL C 539 -2.92 38.93 1.69
C VAL C 539 -2.57 37.61 2.36
N ASN C 540 -1.36 37.57 2.92
CA ASN C 540 -0.94 36.49 3.82
C ASN C 540 -1.20 36.98 5.24
N PHE C 541 -2.20 36.42 5.90
CA PHE C 541 -2.62 36.91 7.21
C PHE C 541 -2.23 35.92 8.29
N ASN C 542 -2.01 36.47 9.48
CA ASN C 542 -1.56 35.71 10.65
C ASN C 542 -2.27 36.30 11.86
N PHE C 543 -3.33 35.62 12.30
CA PHE C 543 -4.11 36.02 13.47
C PHE C 543 -3.84 35.00 14.55
N ASN C 544 -3.01 35.37 15.54
CA ASN C 544 -2.78 34.52 16.70
C ASN C 544 -2.28 33.13 16.29
N GLY C 545 -1.29 33.11 15.41
CA GLY C 545 -0.76 31.87 14.90
C GLY C 545 -1.59 31.21 13.81
N LEU C 546 -2.90 31.49 13.76
CA LEU C 546 -3.73 31.04 12.66
C LEU C 546 -3.29 31.77 11.40
N THR C 547 -2.65 31.06 10.47
CA THR C 547 -2.12 31.69 9.29
C THR C 547 -2.88 31.23 8.06
N GLY C 548 -2.73 32.00 6.99
CA GLY C 548 -3.37 31.63 5.75
C GLY C 548 -3.19 32.72 4.72
N THR C 549 -3.74 32.46 3.54
CA THR C 549 -3.71 33.42 2.45
C THR C 549 -5.13 33.57 1.93
N GLY C 550 -5.55 34.82 1.69
CA GLY C 550 -6.87 35.02 1.18
C GLY C 550 -7.24 36.49 1.16
N VAL C 551 -8.50 36.73 0.80
CA VAL C 551 -9.07 38.06 0.72
C VAL C 551 -9.93 38.26 1.96
N LEU C 552 -9.64 39.32 2.69
CA LEU C 552 -10.36 39.66 3.91
C LEU C 552 -11.40 40.71 3.58
N THR C 553 -12.66 40.43 3.87
CA THR C 553 -13.71 41.41 3.63
C THR C 553 -14.55 41.62 4.87
N GLU C 554 -15.20 42.77 4.95
CA GLU C 554 -16.14 43.00 6.05
C GLU C 554 -17.31 42.03 5.92
N SER C 555 -17.78 41.54 7.07
CA SER C 555 -18.67 40.39 7.09
C SER C 555 -19.94 40.67 7.87
N ASN C 556 -21.00 39.96 7.51
CA ASN C 556 -22.29 40.07 8.17
C ASN C 556 -22.60 38.88 9.04
N LYS C 557 -21.62 38.01 9.30
CA LYS C 557 -21.83 36.89 10.21
C LYS C 557 -22.00 37.41 11.62
N LYS C 558 -23.19 37.22 12.17
CA LYS C 558 -23.59 37.81 13.44
C LYS C 558 -23.31 36.83 14.60
N PHE C 559 -22.06 36.44 14.76
CA PHE C 559 -21.79 35.42 15.76
C PHE C 559 -21.46 36.03 17.12
N LEU C 560 -21.99 35.37 18.15
CA LEU C 560 -22.05 35.89 19.51
C LEU C 560 -20.69 35.85 20.18
N PRO C 561 -20.50 36.64 21.24
CA PRO C 561 -19.16 36.78 21.83
C PRO C 561 -18.64 35.47 22.44
N PHE C 562 -17.32 35.46 22.65
CA PHE C 562 -16.45 34.38 23.07
C PHE C 562 -16.25 33.41 21.90
N GLN C 563 -17.02 33.56 20.83
CA GLN C 563 -16.74 32.88 19.57
C GLN C 563 -15.73 33.70 18.79
N GLN C 564 -14.74 33.01 18.22
CA GLN C 564 -13.73 33.67 17.41
C GLN C 564 -13.81 33.29 15.95
N PHE C 565 -13.79 31.99 15.64
CA PHE C 565 -13.64 31.52 14.28
C PHE C 565 -15.00 31.25 13.66
N GLY C 566 -14.97 30.94 12.37
CA GLY C 566 -16.06 30.27 11.69
C GLY C 566 -15.52 29.00 11.09
N ARG C 567 -16.43 28.21 10.51
CA ARG C 567 -15.99 26.96 9.91
C ARG C 567 -16.85 26.64 8.70
N ASP C 568 -16.22 25.98 7.74
CA ASP C 568 -16.88 25.41 6.59
C ASP C 568 -17.00 23.90 6.79
N ILE C 569 -17.41 23.19 5.73
CA ILE C 569 -17.50 21.74 5.81
C ILE C 569 -16.13 21.13 6.07
N ALA C 570 -15.12 21.60 5.34
CA ALA C 570 -13.77 21.08 5.45
C ALA C 570 -13.05 21.56 6.70
N ASP C 571 -13.76 22.22 7.62
CA ASP C 571 -13.19 22.66 8.90
C ASP C 571 -11.95 23.52 8.71
N THR C 572 -12.03 24.46 7.76
CA THR C 572 -11.02 25.49 7.59
C THR C 572 -11.69 26.85 7.76
N THR C 573 -10.98 27.78 8.40
CA THR C 573 -11.58 29.03 8.84
C THR C 573 -12.23 29.76 7.67
N ASP C 574 -13.46 30.23 7.91
CA ASP C 574 -14.22 31.00 6.93
C ASP C 574 -14.42 32.44 7.34
N ALA C 575 -14.56 32.71 8.63
CA ALA C 575 -14.60 34.06 9.16
C ALA C 575 -13.76 34.09 10.41
N VAL C 576 -13.28 35.27 10.78
CA VAL C 576 -12.38 35.38 11.92
C VAL C 576 -12.59 36.73 12.60
N ARG C 577 -12.20 36.81 13.86
CA ARG C 577 -12.41 37.99 14.69
C ARG C 577 -11.08 38.72 14.87
N ASP C 578 -11.09 40.02 14.63
CA ASP C 578 -9.86 40.79 14.77
C ASP C 578 -9.45 40.85 16.23
N PRO C 579 -8.24 40.42 16.59
CA PRO C 579 -7.83 40.47 17.99
C PRO C 579 -7.83 41.86 18.58
N GLN C 580 -7.49 42.88 17.78
CA GLN C 580 -7.35 44.23 18.31
C GLN C 580 -8.63 45.05 18.21
N THR C 581 -9.40 44.87 17.14
CA THR C 581 -10.58 45.69 16.89
C THR C 581 -11.89 44.97 17.17
N LEU C 582 -11.86 43.66 17.37
CA LEU C 582 -13.06 42.86 17.68
C LEU C 582 -14.12 43.01 16.59
N GLU C 583 -13.70 42.84 15.34
CA GLU C 583 -14.60 42.90 14.19
C GLU C 583 -14.54 41.57 13.46
N ILE C 584 -15.58 41.30 12.68
CA ILE C 584 -15.73 40.02 12.00
C ILE C 584 -15.36 40.20 10.54
N LEU C 585 -14.40 39.42 10.06
CA LEU C 585 -13.96 39.47 8.68
C LEU C 585 -14.12 38.12 8.00
N ASP C 586 -14.68 38.12 6.79
CA ASP C 586 -14.74 36.90 6.00
C ASP C 586 -13.39 36.69 5.33
N ILE C 587 -13.12 35.44 4.98
CA ILE C 587 -11.88 35.04 4.33
C ILE C 587 -12.25 34.20 3.11
N THR C 588 -11.97 34.73 1.93
CA THR C 588 -12.23 34.01 0.69
C THR C 588 -10.92 33.70 -0.01
N PRO C 589 -10.71 32.48 -0.48
CA PRO C 589 -9.42 32.15 -1.09
C PRO C 589 -9.16 32.97 -2.35
N CYS C 590 -7.88 33.13 -2.66
CA CYS C 590 -7.50 33.92 -3.81
C CYS C 590 -8.02 33.29 -5.08
N SER C 591 -8.38 34.14 -6.05
CA SER C 591 -8.94 33.67 -7.31
C SER C 591 -7.94 32.75 -8.00
N PHE C 592 -8.46 31.67 -8.57
CA PHE C 592 -7.62 30.74 -9.30
C PHE C 592 -8.47 30.03 -10.34
N GLY C 593 -7.79 29.38 -11.28
CA GLY C 593 -8.50 28.58 -12.25
C GLY C 593 -7.63 28.08 -13.37
N GLY C 594 -8.12 27.09 -14.11
CA GLY C 594 -7.34 26.57 -15.21
C GLY C 594 -7.18 27.56 -16.34
N VAL C 595 -6.16 27.34 -17.16
CA VAL C 595 -5.92 28.13 -18.35
C VAL C 595 -5.96 27.21 -19.55
N SER C 596 -6.78 27.57 -20.53
CA SER C 596 -6.94 26.80 -21.75
C SER C 596 -6.46 27.63 -22.92
N VAL C 597 -5.94 26.97 -23.94
CA VAL C 597 -5.38 27.64 -25.10
C VAL C 597 -6.13 27.20 -26.36
N ILE C 598 -6.72 28.16 -27.07
CA ILE C 598 -7.42 27.90 -28.31
C ILE C 598 -6.44 28.10 -29.45
N THR C 599 -6.21 27.05 -30.23
CA THR C 599 -5.28 27.04 -31.34
C THR C 599 -6.03 26.77 -32.63
N PRO C 600 -5.89 27.61 -33.67
CA PRO C 600 -6.49 27.28 -34.97
C PRO C 600 -5.81 26.13 -35.68
N GLY C 601 -4.65 25.69 -35.20
CA GLY C 601 -3.87 24.69 -35.89
C GLY C 601 -2.54 25.25 -36.36
N THR C 602 -1.43 24.64 -35.95
CA THR C 602 -0.12 25.17 -36.28
C THR C 602 0.07 25.30 -37.79
N ASN C 603 -0.49 24.38 -38.56
CA ASN C 603 -0.36 24.45 -40.01
C ASN C 603 -1.16 25.57 -40.63
N THR C 604 -1.97 26.30 -39.85
CA THR C 604 -2.75 27.39 -40.38
C THR C 604 -2.34 28.76 -39.83
N SER C 605 -2.13 28.88 -38.53
CA SER C 605 -1.61 30.13 -37.99
C SER C 605 -1.03 29.88 -36.60
N ASN C 606 -0.20 30.81 -36.16
CA ASN C 606 0.30 30.82 -34.79
C ASN C 606 -0.52 31.70 -33.87
N GLN C 607 -1.32 32.60 -34.42
CA GLN C 607 -2.18 33.45 -33.60
C GLN C 607 -3.09 32.56 -32.74
N VAL C 608 -3.26 32.95 -31.48
CA VAL C 608 -3.81 32.06 -30.47
C VAL C 608 -4.77 32.84 -29.59
N ALA C 609 -5.60 32.10 -28.84
CA ALA C 609 -6.51 32.72 -27.88
C ALA C 609 -6.37 32.02 -26.54
N VAL C 610 -6.60 32.75 -25.45
CA VAL C 610 -6.46 32.18 -24.12
C VAL C 610 -7.78 32.29 -23.38
N LEU C 611 -8.21 31.19 -22.76
CA LEU C 611 -9.39 31.15 -21.93
C LEU C 611 -8.97 30.95 -20.49
N TYR C 612 -9.32 31.89 -19.61
CA TYR C 612 -9.09 31.73 -18.19
C TYR C 612 -10.39 31.25 -17.57
N GLN C 613 -10.40 30.01 -17.10
CA GLN C 613 -11.64 29.41 -16.63
C GLN C 613 -12.07 29.99 -15.29
N ASP C 614 -13.37 30.24 -15.15
CA ASP C 614 -14.00 30.50 -13.86
C ASP C 614 -13.36 31.67 -13.12
N VAL C 615 -12.88 32.67 -13.86
CA VAL C 615 -12.39 33.89 -13.23
C VAL C 615 -13.13 35.07 -13.84
N ASN C 616 -12.84 36.27 -13.33
CA ASN C 616 -13.45 37.48 -13.83
C ASN C 616 -12.39 38.32 -14.53
N CYS C 617 -12.79 38.96 -15.64
CA CYS C 617 -11.82 39.59 -16.52
C CYS C 617 -11.05 40.72 -15.86
N THR C 618 -11.53 41.24 -14.73
CA THR C 618 -10.78 42.28 -14.03
C THR C 618 -9.57 41.73 -13.29
N GLU C 619 -9.51 40.42 -13.07
CA GLU C 619 -8.47 39.80 -12.26
C GLU C 619 -7.25 39.38 -13.09
N VAL C 620 -7.21 39.71 -14.37
CA VAL C 620 -6.08 39.35 -15.20
C VAL C 620 -5.14 40.53 -15.37
N ASN C 641 -8.83 42.48 -26.28
CA ASN C 641 -10.13 42.06 -26.75
C ASN C 641 -10.84 41.16 -25.73
N VAL C 642 -10.66 41.48 -24.44
CA VAL C 642 -11.19 40.63 -23.39
C VAL C 642 -12.71 40.53 -23.53
N PHE C 643 -13.22 39.31 -23.36
CA PHE C 643 -14.62 39.02 -23.58
C PHE C 643 -15.07 38.02 -22.53
N GLN C 644 -16.06 38.39 -21.73
CA GLN C 644 -16.49 37.56 -20.61
C GLN C 644 -17.57 36.59 -21.07
N THR C 645 -17.35 35.30 -20.84
CA THR C 645 -18.31 34.26 -21.17
C THR C 645 -18.67 33.50 -19.90
N ARG C 646 -19.80 32.81 -19.94
CA ARG C 646 -20.23 32.01 -18.80
C ARG C 646 -19.17 30.98 -18.41
N ALA C 647 -18.28 30.63 -19.34
CA ALA C 647 -17.17 29.73 -19.05
C ALA C 647 -15.98 30.44 -18.41
N GLY C 648 -15.66 31.65 -18.86
CA GLY C 648 -14.53 32.36 -18.31
C GLY C 648 -14.14 33.52 -19.18
N CYS C 649 -12.98 34.11 -18.86
CA CYS C 649 -12.52 35.28 -19.59
C CYS C 649 -11.77 34.81 -20.84
N LEU C 650 -12.16 35.32 -21.99
CA LEU C 650 -11.55 34.94 -23.26
C LEU C 650 -10.78 36.13 -23.80
N ILE C 651 -9.45 35.98 -23.89
CA ILE C 651 -8.55 37.03 -24.34
C ILE C 651 -7.98 36.63 -25.69
N GLY C 652 -8.08 37.53 -26.66
CA GLY C 652 -7.49 37.32 -27.96
C GLY C 652 -8.45 36.91 -29.04
N ALA C 653 -9.75 36.84 -28.76
CA ALA C 653 -10.75 36.49 -29.75
C ALA C 653 -11.84 37.55 -29.75
N GLU C 654 -12.28 37.91 -30.95
CA GLU C 654 -13.20 39.03 -31.14
C GLU C 654 -14.63 38.51 -31.24
N HIS C 655 -15.51 38.99 -30.37
CA HIS C 655 -16.87 38.47 -30.28
C HIS C 655 -17.69 38.99 -31.45
N VAL C 656 -18.14 38.08 -32.30
CA VAL C 656 -18.99 38.43 -33.41
C VAL C 656 -20.42 38.05 -33.04
N ASN C 657 -21.38 38.51 -33.84
CA ASN C 657 -22.79 38.34 -33.48
C ASN C 657 -23.47 37.21 -34.26
N ASN C 658 -23.29 37.15 -35.57
CA ASN C 658 -23.91 36.08 -36.35
C ASN C 658 -23.35 34.72 -35.92
N SER C 659 -24.10 33.67 -36.23
CA SER C 659 -23.84 32.35 -35.71
C SER C 659 -23.43 31.38 -36.80
N TYR C 660 -22.55 30.45 -36.44
CA TYR C 660 -22.04 29.43 -37.36
C TYR C 660 -21.99 28.11 -36.63
N GLU C 661 -21.90 27.02 -37.39
CA GLU C 661 -21.79 25.71 -36.79
C GLU C 661 -20.51 25.59 -35.98
N CYS C 662 -20.57 24.90 -34.85
CA CYS C 662 -19.49 24.96 -33.88
C CYS C 662 -18.19 24.42 -34.47
N ASP C 663 -17.10 25.11 -34.18
CA ASP C 663 -15.77 24.75 -34.68
C ASP C 663 -14.83 24.35 -33.56
N ILE C 664 -14.67 25.18 -32.54
CA ILE C 664 -13.91 24.82 -31.35
C ILE C 664 -14.75 25.14 -30.13
N PRO C 665 -15.31 24.15 -29.43
CA PRO C 665 -16.23 24.46 -28.33
C PRO C 665 -15.50 25.09 -27.16
N ILE C 666 -16.15 26.06 -26.53
CA ILE C 666 -15.63 26.74 -25.36
C ILE C 666 -16.40 26.36 -24.10
N GLY C 667 -17.72 26.44 -24.17
CA GLY C 667 -18.57 26.12 -23.04
C GLY C 667 -19.75 27.08 -22.97
N ALA C 668 -20.86 26.58 -22.45
CA ALA C 668 -22.08 27.36 -22.26
C ALA C 668 -22.61 27.94 -23.56
N GLY C 669 -22.31 27.29 -24.68
CA GLY C 669 -22.88 27.67 -25.95
C GLY C 669 -22.00 28.54 -26.82
N ILE C 670 -20.75 28.79 -26.43
CA ILE C 670 -19.84 29.61 -27.20
C ILE C 670 -18.88 28.70 -27.94
N CYS C 671 -18.65 28.98 -29.22
CA CYS C 671 -17.64 28.29 -29.98
C CYS C 671 -16.73 29.31 -30.65
N ALA C 672 -15.47 28.97 -30.79
CA ALA C 672 -14.47 29.83 -31.39
C ALA C 672 -14.00 29.24 -32.71
N SER C 673 -13.55 30.10 -33.60
CA SER C 673 -13.07 29.65 -34.90
C SER C 673 -12.12 30.69 -35.48
N TYR C 674 -11.42 30.29 -36.53
CA TYR C 674 -10.45 31.15 -37.21
C TYR C 674 -11.00 31.49 -38.59
N GLN C 675 -11.29 32.76 -38.82
CA GLN C 675 -11.92 33.18 -40.07
C GLN C 675 -11.30 34.46 -40.58
N THR C 676 -11.47 34.69 -41.87
CA THR C 676 -10.99 35.90 -42.52
C THR C 676 -11.69 37.15 -41.99
N GLN C 687 -8.51 37.76 -41.17
CA GLN C 687 -7.94 36.59 -40.52
C GLN C 687 -7.73 36.85 -39.03
N SER C 688 -8.52 36.17 -38.20
CA SER C 688 -8.42 36.28 -36.75
C SER C 688 -9.33 35.22 -36.13
N ILE C 689 -9.18 35.06 -34.82
CA ILE C 689 -10.01 34.14 -34.05
C ILE C 689 -11.22 34.90 -33.50
N ILE C 690 -12.40 34.31 -33.64
CA ILE C 690 -13.64 34.88 -33.16
C ILE C 690 -14.36 33.87 -32.27
N ALA C 691 -15.24 34.39 -31.42
CA ALA C 691 -16.11 33.58 -30.59
C ALA C 691 -17.55 33.99 -30.83
N TYR C 692 -18.45 33.01 -30.88
CA TYR C 692 -19.83 33.27 -31.24
C TYR C 692 -20.73 32.23 -30.59
N THR C 693 -22.02 32.55 -30.50
CA THR C 693 -23.00 31.60 -30.00
C THR C 693 -23.33 30.60 -31.10
N MET C 694 -23.03 29.33 -30.86
CA MET C 694 -23.18 28.31 -31.90
C MET C 694 -24.63 28.23 -32.35
N SER C 695 -24.82 27.78 -33.59
CA SER C 695 -26.14 27.65 -34.18
C SER C 695 -26.41 26.19 -34.50
N LEU C 696 -27.56 25.70 -34.05
CA LEU C 696 -27.84 24.28 -34.14
C LEU C 696 -28.01 23.83 -35.58
N GLY C 697 -28.52 24.69 -36.44
CA GLY C 697 -28.68 24.32 -37.84
C GLY C 697 -29.57 25.30 -38.55
N ALA C 698 -29.74 25.04 -39.85
CA ALA C 698 -30.58 25.89 -40.67
C ALA C 698 -32.03 25.78 -40.24
N GLU C 699 -32.71 26.92 -40.22
CA GLU C 699 -34.13 26.93 -39.89
C GLU C 699 -34.92 26.26 -41.01
N ASN C 700 -36.11 25.79 -40.69
CA ASN C 700 -36.93 25.11 -41.68
C ASN C 700 -38.36 25.05 -41.18
N SER C 701 -39.31 25.38 -42.05
CA SER C 701 -40.73 25.26 -41.75
C SER C 701 -41.37 24.38 -42.82
N VAL C 702 -41.87 23.22 -42.40
CA VAL C 702 -42.49 22.31 -43.35
C VAL C 702 -43.84 22.86 -43.76
N ALA C 703 -44.16 22.78 -45.05
CA ALA C 703 -45.40 23.36 -45.57
C ALA C 703 -46.59 22.47 -45.24
N TYR C 704 -46.76 22.21 -43.94
CA TYR C 704 -47.79 21.32 -43.49
C TYR C 704 -49.18 21.88 -43.77
N SER C 705 -50.04 21.05 -44.33
CA SER C 705 -51.44 21.36 -44.53
C SER C 705 -52.21 20.06 -44.43
N ASN C 706 -53.52 20.17 -44.22
CA ASN C 706 -54.30 18.97 -43.98
C ASN C 706 -54.66 18.19 -45.24
N ASN C 707 -54.31 18.71 -46.42
CA ASN C 707 -54.60 17.97 -47.66
C ASN C 707 -53.43 17.97 -48.63
N SER C 708 -52.19 18.20 -48.17
CA SER C 708 -51.03 18.21 -49.05
C SER C 708 -50.05 17.14 -48.58
N ILE C 709 -49.54 16.35 -49.52
CA ILE C 709 -48.58 15.30 -49.26
C ILE C 709 -47.46 15.39 -50.29
N ALA C 710 -46.22 15.40 -49.81
CA ALA C 710 -45.07 15.36 -50.69
C ALA C 710 -44.62 13.91 -50.85
N ILE C 711 -44.45 13.48 -52.10
CA ILE C 711 -44.08 12.11 -52.43
C ILE C 711 -42.80 12.14 -53.25
N PRO C 712 -41.80 11.33 -52.94
CA PRO C 712 -40.57 11.34 -53.74
C PRO C 712 -40.80 10.81 -55.13
N THR C 713 -39.91 11.22 -56.05
CA THR C 713 -40.00 10.85 -57.44
C THR C 713 -38.76 10.10 -57.92
N ASN C 714 -37.72 10.03 -57.12
CA ASN C 714 -36.47 9.42 -57.50
C ASN C 714 -35.84 8.84 -56.23
N PHE C 715 -34.55 8.55 -56.28
CA PHE C 715 -33.89 7.98 -55.12
C PHE C 715 -32.39 8.08 -55.33
N THR C 716 -31.65 7.87 -54.25
CA THR C 716 -30.21 7.73 -54.29
C THR C 716 -29.83 6.51 -53.48
N ILE C 717 -28.71 5.89 -53.86
CA ILE C 717 -28.13 4.79 -53.11
C ILE C 717 -26.85 5.33 -52.49
N SER C 718 -26.75 5.30 -51.17
CA SER C 718 -25.60 5.87 -50.50
C SER C 718 -24.90 4.80 -49.69
N VAL C 719 -23.58 4.94 -49.57
CA VAL C 719 -22.75 4.02 -48.82
C VAL C 719 -22.01 4.80 -47.76
N THR C 720 -22.18 4.40 -46.51
CA THR C 720 -21.52 5.07 -45.40
C THR C 720 -20.66 4.09 -44.65
N THR C 721 -19.67 4.59 -43.92
CA THR C 721 -18.74 3.72 -43.22
C THR C 721 -18.90 3.89 -41.71
N GLU C 722 -18.98 2.77 -41.02
CA GLU C 722 -19.11 2.74 -39.57
C GLU C 722 -17.96 1.94 -38.97
N ILE C 723 -17.15 2.57 -38.13
CA ILE C 723 -15.94 1.96 -37.60
C ILE C 723 -16.15 1.66 -36.12
N LEU C 724 -15.92 0.42 -35.72
CA LEU C 724 -16.09 0.02 -34.33
C LEU C 724 -14.85 -0.69 -33.82
N PRO C 725 -14.34 -0.33 -32.65
CA PRO C 725 -13.28 -1.13 -32.01
C PRO C 725 -13.82 -2.49 -31.63
N VAL C 726 -12.93 -3.48 -31.62
CA VAL C 726 -13.34 -4.82 -31.23
C VAL C 726 -12.49 -5.36 -30.10
N SER C 727 -11.18 -5.18 -30.17
CA SER C 727 -10.32 -5.77 -29.17
C SER C 727 -9.10 -4.91 -28.91
N MET C 728 -8.62 -4.95 -27.67
CA MET C 728 -7.41 -4.25 -27.29
C MET C 728 -6.18 -5.07 -27.66
N THR C 729 -5.03 -4.71 -27.12
CA THR C 729 -3.84 -5.53 -27.18
C THR C 729 -3.73 -6.35 -25.91
N LYS C 730 -3.34 -7.61 -26.06
CA LYS C 730 -3.27 -8.54 -24.95
C LYS C 730 -1.91 -8.38 -24.29
N THR C 731 -1.90 -7.90 -23.05
CA THR C 731 -0.64 -7.67 -22.35
C THR C 731 -0.67 -8.38 -21.00
N SER C 732 0.52 -8.72 -20.52
CA SER C 732 0.68 -9.27 -19.19
C SER C 732 1.90 -8.64 -18.55
N VAL C 733 1.89 -8.58 -17.22
CA VAL C 733 2.97 -7.97 -16.45
C VAL C 733 3.37 -8.91 -15.34
N ASP C 734 4.67 -9.11 -15.17
CA ASP C 734 5.19 -9.95 -14.11
C ASP C 734 5.32 -9.09 -12.86
N CYS C 735 4.43 -9.32 -11.89
CA CYS C 735 4.38 -8.47 -10.72
C CYS C 735 5.72 -8.43 -10.00
N THR C 736 6.33 -9.58 -9.79
CA THR C 736 7.55 -9.63 -8.99
C THR C 736 8.72 -9.02 -9.75
N MET C 737 8.83 -9.29 -11.05
CA MET C 737 9.95 -8.73 -11.80
C MET C 737 9.82 -7.22 -11.91
N TYR C 738 8.60 -6.72 -12.09
CA TYR C 738 8.41 -5.28 -12.19
C TYR C 738 8.72 -4.59 -10.88
N ILE C 739 8.13 -5.07 -9.79
CA ILE C 739 8.33 -4.41 -8.50
C ILE C 739 9.76 -4.57 -8.03
N CYS C 740 10.20 -5.80 -7.83
CA CYS C 740 11.54 -6.12 -7.34
C CYS C 740 12.35 -6.67 -8.49
N GLY C 741 13.20 -5.83 -9.08
CA GLY C 741 13.87 -6.28 -10.29
C GLY C 741 15.13 -7.07 -10.00
N ASP C 742 15.00 -8.39 -10.01
CA ASP C 742 16.11 -9.31 -9.80
C ASP C 742 16.87 -8.98 -8.52
N SER C 743 16.18 -9.13 -7.39
CA SER C 743 16.79 -8.86 -6.08
C SER C 743 16.14 -9.76 -5.04
N THR C 744 16.96 -10.60 -4.41
CA THR C 744 16.41 -11.59 -3.48
C THR C 744 15.92 -10.93 -2.20
N GLU C 745 16.67 -9.97 -1.67
CA GLU C 745 16.21 -9.25 -0.48
C GLU C 745 14.91 -8.51 -0.76
N CYS C 746 14.84 -7.88 -1.94
CA CYS C 746 13.61 -7.20 -2.33
C CYS C 746 12.44 -8.16 -2.38
N SER C 747 12.63 -9.35 -2.96
CA SER C 747 11.49 -10.24 -3.05
C SER C 747 11.16 -10.88 -1.70
N ASN C 748 12.14 -10.94 -0.80
CA ASN C 748 11.85 -11.43 0.55
C ASN C 748 11.00 -10.44 1.31
N LEU C 749 11.24 -9.14 1.11
CA LEU C 749 10.33 -8.17 1.70
C LEU C 749 8.99 -8.15 0.99
N LEU C 750 8.97 -8.44 -0.31
CA LEU C 750 7.73 -8.37 -1.05
C LEU C 750 6.82 -9.54 -0.72
N LEU C 751 7.38 -10.64 -0.21
CA LEU C 751 6.53 -11.77 0.17
C LEU C 751 5.59 -11.44 1.33
N GLN C 752 5.83 -10.34 2.04
CA GLN C 752 4.98 -9.97 3.17
C GLN C 752 3.62 -9.45 2.75
N TYR C 753 3.41 -9.14 1.47
CA TYR C 753 2.18 -8.51 1.01
C TYR C 753 1.19 -9.50 0.43
N GLY C 754 1.15 -10.72 0.94
CA GLY C 754 0.09 -11.65 0.59
C GLY C 754 0.05 -11.98 -0.89
N SER C 755 -1.16 -11.92 -1.46
CA SER C 755 -1.45 -12.47 -2.78
C SER C 755 -1.63 -11.40 -3.85
N PHE C 756 -1.06 -10.21 -3.64
CA PHE C 756 -1.32 -9.10 -4.55
C PHE C 756 -0.84 -9.42 -5.95
N CYS C 757 0.35 -10.02 -6.08
CA CYS C 757 0.87 -10.35 -7.40
C CYS C 757 0.00 -11.37 -8.11
N THR C 758 -0.49 -12.37 -7.39
CA THR C 758 -1.37 -13.35 -8.00
C THR C 758 -2.66 -12.70 -8.47
N GLN C 759 -3.22 -11.79 -7.69
CA GLN C 759 -4.44 -11.11 -8.14
C GLN C 759 -4.19 -10.26 -9.39
N LEU C 760 -3.04 -9.59 -9.45
CA LEU C 760 -2.79 -8.76 -10.62
C LEU C 760 -2.64 -9.62 -11.86
N ASN C 761 -1.89 -10.72 -11.74
CA ASN C 761 -1.75 -11.62 -12.87
C ASN C 761 -3.08 -12.21 -13.28
N ARG C 762 -3.93 -12.54 -12.31
CA ARG C 762 -5.23 -13.13 -12.62
C ARG C 762 -6.10 -12.15 -13.40
N ALA C 763 -6.15 -10.89 -12.95
CA ALA C 763 -6.96 -9.91 -13.65
C ALA C 763 -6.46 -9.69 -15.08
N LEU C 764 -5.15 -9.58 -15.24
CA LEU C 764 -4.64 -9.36 -16.60
C LEU C 764 -4.87 -10.57 -17.50
N THR C 765 -4.80 -11.78 -16.95
CA THR C 765 -5.12 -12.95 -17.76
C THR C 765 -6.59 -12.96 -18.14
N GLY C 766 -7.47 -12.56 -17.23
CA GLY C 766 -8.88 -12.49 -17.57
C GLY C 766 -9.13 -11.56 -18.74
N ILE C 767 -8.48 -10.39 -18.72
CA ILE C 767 -8.60 -9.46 -19.84
C ILE C 767 -8.06 -10.08 -21.12
N ALA C 768 -6.89 -10.73 -21.02
CA ALA C 768 -6.26 -11.29 -22.21
C ALA C 768 -7.16 -12.32 -22.88
N VAL C 769 -7.81 -13.18 -22.10
CA VAL C 769 -8.73 -14.15 -22.69
C VAL C 769 -9.96 -13.45 -23.26
N GLU C 770 -10.52 -12.49 -22.52
CA GLU C 770 -11.69 -11.78 -22.99
C GLU C 770 -11.47 -11.17 -24.37
N GLN C 771 -10.26 -10.72 -24.67
CA GLN C 771 -10.03 -10.09 -25.97
C GLN C 771 -10.23 -11.08 -27.11
N ASP C 772 -9.75 -12.31 -26.93
CA ASP C 772 -9.95 -13.31 -27.96
C ASP C 772 -11.40 -13.73 -28.06
N LYS C 773 -12.10 -13.74 -26.92
CA LYS C 773 -13.53 -14.00 -27.01
C LYS C 773 -14.23 -12.92 -27.82
N ASN C 774 -13.82 -11.67 -27.67
CA ASN C 774 -14.42 -10.58 -28.42
C ASN C 774 -14.23 -10.79 -29.92
N THR C 775 -12.99 -11.03 -30.35
CA THR C 775 -12.77 -11.20 -31.78
C THR C 775 -13.52 -12.42 -32.32
N GLN C 776 -13.51 -13.52 -31.56
CA GLN C 776 -14.20 -14.73 -32.00
C GLN C 776 -15.68 -14.47 -32.18
N GLU C 777 -16.28 -13.76 -31.22
CA GLU C 777 -17.71 -13.52 -31.27
C GLU C 777 -18.08 -12.58 -32.41
N VAL C 778 -17.22 -11.61 -32.71
CA VAL C 778 -17.55 -10.66 -33.77
C VAL C 778 -17.46 -11.33 -35.13
N PHE C 779 -16.37 -12.05 -35.39
CA PHE C 779 -16.13 -12.51 -36.75
C PHE C 779 -16.58 -13.93 -37.03
N ALA C 780 -16.54 -14.84 -36.06
CA ALA C 780 -16.88 -16.24 -36.30
C ALA C 780 -18.38 -16.46 -36.29
N GLN C 781 -19.07 -15.71 -37.15
CA GLN C 781 -20.52 -15.85 -37.26
C GLN C 781 -20.94 -16.97 -38.20
N VAL C 782 -20.09 -17.34 -39.14
CA VAL C 782 -20.47 -18.23 -40.23
C VAL C 782 -19.79 -19.57 -40.02
N LYS C 783 -20.54 -20.65 -40.25
CA LYS C 783 -20.03 -21.99 -39.98
C LYS C 783 -19.01 -22.42 -41.03
N GLN C 784 -19.31 -22.20 -42.31
CA GLN C 784 -18.50 -22.69 -43.41
C GLN C 784 -17.93 -21.54 -44.21
N ILE C 785 -16.74 -21.74 -44.76
CA ILE C 785 -16.09 -20.73 -45.58
C ILE C 785 -16.62 -20.87 -47.01
N TYR C 786 -17.38 -19.87 -47.45
CA TYR C 786 -17.85 -19.84 -48.82
C TYR C 786 -16.79 -19.19 -49.71
N LYS C 787 -17.06 -19.16 -51.00
CA LYS C 787 -16.14 -18.54 -51.94
C LYS C 787 -16.94 -17.98 -53.09
N THR C 788 -16.52 -16.82 -53.59
CA THR C 788 -17.18 -16.24 -54.73
C THR C 788 -16.83 -17.01 -55.99
N PRO C 789 -17.77 -17.20 -56.91
CA PRO C 789 -17.50 -17.96 -58.12
C PRO C 789 -16.55 -17.20 -59.03
N PRO C 790 -15.88 -17.90 -59.95
CA PRO C 790 -14.94 -17.20 -60.85
C PRO C 790 -15.60 -16.22 -61.78
N ILE C 791 -16.91 -16.33 -62.00
CA ILE C 791 -17.63 -15.37 -62.83
C ILE C 791 -18.14 -14.24 -61.96
N LYS C 792 -18.20 -13.04 -62.53
CA LYS C 792 -18.60 -11.86 -61.78
C LYS C 792 -19.83 -11.21 -62.40
N ASP C 793 -20.82 -12.03 -62.74
CA ASP C 793 -22.05 -11.54 -63.39
C ASP C 793 -23.06 -11.09 -62.33
N PHE C 794 -22.68 -10.08 -61.56
CA PHE C 794 -23.52 -9.61 -60.46
C PHE C 794 -24.48 -8.52 -60.94
N GLY C 795 -25.23 -8.85 -61.98
CA GLY C 795 -26.32 -8.01 -62.46
C GLY C 795 -25.95 -6.60 -62.87
N GLY C 796 -24.68 -6.24 -62.78
CA GLY C 796 -24.26 -4.89 -63.10
C GLY C 796 -23.40 -4.28 -62.01
N PHE C 797 -23.62 -4.70 -60.77
CA PHE C 797 -22.86 -4.18 -59.65
C PHE C 797 -21.42 -4.66 -59.74
N ASN C 798 -20.53 -3.96 -59.04
CA ASN C 798 -19.09 -4.16 -59.19
C ASN C 798 -18.44 -4.16 -57.82
N PHE C 799 -18.13 -5.35 -57.31
CA PHE C 799 -17.58 -5.53 -55.98
C PHE C 799 -16.07 -5.75 -56.01
N SER C 800 -15.39 -5.35 -57.09
CA SER C 800 -13.99 -5.70 -57.24
C SER C 800 -13.09 -4.97 -56.24
N GLN C 801 -13.61 -4.00 -55.50
CA GLN C 801 -12.81 -3.26 -54.55
C GLN C 801 -13.07 -3.66 -53.11
N ILE C 802 -13.87 -4.70 -52.88
CA ILE C 802 -14.04 -5.24 -51.54
C ILE C 802 -13.82 -6.74 -51.46
N LEU C 803 -13.94 -7.47 -52.57
CA LEU C 803 -13.57 -8.87 -52.58
C LEU C 803 -12.04 -9.01 -52.53
N PRO C 804 -11.53 -10.18 -52.16
CA PRO C 804 -10.08 -10.33 -52.01
C PRO C 804 -9.31 -10.04 -53.28
N ASP C 805 -8.00 -9.91 -53.10
CA ASP C 805 -7.06 -9.56 -54.17
C ASP C 805 -5.92 -10.57 -54.11
N PRO C 806 -6.05 -11.70 -54.80
CA PRO C 806 -5.02 -12.76 -54.69
C PRO C 806 -3.64 -12.31 -55.14
N SER C 807 -3.54 -11.22 -55.91
CA SER C 807 -2.24 -10.71 -56.30
C SER C 807 -1.44 -10.26 -55.09
N LYS C 808 -2.10 -9.62 -54.13
CA LYS C 808 -1.42 -9.18 -52.92
C LYS C 808 -0.89 -10.39 -52.15
N PRO C 809 0.23 -10.25 -51.45
CA PRO C 809 0.76 -11.39 -50.68
C PRO C 809 -0.24 -11.92 -49.67
N SER C 810 -0.98 -11.03 -49.02
CA SER C 810 -2.09 -11.44 -48.18
C SER C 810 -3.39 -11.42 -48.99
N LYS C 811 -4.42 -12.05 -48.46
CA LYS C 811 -5.70 -12.15 -49.14
C LYS C 811 -6.59 -10.93 -48.89
N ARG C 812 -5.99 -9.80 -48.53
CA ARG C 812 -6.77 -8.60 -48.25
C ARG C 812 -7.36 -8.03 -49.53
N SER C 813 -8.33 -7.14 -49.36
CA SER C 813 -8.95 -6.42 -50.45
C SER C 813 -8.39 -5.01 -50.51
N PHE C 814 -8.85 -4.24 -51.49
CA PHE C 814 -8.31 -2.90 -51.68
C PHE C 814 -8.62 -2.00 -50.50
N ILE C 815 -9.88 -1.98 -50.06
CA ILE C 815 -10.25 -1.12 -48.96
C ILE C 815 -9.61 -1.61 -47.66
N GLU C 816 -9.50 -2.94 -47.48
CA GLU C 816 -8.86 -3.44 -46.28
C GLU C 816 -7.39 -3.02 -46.25
N ASP C 817 -6.73 -3.00 -47.41
CA ASP C 817 -5.36 -2.53 -47.47
C ASP C 817 -5.27 -1.06 -47.10
N LEU C 818 -6.20 -0.25 -47.62
CA LEU C 818 -6.21 1.16 -47.23
C LEU C 818 -6.39 1.31 -45.72
N LEU C 819 -7.28 0.52 -45.13
CA LEU C 819 -7.53 0.64 -43.70
C LEU C 819 -6.30 0.23 -42.89
N PHE C 820 -5.58 -0.79 -43.33
CA PHE C 820 -4.38 -1.19 -42.61
C PHE C 820 -3.29 -0.13 -42.72
N ASN C 821 -3.14 0.49 -43.88
CA ASN C 821 -2.09 1.49 -44.03
C ASN C 821 -2.42 2.84 -43.39
N LYS C 822 -3.61 3.01 -42.83
CA LYS C 822 -3.99 4.29 -42.24
C LYS C 822 -3.88 4.29 -40.72
N VAL C 823 -3.78 3.14 -40.08
CA VAL C 823 -3.59 3.04 -38.64
C VAL C 823 -2.14 2.67 -38.39
N THR C 824 -1.43 3.54 -37.69
CA THR C 824 -0.01 3.38 -37.47
C THR C 824 0.33 3.57 -35.99
N ASN C 853 10.78 -4.52 -18.84
CA ASN C 853 10.78 -4.48 -17.38
C ASN C 853 9.78 -5.45 -16.80
N GLY C 854 9.49 -6.53 -17.52
CA GLY C 854 8.51 -7.50 -17.11
C GLY C 854 7.21 -7.44 -17.88
N LEU C 855 7.10 -6.57 -18.87
CA LEU C 855 5.89 -6.41 -19.66
C LEU C 855 6.00 -7.25 -20.91
N THR C 856 5.04 -8.15 -21.12
CA THR C 856 5.01 -9.00 -22.28
C THR C 856 3.72 -8.74 -23.04
N VAL C 857 3.80 -8.76 -24.36
CA VAL C 857 2.64 -8.55 -25.21
C VAL C 857 2.34 -9.88 -25.89
N LEU C 858 1.28 -10.55 -25.44
CA LEU C 858 0.90 -11.82 -26.03
C LEU C 858 0.38 -11.58 -27.45
N PRO C 859 0.41 -12.59 -28.30
CA PRO C 859 -0.10 -12.42 -29.64
C PRO C 859 -1.56 -12.77 -29.73
N PRO C 860 -2.31 -12.15 -30.63
CA PRO C 860 -3.72 -12.51 -30.80
C PRO C 860 -3.84 -13.92 -31.35
N LEU C 861 -4.96 -14.56 -31.02
CA LEU C 861 -5.14 -15.95 -31.44
C LEU C 861 -5.56 -16.05 -32.90
N LEU C 862 -6.29 -15.07 -33.42
CA LEU C 862 -6.72 -15.07 -34.81
C LEU C 862 -5.78 -14.17 -35.61
N THR C 863 -4.97 -14.78 -36.47
CA THR C 863 -4.10 -14.02 -37.34
C THR C 863 -4.90 -13.12 -38.27
N ASP C 864 -4.30 -11.99 -38.65
CA ASP C 864 -4.96 -11.07 -39.56
C ASP C 864 -5.39 -11.75 -40.86
N GLU C 865 -4.61 -12.72 -41.34
CA GLU C 865 -5.02 -13.47 -42.51
C GLU C 865 -6.29 -14.26 -42.24
N MET C 866 -6.41 -14.81 -41.03
CA MET C 866 -7.63 -15.56 -40.69
C MET C 866 -8.83 -14.63 -40.60
N ILE C 867 -8.66 -13.46 -40.02
CA ILE C 867 -9.75 -12.50 -39.94
C ILE C 867 -10.17 -12.06 -41.35
N ALA C 868 -9.20 -11.84 -42.23
CA ALA C 868 -9.52 -11.52 -43.61
C ALA C 868 -10.28 -12.65 -44.29
N GLN C 869 -9.91 -13.90 -43.98
CA GLN C 869 -10.65 -15.02 -44.56
C GLN C 869 -12.09 -15.04 -44.05
N TYR C 870 -12.29 -14.71 -42.78
CA TYR C 870 -13.65 -14.67 -42.26
C TYR C 870 -14.48 -13.61 -42.96
N THR C 871 -13.91 -12.42 -43.14
CA THR C 871 -14.70 -11.36 -43.74
C THR C 871 -14.95 -11.61 -45.22
N SER C 872 -14.00 -12.24 -45.92
CA SER C 872 -14.28 -12.65 -47.29
C SER C 872 -15.35 -13.72 -47.35
N ALA C 873 -15.38 -14.63 -46.36
CA ALA C 873 -16.46 -15.60 -46.30
C ALA C 873 -17.81 -14.92 -46.14
N LEU C 874 -17.88 -13.92 -45.27
CA LEU C 874 -19.15 -13.21 -45.07
C LEU C 874 -19.57 -12.47 -46.34
N LEU C 875 -18.62 -11.84 -47.01
CA LEU C 875 -18.95 -11.15 -48.26
C LEU C 875 -19.45 -12.11 -49.32
N ALA C 876 -18.75 -13.24 -49.51
CA ALA C 876 -19.18 -14.18 -50.53
C ALA C 876 -20.55 -14.75 -50.19
N GLY C 877 -20.78 -15.05 -48.92
CA GLY C 877 -22.07 -15.59 -48.52
C GLY C 877 -23.20 -14.61 -48.77
N THR C 878 -23.05 -13.37 -48.31
CA THR C 878 -24.13 -12.41 -48.49
C THR C 878 -24.40 -12.15 -49.96
N ILE C 879 -23.33 -11.98 -50.75
CA ILE C 879 -23.50 -11.63 -52.16
C ILE C 879 -24.16 -12.77 -52.92
N THR C 880 -23.79 -14.01 -52.60
CA THR C 880 -24.27 -15.12 -53.41
C THR C 880 -25.58 -15.71 -52.91
N SER C 881 -25.95 -15.51 -51.65
CA SER C 881 -27.14 -16.17 -51.15
C SER C 881 -28.05 -15.28 -50.31
N GLY C 882 -27.91 -13.97 -50.38
CA GLY C 882 -28.84 -13.15 -49.62
C GLY C 882 -28.61 -13.30 -48.14
N TRP C 883 -29.69 -13.44 -47.38
CA TRP C 883 -29.60 -13.56 -45.93
C TRP C 883 -29.81 -14.99 -45.47
N THR C 884 -29.92 -15.95 -46.38
CA THR C 884 -30.20 -17.31 -45.98
C THR C 884 -29.00 -18.01 -45.36
N PHE C 885 -27.79 -17.55 -45.66
CA PHE C 885 -26.61 -18.23 -45.14
C PHE C 885 -26.44 -18.05 -43.64
N GLY C 886 -27.35 -17.32 -42.99
CA GLY C 886 -27.32 -17.18 -41.56
C GLY C 886 -28.34 -18.13 -40.97
N ALA C 887 -29.53 -18.15 -41.55
CA ALA C 887 -30.60 -18.99 -41.04
C ALA C 887 -30.27 -20.45 -41.22
N GLY C 888 -29.77 -20.82 -42.40
CA GLY C 888 -29.47 -22.21 -42.66
C GLY C 888 -28.54 -22.35 -43.84
N ALA C 889 -28.62 -23.50 -44.49
CA ALA C 889 -27.76 -23.77 -45.65
C ALA C 889 -27.93 -22.68 -46.69
N ALA C 890 -26.81 -22.21 -47.24
CA ALA C 890 -26.86 -21.14 -48.21
C ALA C 890 -27.60 -21.59 -49.47
N LEU C 891 -28.51 -20.76 -49.93
CA LEU C 891 -29.29 -21.02 -51.14
C LEU C 891 -29.02 -19.89 -52.13
N GLN C 892 -28.43 -20.24 -53.27
CA GLN C 892 -28.03 -19.21 -54.21
C GLN C 892 -29.26 -18.52 -54.80
N ILE C 893 -29.03 -17.31 -55.31
CA ILE C 893 -30.09 -16.46 -55.85
C ILE C 893 -29.43 -15.32 -56.63
N PRO C 894 -29.88 -15.01 -57.84
CA PRO C 894 -29.22 -13.96 -58.61
C PRO C 894 -29.30 -12.61 -57.92
N PHE C 895 -28.24 -11.82 -58.07
CA PHE C 895 -28.12 -10.60 -57.29
C PHE C 895 -29.22 -9.61 -57.60
N ALA C 896 -29.67 -9.54 -58.85
CA ALA C 896 -30.76 -8.63 -59.17
C ALA C 896 -32.00 -8.99 -58.37
N MET C 897 -32.30 -10.28 -58.23
CA MET C 897 -33.45 -10.66 -57.43
C MET C 897 -33.20 -10.50 -55.95
N GLN C 898 -31.96 -10.63 -55.50
CA GLN C 898 -31.67 -10.32 -54.11
C GLN C 898 -32.01 -8.86 -53.81
N MET C 899 -31.59 -7.95 -54.69
CA MET C 899 -31.94 -6.55 -54.49
C MET C 899 -33.43 -6.32 -54.66
N ALA C 900 -34.10 -7.11 -55.50
CA ALA C 900 -35.55 -6.97 -55.61
C ALA C 900 -36.21 -7.31 -54.29
N TYR C 901 -35.73 -8.34 -53.60
CA TYR C 901 -36.22 -8.61 -52.25
C TYR C 901 -35.95 -7.44 -51.33
N ARG C 902 -34.70 -6.95 -51.34
CA ARG C 902 -34.34 -5.87 -50.44
C ARG C 902 -35.19 -4.63 -50.65
N PHE C 903 -35.51 -4.28 -51.90
CA PHE C 903 -36.44 -3.18 -52.10
C PHE C 903 -37.83 -3.54 -51.61
N ASN C 904 -38.30 -4.74 -51.90
CA ASN C 904 -39.63 -5.11 -51.42
C ASN C 904 -39.73 -5.02 -49.90
N GLY C 905 -38.59 -5.14 -49.21
CA GLY C 905 -38.57 -5.04 -47.77
C GLY C 905 -38.78 -3.65 -47.22
N ILE C 906 -38.60 -2.62 -48.05
CA ILE C 906 -38.74 -1.25 -47.58
C ILE C 906 -39.91 -0.57 -48.29
N GLY C 907 -40.88 -1.36 -48.74
CA GLY C 907 -42.09 -0.81 -49.29
C GLY C 907 -42.01 -0.28 -50.69
N VAL C 908 -40.92 -0.56 -51.41
CA VAL C 908 -40.76 -0.13 -52.80
C VAL C 908 -40.85 -1.39 -53.66
N THR C 909 -41.83 -1.42 -54.56
CA THR C 909 -42.11 -2.64 -55.29
C THR C 909 -40.98 -2.96 -56.27
N GLN C 910 -41.02 -4.20 -56.77
CA GLN C 910 -39.88 -4.79 -57.46
C GLN C 910 -39.62 -4.09 -58.79
N ASN C 911 -40.68 -3.70 -59.49
CA ASN C 911 -40.53 -3.13 -60.81
C ASN C 911 -39.68 -1.87 -60.79
N VAL C 912 -39.59 -1.18 -59.65
CA VAL C 912 -38.70 -0.04 -59.55
C VAL C 912 -37.25 -0.48 -59.75
N LEU C 913 -36.85 -1.55 -59.06
CA LEU C 913 -35.50 -2.06 -59.24
C LEU C 913 -35.27 -2.52 -60.67
N TYR C 914 -36.17 -3.37 -61.17
CA TYR C 914 -35.90 -3.95 -62.49
C TYR C 914 -35.85 -2.87 -63.56
N GLU C 915 -36.77 -1.92 -63.53
CA GLU C 915 -36.77 -0.83 -64.49
C GLU C 915 -35.66 0.18 -64.26
N ASN C 916 -34.99 0.17 -63.10
CA ASN C 916 -33.93 1.14 -62.86
C ASN C 916 -32.63 0.45 -62.44
N GLN C 917 -32.39 -0.74 -63.01
CA GLN C 917 -31.24 -1.52 -62.57
C GLN C 917 -29.92 -0.88 -62.98
N LYS C 918 -29.85 -0.32 -64.18
CA LYS C 918 -28.61 0.29 -64.64
C LYS C 918 -28.27 1.52 -63.81
N LEU C 919 -29.28 2.36 -63.54
CA LEU C 919 -29.06 3.54 -62.73
C LEU C 919 -28.63 3.18 -61.31
N ILE C 920 -29.26 2.16 -60.72
CA ILE C 920 -28.87 1.77 -59.37
C ILE C 920 -27.45 1.24 -59.36
N ALA C 921 -27.09 0.46 -60.39
CA ALA C 921 -25.73 -0.06 -60.46
C ALA C 921 -24.71 1.08 -60.53
N ASN C 922 -24.99 2.09 -61.36
CA ASN C 922 -24.05 3.20 -61.48
C ASN C 922 -23.93 3.96 -60.18
N GLN C 923 -25.05 4.21 -59.50
CA GLN C 923 -24.98 4.94 -58.24
C GLN C 923 -24.19 4.16 -57.19
N PHE C 924 -24.41 2.84 -57.13
CA PHE C 924 -23.68 2.03 -56.17
C PHE C 924 -22.17 2.09 -56.43
N ASN C 925 -21.78 1.90 -57.70
CA ASN C 925 -20.36 1.91 -58.03
C ASN C 925 -19.72 3.25 -57.72
N SER C 926 -20.40 4.35 -58.06
CA SER C 926 -19.86 5.66 -57.75
C SER C 926 -19.70 5.85 -56.26
N ALA C 927 -20.66 5.37 -55.47
CA ALA C 927 -20.55 5.49 -54.02
C ALA C 927 -19.33 4.74 -53.50
N ILE C 928 -19.07 3.54 -54.03
CA ILE C 928 -17.89 2.81 -53.60
C ILE C 928 -16.62 3.60 -53.93
N GLY C 929 -16.56 4.15 -55.14
CA GLY C 929 -15.41 4.96 -55.50
C GLY C 929 -15.21 6.13 -54.55
N LYS C 930 -16.30 6.78 -54.16
CA LYS C 930 -16.19 7.89 -53.22
C LYS C 930 -15.69 7.42 -51.87
N ILE C 931 -16.07 6.21 -51.45
CA ILE C 931 -15.53 5.68 -50.21
C ILE C 931 -14.02 5.53 -50.30
N GLN C 932 -13.54 5.02 -51.44
CA GLN C 932 -12.09 4.89 -51.59
C GLN C 932 -11.41 6.24 -51.52
N ASP C 933 -11.98 7.24 -52.18
CA ASP C 933 -11.34 8.55 -52.18
C ASP C 933 -11.34 9.17 -50.79
N SER C 934 -12.42 8.97 -50.04
CA SER C 934 -12.47 9.47 -48.66
C SER C 934 -11.40 8.81 -47.81
N LEU C 935 -11.28 7.49 -47.90
CA LEU C 935 -10.30 6.78 -47.07
C LEU C 935 -8.87 7.15 -47.46
N SER C 936 -8.61 7.36 -48.75
CA SER C 936 -7.28 7.78 -49.15
C SER C 936 -6.98 9.21 -48.71
N SER C 937 -7.97 10.10 -48.79
CA SER C 937 -7.73 11.49 -48.47
C SER C 937 -7.56 11.72 -46.97
N THR C 938 -8.60 11.45 -46.19
CA THR C 938 -8.60 11.88 -44.79
C THR C 938 -8.21 10.72 -43.86
N ALA C 939 -7.36 11.03 -42.89
CA ALA C 939 -6.92 10.05 -41.90
C ALA C 939 -7.73 10.11 -40.61
N SER C 940 -8.41 11.20 -40.34
CA SER C 940 -9.16 11.34 -39.09
C SER C 940 -10.37 10.43 -39.01
N ALA C 941 -10.73 9.76 -40.12
CA ALA C 941 -11.87 8.85 -40.09
C ALA C 941 -11.67 7.71 -39.10
N LEU C 942 -10.42 7.30 -38.86
CA LEU C 942 -10.14 6.13 -38.03
C LEU C 942 -9.74 6.53 -36.61
N GLY C 943 -10.27 7.66 -36.15
CA GLY C 943 -9.99 8.10 -34.80
C GLY C 943 -10.40 7.09 -33.75
N LYS C 944 -11.47 6.34 -34.00
CA LYS C 944 -11.98 5.43 -33.00
C LYS C 944 -10.97 4.34 -32.68
N LEU C 945 -10.27 3.84 -33.70
CA LEU C 945 -9.28 2.79 -33.47
C LEU C 945 -7.95 3.39 -33.01
N GLN C 946 -7.57 4.53 -33.60
CA GLN C 946 -6.29 5.13 -33.23
C GLN C 946 -6.32 5.58 -31.78
N ASP C 947 -7.48 6.00 -31.28
CA ASP C 947 -7.60 6.41 -29.88
C ASP C 947 -7.32 5.24 -28.96
N VAL C 948 -7.87 4.06 -29.27
CA VAL C 948 -7.62 2.89 -28.44
C VAL C 948 -6.13 2.57 -28.41
N VAL C 949 -5.50 2.59 -29.59
CA VAL C 949 -4.08 2.26 -29.65
C VAL C 949 -3.28 3.25 -28.81
N ASN C 950 -3.58 4.55 -28.96
CA ASN C 950 -2.84 5.57 -28.23
C ASN C 950 -3.04 5.44 -26.73
N GLN C 951 -4.27 5.15 -26.29
CA GLN C 951 -4.52 5.04 -24.87
C GLN C 951 -3.74 3.88 -24.27
N ASN C 952 -3.68 2.75 -24.97
CA ASN C 952 -2.94 1.62 -24.42
C ASN C 952 -1.44 1.92 -24.36
N ALA C 953 -0.90 2.52 -25.43
CA ALA C 953 0.52 2.84 -25.41
C ALA C 953 0.84 3.85 -24.31
N GLN C 954 -0.05 4.82 -24.10
CA GLN C 954 0.18 5.81 -23.06
C GLN C 954 0.16 5.18 -21.68
N ALA C 955 -0.77 4.26 -21.44
CA ALA C 955 -0.82 3.60 -20.14
C ALA C 955 0.44 2.81 -19.87
N LEU C 956 0.94 2.08 -20.87
CA LEU C 956 2.16 1.31 -20.65
C LEU C 956 3.36 2.24 -20.46
N ASN C 957 3.40 3.35 -21.21
CA ASN C 957 4.53 4.26 -21.07
C ASN C 957 4.56 4.88 -19.67
N THR C 958 3.40 5.27 -19.14
CA THR C 958 3.37 5.79 -17.79
C THR C 958 3.78 4.73 -16.78
N LEU C 959 3.29 3.50 -16.97
CA LEU C 959 3.68 2.43 -16.05
C LEU C 959 5.19 2.26 -16.03
N VAL C 960 5.83 2.38 -17.19
CA VAL C 960 7.29 2.28 -17.23
C VAL C 960 7.94 3.46 -16.54
N LYS C 961 7.45 4.68 -16.80
CA LYS C 961 8.05 5.85 -16.17
C LYS C 961 7.98 5.79 -14.66
N GLN C 962 6.97 5.11 -14.11
CA GLN C 962 6.84 5.08 -12.65
C GLN C 962 8.03 4.45 -11.96
N LEU C 963 8.86 3.69 -12.68
CA LEU C 963 10.03 3.09 -12.04
C LEU C 963 11.10 4.11 -11.67
N SER C 964 11.08 5.29 -12.29
CA SER C 964 12.11 6.31 -12.10
C SER C 964 11.77 7.30 -10.99
N SER C 965 11.03 6.88 -9.97
CA SER C 965 10.56 7.81 -8.95
C SER C 965 10.99 7.35 -7.57
N ASN C 966 11.40 8.31 -6.74
CA ASN C 966 11.88 7.98 -5.40
C ASN C 966 10.78 7.39 -4.53
N PHE C 967 9.58 7.97 -4.59
CA PHE C 967 8.48 7.69 -3.68
C PHE C 967 8.83 7.99 -2.23
N GLY C 968 9.96 8.63 -1.97
CA GLY C 968 10.43 8.91 -0.62
C GLY C 968 11.76 8.28 -0.30
N ALA C 969 12.07 7.15 -0.94
CA ALA C 969 13.37 6.52 -0.72
C ALA C 969 14.48 7.41 -1.25
N ILE C 970 15.67 7.23 -0.68
CA ILE C 970 16.80 8.10 -1.00
C ILE C 970 17.21 8.01 -2.46
N SER C 971 16.86 6.92 -3.14
CA SER C 971 17.16 6.79 -4.56
C SER C 971 16.22 5.76 -5.15
N SER C 972 16.09 5.82 -6.48
CA SER C 972 15.21 4.90 -7.18
C SER C 972 15.90 3.60 -7.58
N VAL C 973 17.22 3.59 -7.67
CA VAL C 973 17.95 2.41 -8.11
C VAL C 973 18.05 1.43 -6.95
N LEU C 974 17.48 0.24 -7.13
CA LEU C 974 17.44 -0.74 -6.05
C LEU C 974 18.84 -1.17 -5.67
N ASN C 975 19.71 -1.34 -6.66
CA ASN C 975 21.09 -1.73 -6.40
C ASN C 975 21.85 -0.63 -5.67
N ASP C 976 21.56 0.64 -5.99
CA ASP C 976 22.25 1.70 -5.27
C ASP C 976 21.81 1.78 -3.83
N ILE C 977 20.51 1.57 -3.56
CA ILE C 977 20.09 1.52 -2.16
C ILE C 977 20.80 0.39 -1.44
N LEU C 978 20.83 -0.80 -2.05
CA LEU C 978 21.39 -1.96 -1.39
C LEU C 978 22.87 -1.78 -1.12
N SER C 979 23.61 -1.27 -2.10
CA SER C 979 25.06 -1.18 -1.98
C SER C 979 25.51 0.03 -1.18
N ARG C 980 24.67 1.06 -1.05
CA ARG C 980 25.07 2.23 -0.29
C ARG C 980 24.62 2.15 1.17
N LEU C 981 23.32 1.98 1.41
CA LEU C 981 22.87 2.12 2.78
C LEU C 981 23.07 0.81 3.54
N ASP C 982 23.08 0.91 4.86
CA ASP C 982 23.35 -0.25 5.70
C ASP C 982 22.22 -1.27 5.59
N PRO C 983 22.54 -2.56 5.46
CA PRO C 983 21.52 -3.59 5.30
C PRO C 983 20.48 -3.61 6.40
N PRO C 984 20.84 -3.38 7.67
CA PRO C 984 19.79 -3.39 8.72
C PRO C 984 18.75 -2.30 8.57
N GLU C 985 19.06 -1.19 7.90
CA GLU C 985 18.13 -0.09 7.73
C GLU C 985 17.55 0.01 6.33
N ALA C 986 18.21 -0.60 5.33
CA ALA C 986 17.76 -0.53 3.94
C ALA C 986 16.35 -1.05 3.75
N GLU C 987 15.86 -1.92 4.63
CA GLU C 987 14.51 -2.42 4.50
C GLU C 987 13.47 -1.31 4.50
N VAL C 988 13.74 -0.19 5.19
CA VAL C 988 12.77 0.91 5.18
C VAL C 988 12.67 1.52 3.79
N GLN C 989 13.82 1.78 3.16
CA GLN C 989 13.80 2.34 1.82
C GLN C 989 13.20 1.35 0.83
N ILE C 990 13.52 0.07 1.00
CA ILE C 990 12.99 -0.93 0.10
C ILE C 990 11.48 -1.01 0.24
N ASP C 991 10.98 -0.94 1.48
CA ASP C 991 9.54 -0.95 1.69
C ASP C 991 8.88 0.25 1.05
N ARG C 992 9.52 1.42 1.12
CA ARG C 992 8.92 2.59 0.49
C ARG C 992 8.81 2.40 -1.02
N LEU C 993 9.86 1.88 -1.65
CA LEU C 993 9.78 1.61 -3.09
C LEU C 993 8.75 0.53 -3.39
N ILE C 994 8.61 -0.46 -2.51
CA ILE C 994 7.70 -1.56 -2.80
C ILE C 994 6.27 -1.06 -2.75
N THR C 995 5.95 -0.22 -1.78
CA THR C 995 4.60 0.31 -1.70
C THR C 995 4.32 1.22 -2.89
N GLY C 996 5.28 2.07 -3.26
CA GLY C 996 5.04 2.93 -4.40
C GLY C 996 4.79 2.17 -5.69
N ARG C 997 5.64 1.18 -5.96
CA ARG C 997 5.53 0.45 -7.22
C ARG C 997 4.29 -0.44 -7.23
N LEU C 998 3.94 -1.03 -6.09
CA LEU C 998 2.73 -1.82 -6.03
C LEU C 998 1.49 -0.96 -6.27
N GLN C 999 1.47 0.25 -5.71
CA GLN C 999 0.34 1.13 -5.93
C GLN C 999 0.23 1.52 -7.39
N SER C 1000 1.37 1.82 -8.04
CA SER C 1000 1.32 2.17 -9.45
C SER C 1000 0.83 1.01 -10.30
N LEU C 1001 1.27 -0.20 -9.98
CA LEU C 1001 0.81 -1.37 -10.72
C LEU C 1001 -0.70 -1.57 -10.55
N GLN C 1002 -1.20 -1.42 -9.33
CA GLN C 1002 -2.65 -1.58 -9.14
C GLN C 1002 -3.44 -0.53 -9.88
N THR C 1003 -2.93 0.70 -9.92
CA THR C 1003 -3.61 1.74 -10.69
C THR C 1003 -3.68 1.35 -12.17
N TYR C 1004 -2.56 0.86 -12.72
CA TYR C 1004 -2.58 0.43 -14.11
C TYR C 1004 -3.59 -0.68 -14.35
N VAL C 1005 -3.62 -1.67 -13.45
CA VAL C 1005 -4.52 -2.81 -13.66
C VAL C 1005 -5.97 -2.35 -13.62
N THR C 1006 -6.33 -1.49 -12.67
CA THR C 1006 -7.70 -1.00 -12.62
C THR C 1006 -8.08 -0.23 -13.88
N GLN C 1007 -7.17 0.61 -14.37
CA GLN C 1007 -7.46 1.34 -15.60
C GLN C 1007 -7.70 0.37 -16.75
N GLN C 1008 -6.88 -0.69 -16.84
CA GLN C 1008 -7.08 -1.65 -17.90
C GLN C 1008 -8.40 -2.38 -17.75
N LEU C 1009 -8.82 -2.66 -16.51
CA LEU C 1009 -10.08 -3.36 -16.31
C LEU C 1009 -11.25 -2.53 -16.83
N ILE C 1010 -11.24 -1.23 -16.53
CA ILE C 1010 -12.33 -0.38 -17.00
C ILE C 1010 -12.30 -0.23 -18.51
N ARG C 1011 -11.13 -0.01 -19.09
CA ARG C 1011 -11.07 0.09 -20.54
C ARG C 1011 -11.51 -1.21 -21.20
N ALA C 1012 -11.18 -2.35 -20.59
CA ALA C 1012 -11.61 -3.63 -21.14
C ALA C 1012 -13.12 -3.75 -21.14
N ALA C 1013 -13.77 -3.27 -20.08
CA ALA C 1013 -15.23 -3.30 -20.08
C ALA C 1013 -15.80 -2.44 -21.20
N GLU C 1014 -15.19 -1.28 -21.44
CA GLU C 1014 -15.67 -0.41 -22.52
C GLU C 1014 -15.52 -1.10 -23.87
N ILE C 1015 -14.35 -1.70 -24.11
CA ILE C 1015 -14.12 -2.38 -25.37
C ILE C 1015 -15.05 -3.58 -25.53
N ARG C 1016 -15.37 -4.26 -24.43
CA ARG C 1016 -16.32 -5.36 -24.51
C ARG C 1016 -17.69 -4.88 -24.94
N ALA C 1017 -18.12 -3.74 -24.42
CA ALA C 1017 -19.40 -3.19 -24.86
C ALA C 1017 -19.39 -2.90 -26.35
N SER C 1018 -18.30 -2.31 -26.85
CA SER C 1018 -18.20 -2.06 -28.28
C SER C 1018 -18.16 -3.36 -29.08
N ALA C 1019 -17.47 -4.38 -28.59
CA ALA C 1019 -17.40 -5.64 -29.33
C ALA C 1019 -18.76 -6.31 -29.40
N ASN C 1020 -19.55 -6.24 -28.33
CA ASN C 1020 -20.90 -6.77 -28.38
C ASN C 1020 -21.76 -5.99 -29.36
N LEU C 1021 -21.61 -4.67 -29.39
CA LEU C 1021 -22.36 -3.90 -30.37
C LEU C 1021 -21.94 -4.27 -31.79
N ALA C 1022 -20.65 -4.50 -32.01
CA ALA C 1022 -20.21 -4.91 -33.35
C ALA C 1022 -20.76 -6.28 -33.72
N ALA C 1023 -20.82 -7.21 -32.78
CA ALA C 1023 -21.37 -8.52 -33.09
C ALA C 1023 -22.85 -8.41 -33.44
N THR C 1024 -23.59 -7.60 -32.69
CA THR C 1024 -25.00 -7.39 -33.01
C THR C 1024 -25.16 -6.72 -34.36
N LYS C 1025 -24.33 -5.73 -34.67
CA LYS C 1025 -24.50 -5.04 -35.95
C LYS C 1025 -24.14 -5.95 -37.10
N MET C 1026 -23.23 -6.91 -36.86
CA MET C 1026 -22.91 -7.89 -37.88
C MET C 1026 -24.09 -8.81 -38.12
N SER C 1027 -24.72 -9.28 -37.05
CA SER C 1027 -25.80 -10.24 -37.25
C SER C 1027 -27.00 -9.57 -37.88
N GLU C 1028 -27.43 -8.42 -37.37
CA GLU C 1028 -28.64 -7.82 -37.92
C GLU C 1028 -28.44 -7.28 -39.33
N CYS C 1029 -27.31 -6.63 -39.61
CA CYS C 1029 -27.14 -6.00 -40.91
C CYS C 1029 -26.38 -6.82 -41.94
N VAL C 1030 -25.29 -7.50 -41.60
CA VAL C 1030 -24.60 -8.25 -42.64
C VAL C 1030 -25.39 -9.48 -43.02
N LEU C 1031 -25.92 -10.21 -42.04
CA LEU C 1031 -26.64 -11.45 -42.26
C LEU C 1031 -28.12 -11.26 -42.51
N GLY C 1032 -28.62 -10.04 -42.48
CA GLY C 1032 -30.04 -9.80 -42.69
C GLY C 1032 -30.29 -8.34 -42.99
N GLN C 1033 -31.55 -8.04 -43.33
CA GLN C 1033 -31.99 -6.67 -43.53
C GLN C 1033 -32.67 -6.18 -42.26
N SER C 1034 -32.30 -4.99 -41.81
CA SER C 1034 -32.78 -4.47 -40.54
C SER C 1034 -33.82 -3.38 -40.75
N LYS C 1035 -34.90 -3.47 -39.99
CA LYS C 1035 -35.93 -2.43 -39.97
C LYS C 1035 -35.74 -1.44 -38.83
N ARG C 1036 -34.73 -1.64 -37.98
CA ARG C 1036 -34.44 -0.67 -36.94
C ARG C 1036 -33.90 0.60 -37.56
N VAL C 1037 -34.43 1.74 -37.14
CA VAL C 1037 -34.08 3.01 -37.76
C VAL C 1037 -32.75 3.51 -37.23
N ASP C 1038 -31.95 4.10 -38.10
CA ASP C 1038 -30.66 4.69 -37.75
C ASP C 1038 -29.75 3.71 -37.04
N PHE C 1039 -30.02 2.42 -37.16
CA PHE C 1039 -29.07 1.44 -36.64
C PHE C 1039 -27.94 1.22 -37.63
N CYS C 1040 -28.25 0.70 -38.80
CA CYS C 1040 -27.25 0.46 -39.83
C CYS C 1040 -27.35 1.50 -40.95
N GLY C 1041 -27.03 2.73 -40.64
CA GLY C 1041 -26.89 3.80 -41.61
C GLY C 1041 -28.11 4.70 -41.68
N LYS C 1042 -27.86 5.99 -41.88
CA LYS C 1042 -28.94 6.97 -41.96
C LYS C 1042 -29.70 6.77 -43.26
N GLY C 1043 -30.88 6.19 -43.18
CA GLY C 1043 -31.69 5.96 -44.36
C GLY C 1043 -32.41 4.64 -44.26
N TYR C 1044 -33.13 4.23 -45.30
CA TYR C 1044 -33.70 2.89 -45.33
C TYR C 1044 -32.58 1.91 -45.65
N HIS C 1045 -32.35 0.97 -44.74
CA HIS C 1045 -31.22 0.06 -44.88
C HIS C 1045 -31.49 -0.96 -45.97
N LEU C 1046 -30.52 -1.13 -46.87
CA LEU C 1046 -30.58 -2.19 -47.87
C LEU C 1046 -29.65 -3.34 -47.52
N MET C 1047 -28.36 -3.07 -47.33
CA MET C 1047 -27.43 -4.17 -47.11
C MET C 1047 -26.15 -3.62 -46.49
N SER C 1048 -25.30 -4.51 -46.00
CA SER C 1048 -24.02 -4.06 -45.47
C SER C 1048 -22.91 -5.02 -45.86
N PHE C 1049 -21.68 -4.52 -45.79
CA PHE C 1049 -20.49 -5.31 -46.09
C PHE C 1049 -19.45 -5.11 -44.99
N PRO C 1050 -18.95 -6.18 -44.39
CA PRO C 1050 -17.91 -6.01 -43.38
C PRO C 1050 -16.54 -5.89 -44.02
N GLN C 1051 -15.64 -5.23 -43.30
CA GLN C 1051 -14.23 -5.18 -43.64
C GLN C 1051 -13.44 -5.22 -42.36
N SER C 1052 -12.32 -5.90 -42.37
CA SER C 1052 -11.52 -5.92 -41.16
C SER C 1052 -10.75 -4.61 -41.03
N ALA C 1053 -10.20 -4.37 -39.85
CA ALA C 1053 -9.29 -3.26 -39.63
C ALA C 1053 -8.47 -3.56 -38.40
N PRO C 1054 -7.31 -2.92 -38.24
CA PRO C 1054 -6.47 -3.24 -37.09
C PRO C 1054 -7.20 -3.04 -35.77
N HIS C 1055 -7.48 -4.14 -35.08
CA HIS C 1055 -8.22 -4.14 -33.83
C HIS C 1055 -9.60 -3.49 -34.01
N GLY C 1056 -10.30 -3.87 -35.05
CA GLY C 1056 -11.65 -3.35 -35.21
C GLY C 1056 -12.28 -3.80 -36.52
N VAL C 1057 -13.52 -3.35 -36.71
CA VAL C 1057 -14.30 -3.74 -37.86
C VAL C 1057 -14.92 -2.49 -38.48
N VAL C 1058 -15.03 -2.48 -39.80
CA VAL C 1058 -15.57 -1.36 -40.55
C VAL C 1058 -16.73 -1.87 -41.41
N PHE C 1059 -17.89 -1.24 -41.31
CA PHE C 1059 -19.03 -1.62 -42.10
C PHE C 1059 -19.25 -0.62 -43.20
N LEU C 1060 -19.61 -1.11 -44.38
CA LEU C 1060 -20.07 -0.27 -45.49
C LEU C 1060 -21.56 -0.49 -45.59
N HIS C 1061 -22.34 0.51 -45.21
CA HIS C 1061 -23.79 0.40 -45.14
C HIS C 1061 -24.40 1.00 -46.40
N VAL C 1062 -25.06 0.17 -47.20
CA VAL C 1062 -25.71 0.57 -48.44
C VAL C 1062 -27.18 0.82 -48.13
N THR C 1063 -27.62 2.08 -48.32
CA THR C 1063 -28.92 2.53 -47.90
C THR C 1063 -29.64 3.26 -49.04
N TYR C 1064 -30.95 3.20 -49.02
CA TYR C 1064 -31.82 3.85 -50.01
C TYR C 1064 -32.35 5.15 -49.43
N VAL C 1065 -32.12 6.27 -50.11
CA VAL C 1065 -32.53 7.58 -49.63
C VAL C 1065 -33.45 8.22 -50.66
N PRO C 1066 -34.70 8.53 -50.32
CA PRO C 1066 -35.60 9.17 -51.29
C PRO C 1066 -35.09 10.55 -51.69
N ALA C 1067 -35.39 10.95 -52.93
CA ALA C 1067 -34.99 12.27 -53.39
C ALA C 1067 -36.02 12.80 -54.39
N GLN C 1068 -35.97 14.11 -54.62
CA GLN C 1068 -36.78 14.81 -55.61
C GLN C 1068 -38.28 14.62 -55.33
N GLU C 1069 -38.72 15.18 -54.22
CA GLU C 1069 -40.12 15.07 -53.83
C GLU C 1069 -40.99 16.06 -54.59
N LYS C 1070 -42.28 15.76 -54.65
CA LYS C 1070 -43.24 16.59 -55.37
C LYS C 1070 -44.50 16.75 -54.54
N ASN C 1071 -45.18 17.88 -54.75
CA ASN C 1071 -46.41 18.24 -54.03
C ASN C 1071 -47.63 17.65 -54.72
N PHE C 1072 -48.39 16.83 -54.01
CA PHE C 1072 -49.69 16.39 -54.50
C PHE C 1072 -50.73 16.69 -53.43
N THR C 1073 -51.95 16.96 -53.84
CA THR C 1073 -53.04 17.03 -52.88
C THR C 1073 -53.60 15.63 -52.66
N THR C 1074 -54.11 15.39 -51.46
CA THR C 1074 -54.40 14.03 -51.02
C THR C 1074 -55.80 13.96 -50.42
N ALA C 1075 -56.17 12.74 -50.00
CA ALA C 1075 -57.49 12.47 -49.46
C ALA C 1075 -57.44 11.17 -48.68
N PRO C 1076 -58.15 11.06 -47.55
CA PRO C 1076 -58.09 9.81 -46.79
C PRO C 1076 -58.83 8.66 -47.47
N ALA C 1077 -60.01 8.91 -48.01
CA ALA C 1077 -60.77 7.89 -48.69
C ALA C 1077 -61.68 8.57 -49.69
N ILE C 1078 -62.11 7.84 -50.71
CA ILE C 1078 -62.94 8.43 -51.76
C ILE C 1078 -64.31 7.79 -51.75
N CYS C 1079 -65.34 8.64 -51.84
CA CYS C 1079 -66.72 8.19 -51.82
C CYS C 1079 -67.19 7.96 -53.26
N HIS C 1080 -67.51 6.71 -53.59
CA HIS C 1080 -68.09 6.38 -54.88
C HIS C 1080 -69.31 5.50 -54.65
N ASP C 1081 -70.43 5.87 -55.27
CA ASP C 1081 -71.66 5.09 -55.21
C ASP C 1081 -72.09 4.84 -53.76
N GLY C 1082 -71.93 5.84 -52.92
CA GLY C 1082 -72.42 5.75 -51.55
C GLY C 1082 -71.59 4.90 -50.62
N LYS C 1083 -70.42 4.46 -51.05
CA LYS C 1083 -69.51 3.71 -50.18
C LYS C 1083 -68.17 4.43 -50.11
N ALA C 1084 -67.45 4.20 -49.03
CA ALA C 1084 -66.12 4.77 -48.85
C ALA C 1084 -65.07 3.73 -49.25
N HIS C 1085 -64.21 4.10 -50.19
CA HIS C 1085 -63.14 3.26 -50.67
C HIS C 1085 -61.83 3.77 -50.09
N PHE C 1086 -61.07 2.86 -49.50
CA PHE C 1086 -59.75 3.16 -48.95
C PHE C 1086 -58.69 2.42 -49.75
N PRO C 1087 -57.49 2.97 -49.88
CA PRO C 1087 -56.46 2.29 -50.66
C PRO C 1087 -56.01 1.03 -49.97
N ARG C 1088 -55.55 0.06 -50.77
CA ARG C 1088 -55.11 -1.20 -50.19
C ARG C 1088 -53.66 -1.10 -49.71
N GLU C 1089 -52.78 -0.60 -50.56
CA GLU C 1089 -51.39 -0.34 -50.16
C GLU C 1089 -50.92 0.88 -50.94
N GLY C 1090 -51.02 2.04 -50.33
CA GLY C 1090 -50.68 3.28 -50.98
C GLY C 1090 -51.54 4.41 -50.46
N VAL C 1091 -51.39 5.57 -51.09
CA VAL C 1091 -52.09 6.78 -50.72
C VAL C 1091 -52.76 7.37 -51.95
N PHE C 1092 -53.84 8.10 -51.71
CA PHE C 1092 -54.61 8.72 -52.77
C PHE C 1092 -54.02 10.09 -53.09
N VAL C 1093 -53.65 10.32 -54.35
CA VAL C 1093 -53.05 11.57 -54.75
C VAL C 1093 -53.83 12.13 -55.94
N SER C 1094 -53.79 13.44 -56.09
CA SER C 1094 -54.41 14.10 -57.23
C SER C 1094 -53.37 14.97 -57.93
N ASN C 1095 -53.19 14.76 -59.22
CA ASN C 1095 -52.25 15.56 -59.98
C ASN C 1095 -52.75 16.94 -60.27
N GLY C 1096 -53.86 17.34 -59.66
CA GLY C 1096 -54.49 18.60 -59.94
C GLY C 1096 -55.89 18.43 -60.49
N THR C 1097 -56.05 17.46 -61.39
CA THR C 1097 -57.35 17.20 -62.01
C THR C 1097 -57.91 15.83 -61.66
N HIS C 1098 -57.16 14.76 -61.89
CA HIS C 1098 -57.63 13.41 -61.66
C HIS C 1098 -57.05 12.84 -60.38
N TRP C 1099 -57.56 11.67 -60.00
CA TRP C 1099 -57.13 10.99 -58.79
C TRP C 1099 -56.50 9.65 -59.13
N PHE C 1100 -55.43 9.32 -58.41
CA PHE C 1100 -54.71 8.07 -58.58
C PHE C 1100 -54.37 7.53 -57.21
N VAL C 1101 -54.07 6.25 -57.16
CA VAL C 1101 -53.53 5.62 -55.97
C VAL C 1101 -52.08 5.29 -56.26
N THR C 1102 -51.21 5.55 -55.28
CA THR C 1102 -49.79 5.35 -55.49
C THR C 1102 -49.19 4.63 -54.29
N GLN C 1103 -47.96 4.15 -54.49
CA GLN C 1103 -47.20 3.64 -53.36
C GLN C 1103 -46.54 4.79 -52.63
N ARG C 1104 -46.14 4.52 -51.39
CA ARG C 1104 -45.82 5.58 -50.45
C ARG C 1104 -44.41 6.13 -50.60
N ASN C 1105 -43.52 5.42 -51.29
CA ASN C 1105 -42.10 5.79 -51.29
C ASN C 1105 -41.55 6.04 -52.68
N PHE C 1106 -42.40 6.07 -53.70
CA PHE C 1106 -41.94 6.32 -55.07
C PHE C 1106 -43.17 6.69 -55.87
N TYR C 1107 -43.16 7.86 -56.49
CA TYR C 1107 -44.33 8.28 -57.25
C TYR C 1107 -44.50 7.36 -58.45
N GLU C 1108 -45.49 6.48 -58.38
CA GLU C 1108 -45.87 5.64 -59.51
C GLU C 1108 -47.39 5.64 -59.59
N PRO C 1109 -47.95 6.53 -60.38
CA PRO C 1109 -49.41 6.69 -60.37
C PRO C 1109 -50.11 5.71 -61.27
N GLN C 1110 -51.09 5.01 -60.71
CA GLN C 1110 -51.89 4.04 -61.45
C GLN C 1110 -53.35 4.26 -61.11
N ILE C 1111 -54.21 4.23 -62.13
CA ILE C 1111 -55.58 4.66 -61.94
C ILE C 1111 -56.28 3.76 -60.92
N ILE C 1112 -57.37 4.26 -60.38
CA ILE C 1112 -58.07 3.62 -59.29
C ILE C 1112 -59.02 2.58 -59.85
N THR C 1113 -58.94 1.36 -59.33
CA THR C 1113 -59.88 0.31 -59.69
C THR C 1113 -60.47 -0.28 -58.41
N THR C 1114 -61.22 -1.37 -58.52
CA THR C 1114 -61.70 -2.07 -57.35
C THR C 1114 -60.68 -3.07 -56.83
N ASP C 1115 -59.52 -3.17 -57.47
CA ASP C 1115 -58.43 -3.98 -56.95
C ASP C 1115 -57.48 -3.20 -56.06
N ASN C 1116 -57.39 -1.88 -56.25
CA ASN C 1116 -56.52 -1.05 -55.42
C ASN C 1116 -57.18 -0.64 -54.12
N THR C 1117 -58.50 -0.76 -54.00
CA THR C 1117 -59.24 -0.22 -52.88
C THR C 1117 -60.06 -1.31 -52.21
N PHE C 1118 -60.48 -1.03 -50.99
CA PHE C 1118 -61.47 -1.85 -50.30
C PHE C 1118 -62.52 -0.95 -49.68
N VAL C 1119 -63.69 -1.51 -49.46
CA VAL C 1119 -64.88 -0.74 -49.13
C VAL C 1119 -65.13 -0.84 -47.63
N SER C 1120 -65.61 0.25 -47.04
CA SER C 1120 -65.94 0.23 -45.61
C SER C 1120 -66.92 1.34 -45.30
N GLY C 1121 -68.13 0.97 -44.88
CA GLY C 1121 -69.06 1.97 -44.40
C GLY C 1121 -69.67 2.80 -45.52
N ASN C 1122 -70.16 3.97 -45.12
CA ASN C 1122 -70.76 4.95 -46.03
C ASN C 1122 -69.94 6.23 -45.99
N CYS C 1123 -70.38 7.21 -46.77
CA CYS C 1123 -69.59 8.40 -47.05
C CYS C 1123 -69.70 9.49 -45.99
N ASP C 1124 -70.54 9.32 -44.98
CA ASP C 1124 -70.88 10.42 -44.08
C ASP C 1124 -70.08 10.43 -42.79
N VAL C 1125 -69.12 9.52 -42.63
CA VAL C 1125 -68.39 9.41 -41.37
C VAL C 1125 -66.91 9.71 -41.51
N VAL C 1126 -66.32 9.55 -42.69
CA VAL C 1126 -64.91 9.87 -42.89
C VAL C 1126 -64.74 11.37 -43.02
N ILE C 1127 -63.72 11.91 -42.36
CA ILE C 1127 -63.43 13.34 -42.40
C ILE C 1127 -62.45 13.58 -43.55
N GLY C 1128 -62.84 14.44 -44.48
CA GLY C 1128 -62.01 14.74 -45.63
C GLY C 1128 -62.26 13.88 -46.85
N ILE C 1129 -63.34 13.10 -46.85
CA ILE C 1129 -63.65 12.24 -47.99
C ILE C 1129 -63.87 13.10 -49.24
N VAL C 1130 -63.55 12.53 -50.41
CA VAL C 1130 -63.58 13.26 -51.66
C VAL C 1130 -64.28 12.42 -52.72
N ASN C 1131 -64.83 13.08 -53.73
CA ASN C 1131 -65.67 12.43 -54.73
C ASN C 1131 -64.87 12.07 -55.97
N ASN C 1132 -65.05 10.84 -56.44
CA ASN C 1132 -64.46 10.40 -57.71
C ASN C 1132 -65.20 9.15 -58.16
N THR C 1133 -64.66 8.49 -59.19
CA THR C 1133 -65.27 7.30 -59.77
C THR C 1133 -64.23 6.19 -59.78
N VAL C 1134 -64.62 5.00 -59.32
CA VAL C 1134 -63.71 3.88 -59.22
C VAL C 1134 -64.02 2.86 -60.32
N TYR C 1135 -63.35 3.00 -61.46
CA TYR C 1135 -63.59 2.14 -62.61
C TYR C 1135 -63.15 0.72 -62.31
N ASP C 1136 -64.06 -0.24 -62.48
CA ASP C 1136 -63.73 -1.64 -62.27
C ASP C 1136 -63.61 -2.37 -63.61
N PRO C 1137 -62.70 -3.33 -63.72
CA PRO C 1137 -62.44 -3.95 -65.02
C PRO C 1137 -63.45 -5.00 -65.45
N LEU C 1138 -64.41 -5.34 -64.59
CA LEU C 1138 -65.33 -6.43 -64.89
C LEU C 1138 -66.40 -6.03 -65.89
N GLN C 1139 -66.74 -4.74 -65.96
CA GLN C 1139 -67.80 -4.31 -66.88
C GLN C 1139 -67.41 -4.50 -68.35
N PRO C 1140 -66.22 -4.09 -68.80
CA PRO C 1140 -65.84 -4.39 -70.20
C PRO C 1140 -65.83 -5.88 -70.50
N GLU C 1141 -65.45 -6.72 -69.52
CA GLU C 1141 -65.44 -8.15 -69.75
C GLU C 1141 -66.86 -8.69 -69.90
N LEU C 1142 -67.80 -8.13 -69.15
CA LEU C 1142 -69.19 -8.54 -69.35
C LEU C 1142 -69.72 -8.05 -70.69
N ASP C 1143 -69.35 -6.84 -71.08
CA ASP C 1143 -69.92 -6.24 -72.30
C ASP C 1143 -69.38 -6.93 -73.55
N SER C 1144 -68.07 -7.13 -73.62
CA SER C 1144 -67.46 -7.74 -74.80
C SER C 1144 -67.77 -9.23 -74.89
N GLN D 1 50.91 -3.25 42.88
CA GLN D 1 51.97 -2.77 42.01
C GLN D 1 52.60 -3.92 41.21
N VAL D 2 52.94 -3.63 39.96
CA VAL D 2 53.60 -4.62 39.11
C VAL D 2 54.95 -4.97 39.70
N GLN D 3 55.24 -6.27 39.79
CA GLN D 3 56.40 -6.73 40.54
C GLN D 3 56.71 -8.18 40.16
N LEU D 4 57.98 -8.51 40.18
CA LEU D 4 58.47 -9.84 39.83
C LEU D 4 59.25 -10.40 41.01
N LYS D 5 58.92 -11.63 41.41
CA LYS D 5 59.58 -12.31 42.50
C LYS D 5 60.10 -13.65 42.03
N GLN D 6 61.28 -14.01 42.49
CA GLN D 6 61.90 -15.30 42.17
C GLN D 6 62.72 -15.77 43.35
N SER D 7 62.62 -17.06 43.67
CA SER D 7 63.11 -17.59 44.92
C SER D 7 63.68 -18.98 44.72
N GLY D 8 64.70 -19.31 45.51
CA GLY D 8 65.35 -20.59 45.44
C GLY D 8 66.60 -20.63 46.30
N PRO D 9 66.96 -21.81 46.78
CA PRO D 9 68.16 -21.91 47.62
C PRO D 9 69.44 -21.53 46.91
N GLY D 10 69.60 -21.91 45.65
CA GLY D 10 70.76 -21.46 44.89
C GLY D 10 72.06 -22.21 45.06
N LEU D 11 72.44 -22.49 46.30
CA LEU D 11 73.72 -23.15 46.58
C LEU D 11 73.68 -24.58 46.06
N VAL D 12 74.52 -24.88 45.07
CA VAL D 12 74.54 -26.20 44.44
C VAL D 12 75.98 -26.66 44.30
N ALA D 13 76.19 -27.96 44.48
CA ALA D 13 77.44 -28.61 44.14
C ALA D 13 77.42 -29.06 42.69
N PRO D 14 78.57 -29.39 42.11
CA PRO D 14 78.58 -29.84 40.71
C PRO D 14 77.79 -31.13 40.52
N SER D 15 77.19 -31.24 39.33
CA SER D 15 76.59 -32.44 38.75
C SER D 15 75.25 -32.84 39.34
N GLN D 16 74.68 -32.06 40.26
CA GLN D 16 73.31 -32.32 40.70
C GLN D 16 72.39 -31.20 40.21
N SER D 17 71.11 -31.34 40.51
CA SER D 17 70.05 -30.55 39.91
C SER D 17 69.41 -29.62 40.93
N LEU D 18 69.22 -28.36 40.54
CA LEU D 18 68.42 -27.42 41.31
C LEU D 18 67.54 -26.63 40.36
N SER D 19 66.39 -26.21 40.86
CA SER D 19 65.39 -25.52 40.06
C SER D 19 65.04 -24.18 40.71
N ILE D 20 64.66 -23.23 39.87
CA ILE D 20 64.37 -21.87 40.33
C ILE D 20 62.95 -21.52 39.88
N THR D 21 62.30 -20.68 40.68
CA THR D 21 60.89 -20.34 40.47
C THR D 21 60.73 -18.83 40.43
N CYS D 22 59.79 -18.36 39.60
CA CYS D 22 59.50 -16.94 39.48
C CYS D 22 58.01 -16.75 39.72
N THR D 23 57.68 -15.83 40.62
CA THR D 23 56.31 -15.61 41.08
C THR D 23 55.95 -14.15 40.82
N VAL D 24 54.74 -13.94 40.30
CA VAL D 24 54.41 -12.68 39.65
C VAL D 24 53.11 -12.13 40.22
N SER D 25 53.01 -10.81 40.21
CA SER D 25 51.80 -10.10 40.64
C SER D 25 51.61 -8.89 39.73
N GLY D 26 50.37 -8.40 39.70
CA GLY D 26 50.05 -7.21 38.93
C GLY D 26 49.78 -7.45 37.46
N PHE D 27 49.91 -8.68 36.98
CA PHE D 27 49.66 -8.97 35.58
C PHE D 27 49.37 -10.46 35.43
N SER D 28 48.81 -10.81 34.29
CA SER D 28 48.45 -12.19 33.97
C SER D 28 49.44 -12.79 32.98
N LEU D 29 49.64 -14.10 33.10
CA LEU D 29 50.44 -14.83 32.11
C LEU D 29 49.75 -14.92 30.76
N ILE D 30 48.47 -14.55 30.68
CA ILE D 30 47.75 -14.60 29.42
C ILE D 30 48.02 -13.36 28.59
N ASN D 31 48.15 -12.20 29.22
CA ASN D 31 48.42 -10.96 28.51
C ASN D 31 49.90 -10.73 28.24
N TYR D 32 50.78 -11.55 28.80
CA TYR D 32 52.22 -11.33 28.68
C TYR D 32 52.90 -12.67 28.47
N ALA D 33 54.18 -12.60 28.10
CA ALA D 33 55.07 -13.76 28.03
C ALA D 33 56.23 -13.52 28.97
N ILE D 34 56.89 -14.62 29.36
CA ILE D 34 57.96 -14.55 30.35
C ILE D 34 59.24 -15.09 29.75
N SER D 35 60.31 -14.33 29.89
CA SER D 35 61.64 -14.67 29.40
C SER D 35 62.60 -14.68 30.57
N TRP D 36 63.64 -15.51 30.48
CA TRP D 36 64.60 -15.67 31.55
C TRP D 36 65.98 -15.27 31.08
N VAL D 37 66.70 -14.53 31.92
CA VAL D 37 68.06 -14.09 31.63
C VAL D 37 68.97 -14.49 32.78
N ARG D 38 70.25 -14.61 32.47
CA ARG D 38 71.24 -15.19 33.37
C ARG D 38 72.47 -14.31 33.41
N GLN D 39 73.01 -14.10 34.61
CA GLN D 39 74.09 -13.14 34.85
C GLN D 39 75.21 -13.83 35.60
N PRO D 40 76.21 -14.36 34.89
CA PRO D 40 77.40 -14.89 35.54
C PRO D 40 78.21 -13.77 36.17
N PRO D 41 79.04 -14.08 37.17
CA PRO D 41 79.78 -13.03 37.87
C PRO D 41 80.75 -12.28 36.98
N GLY D 42 80.45 -11.00 36.71
CA GLY D 42 81.33 -10.15 35.93
C GLY D 42 81.22 -10.28 34.43
N LYS D 43 80.30 -11.10 33.93
CA LYS D 43 80.14 -11.29 32.49
C LYS D 43 78.77 -10.80 32.04
N GLY D 44 78.62 -10.66 30.73
CA GLY D 44 77.40 -10.09 30.19
C GLY D 44 76.21 -11.02 30.33
N LEU D 45 75.03 -10.43 30.23
CA LEU D 45 73.79 -11.20 30.35
C LEU D 45 73.50 -11.95 29.06
N GLU D 46 72.94 -13.15 29.21
CA GLU D 46 72.62 -14.03 28.10
C GLU D 46 71.18 -14.52 28.23
N TRP D 47 70.55 -14.74 27.08
CA TRP D 47 69.15 -15.12 27.03
C TRP D 47 69.00 -16.63 27.14
N LEU D 48 68.16 -17.07 28.09
CA LEU D 48 67.97 -18.49 28.38
C LEU D 48 66.85 -19.10 27.56
N GLY D 49 65.68 -18.48 27.59
CA GLY D 49 64.50 -19.07 27.01
C GLY D 49 63.27 -18.24 27.35
N VAL D 50 62.19 -18.57 26.67
CA VAL D 50 60.93 -17.83 26.80
C VAL D 50 59.78 -18.82 26.82
N ILE D 51 58.77 -18.54 27.65
CA ILE D 51 57.50 -19.23 27.61
C ILE D 51 56.49 -18.33 26.92
N TRP D 52 55.80 -18.88 25.93
CA TRP D 52 54.78 -18.11 25.24
C TRP D 52 53.56 -17.92 26.14
N THR D 53 52.72 -16.96 25.77
CA THR D 53 51.66 -16.53 26.69
C THR D 53 50.59 -17.60 26.85
N GLY D 54 50.29 -18.35 25.79
CA GLY D 54 49.17 -19.28 25.81
C GLY D 54 49.57 -20.70 25.49
N GLY D 55 50.71 -21.13 26.02
CA GLY D 55 51.23 -22.45 25.73
C GLY D 55 52.34 -22.41 24.69
N GLY D 56 53.18 -23.45 24.72
CA GLY D 56 54.32 -23.49 23.83
C GLY D 56 55.56 -22.90 24.46
N THR D 57 56.63 -23.67 24.54
CA THR D 57 57.88 -23.23 25.14
C THR D 57 58.91 -22.99 24.05
N ASN D 58 59.87 -22.12 24.35
CA ASN D 58 61.08 -22.02 23.56
C ASN D 58 62.30 -22.08 24.46
N TYR D 59 63.40 -22.59 23.90
CA TYR D 59 64.65 -22.72 24.62
C TYR D 59 65.78 -22.25 23.73
N ASN D 60 66.88 -21.84 24.35
CA ASN D 60 68.07 -21.46 23.59
C ASN D 60 68.58 -22.67 22.81
N SER D 61 68.88 -22.46 21.53
CA SER D 61 69.25 -23.56 20.65
C SER D 61 70.49 -24.27 21.16
N ALA D 62 71.55 -23.52 21.46
CA ALA D 62 72.76 -24.11 22.01
C ALA D 62 72.54 -24.70 23.39
N LEU D 63 71.55 -24.18 24.13
CA LEU D 63 71.24 -24.74 25.45
C LEU D 63 70.69 -26.15 25.30
N LYS D 64 71.06 -27.01 26.24
CA LYS D 64 70.73 -28.42 26.13
C LYS D 64 69.22 -28.63 26.14
N SER D 65 68.77 -29.64 25.39
CA SER D 65 67.38 -30.08 25.46
C SER D 65 67.08 -30.81 26.76
N ARG D 66 68.11 -31.12 27.55
CA ARG D 66 67.95 -31.83 28.82
C ARG D 66 67.65 -30.84 29.94
N LEU D 67 66.50 -30.17 29.82
CA LEU D 67 66.03 -29.21 30.81
C LEU D 67 64.63 -28.78 30.43
N SER D 68 63.87 -28.30 31.42
CA SER D 68 62.49 -27.91 31.18
C SER D 68 62.13 -26.72 32.06
N ILE D 69 61.17 -25.93 31.57
CA ILE D 69 60.63 -24.79 32.29
C ILE D 69 59.12 -24.99 32.38
N SER D 70 58.52 -24.45 33.44
CA SER D 70 57.12 -24.74 33.74
C SER D 70 56.51 -23.54 34.45
N LYS D 71 55.18 -23.49 34.43
CA LYS D 71 54.47 -22.29 34.82
C LYS D 71 53.10 -22.66 35.40
N ASP D 72 52.47 -21.68 36.04
CA ASP D 72 51.16 -21.83 36.65
C ASP D 72 50.30 -20.65 36.22
N ASN D 73 49.27 -20.91 35.41
CA ASN D 73 48.39 -19.84 34.98
C ASN D 73 47.54 -19.31 36.14
N SER D 74 46.97 -20.21 36.94
CA SER D 74 45.99 -19.80 37.95
C SER D 74 46.65 -19.02 39.07
N LYS D 75 47.63 -19.62 39.74
CA LYS D 75 48.26 -19.01 40.90
C LYS D 75 49.44 -18.12 40.55
N SER D 76 49.74 -17.96 39.25
CA SER D 76 50.78 -17.07 38.77
C SER D 76 52.15 -17.42 39.35
N GLN D 77 52.60 -18.63 39.02
CA GLN D 77 53.94 -19.08 39.37
C GLN D 77 54.59 -19.66 38.13
N VAL D 78 55.91 -19.54 38.05
CA VAL D 78 56.71 -20.08 36.97
C VAL D 78 57.90 -20.79 37.57
N PHE D 79 58.27 -21.94 37.00
CA PHE D 79 59.37 -22.75 37.51
C PHE D 79 60.34 -23.04 36.38
N LEU D 80 61.62 -22.81 36.64
CA LEU D 80 62.71 -23.19 35.75
C LEU D 80 63.44 -24.37 36.38
N LYS D 81 63.77 -25.38 35.56
CA LYS D 81 64.42 -26.58 36.05
C LYS D 81 65.70 -26.83 35.26
N MET D 82 66.78 -27.08 36.00
CA MET D 82 68.03 -27.57 35.44
C MET D 82 68.33 -28.91 36.09
N ASN D 83 68.46 -29.95 35.27
CA ASN D 83 68.55 -31.31 35.78
C ASN D 83 69.98 -31.77 36.06
N SER D 84 70.98 -31.00 35.65
CA SER D 84 72.37 -31.33 35.93
C SER D 84 73.21 -30.08 35.76
N LEU D 85 74.00 -29.76 36.77
CA LEU D 85 74.79 -28.54 36.78
C LEU D 85 76.27 -28.85 36.59
N GLN D 86 76.99 -27.88 36.03
CA GLN D 86 78.44 -27.94 35.93
C GLN D 86 78.99 -26.58 36.32
N THR D 87 80.27 -26.55 36.69
CA THR D 87 80.82 -25.38 37.36
C THR D 87 80.77 -24.12 36.52
N ASP D 88 80.64 -24.24 35.19
CA ASP D 88 80.43 -23.06 34.36
C ASP D 88 79.01 -22.50 34.50
N ASP D 89 78.08 -23.27 35.04
CA ASP D 89 76.68 -22.83 35.14
C ASP D 89 76.43 -21.91 36.32
N THR D 90 77.41 -21.71 37.20
CA THR D 90 77.20 -20.78 38.30
C THR D 90 77.00 -19.37 37.76
N ALA D 91 75.94 -18.72 38.23
CA ALA D 91 75.52 -17.42 37.72
C ALA D 91 74.35 -16.94 38.56
N ARG D 92 73.98 -15.68 38.37
CA ARG D 92 72.72 -15.18 38.87
C ARG D 92 71.68 -15.27 37.76
N TYR D 93 70.49 -15.78 38.10
CA TYR D 93 69.44 -16.02 37.13
C TYR D 93 68.28 -15.07 37.41
N TYR D 94 67.67 -14.56 36.35
CA TYR D 94 66.61 -13.58 36.47
C TYR D 94 65.42 -13.97 35.60
N CYS D 95 64.23 -13.82 36.14
CA CYS D 95 63.00 -13.96 35.38
C CYS D 95 62.60 -12.59 34.87
N ALA D 96 61.87 -12.56 33.75
CA ALA D 96 61.52 -11.29 33.16
C ALA D 96 60.20 -11.37 32.41
N ARG D 97 59.52 -10.23 32.32
CA ARG D 97 58.19 -10.13 31.73
C ARG D 97 58.29 -9.50 30.36
N LYS D 98 57.69 -10.17 29.37
CA LYS D 98 57.72 -9.74 27.98
C LYS D 98 56.29 -9.49 27.50
N ASP D 99 56.06 -8.32 26.91
CA ASP D 99 54.73 -7.90 26.45
C ASP D 99 54.76 -7.69 24.94
N TYR D 100 54.62 -8.77 24.19
CA TYR D 100 54.63 -8.63 22.73
C TYR D 100 53.28 -8.14 22.20
N TYR D 101 52.21 -8.28 23.00
CA TYR D 101 50.96 -7.60 22.67
C TYR D 101 51.13 -6.08 22.71
N GLY D 102 51.79 -5.59 23.77
CA GLY D 102 51.83 -4.16 24.00
C GLY D 102 52.65 -3.42 22.97
N ARG D 103 52.44 -2.09 22.95
CA ARG D 103 53.22 -1.23 22.07
C ARG D 103 54.70 -1.29 22.43
N TYR D 104 55.02 -1.45 23.71
CA TYR D 104 56.39 -1.68 24.17
C TYR D 104 56.63 -3.18 24.05
N TYR D 105 56.98 -3.61 22.84
CA TYR D 105 57.06 -5.04 22.54
C TYR D 105 58.11 -5.75 23.38
N GLY D 106 59.18 -5.05 23.75
CA GLY D 106 60.27 -5.68 24.48
C GLY D 106 59.93 -5.98 25.93
N MET D 107 60.87 -6.65 26.59
CA MET D 107 60.69 -7.06 27.98
C MET D 107 60.45 -5.84 28.86
N ASP D 108 59.42 -5.92 29.70
CA ASP D 108 59.05 -4.77 30.53
C ASP D 108 59.70 -4.81 31.91
N TYR D 109 59.60 -5.94 32.60
CA TYR D 109 60.13 -6.07 33.95
C TYR D 109 61.01 -7.30 34.08
N TRP D 110 61.80 -7.31 35.14
CA TRP D 110 62.83 -8.31 35.39
C TRP D 110 62.75 -8.77 36.83
N GLY D 111 63.28 -9.97 37.09
CA GLY D 111 63.24 -10.52 38.42
C GLY D 111 64.22 -9.84 39.36
N GLN D 112 64.05 -10.10 40.65
CA GLN D 112 64.89 -9.49 41.67
C GLN D 112 66.23 -10.20 41.84
N GLY D 113 66.42 -11.35 41.20
CA GLY D 113 67.73 -11.97 41.15
C GLY D 113 67.99 -12.99 42.24
N THR D 114 68.62 -14.10 41.86
CA THR D 114 69.03 -15.13 42.81
C THR D 114 70.47 -15.53 42.51
N SER D 115 71.29 -15.60 43.54
CA SER D 115 72.65 -16.09 43.41
C SER D 115 72.64 -17.61 43.31
N VAL D 116 73.33 -18.14 42.32
CA VAL D 116 73.53 -19.59 42.17
C VAL D 116 75.02 -19.83 42.04
N THR D 117 75.59 -20.53 43.03
CA THR D 117 77.02 -20.76 43.10
C THR D 117 77.30 -22.25 43.11
N VAL D 118 78.45 -22.61 42.55
CA VAL D 118 78.94 -23.99 42.56
C VAL D 118 79.95 -24.13 43.70
N SER D 119 79.72 -25.13 44.56
CA SER D 119 80.51 -25.33 45.77
C SER D 119 80.59 -24.07 46.62
N GLN E 1 32.08 13.38 55.39
CA GLN E 1 32.64 12.27 56.16
C GLN E 1 31.67 11.79 57.22
N VAL E 2 31.52 10.48 57.34
CA VAL E 2 30.65 9.93 58.37
C VAL E 2 31.24 10.23 59.74
N GLN E 3 30.42 10.76 60.63
CA GLN E 3 30.92 11.21 61.93
C GLN E 3 29.75 11.39 62.88
N LEU E 4 29.98 11.06 64.14
CA LEU E 4 28.96 11.16 65.19
C LEU E 4 29.51 12.02 66.32
N LYS E 5 28.73 13.01 66.75
CA LYS E 5 29.13 13.87 67.86
C LYS E 5 28.04 13.87 68.92
N GLN E 6 28.46 13.81 70.19
CA GLN E 6 27.54 13.87 71.31
C GLN E 6 28.28 14.45 72.51
N SER E 7 27.60 15.32 73.25
CA SER E 7 28.24 16.02 74.37
C SER E 7 27.21 16.26 75.47
N GLY E 8 27.66 16.12 76.72
CA GLY E 8 26.81 16.30 77.87
C GLY E 8 27.52 16.88 79.07
N PRO E 9 26.77 17.24 80.11
CA PRO E 9 27.39 17.89 81.28
C PRO E 9 28.36 17.01 82.04
N GLY E 10 28.00 15.76 82.30
CA GLY E 10 28.87 14.83 82.99
C GLY E 10 28.74 14.80 84.50
N LEU E 11 27.99 15.72 85.11
CA LEU E 11 27.71 15.70 86.54
C LEU E 11 26.22 15.96 86.73
N VAL E 12 25.54 15.00 87.38
CA VAL E 12 24.09 15.00 87.44
C VAL E 12 23.65 14.75 88.88
N ALA E 13 22.39 15.07 89.15
CA ALA E 13 21.70 14.75 90.39
C ALA E 13 20.51 13.85 90.08
N PRO E 14 20.02 13.10 91.07
CA PRO E 14 18.90 12.18 90.80
C PRO E 14 17.58 12.91 90.65
N SER E 15 16.68 12.30 89.88
CA SER E 15 15.25 12.60 89.82
C SER E 15 14.88 13.90 89.11
N GLN E 16 15.79 14.51 88.35
CA GLN E 16 15.41 15.65 87.53
C GLN E 16 15.49 15.28 86.05
N SER E 17 15.27 16.28 85.20
CA SER E 17 15.18 16.09 83.76
C SER E 17 16.38 16.73 83.08
N LEU E 18 17.21 15.92 82.43
CA LEU E 18 18.32 16.39 81.61
C LEU E 18 18.31 15.60 80.31
N SER E 19 18.81 16.24 79.24
CA SER E 19 18.76 15.64 77.91
C SER E 19 20.14 15.66 77.27
N ILE E 20 20.36 14.70 76.38
CA ILE E 20 21.63 14.48 75.72
C ILE E 20 21.39 14.52 74.22
N THR E 21 22.41 14.95 73.47
CA THR E 21 22.28 15.26 72.05
C THR E 21 23.29 14.50 71.20
N CYS E 22 22.85 14.15 70.00
CA CYS E 22 23.66 13.44 69.00
C CYS E 22 23.68 14.24 67.71
N THR E 23 24.88 14.48 67.18
CA THR E 23 25.05 15.31 66.01
C THR E 23 25.82 14.52 64.95
N VAL E 24 25.35 14.60 63.71
CA VAL E 24 25.73 13.65 62.68
C VAL E 24 26.19 14.42 61.44
N SER E 25 27.14 13.85 60.72
CA SER E 25 27.61 14.41 59.47
C SER E 25 27.95 13.28 58.51
N GLY E 26 28.02 13.62 57.22
CA GLY E 26 28.39 12.66 56.20
C GLY E 26 27.23 11.84 55.65
N PHE E 27 26.03 12.01 56.18
CA PHE E 27 24.87 11.27 55.70
C PHE E 27 23.62 12.04 56.08
N SER E 28 22.51 11.66 55.47
CA SER E 28 21.22 12.30 55.70
C SER E 28 20.40 11.45 56.67
N LEU E 29 19.62 12.12 57.51
CA LEU E 29 18.64 11.43 58.34
C LEU E 29 17.54 10.80 57.51
N ILE E 30 17.43 11.15 56.22
CA ILE E 30 16.39 10.58 55.37
C ILE E 30 16.78 9.22 54.81
N ASN E 31 18.07 8.93 54.73
CA ASN E 31 18.51 7.65 54.18
C ASN E 31 18.80 6.60 55.24
N TYR E 32 18.90 6.97 56.51
CA TYR E 32 19.21 6.02 57.57
C TYR E 32 18.44 6.40 58.84
N ALA E 33 18.53 5.53 59.84
CA ALA E 33 17.92 5.75 61.14
C ALA E 33 19.01 5.91 62.20
N ILE E 34 18.63 6.53 63.31
CA ILE E 34 19.56 6.88 64.38
C ILE E 34 19.10 6.20 65.67
N SER E 35 20.01 5.49 66.31
CA SER E 35 19.74 4.77 67.55
C SER E 35 20.71 5.20 68.63
N TRP E 36 20.26 5.08 69.88
CA TRP E 36 21.05 5.46 71.04
C TRP E 36 21.30 4.22 71.88
N VAL E 37 22.54 4.02 72.31
CA VAL E 37 22.90 2.91 73.17
C VAL E 37 23.70 3.45 74.35
N ARG E 38 23.72 2.68 75.43
CA ARG E 38 24.26 3.13 76.70
C ARG E 38 25.21 2.07 77.23
N GLN E 39 26.35 2.52 77.75
CA GLN E 39 27.45 1.63 78.11
C GLN E 39 27.85 1.92 79.54
N PRO E 40 27.21 1.25 80.50
CA PRO E 40 27.71 1.30 81.87
C PRO E 40 29.11 0.72 81.93
N PRO E 41 29.96 1.26 82.79
CA PRO E 41 31.40 0.93 82.74
C PRO E 41 31.68 -0.54 83.01
N GLY E 42 32.22 -1.22 82.00
CA GLY E 42 32.76 -2.56 82.16
C GLY E 42 31.81 -3.70 81.88
N LYS E 43 30.52 -3.44 81.68
CA LYS E 43 29.56 -4.49 81.39
C LYS E 43 29.04 -4.34 79.97
N GLY E 44 28.26 -5.34 79.55
CA GLY E 44 27.79 -5.36 78.18
C GLY E 44 26.88 -4.17 77.88
N LEU E 45 26.99 -3.68 76.64
CA LEU E 45 26.19 -2.54 76.23
C LEU E 45 24.75 -2.97 75.96
N GLU E 46 23.82 -2.08 76.29
CA GLU E 46 22.40 -2.32 76.10
C GLU E 46 21.83 -1.29 75.15
N TRP E 47 20.86 -1.72 74.35
CA TRP E 47 20.26 -0.87 73.34
C TRP E 47 19.09 -0.11 73.99
N LEU E 48 19.11 1.21 73.87
CA LEU E 48 18.11 2.04 74.53
C LEU E 48 16.89 2.29 73.67
N GLY E 49 17.10 2.73 72.43
CA GLY E 49 15.99 3.17 71.61
C GLY E 49 16.49 3.75 70.32
N VAL E 50 15.53 3.98 69.41
CA VAL E 50 15.84 4.43 68.06
C VAL E 50 14.83 5.50 67.65
N ILE E 51 15.31 6.51 66.95
CA ILE E 51 14.47 7.43 66.19
C ILE E 51 14.62 7.06 64.72
N TRP E 52 13.50 6.85 64.03
CA TRP E 52 13.56 6.38 62.67
C TRP E 52 14.05 7.49 61.74
N THR E 53 14.07 7.19 60.44
CA THR E 53 14.54 8.17 59.47
C THR E 53 13.60 9.37 59.40
N GLY E 54 12.29 9.14 59.49
CA GLY E 54 11.32 10.20 59.39
C GLY E 54 10.30 10.18 60.51
N GLY E 55 10.74 9.82 61.71
CA GLY E 55 9.86 9.74 62.86
C GLY E 55 9.39 8.32 63.12
N GLY E 56 8.84 8.14 64.31
CA GLY E 56 8.48 6.81 64.79
C GLY E 56 9.61 6.25 65.62
N THR E 57 9.34 5.85 66.85
CA THR E 57 10.38 5.47 67.78
C THR E 57 10.14 4.08 68.35
N ASN E 58 11.23 3.44 68.75
CA ASN E 58 11.21 2.27 69.61
C ASN E 58 12.14 2.53 70.77
N TYR E 59 11.85 1.87 71.90
CA TYR E 59 12.64 2.01 73.11
C TYR E 59 12.90 0.65 73.71
N ASN E 60 13.76 0.61 74.73
CA ASN E 60 13.89 -0.61 75.52
C ASN E 60 12.55 -0.85 76.19
N SER E 61 11.86 -1.92 75.78
CA SER E 61 10.45 -2.08 76.10
C SER E 61 10.22 -2.10 77.61
N ALA E 62 10.82 -3.06 78.30
CA ALA E 62 10.63 -3.17 79.75
C ALA E 62 11.21 -1.98 80.50
N LEU E 63 12.11 -1.23 79.89
CA LEU E 63 12.59 0.01 80.49
C LEU E 63 11.47 1.05 80.50
N LYS E 64 11.62 2.03 81.40
CA LYS E 64 10.56 3.00 81.62
C LYS E 64 10.17 3.70 80.33
N SER E 65 8.85 3.88 80.14
CA SER E 65 8.36 4.71 79.06
C SER E 65 8.48 6.20 79.38
N ARG E 66 8.86 6.55 80.61
CA ARG E 66 9.04 7.94 81.01
C ARG E 66 10.38 8.46 80.53
N LEU E 67 10.63 8.34 79.23
CA LEU E 67 11.83 8.85 78.60
C LEU E 67 11.51 9.04 77.13
N SER E 68 12.25 9.93 76.48
CA SER E 68 11.94 10.25 75.10
C SER E 68 13.19 10.52 74.30
N ILE E 69 13.09 10.27 73.00
CA ILE E 69 14.14 10.51 72.02
C ILE E 69 13.57 11.45 70.96
N SER E 70 14.44 12.30 70.41
CA SER E 70 14.00 13.36 69.52
C SER E 70 15.16 13.73 68.60
N LYS E 71 14.82 14.41 67.51
CA LYS E 71 15.80 14.65 66.46
C LYS E 71 15.49 15.97 65.77
N ASP E 72 16.46 16.43 64.98
CA ASP E 72 16.36 17.68 64.23
C ASP E 72 16.82 17.39 62.80
N ASN E 73 15.87 17.20 61.89
CA ASN E 73 16.23 16.99 60.49
C ASN E 73 16.84 18.23 59.87
N SER E 74 16.49 19.41 60.38
CA SER E 74 17.00 20.66 59.82
C SER E 74 18.48 20.83 60.12
N LYS E 75 18.88 20.58 61.36
CA LYS E 75 20.26 20.77 61.80
C LYS E 75 21.03 19.46 61.95
N SER E 76 20.43 18.33 61.58
CA SER E 76 21.07 17.02 61.67
C SER E 76 21.54 16.73 63.10
N GLN E 77 20.64 16.92 64.06
CA GLN E 77 20.90 16.62 65.46
C GLN E 77 19.80 15.71 65.99
N VAL E 78 20.18 14.89 66.97
CA VAL E 78 19.27 13.95 67.61
C VAL E 78 19.43 14.11 69.12
N PHE E 79 18.31 14.03 69.84
CA PHE E 79 18.31 14.27 71.28
C PHE E 79 17.63 13.11 72.01
N LEU E 80 18.28 12.64 73.07
CA LEU E 80 17.71 11.69 74.01
C LEU E 80 17.40 12.41 75.32
N LYS E 81 16.23 12.12 75.89
CA LYS E 81 15.76 12.80 77.09
C LYS E 81 15.40 11.82 78.20
N MET E 82 15.86 12.13 79.42
CA MET E 82 15.49 11.46 80.66
C MET E 82 14.75 12.47 81.53
N ASN E 83 13.67 12.02 82.18
CA ASN E 83 12.90 12.90 83.05
C ASN E 83 13.13 12.65 84.54
N SER E 84 13.53 11.43 84.92
CA SER E 84 13.71 11.10 86.32
C SER E 84 14.87 10.13 86.45
N LEU E 85 15.76 10.39 87.40
CA LEU E 85 17.00 9.64 87.54
C LEU E 85 17.12 9.00 88.91
N GLN E 86 17.84 7.88 88.96
CA GLN E 86 18.30 7.26 90.18
C GLN E 86 19.79 6.98 90.03
N THR E 87 20.45 6.70 91.16
CA THR E 87 21.90 6.73 91.20
C THR E 87 22.56 5.72 90.27
N ASP E 88 21.84 4.68 89.84
CA ASP E 88 22.38 3.77 88.82
C ASP E 88 22.42 4.42 87.44
N ASP E 89 21.71 5.53 87.22
CA ASP E 89 21.63 6.11 85.89
C ASP E 89 22.88 6.88 85.49
N THR E 90 23.95 6.82 86.29
CA THR E 90 25.25 7.23 85.79
C THR E 90 25.76 6.18 84.80
N ALA E 91 25.88 6.57 83.54
CA ALA E 91 26.38 5.68 82.50
C ALA E 91 26.75 6.52 81.29
N ARG E 92 27.51 5.92 80.39
CA ARG E 92 27.89 6.57 79.14
C ARG E 92 26.93 6.17 78.03
N TYR E 93 26.50 7.16 77.25
CA TYR E 93 25.53 6.97 76.19
C TYR E 93 26.21 7.15 74.83
N TYR E 94 25.79 6.36 73.85
CA TYR E 94 26.39 6.35 72.54
C TYR E 94 25.30 6.47 71.47
N CYS E 95 25.59 7.25 70.44
CA CYS E 95 24.71 7.39 69.29
C CYS E 95 25.10 6.36 68.23
N ALA E 96 24.12 5.95 67.41
CA ALA E 96 24.40 4.95 66.40
C ALA E 96 23.46 5.07 65.21
N ARG E 97 23.97 4.70 64.04
CA ARG E 97 23.29 4.83 62.76
C ARG E 97 22.86 3.47 62.21
N LYS E 98 21.62 3.36 61.75
CA LYS E 98 21.07 2.12 61.23
C LYS E 98 20.76 2.27 59.74
N ASP E 99 21.24 1.31 58.94
CA ASP E 99 21.08 1.31 57.49
C ASP E 99 20.02 0.29 57.11
N TYR E 100 18.75 0.68 57.22
CA TYR E 100 17.68 -0.23 56.81
C TYR E 100 17.56 -0.32 55.30
N TYR E 101 17.86 0.77 54.58
CA TYR E 101 17.79 0.72 53.12
C TYR E 101 18.81 -0.24 52.53
N GLY E 102 20.05 -0.19 53.01
CA GLY E 102 21.12 -0.93 52.38
C GLY E 102 21.08 -2.42 52.70
N ARG E 103 21.78 -3.18 51.87
CA ARG E 103 21.87 -4.62 52.07
C ARG E 103 22.49 -4.93 53.42
N TYR E 104 23.51 -4.16 53.81
CA TYR E 104 24.01 -4.22 55.17
C TYR E 104 22.97 -3.56 56.07
N TYR E 105 22.21 -4.37 56.80
CA TYR E 105 21.08 -3.90 57.60
C TYR E 105 21.47 -3.63 59.04
N GLY E 106 22.75 -3.48 59.33
CA GLY E 106 23.23 -3.39 60.69
C GLY E 106 23.57 -1.98 61.13
N MET E 107 24.10 -1.90 62.34
CA MET E 107 24.51 -0.62 62.91
C MET E 107 25.79 -0.21 62.19
N ASP E 108 25.65 0.62 61.16
CA ASP E 108 26.78 0.88 60.27
C ASP E 108 27.91 1.60 60.99
N TYR E 109 27.62 2.73 61.64
CA TYR E 109 28.62 3.50 62.36
C TYR E 109 28.08 3.87 63.73
N TRP E 110 28.99 4.28 64.62
CA TRP E 110 28.69 4.42 66.03
C TRP E 110 29.19 5.75 66.57
N GLY E 111 28.66 6.14 67.73
CA GLY E 111 29.02 7.39 68.37
C GLY E 111 30.31 7.30 69.17
N GLN E 112 30.65 8.43 69.80
CA GLN E 112 31.90 8.57 70.52
C GLN E 112 31.75 8.47 72.04
N GLY E 113 30.53 8.54 72.57
CA GLY E 113 30.32 8.40 74.00
C GLY E 113 30.25 9.70 74.76
N THR E 114 29.28 9.81 75.66
CA THR E 114 29.12 10.98 76.53
C THR E 114 29.15 10.52 77.99
N SER E 115 29.90 11.24 78.81
CA SER E 115 29.99 10.91 80.24
C SER E 115 28.79 11.45 80.98
N VAL E 116 28.16 10.59 81.79
CA VAL E 116 27.08 10.99 82.70
C VAL E 116 27.38 10.42 84.07
N THR E 117 27.51 11.29 85.07
CA THR E 117 27.67 10.88 86.46
C THR E 117 26.58 11.54 87.28
N VAL E 118 25.79 10.73 87.99
CA VAL E 118 24.72 11.20 88.84
C VAL E 118 25.18 11.11 90.29
N SER E 119 24.91 12.17 91.06
CA SER E 119 25.36 12.27 92.45
C SER E 119 26.87 12.13 92.57
N GLN F 1 77.59 -14.76 12.26
CA GLN F 1 76.39 -13.92 12.13
C GLN F 1 75.74 -13.74 13.49
N ALA F 2 76.56 -13.60 14.53
CA ALA F 2 76.05 -13.49 15.89
C ALA F 2 76.77 -12.45 16.74
N VAL F 3 77.72 -11.70 16.19
CA VAL F 3 78.53 -10.81 17.01
C VAL F 3 77.69 -9.61 17.43
N VAL F 4 77.75 -9.27 18.72
CA VAL F 4 77.12 -8.08 19.27
C VAL F 4 78.18 -7.32 20.06
N THR F 5 78.28 -6.01 19.82
CA THR F 5 79.34 -5.23 20.42
C THR F 5 78.82 -3.87 20.83
N GLN F 6 79.49 -3.28 21.82
CA GLN F 6 79.33 -1.89 22.21
C GLN F 6 80.70 -1.28 22.44
N GLU F 7 80.78 0.04 22.36
CA GLU F 7 82.04 0.72 22.62
C GLU F 7 82.55 0.44 24.02
N SER F 8 81.64 0.15 24.96
CA SER F 8 81.97 -0.11 26.36
C SER F 8 82.69 1.06 27.02
N ALA F 9 82.62 2.24 26.41
CA ALA F 9 83.27 3.44 26.93
C ALA F 9 82.38 4.64 26.64
N LEU F 10 82.01 5.35 27.70
CA LEU F 10 81.17 6.54 27.55
C LEU F 10 81.49 7.51 28.68
N THR F 11 81.57 8.80 28.32
CA THR F 11 81.78 9.85 29.32
C THR F 11 81.33 11.16 28.69
N THR F 12 80.28 11.75 29.25
CA THR F 12 79.70 12.98 28.70
C THR F 12 79.60 14.04 29.80
N SER F 13 80.18 15.20 29.54
CA SER F 13 79.99 16.33 30.43
C SER F 13 78.55 16.81 30.35
N PRO F 14 78.00 17.33 31.46
CA PRO F 14 76.62 17.80 31.43
C PRO F 14 76.43 18.94 30.43
N GLY F 15 75.30 18.91 29.73
CA GLY F 15 74.94 19.94 28.78
C GLY F 15 75.16 19.56 27.32
N GLU F 16 75.97 18.54 27.05
CA GLU F 16 76.21 18.08 25.68
C GLU F 16 75.70 16.65 25.53
N THR F 17 75.07 16.38 24.39
CA THR F 17 74.50 15.07 24.10
C THR F 17 75.50 14.19 23.39
N VAL F 18 75.40 12.88 23.64
CA VAL F 18 76.31 11.90 23.06
C VAL F 18 75.51 10.74 22.48
N THR F 19 76.10 10.09 21.48
CA THR F 19 75.51 8.91 20.85
C THR F 19 76.45 7.72 21.01
N LEU F 20 75.93 6.61 21.52
CA LEU F 20 76.66 5.36 21.57
C LEU F 20 75.98 4.35 20.65
N THR F 21 76.79 3.70 19.81
CA THR F 21 76.31 2.83 18.74
C THR F 21 76.62 1.38 19.06
N CYS F 22 75.63 0.51 18.88
CA CYS F 22 75.81 -0.93 18.99
C CYS F 22 75.65 -1.53 17.60
N ARG F 23 76.64 -2.33 17.19
CA ARG F 23 76.73 -2.83 15.83
C ARG F 23 76.59 -4.34 15.81
N SER F 24 75.75 -4.85 14.93
CA SER F 24 75.48 -6.27 14.77
C SER F 24 76.34 -6.83 13.63
N SER F 25 76.05 -8.07 13.24
CA SER F 25 76.80 -8.74 12.19
C SER F 25 76.13 -8.65 10.82
N THR F 26 74.94 -8.07 10.74
CA THR F 26 74.21 -7.96 9.48
C THR F 26 74.32 -6.58 8.85
N GLY F 27 75.32 -5.80 9.25
CA GLY F 27 75.45 -4.45 8.75
C GLY F 27 74.42 -3.54 9.37
N ALA F 28 73.85 -2.63 8.58
CA ALA F 28 72.82 -1.74 9.09
C ALA F 28 71.63 -2.54 9.61
N VAL F 29 71.23 -2.26 10.84
CA VAL F 29 70.12 -2.97 11.46
C VAL F 29 68.82 -2.35 11.03
N THR F 30 67.83 -3.19 10.75
CA THR F 30 66.47 -2.76 10.44
C THR F 30 65.59 -2.96 11.66
N THR F 31 64.48 -2.21 11.70
CA THR F 31 63.51 -2.37 12.77
C THR F 31 62.92 -3.77 12.81
N SER F 32 62.97 -4.51 11.69
CA SER F 32 62.47 -5.88 11.65
C SER F 32 63.11 -6.72 12.75
N ASN F 33 64.42 -6.57 12.95
CA ASN F 33 65.09 -7.11 14.12
C ASN F 33 65.03 -6.03 15.19
N TYR F 34 64.16 -6.23 16.17
CA TYR F 34 63.87 -5.18 17.15
C TYR F 34 65.08 -4.90 18.03
N ALA F 35 65.34 -3.62 18.26
CA ALA F 35 66.46 -3.18 19.07
C ALA F 35 65.98 -2.75 20.45
N ASN F 36 66.72 -3.18 21.47
CA ASN F 36 66.42 -2.82 22.86
C ASN F 36 67.64 -2.25 23.55
N TRP F 37 67.39 -1.31 24.45
CA TRP F 37 68.41 -0.70 25.30
C TRP F 37 68.01 -0.87 26.75
N VAL F 38 68.91 -1.45 27.55
CA VAL F 38 68.66 -1.69 28.96
C VAL F 38 69.82 -1.10 29.75
N GLN F 39 69.54 -0.68 30.98
CA GLN F 39 70.53 -0.01 31.82
C GLN F 39 70.78 -0.82 33.08
N GLU F 40 72.06 -0.99 33.42
CA GLU F 40 72.49 -1.78 34.56
C GLU F 40 73.02 -0.85 35.66
N LYS F 41 72.37 -0.86 36.80
CA LYS F 41 72.90 -0.18 37.97
C LYS F 41 73.97 -1.07 38.62
N PRO F 42 74.94 -0.48 39.31
CA PRO F 42 75.99 -1.30 39.95
C PRO F 42 75.48 -2.23 41.04
N ASP F 43 74.17 -2.23 41.31
CA ASP F 43 73.57 -3.09 42.32
C ASP F 43 72.78 -4.23 41.68
N HIS F 44 73.14 -4.62 40.46
CA HIS F 44 72.37 -5.58 39.66
C HIS F 44 70.91 -5.17 39.58
N LEU F 45 70.67 -3.93 39.17
CA LEU F 45 69.34 -3.41 38.89
C LEU F 45 69.22 -3.22 37.39
N PHE F 46 68.11 -3.67 36.81
CA PHE F 46 67.90 -3.60 35.38
C PHE F 46 66.65 -2.78 35.09
N THR F 47 66.68 -2.09 33.94
CA THR F 47 65.53 -1.35 33.46
C THR F 47 65.57 -1.29 31.95
N GLY F 48 64.44 -0.94 31.35
CA GLY F 48 64.31 -0.89 29.91
C GLY F 48 64.32 0.55 29.43
N LEU F 49 65.18 0.82 28.45
CA LEU F 49 65.38 2.17 27.95
C LEU F 49 64.67 2.39 26.61
N ILE F 50 64.98 1.56 25.63
CA ILE F 50 64.47 1.70 24.26
C ILE F 50 63.94 0.34 23.80
N GLY F 51 62.85 0.37 23.04
CA GLY F 51 62.34 -0.84 22.42
C GLY F 51 61.93 -0.55 20.99
N GLY F 52 61.71 -1.63 20.24
CA GLY F 52 61.21 -1.51 18.88
C GLY F 52 62.11 -0.73 17.94
N THR F 53 63.38 -0.57 18.30
CA THR F 53 64.41 0.04 17.47
C THR F 53 64.20 1.55 17.36
N ASN F 54 63.05 2.03 17.81
CA ASN F 54 62.78 3.47 17.87
C ASN F 54 62.02 3.92 19.11
N ASN F 55 61.41 3.02 19.87
CA ASN F 55 60.43 3.39 20.89
C ASN F 55 61.08 3.36 22.27
N ARG F 56 60.92 4.45 23.02
CA ARG F 56 61.36 4.49 24.39
C ARG F 56 60.42 3.68 25.26
N ALA F 57 60.96 3.12 26.35
CA ALA F 57 60.18 2.31 27.24
C ALA F 57 59.26 3.18 28.09
N PRO F 58 58.21 2.59 28.66
CA PRO F 58 57.40 3.33 29.63
C PRO F 58 58.13 3.49 30.97
N GLY F 59 58.04 4.69 31.52
CA GLY F 59 58.64 4.99 32.81
C GLY F 59 60.07 5.46 32.79
N VAL F 60 60.73 5.47 31.63
CA VAL F 60 62.09 5.99 31.52
C VAL F 60 62.01 7.41 30.97
N PRO F 61 62.75 8.37 31.53
CA PRO F 61 62.58 9.77 31.13
C PRO F 61 62.87 9.99 29.66
N ALA F 62 62.15 10.98 29.09
CA ALA F 62 62.33 11.33 27.69
C ALA F 62 63.71 11.91 27.38
N ARG F 63 64.47 12.30 28.41
CA ARG F 63 65.86 12.67 28.19
C ARG F 63 66.63 11.51 27.56
N PHE F 64 66.29 10.28 27.93
CA PHE F 64 66.73 9.12 27.17
C PHE F 64 66.07 9.15 25.80
N SER F 65 66.88 9.13 24.74
CA SER F 65 66.35 9.23 23.39
C SER F 65 67.15 8.30 22.50
N GLY F 66 66.53 7.25 22.02
CA GLY F 66 67.20 6.25 21.20
C GLY F 66 66.48 6.09 19.88
N SER F 67 67.25 6.05 18.80
CA SER F 67 66.72 5.88 17.46
C SER F 67 67.68 5.01 16.67
N LEU F 68 67.33 4.78 15.41
CA LEU F 68 68.26 4.22 14.44
C LEU F 68 69.09 5.36 13.83
N ILE F 69 69.86 6.01 14.70
CA ILE F 69 70.57 7.23 14.31
C ILE F 69 71.56 6.94 13.19
N GLY F 70 72.42 5.94 13.40
CA GLY F 70 73.36 5.51 12.38
C GLY F 70 72.77 4.42 11.51
N ASP F 71 73.66 3.78 10.75
CA ASP F 71 73.26 2.56 10.06
C ASP F 71 72.86 1.49 11.06
N LYS F 72 73.59 1.37 12.15
CA LYS F 72 73.30 0.43 13.23
C LYS F 72 72.55 1.13 14.36
N ALA F 73 72.11 0.34 15.33
CA ALA F 73 71.31 0.86 16.42
C ALA F 73 72.15 1.77 17.32
N ALA F 74 71.52 2.83 17.83
CA ALA F 74 72.22 3.82 18.63
C ALA F 74 71.29 4.35 19.72
N LEU F 75 71.90 5.02 20.70
CA LEU F 75 71.19 5.63 21.81
C LEU F 75 71.82 6.98 22.12
N THR F 76 70.98 7.93 22.56
CA THR F 76 71.43 9.28 22.89
C THR F 76 70.86 9.68 24.23
N ILE F 77 71.74 10.06 25.16
CA ILE F 77 71.35 10.60 26.45
C ILE F 77 71.93 12.00 26.60
N THR F 78 71.09 12.97 26.95
CA THR F 78 71.58 14.29 27.31
C THR F 78 72.34 14.18 28.64
N GLY F 79 73.43 14.95 28.74
CA GLY F 79 74.29 14.88 29.90
C GLY F 79 73.61 15.12 31.24
N ALA F 80 73.86 14.23 32.19
CA ALA F 80 73.36 14.37 33.55
C ALA F 80 74.51 14.15 34.53
N GLN F 81 74.44 14.88 35.65
CA GLN F 81 75.57 14.93 36.57
C GLN F 81 75.66 13.68 37.45
N THR F 82 74.53 13.11 37.85
CA THR F 82 74.53 12.06 38.86
C THR F 82 73.96 10.73 38.35
N GLU F 83 72.77 10.74 37.76
CA GLU F 83 72.01 9.51 37.55
C GLU F 83 72.44 8.72 36.33
N ASP F 84 73.41 9.19 35.55
CA ASP F 84 73.84 8.49 34.35
C ASP F 84 74.99 7.51 34.60
N GLU F 85 75.44 7.37 35.83
CA GLU F 85 76.54 6.45 36.16
C GLU F 85 75.98 5.03 36.17
N ALA F 86 76.00 4.38 35.00
CA ALA F 86 75.43 3.05 34.88
C ALA F 86 75.93 2.39 33.59
N ILE F 87 75.58 1.11 33.44
CA ILE F 87 75.96 0.28 32.31
C ILE F 87 74.76 0.19 31.37
N TYR F 88 75.02 0.10 30.07
CA TYR F 88 73.97 0.09 29.06
C TYR F 88 74.20 -1.07 28.10
N PHE F 89 73.14 -1.83 27.81
CA PHE F 89 73.22 -2.97 26.91
C PHE F 89 72.24 -2.82 25.75
N CYS F 90 72.70 -3.21 24.56
CA CYS F 90 71.91 -3.19 23.34
C CYS F 90 71.43 -4.61 23.05
N ALA F 91 70.17 -4.74 22.63
CA ALA F 91 69.62 -6.05 22.33
C ALA F 91 68.99 -6.08 20.94
N LEU F 92 69.25 -7.16 20.21
CA LEU F 92 68.76 -7.35 18.85
C LEU F 92 68.03 -8.68 18.75
N TRP F 93 66.85 -8.67 18.12
CA TRP F 93 66.08 -9.88 17.91
C TRP F 93 66.48 -10.53 16.61
N TYR F 94 67.31 -11.57 16.70
CA TYR F 94 67.44 -12.49 15.58
C TYR F 94 66.15 -13.26 15.40
N ASN F 95 66.00 -13.87 14.22
CA ASN F 95 64.76 -14.59 13.90
C ASN F 95 64.40 -15.59 15.00
N ASN F 96 65.40 -16.27 15.56
CA ASN F 96 65.15 -17.33 16.52
C ASN F 96 65.19 -16.86 17.97
N HIS F 97 66.13 -15.99 18.33
CA HIS F 97 66.38 -15.71 19.74
C HIS F 97 66.91 -14.28 19.91
N TRP F 98 67.14 -13.92 21.17
CA TRP F 98 67.62 -12.60 21.56
C TRP F 98 69.12 -12.60 21.85
N VAL F 99 69.78 -11.54 21.42
CA VAL F 99 71.20 -11.33 21.71
C VAL F 99 71.33 -10.03 22.50
N PHE F 100 72.14 -10.06 23.55
CA PHE F 100 72.32 -8.90 24.43
C PHE F 100 73.71 -8.32 24.26
N GLY F 101 73.80 -6.99 24.37
CA GLY F 101 75.05 -6.30 24.14
C GLY F 101 76.06 -6.47 25.27
N GLY F 102 77.28 -6.01 24.98
CA GLY F 102 78.36 -6.17 25.94
C GLY F 102 78.19 -5.30 27.19
N GLY F 103 77.76 -4.07 27.01
CA GLY F 103 77.64 -3.15 28.14
C GLY F 103 78.65 -2.02 28.04
N THR F 104 78.18 -0.80 28.33
CA THR F 104 79.00 0.41 28.22
C THR F 104 78.99 1.14 29.56
N LYS F 105 80.18 1.48 30.04
CA LYS F 105 80.34 2.17 31.32
C LYS F 105 80.39 3.68 31.09
N LEU F 106 79.40 4.38 31.63
CA LEU F 106 79.35 5.83 31.56
C LEU F 106 79.84 6.40 32.90
N THR F 107 80.79 7.34 32.83
CA THR F 107 81.37 8.00 34.00
C THR F 107 81.36 9.50 33.73
N VAL F 108 80.30 10.18 34.15
CA VAL F 108 80.18 11.61 33.91
C VAL F 108 81.13 12.37 34.82
N LEU F 109 81.85 13.34 34.24
CA LEU F 109 82.83 14.18 34.94
C LEU F 109 83.67 13.42 35.97
N GLN G 1 12.92 -13.88 77.03
CA GLN G 1 12.71 -14.52 75.74
C GLN G 1 13.65 -13.93 74.69
N ALA G 2 14.83 -13.49 75.15
CA ALA G 2 15.77 -12.83 74.26
C ALA G 2 17.23 -13.18 74.54
N VAL G 3 17.51 -14.10 75.46
CA VAL G 3 18.89 -14.32 75.91
C VAL G 3 19.65 -15.09 74.83
N VAL G 4 20.74 -14.50 74.35
CA VAL G 4 21.67 -15.17 73.44
C VAL G 4 23.02 -15.22 74.12
N THR G 5 23.69 -16.37 74.04
CA THR G 5 24.82 -16.69 74.90
C THR G 5 26.08 -16.90 74.08
N GLN G 6 27.22 -16.56 74.71
CA GLN G 6 28.53 -16.73 74.10
C GLN G 6 29.51 -17.23 75.15
N GLU G 7 30.54 -17.95 74.70
CA GLU G 7 31.46 -18.61 75.62
C GLU G 7 32.30 -17.61 76.42
N SER G 8 32.50 -16.40 75.90
CA SER G 8 33.20 -15.31 76.58
C SER G 8 34.68 -15.60 76.79
N ALA G 9 35.26 -16.54 76.05
CA ALA G 9 36.69 -16.82 76.15
C ALA G 9 37.14 -17.53 74.89
N LEU G 10 38.04 -16.91 74.13
CA LEU G 10 38.61 -17.52 72.94
C LEU G 10 40.08 -17.15 72.81
N THR G 11 40.79 -17.98 72.06
CA THR G 11 42.20 -17.75 71.75
C THR G 11 42.49 -18.40 70.41
N THR G 12 42.90 -17.59 69.43
CA THR G 12 43.22 -18.10 68.10
C THR G 12 44.71 -17.88 67.85
N SER G 13 45.41 -18.96 67.54
CA SER G 13 46.82 -18.89 67.22
C SER G 13 47.00 -18.31 65.81
N PRO G 14 48.19 -17.78 65.50
CA PRO G 14 48.42 -17.25 64.16
C PRO G 14 48.22 -18.32 63.10
N GLY G 15 47.34 -18.02 62.14
CA GLY G 15 47.05 -18.91 61.04
C GLY G 15 45.88 -19.84 61.25
N GLU G 16 45.38 -19.99 62.48
CA GLU G 16 44.25 -20.86 62.76
C GLU G 16 42.97 -20.06 62.81
N THR G 17 41.87 -20.67 62.37
CA THR G 17 40.56 -20.05 62.45
C THR G 17 39.75 -20.68 63.58
N VAL G 18 38.92 -19.85 64.21
CA VAL G 18 38.10 -20.29 65.33
C VAL G 18 36.66 -19.90 65.04
N THR G 19 35.73 -20.66 65.62
CA THR G 19 34.30 -20.40 65.49
C THR G 19 33.70 -20.12 66.85
N LEU G 20 32.97 -19.02 66.97
CA LEU G 20 32.25 -18.67 68.18
C LEU G 20 30.74 -18.78 67.93
N THR G 21 30.05 -19.44 68.85
CA THR G 21 28.64 -19.79 68.70
C THR G 21 27.78 -18.92 69.61
N CYS G 22 26.71 -18.38 69.04
CA CYS G 22 25.70 -17.66 69.81
C CYS G 22 24.40 -18.45 69.81
N ARG G 23 23.87 -18.72 71.01
CA ARG G 23 22.69 -19.57 71.18
C ARG G 23 21.59 -18.77 71.84
N SER G 24 20.41 -18.75 71.23
CA SER G 24 19.31 -17.92 71.69
C SER G 24 18.52 -18.62 72.79
N SER G 25 17.69 -17.83 73.47
CA SER G 25 16.78 -18.34 74.50
C SER G 25 15.42 -18.74 73.93
N THR G 26 15.22 -18.61 72.62
CA THR G 26 14.00 -19.03 71.96
C THR G 26 14.16 -20.35 71.22
N GLY G 27 15.06 -21.20 71.71
CA GLY G 27 15.38 -22.43 71.02
C GLY G 27 16.32 -22.18 69.85
N ALA G 28 16.05 -22.83 68.72
CA ALA G 28 16.84 -22.61 67.53
C ALA G 28 16.77 -21.15 67.10
N VAL G 29 17.91 -20.59 66.72
CA VAL G 29 17.94 -19.23 66.20
C VAL G 29 17.32 -19.21 64.81
N THR G 30 16.54 -18.18 64.52
CA THR G 30 15.82 -18.08 63.27
C THR G 30 16.56 -17.16 62.31
N THR G 31 16.60 -17.56 61.03
CA THR G 31 17.21 -16.71 60.01
C THR G 31 16.46 -15.40 59.86
N SER G 32 15.13 -15.42 60.03
CA SER G 32 14.36 -14.19 60.02
C SER G 32 14.85 -13.22 61.09
N ASN G 33 15.28 -13.74 62.23
CA ASN G 33 16.03 -12.96 63.21
C ASN G 33 17.43 -12.76 62.64
N TYR G 34 17.56 -11.72 61.80
CA TYR G 34 18.79 -11.53 61.04
C TYR G 34 19.99 -11.46 61.97
N ALA G 35 20.99 -12.30 61.69
CA ALA G 35 22.15 -12.44 62.55
C ALA G 35 23.18 -11.37 62.24
N ASN G 36 23.76 -10.79 63.29
CA ASN G 36 24.73 -9.72 63.13
C ASN G 36 25.92 -9.98 64.05
N TRP G 37 27.11 -9.64 63.56
CA TRP G 37 28.35 -9.81 64.30
C TRP G 37 29.09 -8.49 64.36
N VAL G 38 29.48 -8.07 65.57
CA VAL G 38 30.15 -6.80 65.77
C VAL G 38 31.47 -7.04 66.51
N GLN G 39 32.42 -6.14 66.28
CA GLN G 39 33.78 -6.26 66.79
C GLN G 39 34.06 -5.09 67.73
N GLU G 40 34.61 -5.39 68.90
CA GLU G 40 34.89 -4.40 69.94
C GLU G 40 36.39 -4.17 70.06
N LYS G 41 36.82 -2.94 69.77
CA LYS G 41 38.20 -2.57 70.06
C LYS G 41 38.34 -2.20 71.55
N PRO G 42 39.51 -2.43 72.14
CA PRO G 42 39.67 -2.18 73.59
C PRO G 42 39.50 -0.72 74.00
N ASP G 43 39.63 0.23 73.06
CA ASP G 43 39.56 1.65 73.39
C ASP G 43 38.18 2.23 73.13
N HIS G 44 37.13 1.43 73.29
CA HIS G 44 35.74 1.86 73.06
C HIS G 44 35.50 2.23 71.60
N LEU G 45 36.09 1.45 70.69
CA LEU G 45 35.82 1.57 69.26
C LEU G 45 35.07 0.33 68.80
N PHE G 46 33.99 0.54 68.05
CA PHE G 46 33.13 -0.54 67.60
C PHE G 46 33.08 -0.59 66.08
N THR G 47 32.85 -1.78 65.55
CA THR G 47 32.65 -1.97 64.12
C THR G 47 31.78 -3.19 63.88
N GLY G 48 31.23 -3.27 62.68
CA GLY G 48 30.31 -4.33 62.30
C GLY G 48 30.99 -5.32 61.37
N LEU G 49 30.82 -6.61 61.68
CA LEU G 49 31.48 -7.68 60.93
C LEU G 49 30.55 -8.36 59.93
N ILE G 50 29.39 -8.83 60.37
CA ILE G 50 28.48 -9.61 59.53
C ILE G 50 27.07 -9.03 59.65
N GLY G 51 26.38 -8.98 58.51
CA GLY G 51 25.02 -8.52 58.48
C GLY G 51 24.14 -9.47 57.70
N GLY G 52 22.84 -9.34 57.91
CA GLY G 52 21.88 -10.16 57.18
C GLY G 52 22.06 -11.65 57.34
N THR G 53 22.72 -12.06 58.43
CA THR G 53 22.98 -13.46 58.78
C THR G 53 24.03 -14.08 57.85
N ASN G 54 24.39 -13.39 56.76
CA ASN G 54 25.39 -13.93 55.84
C ASN G 54 26.37 -12.91 55.27
N ASN G 55 26.11 -11.61 55.39
CA ASN G 55 26.83 -10.62 54.59
C ASN G 55 28.04 -10.08 55.33
N ARG G 56 29.18 -10.06 54.65
CA ARG G 56 30.36 -9.41 55.18
C ARG G 56 30.23 -7.89 55.10
N ALA G 57 31.01 -7.20 55.93
CA ALA G 57 30.91 -5.75 56.03
C ALA G 57 31.43 -5.08 54.75
N PRO G 58 31.01 -3.84 54.50
CA PRO G 58 31.52 -3.11 53.32
C PRO G 58 32.97 -2.70 53.52
N GLY G 59 33.83 -3.14 52.60
CA GLY G 59 35.24 -2.83 52.64
C GLY G 59 36.04 -3.63 53.64
N VAL G 60 35.42 -4.52 54.40
CA VAL G 60 36.11 -5.32 55.40
C VAL G 60 36.92 -6.38 54.66
N PRO G 61 38.04 -6.86 55.21
CA PRO G 61 38.72 -7.99 54.59
C PRO G 61 37.81 -9.20 54.45
N ALA G 62 37.96 -9.92 53.34
CA ALA G 62 37.15 -11.10 53.06
C ALA G 62 37.42 -12.24 54.01
N ARG G 63 38.48 -12.16 54.82
CA ARG G 63 38.78 -13.21 55.78
C ARG G 63 37.62 -13.49 56.71
N PHE G 64 36.86 -12.46 57.08
CA PHE G 64 35.72 -12.63 57.96
C PHE G 64 34.65 -13.46 57.27
N SER G 65 34.09 -14.43 58.00
CA SER G 65 33.08 -15.31 57.44
C SER G 65 32.31 -15.99 58.57
N GLY G 66 31.00 -16.08 58.40
CA GLY G 66 30.11 -16.64 59.40
C GLY G 66 28.86 -17.15 58.73
N SER G 67 28.10 -17.95 59.47
CA SER G 67 26.85 -18.50 58.96
C SER G 67 26.13 -19.22 60.09
N LEU G 68 24.94 -19.71 59.78
CA LEU G 68 24.17 -20.55 60.70
C LEU G 68 24.45 -22.02 60.40
N ILE G 69 25.74 -22.38 60.54
CA ILE G 69 26.20 -23.70 60.12
C ILE G 69 25.50 -24.79 60.93
N GLY G 70 25.52 -24.65 62.26
CA GLY G 70 24.69 -25.46 63.12
C GLY G 70 23.33 -24.83 63.27
N ASP G 71 22.52 -25.43 64.15
CA ASP G 71 21.19 -24.88 64.39
C ASP G 71 21.28 -23.45 64.89
N LYS G 72 22.30 -23.13 65.68
CA LYS G 72 22.54 -21.78 66.15
C LYS G 72 23.52 -21.05 65.24
N ALA G 73 23.46 -19.72 65.30
CA ALA G 73 24.32 -18.86 64.51
C ALA G 73 25.74 -18.88 65.04
N ALA G 74 26.70 -18.76 64.12
CA ALA G 74 28.11 -18.76 64.50
C ALA G 74 28.92 -17.95 63.50
N LEU G 75 30.15 -17.63 63.90
CA LEU G 75 31.06 -16.80 63.12
C LEU G 75 32.45 -17.41 63.18
N THR G 76 33.17 -17.36 62.06
CA THR G 76 34.50 -17.99 61.93
C THR G 76 35.56 -16.94 61.64
N ILE G 77 36.22 -16.45 62.68
CA ILE G 77 37.31 -15.48 62.54
C ILE G 77 38.63 -16.23 62.43
N THR G 78 39.31 -16.07 61.29
CA THR G 78 40.66 -16.59 61.15
C THR G 78 41.60 -15.77 62.02
N GLY G 79 42.62 -16.44 62.55
CA GLY G 79 43.52 -15.79 63.49
C GLY G 79 44.56 -14.87 62.89
N ALA G 80 44.40 -13.57 63.13
CA ALA G 80 45.38 -12.57 62.75
C ALA G 80 45.75 -11.78 64.00
N GLN G 81 47.05 -11.75 64.31
CA GLN G 81 47.47 -11.30 65.63
C GLN G 81 47.18 -9.81 65.86
N THR G 82 47.37 -8.98 64.83
CA THR G 82 47.32 -7.54 65.03
C THR G 82 45.92 -7.03 65.37
N GLU G 83 44.87 -7.59 64.77
CA GLU G 83 43.55 -7.01 64.86
C GLU G 83 42.49 -7.90 65.50
N ASP G 84 42.85 -9.10 65.95
CA ASP G 84 41.87 -10.02 66.52
C ASP G 84 41.90 -10.03 68.05
N GLU G 85 42.70 -9.15 68.67
CA GLU G 85 42.60 -8.92 70.11
C GLU G 85 41.40 -8.02 70.35
N ALA G 86 40.22 -8.64 70.37
CA ALA G 86 38.98 -7.90 70.34
C ALA G 86 37.88 -8.72 70.99
N ILE G 87 36.77 -8.04 71.31
CA ILE G 87 35.57 -8.67 71.84
C ILE G 87 34.56 -8.78 70.70
N TYR G 88 33.79 -9.85 70.69
CA TYR G 88 32.85 -10.13 69.61
C TYR G 88 31.49 -10.48 70.16
N PHE G 89 30.45 -9.87 69.62
CA PHE G 89 29.06 -10.07 70.03
C PHE G 89 28.21 -10.51 68.86
N CYS G 90 27.28 -11.42 69.14
CA CYS G 90 26.32 -11.90 68.14
C CYS G 90 25.00 -11.17 68.36
N ALA G 91 24.35 -10.78 67.27
CA ALA G 91 23.09 -10.06 67.35
C ALA G 91 22.04 -10.72 66.49
N LEU G 92 20.83 -10.83 67.03
CA LEU G 92 19.68 -11.46 66.39
C LEU G 92 18.51 -10.50 66.40
N TRP G 93 17.80 -10.42 65.28
CA TRP G 93 16.67 -9.50 65.16
C TRP G 93 15.41 -10.15 65.71
N TYR G 94 15.15 -9.93 66.98
CA TYR G 94 13.81 -10.15 67.52
C TYR G 94 12.92 -8.99 67.09
N ASN G 95 11.67 -9.30 66.76
CA ASN G 95 10.78 -8.29 66.18
C ASN G 95 10.60 -7.09 67.10
N ASN G 96 10.61 -7.31 68.42
CA ASN G 96 10.36 -6.20 69.33
C ASN G 96 11.56 -5.26 69.43
N HIS G 97 12.76 -5.82 69.52
CA HIS G 97 13.95 -5.03 69.82
C HIS G 97 15.19 -5.83 69.47
N TRP G 98 16.35 -5.18 69.63
CA TRP G 98 17.64 -5.81 69.35
C TRP G 98 18.32 -6.33 70.60
N VAL G 99 18.87 -7.53 70.48
CA VAL G 99 19.65 -8.18 71.53
C VAL G 99 21.05 -8.47 70.99
N PHE G 100 22.06 -8.22 71.81
CA PHE G 100 23.44 -8.49 71.46
C PHE G 100 23.94 -9.67 72.26
N GLY G 101 24.98 -10.33 71.76
CA GLY G 101 25.50 -11.50 72.41
C GLY G 101 26.09 -11.19 73.76
N GLY G 102 26.24 -12.24 74.58
CA GLY G 102 26.81 -12.07 75.90
C GLY G 102 28.21 -11.51 75.87
N GLY G 103 28.92 -11.71 74.77
CA GLY G 103 30.26 -11.18 74.60
C GLY G 103 31.26 -12.32 74.63
N THR G 104 32.27 -12.25 73.77
CA THR G 104 33.31 -13.25 73.71
C THR G 104 34.67 -12.57 73.80
N LYS G 105 35.52 -13.06 74.71
CA LYS G 105 36.89 -12.56 74.84
C LYS G 105 37.77 -13.38 73.91
N LEU G 106 38.16 -12.80 72.77
CA LEU G 106 39.13 -13.42 71.88
C LEU G 106 40.50 -12.85 72.23
N THR G 107 41.35 -13.68 72.83
CA THR G 107 42.66 -13.26 73.34
C THR G 107 43.72 -14.19 72.78
N VAL G 108 44.35 -13.78 71.67
CA VAL G 108 45.39 -14.60 71.05
C VAL G 108 46.56 -14.75 72.02
N LEU G 109 47.37 -15.78 71.76
CA LEU G 109 48.57 -16.10 72.56
C LEU G 109 48.35 -15.96 74.06
#